data_6XBB
#
_entry.id   6XBB
#
_cell.length_a   84.125
_cell.length_b   153.433
_cell.length_c   141.314
_cell.angle_alpha   90.000
_cell.angle_beta   92.440
_cell.angle_gamma   90.000
#
_symmetry.space_group_name_H-M   'P 1 21 1'
#
loop_
_entity.id
_entity.type
_entity.pdbx_description
1 polymer Monooxigenase
2 non-polymer 'FLAVIN-ADENINE DINUCLEOTIDE'
3 non-polymer 'NADP NICOTINAMIDE-ADENINE-DINUCLEOTIDE PHOSPHATE'
4 water water
#
_entity_poly.entity_id   1
_entity_poly.type   'polypeptide(L)'
_entity_poly.pdbx_seq_one_letter_code
;MTARPENPSTVHDFVGIGLGPFNLGLACLTEPIDELDGIFLESKPDFEWHAGMFLDGAHLQTPFMSDLVTLADPTSPYSF
LNYLKEKGRLYSFYIRENFYPLRVEYDDYCRWAANKLSSIRFGTTVTEVRYEDDLYVVTTSAGDVYRARHLVLGTGTPPY
IPEACQGLDGDFIHNSRYVQHRSELVKKESITIVGSGQSAAEIYQDLLGEIDVHGYRLNWVTRSPRFFPLEYTKLTLEMT
SPEYIDYYRELPEATRYRLTAEQKGLFKGIDGDLINEIFDLLYQKNLAGPVPTRLLTNSSLNSARHENGTYTLAFRQEEQ
GKDFEIESQGLVLATGYKYAEPEFLAPVKDRLVYDSQGNFDVSRAYAIDVTGRGVFLQNAGVHTHSITSPDLGMGAYRNS
CIIRELLGTEYYPVEKTIAFQEFSV
;
_entity_poly.pdbx_strand_id   A,B,C,D,E,F,G,H
#
loop_
_chem_comp.id
_chem_comp.type
_chem_comp.name
_chem_comp.formula
FAD non-polymer 'FLAVIN-ADENINE DINUCLEOTIDE' 'C27 H33 N9 O15 P2'
NAP non-polymer 'NADP NICOTINAMIDE-ADENINE-DINUCLEOTIDE PHOSPHATE' 'C21 H28 N7 O17 P3'
#
# COMPACT_ATOMS: atom_id res chain seq x y z
N PRO A 8 -80.45 13.93 -18.97
CA PRO A 8 -80.49 14.83 -20.14
C PRO A 8 -80.24 16.28 -19.76
N SER A 9 -80.55 16.64 -18.52
CA SER A 9 -80.35 17.99 -18.01
C SER A 9 -79.08 18.12 -17.19
N THR A 10 -78.18 17.14 -17.26
CA THR A 10 -76.97 17.14 -16.47
C THR A 10 -75.81 17.75 -17.24
N VAL A 11 -74.99 18.52 -16.53
CA VAL A 11 -73.73 19.05 -17.05
C VAL A 11 -72.62 18.48 -16.17
N HIS A 12 -71.79 17.61 -16.76
CA HIS A 12 -70.70 17.02 -16.01
C HIS A 12 -69.50 17.95 -15.98
N ASP A 13 -68.57 17.68 -15.06
CA ASP A 13 -67.32 18.41 -15.05
C ASP A 13 -66.48 18.09 -16.29
N PHE A 14 -66.49 16.83 -16.71
CA PHE A 14 -65.76 16.43 -17.91
C PHE A 14 -66.35 15.14 -18.44
N VAL A 15 -66.15 14.91 -19.73
CA VAL A 15 -66.49 13.65 -20.39
C VAL A 15 -65.20 13.04 -20.90
N GLY A 16 -64.96 11.78 -20.56
CA GLY A 16 -63.84 11.03 -21.10
C GLY A 16 -64.29 10.23 -22.31
N ILE A 17 -63.59 10.42 -23.42
CA ILE A 17 -63.92 9.77 -24.68
C ILE A 17 -62.90 8.65 -24.90
N GLY A 18 -63.39 7.41 -24.93
CA GLY A 18 -62.54 6.23 -25.02
C GLY A 18 -62.08 5.75 -23.66
N LEU A 19 -62.04 4.43 -23.45
CA LEU A 19 -61.67 3.85 -22.16
C LEU A 19 -60.52 2.86 -22.35
N GLY A 20 -59.34 3.37 -22.65
CA GLY A 20 -58.14 2.59 -22.59
C GLY A 20 -57.53 2.69 -21.20
N PRO A 21 -56.32 2.14 -21.03
CA PRO A 21 -55.70 2.17 -19.70
C PRO A 21 -55.49 3.57 -19.15
N PHE A 22 -55.35 4.58 -20.01
CA PHE A 22 -55.10 5.93 -19.51
C PHE A 22 -56.37 6.58 -18.98
N ASN A 23 -57.46 6.51 -19.75
CA ASN A 23 -58.72 7.09 -19.26
C ASN A 23 -59.34 6.23 -18.16
N LEU A 24 -59.16 4.90 -18.23
CA LEU A 24 -59.62 4.06 -17.13
C LEU A 24 -58.88 4.40 -15.83
N GLY A 25 -57.58 4.68 -15.93
CA GLY A 25 -56.84 5.14 -14.76
C GLY A 25 -57.39 6.44 -14.21
N LEU A 26 -57.74 7.37 -15.10
CA LEU A 26 -58.37 8.61 -14.68
C LEU A 26 -59.70 8.36 -13.98
N ALA A 27 -60.47 7.40 -14.51
CA ALA A 27 -61.73 7.04 -13.85
C ALA A 27 -61.49 6.47 -12.46
N CYS A 28 -60.46 5.61 -12.31
CA CYS A 28 -60.16 5.03 -11.01
C CYS A 28 -59.68 6.09 -10.03
N LEU A 29 -58.99 7.12 -10.51
CA LEU A 29 -58.42 8.14 -9.64
C LEU A 29 -59.39 9.26 -9.30
N THR A 30 -60.41 9.49 -10.13
CA THR A 30 -61.42 10.50 -9.84
C THR A 30 -62.63 9.93 -9.13
N GLU A 31 -62.73 8.60 -9.00
CA GLU A 31 -63.88 8.01 -8.31
C GLU A 31 -64.04 8.46 -6.86
N PRO A 32 -62.99 8.54 -6.04
CA PRO A 32 -63.16 9.05 -4.68
C PRO A 32 -63.14 10.56 -4.56
N ILE A 33 -63.15 11.29 -5.67
CA ILE A 33 -63.16 12.75 -5.67
C ILE A 33 -64.59 13.21 -5.89
N ASP A 34 -65.23 13.71 -4.81
CA ASP A 34 -66.63 14.10 -4.89
C ASP A 34 -66.81 15.39 -5.67
N GLU A 35 -65.86 16.33 -5.56
CA GLU A 35 -65.95 17.60 -6.27
C GLU A 35 -65.80 17.45 -7.78
N LEU A 36 -65.47 16.25 -8.26
CA LEU A 36 -65.38 15.98 -9.69
C LEU A 36 -66.53 15.09 -10.10
N ASP A 37 -67.19 15.44 -11.21
CA ASP A 37 -68.29 14.66 -11.77
C ASP A 37 -67.88 14.30 -13.20
N GLY A 38 -67.33 13.10 -13.37
CA GLY A 38 -66.92 12.65 -14.68
C GLY A 38 -67.74 11.50 -15.19
N ILE A 39 -67.76 11.33 -16.51
CA ILE A 39 -68.44 10.21 -17.16
C ILE A 39 -67.58 9.79 -18.35
N PHE A 40 -67.56 8.49 -18.62
CA PHE A 40 -66.68 7.91 -19.62
C PHE A 40 -67.50 7.12 -20.65
N LEU A 41 -67.15 7.29 -21.91
CA LEU A 41 -67.87 6.67 -23.03
C LEU A 41 -66.90 5.78 -23.80
N GLU A 42 -67.25 4.49 -23.93
CA GLU A 42 -66.40 3.51 -24.59
C GLU A 42 -67.21 2.75 -25.64
N SER A 43 -66.59 2.54 -26.81
CA SER A 43 -67.28 1.89 -27.92
C SER A 43 -67.53 0.41 -27.62
N LYS A 44 -66.51 -0.30 -27.16
CA LYS A 44 -66.64 -1.73 -26.94
C LYS A 44 -67.64 -2.01 -25.81
N PRO A 45 -68.26 -3.20 -25.81
CA PRO A 45 -69.17 -3.54 -24.71
C PRO A 45 -68.45 -3.73 -23.38
N ASP A 46 -67.15 -4.01 -23.40
CA ASP A 46 -66.36 -4.16 -22.19
C ASP A 46 -64.94 -3.73 -22.52
N PHE A 47 -64.12 -3.60 -21.49
CA PHE A 47 -62.71 -3.27 -21.71
C PHE A 47 -62.00 -4.41 -22.43
N GLU A 48 -61.08 -4.05 -23.31
CA GLU A 48 -60.24 -5.03 -23.98
C GLU A 48 -58.98 -4.33 -24.47
N TRP A 49 -57.83 -4.93 -24.20
CA TRP A 49 -56.52 -4.28 -24.38
C TRP A 49 -55.67 -5.12 -25.33
N HIS A 50 -55.68 -4.76 -26.62
CA HIS A 50 -54.84 -5.42 -27.63
C HIS A 50 -54.93 -6.93 -27.55
N ALA A 51 -56.16 -7.45 -27.58
CA ALA A 51 -56.36 -8.88 -27.41
C ALA A 51 -55.72 -9.69 -28.53
N GLY A 52 -55.55 -9.09 -29.71
CA GLY A 52 -54.90 -9.76 -30.82
C GLY A 52 -53.43 -10.07 -30.58
N MET A 53 -52.82 -9.49 -29.55
CA MET A 53 -51.44 -9.77 -29.20
C MET A 53 -51.33 -10.57 -27.91
N PHE A 54 -52.37 -11.34 -27.59
CA PHE A 54 -52.40 -12.18 -26.39
C PHE A 54 -51.69 -13.51 -26.67
N LEU A 55 -50.44 -13.41 -27.11
CA LEU A 55 -49.61 -14.59 -27.30
C LEU A 55 -49.27 -15.21 -25.97
N ASP A 56 -49.01 -16.52 -25.98
CA ASP A 56 -48.75 -17.23 -24.74
C ASP A 56 -47.45 -16.74 -24.11
N GLY A 57 -47.50 -16.46 -22.81
CA GLY A 57 -46.35 -15.93 -22.09
C GLY A 57 -46.13 -14.44 -22.25
N ALA A 58 -46.85 -13.78 -23.16
CA ALA A 58 -46.64 -12.36 -23.39
C ALA A 58 -46.95 -11.55 -22.14
N HIS A 59 -46.11 -10.55 -21.88
CA HIS A 59 -46.19 -9.79 -20.64
C HIS A 59 -45.98 -8.32 -20.93
N LEU A 60 -46.26 -7.50 -19.92
CA LEU A 60 -46.03 -6.07 -20.00
C LEU A 60 -44.53 -5.77 -20.13
N GLN A 61 -44.23 -4.61 -20.69
CA GLN A 61 -42.87 -4.09 -20.72
C GLN A 61 -42.57 -3.17 -19.54
N THR A 62 -43.56 -2.91 -18.68
CA THR A 62 -43.37 -2.07 -17.52
C THR A 62 -43.82 -2.81 -16.27
N PRO A 63 -43.13 -2.61 -15.15
CA PRO A 63 -43.49 -3.33 -13.92
C PRO A 63 -44.91 -3.05 -13.48
N PHE A 64 -45.42 -3.91 -12.60
CA PHE A 64 -46.83 -3.86 -12.22
C PHE A 64 -47.21 -2.57 -11.51
N MET A 65 -46.24 -1.83 -10.97
CA MET A 65 -46.55 -0.53 -10.37
C MET A 65 -47.03 0.48 -11.40
N SER A 66 -46.86 0.21 -12.68
CA SER A 66 -47.41 1.07 -13.73
C SER A 66 -48.87 0.72 -13.99
N ASP A 67 -49.57 0.21 -12.98
CA ASP A 67 -50.98 -0.09 -13.11
C ASP A 67 -51.79 1.20 -13.17
N LEU A 68 -53.08 1.13 -12.84
CA LEU A 68 -53.95 2.27 -13.07
C LEU A 68 -53.83 3.37 -12.03
N VAL A 69 -53.29 3.09 -10.83
CA VAL A 69 -53.39 4.05 -9.74
C VAL A 69 -52.12 4.20 -8.91
N THR A 70 -51.31 3.14 -8.84
CA THR A 70 -50.34 3.00 -7.75
C THR A 70 -49.35 4.17 -7.71
N LEU A 71 -48.87 4.63 -8.86
CA LEU A 71 -47.89 5.71 -8.86
C LEU A 71 -48.50 7.02 -8.39
N ALA A 72 -49.82 7.16 -8.41
CA ALA A 72 -50.50 8.31 -7.83
C ALA A 72 -50.98 8.05 -6.41
N ASP A 73 -51.44 6.83 -6.11
CA ASP A 73 -51.98 6.51 -4.80
C ASP A 73 -51.89 5.01 -4.55
N PRO A 74 -50.84 4.55 -3.88
CA PRO A 74 -50.73 3.11 -3.60
C PRO A 74 -51.87 2.55 -2.76
N THR A 75 -52.56 3.40 -1.99
CA THR A 75 -53.66 2.95 -1.15
C THR A 75 -54.97 2.76 -1.90
N SER A 76 -55.00 3.08 -3.20
CA SER A 76 -56.24 3.02 -3.96
C SER A 76 -56.74 1.58 -4.07
N PRO A 77 -58.05 1.35 -4.01
CA PRO A 77 -58.56 -0.03 -4.08
C PRO A 77 -58.46 -0.65 -5.46
N TYR A 78 -58.09 0.12 -6.50
CA TYR A 78 -58.04 -0.39 -7.86
C TYR A 78 -56.61 -0.74 -8.29
N SER A 79 -55.71 -0.96 -7.35
CA SER A 79 -54.33 -1.32 -7.68
C SER A 79 -54.25 -2.80 -8.07
N PHE A 80 -53.17 -3.12 -8.79
CA PHE A 80 -52.94 -4.51 -9.22
C PHE A 80 -52.78 -5.44 -8.01
N LEU A 81 -52.11 -4.96 -6.96
CA LEU A 81 -51.91 -5.78 -5.78
C LEU A 81 -53.22 -6.05 -5.05
N ASN A 82 -54.08 -5.04 -4.94
CA ASN A 82 -55.39 -5.25 -4.34
C ASN A 82 -56.25 -6.17 -5.19
N TYR A 83 -56.14 -6.05 -6.52
CA TYR A 83 -56.85 -6.97 -7.40
C TYR A 83 -56.38 -8.40 -7.18
N LEU A 84 -55.07 -8.62 -7.07
CA LEU A 84 -54.56 -9.96 -6.82
C LEU A 84 -55.04 -10.49 -5.49
N LYS A 85 -55.08 -9.62 -4.46
CA LYS A 85 -55.55 -10.05 -3.15
C LYS A 85 -56.99 -10.54 -3.20
N GLU A 86 -57.83 -9.87 -4.00
CA GLU A 86 -59.23 -10.25 -4.07
C GLU A 86 -59.43 -11.55 -4.85
N LYS A 87 -58.62 -11.78 -5.89
CA LYS A 87 -58.71 -13.00 -6.66
C LYS A 87 -58.11 -14.20 -5.94
N GLY A 88 -57.48 -13.99 -4.78
CA GLY A 88 -56.82 -15.08 -4.09
C GLY A 88 -55.52 -15.53 -4.72
N ARG A 89 -54.83 -14.62 -5.43
CA ARG A 89 -53.60 -14.94 -6.14
C ARG A 89 -52.40 -14.16 -5.63
N LEU A 90 -52.56 -13.34 -4.58
CA LEU A 90 -51.49 -12.44 -4.17
C LEU A 90 -50.24 -13.21 -3.74
N TYR A 91 -50.42 -14.29 -2.98
CA TYR A 91 -49.27 -15.06 -2.52
C TYR A 91 -48.58 -15.79 -3.66
N SER A 92 -49.35 -16.25 -4.66
CA SER A 92 -48.75 -16.89 -5.83
C SER A 92 -47.89 -15.91 -6.62
N PHE A 93 -48.38 -14.68 -6.78
CA PHE A 93 -47.59 -13.64 -7.44
C PHE A 93 -46.38 -13.24 -6.60
N TYR A 94 -46.51 -13.33 -5.27
CA TYR A 94 -45.38 -13.09 -4.39
C TYR A 94 -44.26 -14.11 -4.63
N ILE A 95 -44.64 -15.38 -4.80
CA ILE A 95 -43.63 -16.41 -5.07
C ILE A 95 -43.10 -16.29 -6.49
N ARG A 96 -43.96 -15.91 -7.44
CA ARG A 96 -43.52 -15.73 -8.82
C ARG A 96 -42.40 -14.70 -8.91
N GLU A 97 -42.47 -13.65 -8.10
CA GLU A 97 -41.40 -12.67 -7.96
C GLU A 97 -40.98 -12.09 -9.32
N ASN A 98 -41.99 -11.73 -10.11
CA ASN A 98 -41.78 -11.18 -11.44
C ASN A 98 -42.51 -9.84 -11.53
N PHE A 99 -41.77 -8.79 -11.87
CA PHE A 99 -42.35 -7.45 -11.94
C PHE A 99 -43.37 -7.29 -13.05
N TYR A 100 -43.34 -8.15 -14.06
CA TYR A 100 -44.10 -7.91 -15.29
C TYR A 100 -45.32 -8.82 -15.37
N PRO A 101 -46.52 -8.30 -15.19
CA PRO A 101 -47.72 -9.14 -15.31
C PRO A 101 -47.90 -9.64 -16.73
N LEU A 102 -48.58 -10.77 -16.85
CA LEU A 102 -48.99 -11.25 -18.17
C LEU A 102 -49.98 -10.28 -18.79
N ARG A 103 -50.00 -10.23 -20.12
CA ARG A 103 -50.91 -9.33 -20.81
C ARG A 103 -52.37 -9.72 -20.56
N VAL A 104 -52.68 -11.01 -20.69
CA VAL A 104 -54.03 -11.47 -20.37
C VAL A 104 -54.36 -11.17 -18.91
N GLU A 105 -53.36 -11.19 -18.04
CA GLU A 105 -53.56 -10.85 -16.64
C GLU A 105 -53.87 -9.37 -16.48
N TYR A 106 -53.09 -8.52 -17.14
CA TYR A 106 -53.35 -7.08 -17.09
C TYR A 106 -54.72 -6.75 -17.67
N ASP A 107 -55.10 -7.41 -18.76
CA ASP A 107 -56.42 -7.21 -19.33
C ASP A 107 -57.52 -7.60 -18.35
N ASP A 108 -57.37 -8.78 -17.73
CA ASP A 108 -58.35 -9.21 -16.74
C ASP A 108 -58.42 -8.26 -15.56
N TYR A 109 -57.29 -7.66 -15.18
CA TYR A 109 -57.25 -6.70 -14.08
C TYR A 109 -57.98 -5.41 -14.43
N CYS A 110 -57.82 -4.93 -15.67
CA CYS A 110 -58.46 -3.67 -16.06
C CYS A 110 -59.97 -3.83 -16.18
N ARG A 111 -60.43 -4.97 -16.72
CA ARG A 111 -61.86 -5.24 -16.75
C ARG A 111 -62.42 -5.37 -15.34
N TRP A 112 -61.65 -5.94 -14.42
CA TRP A 112 -62.06 -6.04 -13.02
C TRP A 112 -62.24 -4.65 -12.41
N ALA A 113 -61.34 -3.71 -12.72
CA ALA A 113 -61.42 -2.39 -12.14
C ALA A 113 -62.53 -1.56 -12.77
N ALA A 114 -62.76 -1.71 -14.08
CA ALA A 114 -63.83 -0.98 -14.75
C ALA A 114 -65.20 -1.43 -14.25
N ASN A 115 -65.33 -2.70 -13.86
CA ASN A 115 -66.60 -3.22 -13.36
C ASN A 115 -66.97 -2.65 -12.00
N LYS A 116 -66.00 -2.09 -11.27
CA LYS A 116 -66.25 -1.53 -9.95
C LYS A 116 -66.70 -0.07 -9.99
N LEU A 117 -66.68 0.57 -11.16
CA LEU A 117 -67.00 1.98 -11.28
C LEU A 117 -68.42 2.17 -11.81
N SER A 118 -68.99 3.33 -11.51
CA SER A 118 -70.33 3.69 -11.95
C SER A 118 -70.34 4.80 -13.00
N SER A 119 -69.16 5.20 -13.47
CA SER A 119 -69.03 6.36 -14.35
C SER A 119 -68.75 5.98 -15.80
N ILE A 120 -68.86 4.70 -16.14
CA ILE A 120 -68.48 4.22 -17.47
C ILE A 120 -69.74 3.76 -18.20
N ARG A 121 -69.93 4.26 -19.43
CA ARG A 121 -71.00 3.84 -20.31
C ARG A 121 -70.36 3.09 -21.48
N PHE A 122 -70.58 1.78 -21.54
CA PHE A 122 -70.04 0.96 -22.60
C PHE A 122 -71.01 0.92 -23.79
N GLY A 123 -70.52 0.38 -24.91
CA GLY A 123 -71.31 0.35 -26.13
C GLY A 123 -71.69 1.72 -26.63
N THR A 124 -70.82 2.71 -26.46
CA THR A 124 -71.12 4.11 -26.76
C THR A 124 -70.01 4.68 -27.62
N THR A 125 -70.32 4.97 -28.89
CA THR A 125 -69.36 5.51 -29.85
C THR A 125 -69.65 6.99 -30.06
N VAL A 126 -68.67 7.84 -29.80
CA VAL A 126 -68.82 9.28 -29.99
C VAL A 126 -68.69 9.61 -31.47
N THR A 127 -69.65 10.37 -32.00
CA THR A 127 -69.67 10.74 -33.41
C THR A 127 -69.52 12.23 -33.67
N GLU A 128 -69.81 13.09 -32.69
CA GLU A 128 -69.74 14.53 -32.92
C GLU A 128 -69.47 15.24 -31.60
N VAL A 129 -68.56 16.21 -31.64
CA VAL A 129 -68.27 17.09 -30.51
C VAL A 129 -68.49 18.52 -30.96
N ARG A 130 -69.38 19.23 -30.28
CA ARG A 130 -69.68 20.62 -30.58
C ARG A 130 -69.44 21.48 -29.36
N TYR A 131 -69.28 22.78 -29.57
CA TYR A 131 -69.07 23.75 -28.51
C TYR A 131 -70.17 24.79 -28.58
N GLU A 132 -70.98 24.86 -27.53
CA GLU A 132 -72.07 25.83 -27.47
C GLU A 132 -72.38 26.14 -26.01
N ASP A 133 -72.77 27.39 -25.76
CA ASP A 133 -73.13 27.87 -24.43
C ASP A 133 -71.99 27.62 -23.44
N ASP A 134 -70.75 27.77 -23.91
CA ASP A 134 -69.54 27.56 -23.12
C ASP A 134 -69.42 26.13 -22.60
N LEU A 135 -70.09 25.19 -23.27
CA LEU A 135 -70.02 23.78 -22.90
C LEU A 135 -69.67 22.95 -24.13
N TYR A 136 -69.00 21.83 -23.88
CA TYR A 136 -68.71 20.88 -24.95
C TYR A 136 -69.84 19.86 -25.02
N VAL A 137 -70.52 19.84 -26.17
CA VAL A 137 -71.65 18.95 -26.41
C VAL A 137 -71.12 17.74 -27.17
N VAL A 138 -71.35 16.54 -26.62
CA VAL A 138 -70.83 15.31 -27.18
C VAL A 138 -72.00 14.43 -27.57
N THR A 139 -72.13 14.15 -28.87
CA THR A 139 -73.18 13.29 -29.39
C THR A 139 -72.61 11.90 -29.67
N THR A 140 -73.41 10.89 -29.39
CA THR A 140 -73.04 9.50 -29.62
C THR A 140 -73.74 8.97 -30.87
N SER A 141 -73.29 7.79 -31.33
CA SER A 141 -73.89 7.16 -32.50
C SER A 141 -75.31 6.69 -32.24
N ALA A 142 -75.68 6.50 -30.97
CA ALA A 142 -77.04 6.12 -30.61
C ALA A 142 -77.98 7.32 -30.47
N GLY A 143 -77.46 8.54 -30.55
CA GLY A 143 -78.26 9.74 -30.43
C GLY A 143 -78.18 10.42 -29.08
N ASP A 144 -77.53 9.80 -28.10
CA ASP A 144 -77.41 10.40 -26.77
C ASP A 144 -76.51 11.62 -26.82
N VAL A 145 -76.79 12.59 -25.94
CA VAL A 145 -76.06 13.84 -25.87
C VAL A 145 -75.62 14.06 -24.44
N TYR A 146 -74.31 14.25 -24.24
CA TYR A 146 -73.74 14.60 -22.95
C TYR A 146 -73.09 15.96 -23.04
N ARG A 147 -73.23 16.74 -21.98
CA ARG A 147 -72.60 18.06 -21.88
C ARG A 147 -71.60 18.06 -20.74
N ALA A 148 -70.47 18.74 -20.95
CA ALA A 148 -69.44 18.82 -19.95
C ALA A 148 -68.64 20.10 -20.15
N ARG A 149 -68.11 20.61 -19.04
CA ARG A 149 -67.24 21.79 -19.12
C ARG A 149 -65.91 21.47 -19.78
N HIS A 150 -65.39 20.25 -19.59
CA HIS A 150 -64.09 19.86 -20.11
C HIS A 150 -64.21 18.54 -20.86
N LEU A 151 -63.10 18.18 -21.52
CA LEU A 151 -62.99 16.94 -22.27
C LEU A 151 -61.63 16.31 -22.01
N VAL A 152 -61.60 14.98 -21.89
CA VAL A 152 -60.36 14.21 -21.80
C VAL A 152 -60.40 13.17 -22.91
N LEU A 153 -59.58 13.38 -23.94
CA LEU A 153 -59.57 12.52 -25.12
C LEU A 153 -58.59 11.36 -24.91
N GLY A 154 -59.09 10.14 -24.98
CA GLY A 154 -58.26 8.96 -24.85
C GLY A 154 -58.65 7.87 -25.81
N THR A 155 -58.62 8.14 -27.11
CA THR A 155 -59.04 7.19 -28.13
C THR A 155 -57.89 6.32 -28.63
N GLY A 156 -56.71 6.43 -28.04
CA GLY A 156 -55.62 5.54 -28.40
C GLY A 156 -54.99 5.87 -29.74
N THR A 157 -54.26 4.89 -30.27
CA THR A 157 -53.57 5.02 -31.55
C THR A 157 -53.94 3.82 -32.42
N PRO A 158 -54.71 4.02 -33.49
CA PRO A 158 -55.13 2.90 -34.34
C PRO A 158 -53.94 2.28 -35.07
N PRO A 159 -54.11 1.10 -35.65
CA PRO A 159 -53.00 0.47 -36.39
C PRO A 159 -52.55 1.30 -37.57
N TYR A 160 -51.29 1.10 -37.95
CA TYR A 160 -50.69 1.74 -39.11
C TYR A 160 -50.21 0.67 -40.08
N ILE A 161 -50.51 0.85 -41.36
CA ILE A 161 -49.98 -0.02 -42.42
C ILE A 161 -49.32 0.87 -43.46
N PRO A 162 -48.27 0.40 -44.14
CA PRO A 162 -47.59 1.25 -45.12
C PRO A 162 -48.54 1.64 -46.26
N GLU A 163 -48.18 2.73 -46.95
CA GLU A 163 -48.95 3.16 -48.11
C GLU A 163 -48.92 2.11 -49.21
N ALA A 164 -47.88 1.29 -49.26
CA ALA A 164 -47.78 0.24 -50.27
C ALA A 164 -48.84 -0.84 -50.12
N CYS A 165 -49.48 -0.93 -48.94
CA CYS A 165 -50.48 -1.96 -48.67
C CYS A 165 -51.89 -1.40 -48.56
N GLN A 166 -52.08 -0.12 -48.85
CA GLN A 166 -53.44 0.43 -48.90
C GLN A 166 -54.17 -0.12 -50.11
N GLY A 167 -55.35 -0.69 -49.89
CA GLY A 167 -56.08 -1.33 -50.97
C GLY A 167 -55.46 -2.62 -51.46
N LEU A 168 -54.79 -3.36 -50.59
CA LEU A 168 -54.14 -4.61 -50.96
C LEU A 168 -55.11 -5.77 -50.80
N ASP A 169 -55.09 -6.69 -51.76
CA ASP A 169 -55.96 -7.85 -51.73
C ASP A 169 -55.39 -8.93 -50.83
N GLY A 170 -56.16 -10.00 -50.64
CA GLY A 170 -55.70 -11.14 -49.88
C GLY A 170 -56.10 -11.09 -48.41
N ASP A 171 -55.46 -11.97 -47.64
CA ASP A 171 -55.80 -12.18 -46.23
C ASP A 171 -54.70 -11.68 -45.29
N PHE A 172 -53.88 -10.73 -45.74
CA PHE A 172 -52.81 -10.20 -44.89
C PHE A 172 -53.41 -9.52 -43.66
N ILE A 173 -52.63 -9.49 -42.58
CA ILE A 173 -53.08 -8.94 -41.31
C ILE A 173 -52.01 -8.03 -40.73
N HIS A 174 -52.46 -6.92 -40.16
CA HIS A 174 -51.68 -6.18 -39.18
C HIS A 174 -51.52 -7.03 -37.93
N ASN A 175 -50.43 -6.81 -37.20
CA ASN A 175 -50.14 -7.65 -36.05
C ASN A 175 -51.22 -7.58 -34.98
N SER A 176 -52.02 -6.50 -34.95
CA SER A 176 -53.06 -6.36 -33.95
C SER A 176 -54.16 -7.40 -34.07
N ARG A 177 -54.17 -8.20 -35.14
CA ARG A 177 -55.15 -9.27 -35.32
C ARG A 177 -54.47 -10.63 -35.45
N TYR A 178 -53.30 -10.78 -34.81
CA TYR A 178 -52.49 -11.97 -35.04
C TYR A 178 -53.09 -13.21 -34.39
N VAL A 179 -53.48 -13.10 -33.12
CA VAL A 179 -53.98 -14.26 -32.39
C VAL A 179 -55.23 -14.84 -33.06
N GLN A 180 -56.04 -13.97 -33.68
CA GLN A 180 -57.26 -14.44 -34.32
C GLN A 180 -56.99 -15.14 -35.64
N HIS A 181 -55.87 -14.83 -36.30
CA HIS A 181 -55.54 -15.39 -37.60
C HIS A 181 -54.39 -16.38 -37.52
N ARG A 182 -53.96 -16.76 -36.32
CA ARG A 182 -52.78 -17.60 -36.19
C ARG A 182 -53.00 -18.99 -36.78
N SER A 183 -54.16 -19.59 -36.52
CA SER A 183 -54.41 -20.94 -37.01
C SER A 183 -54.49 -20.99 -38.54
N GLU A 184 -54.77 -19.87 -39.19
CA GLU A 184 -54.72 -19.82 -40.65
C GLU A 184 -53.28 -19.63 -41.15
N LEU A 185 -52.50 -18.83 -40.43
CA LEU A 185 -51.14 -18.52 -40.89
C LEU A 185 -50.25 -19.75 -40.87
N VAL A 186 -50.36 -20.58 -39.82
CA VAL A 186 -49.48 -21.74 -39.68
C VAL A 186 -49.75 -22.82 -40.72
N LYS A 187 -50.88 -22.74 -41.43
CA LYS A 187 -51.17 -23.68 -42.50
C LYS A 187 -50.42 -23.36 -43.79
N LYS A 188 -49.94 -22.13 -43.94
CA LYS A 188 -49.40 -21.69 -45.22
C LYS A 188 -47.99 -22.24 -45.45
N GLU A 189 -47.51 -22.04 -46.68
CA GLU A 189 -46.18 -22.52 -47.06
C GLU A 189 -45.08 -21.53 -46.67
N SER A 190 -45.40 -20.25 -46.57
CA SER A 190 -44.42 -19.24 -46.22
C SER A 190 -45.11 -18.07 -45.54
N ILE A 191 -44.46 -17.51 -44.53
CA ILE A 191 -44.95 -16.34 -43.80
C ILE A 191 -43.84 -15.29 -43.77
N THR A 192 -44.21 -14.03 -44.02
CA THR A 192 -43.28 -12.92 -44.00
C THR A 192 -43.77 -11.88 -42.99
N ILE A 193 -42.92 -11.53 -42.04
CA ILE A 193 -43.20 -10.50 -41.05
C ILE A 193 -42.48 -9.22 -41.45
N VAL A 194 -43.20 -8.10 -41.46
CA VAL A 194 -42.65 -6.81 -41.84
C VAL A 194 -42.62 -5.92 -40.59
N GLY A 195 -41.43 -5.46 -40.22
CA GLY A 195 -41.24 -4.69 -39.02
C GLY A 195 -40.42 -5.45 -37.99
N SER A 196 -39.80 -4.69 -37.08
CA SER A 196 -38.92 -5.28 -36.07
C SER A 196 -39.16 -4.65 -34.70
N GLY A 197 -40.41 -4.30 -34.40
CA GLY A 197 -40.77 -3.86 -33.07
C GLY A 197 -40.93 -5.04 -32.13
N GLN A 198 -41.41 -4.74 -30.92
CA GLN A 198 -41.65 -5.78 -29.95
C GLN A 198 -42.70 -6.78 -30.44
N SER A 199 -43.74 -6.28 -31.11
CA SER A 199 -44.79 -7.17 -31.62
C SER A 199 -44.24 -8.14 -32.65
N ALA A 200 -43.44 -7.64 -33.59
CA ALA A 200 -42.91 -8.51 -34.64
C ALA A 200 -42.04 -9.62 -34.05
N ALA A 201 -41.18 -9.27 -33.09
CA ALA A 201 -40.27 -10.27 -32.53
C ALA A 201 -41.03 -11.35 -31.75
N GLU A 202 -42.08 -10.95 -31.02
CA GLU A 202 -42.91 -11.93 -30.34
C GLU A 202 -43.56 -12.88 -31.34
N ILE A 203 -44.07 -12.35 -32.47
CA ILE A 203 -44.67 -13.20 -33.48
C ILE A 203 -43.62 -14.10 -34.11
N TYR A 204 -42.43 -13.55 -34.40
CA TYR A 204 -41.37 -14.35 -34.99
C TYR A 204 -40.99 -15.51 -34.10
N GLN A 205 -40.85 -15.26 -32.79
CA GLN A 205 -40.51 -16.33 -31.86
C GLN A 205 -41.61 -17.38 -31.81
N ASP A 206 -42.86 -16.93 -31.81
CA ASP A 206 -43.98 -17.87 -31.79
C ASP A 206 -43.99 -18.76 -33.03
N LEU A 207 -43.78 -18.17 -34.20
CA LEU A 207 -43.78 -18.95 -35.43
C LEU A 207 -42.49 -19.75 -35.60
N LEU A 208 -41.35 -19.23 -35.16
CA LEU A 208 -40.12 -20.00 -35.22
C LEU A 208 -40.17 -21.21 -34.30
N GLY A 209 -40.91 -21.12 -33.19
CA GLY A 209 -40.97 -22.23 -32.26
C GLY A 209 -41.66 -23.46 -32.83
N GLU A 210 -42.52 -23.27 -33.84
CA GLU A 210 -43.26 -24.37 -34.45
C GLU A 210 -42.87 -24.56 -35.91
N ILE A 211 -41.66 -24.15 -36.30
CA ILE A 211 -41.30 -24.20 -37.71
C ILE A 211 -41.11 -25.64 -38.18
N ASP A 212 -40.75 -26.55 -37.29
CA ASP A 212 -40.57 -27.95 -37.67
C ASP A 212 -41.88 -28.73 -37.68
N VAL A 213 -42.92 -28.21 -37.02
CA VAL A 213 -44.20 -28.90 -36.99
C VAL A 213 -45.03 -28.57 -38.22
N HIS A 214 -44.80 -27.40 -38.84
CA HIS A 214 -45.63 -26.94 -39.94
C HIS A 214 -44.93 -26.87 -41.28
N GLY A 215 -43.60 -26.83 -41.30
CA GLY A 215 -42.85 -26.76 -42.55
C GLY A 215 -43.19 -25.57 -43.42
N TYR A 216 -43.04 -24.36 -42.90
CA TYR A 216 -43.17 -23.15 -43.68
C TYR A 216 -41.87 -22.37 -43.65
N ARG A 217 -41.66 -21.55 -44.68
CA ARG A 217 -40.58 -20.58 -44.65
C ARG A 217 -41.00 -19.38 -43.79
N LEU A 218 -40.07 -18.85 -43.02
CA LEU A 218 -40.34 -17.76 -42.08
C LEU A 218 -39.41 -16.59 -42.39
N ASN A 219 -39.97 -15.53 -42.96
CA ASN A 219 -39.21 -14.34 -43.31
C ASN A 219 -39.48 -13.23 -42.30
N TRP A 220 -38.42 -12.55 -41.89
CA TRP A 220 -38.51 -11.39 -41.01
C TRP A 220 -37.73 -10.26 -41.67
N VAL A 221 -38.45 -9.27 -42.19
CA VAL A 221 -37.86 -8.16 -42.94
C VAL A 221 -38.25 -6.86 -42.27
N THR A 222 -37.29 -5.98 -42.06
CA THR A 222 -37.56 -4.72 -41.38
C THR A 222 -36.82 -3.58 -42.06
N ARG A 223 -37.46 -2.41 -42.05
CA ARG A 223 -36.81 -1.19 -42.51
C ARG A 223 -35.75 -0.71 -41.53
N SER A 224 -35.82 -1.16 -40.28
CA SER A 224 -34.88 -0.69 -39.26
C SER A 224 -33.46 -1.12 -39.62
N PRO A 225 -32.46 -0.36 -39.20
CA PRO A 225 -31.07 -0.74 -39.53
C PRO A 225 -30.60 -1.97 -38.79
N ARG A 226 -31.13 -2.23 -37.59
CA ARG A 226 -30.78 -3.39 -36.80
C ARG A 226 -32.02 -3.88 -36.08
N PHE A 227 -31.89 -5.03 -35.42
CA PHE A 227 -32.88 -5.48 -34.45
C PHE A 227 -32.52 -4.90 -33.08
N PHE A 228 -32.63 -3.59 -32.97
CA PHE A 228 -32.10 -2.93 -31.79
C PHE A 228 -32.97 -3.20 -30.57
N PRO A 229 -32.37 -3.26 -29.38
CA PRO A 229 -33.15 -3.57 -28.18
C PRO A 229 -33.83 -2.33 -27.61
N LEU A 230 -34.80 -2.60 -26.74
CA LEU A 230 -35.37 -1.56 -25.91
C LEU A 230 -34.32 -1.03 -24.96
N GLU A 231 -33.99 0.25 -25.06
CA GLU A 231 -32.98 0.86 -24.19
C GLU A 231 -33.58 1.00 -22.80
N TYR A 232 -33.28 0.04 -21.92
CA TYR A 232 -33.92 -0.07 -20.62
C TYR A 232 -32.96 0.12 -19.46
N THR A 233 -31.73 0.57 -19.72
CA THR A 233 -30.80 0.85 -18.64
C THR A 233 -31.33 2.00 -17.78
N LYS A 234 -30.98 1.96 -16.49
CA LYS A 234 -31.69 2.77 -15.50
C LYS A 234 -31.41 4.26 -15.65
N LEU A 235 -30.20 4.64 -16.06
CA LEU A 235 -29.93 6.06 -16.29
C LEU A 235 -30.75 6.61 -17.46
N THR A 236 -31.06 5.77 -18.45
CA THR A 236 -31.95 6.19 -19.52
C THR A 236 -33.41 6.17 -19.08
N LEU A 237 -33.78 5.24 -18.19
CA LEU A 237 -35.13 5.22 -17.63
C LEU A 237 -35.45 6.49 -16.87
N GLU A 238 -34.44 7.22 -16.39
CA GLU A 238 -34.66 8.49 -15.70
C GLU A 238 -35.17 9.58 -16.63
N MET A 239 -35.16 9.36 -17.95
CA MET A 239 -35.79 10.31 -18.86
C MET A 239 -37.29 10.15 -18.89
N THR A 240 -37.82 9.04 -18.39
CA THR A 240 -39.26 8.89 -18.15
C THR A 240 -39.57 9.51 -16.79
N SER A 241 -39.49 10.84 -16.75
CA SER A 241 -39.57 11.62 -15.52
C SER A 241 -40.27 12.92 -15.81
N PRO A 242 -40.80 13.59 -14.77
CA PRO A 242 -41.41 14.91 -14.99
C PRO A 242 -40.40 15.99 -15.33
N GLU A 243 -39.19 15.93 -14.76
CA GLU A 243 -38.20 16.97 -15.04
C GLU A 243 -37.69 16.89 -16.47
N TYR A 244 -37.66 15.70 -17.07
CA TYR A 244 -37.30 15.62 -18.48
C TYR A 244 -38.39 16.18 -19.36
N ILE A 245 -39.66 15.98 -18.99
CA ILE A 245 -40.75 16.59 -19.75
C ILE A 245 -40.65 18.10 -19.70
N ASP A 246 -40.39 18.65 -18.52
CA ASP A 246 -40.17 20.09 -18.39
C ASP A 246 -39.08 20.57 -19.34
N TYR A 247 -37.97 19.85 -19.40
CA TYR A 247 -36.89 20.20 -20.31
C TYR A 247 -37.30 19.98 -21.77
N TYR A 248 -37.81 18.79 -22.09
CA TYR A 248 -38.15 18.46 -23.46
C TYR A 248 -39.22 19.38 -24.03
N ARG A 249 -40.24 19.71 -23.23
CA ARG A 249 -41.37 20.49 -23.74
C ARG A 249 -40.95 21.89 -24.16
N GLU A 250 -40.03 22.51 -23.41
CA GLU A 250 -39.60 23.87 -23.69
C GLU A 250 -38.47 23.93 -24.71
N LEU A 251 -38.09 22.80 -25.30
CA LEU A 251 -37.18 22.82 -26.43
C LEU A 251 -37.93 23.31 -27.68
N PRO A 252 -37.22 23.87 -28.65
CA PRO A 252 -37.89 24.34 -29.88
C PRO A 252 -38.61 23.20 -30.59
N GLU A 253 -39.60 23.58 -31.40
CA GLU A 253 -40.41 22.58 -32.08
C GLU A 253 -39.58 21.74 -33.05
N ALA A 254 -38.65 22.38 -33.77
CA ALA A 254 -37.78 21.63 -34.68
C ALA A 254 -36.91 20.64 -33.92
N THR A 255 -36.39 21.06 -32.75
CA THR A 255 -35.59 20.15 -31.95
C THR A 255 -36.40 18.96 -31.47
N ARG A 256 -37.64 19.20 -31.03
CA ARG A 256 -38.47 18.11 -30.52
C ARG A 256 -38.79 17.11 -31.62
N TYR A 257 -39.10 17.58 -32.83
CA TYR A 257 -39.41 16.65 -33.92
C TYR A 257 -38.18 15.86 -34.36
N ARG A 258 -36.99 16.44 -34.22
CA ARG A 258 -35.77 15.69 -34.52
C ARG A 258 -35.52 14.61 -33.47
N LEU A 259 -35.82 14.91 -32.21
CA LEU A 259 -35.62 13.92 -31.15
C LEU A 259 -36.60 12.77 -31.27
N THR A 260 -37.83 13.05 -31.72
CA THR A 260 -38.81 11.99 -31.92
C THR A 260 -38.33 11.01 -32.99
N ALA A 261 -37.63 11.50 -34.01
CA ALA A 261 -37.08 10.62 -35.03
C ALA A 261 -35.93 9.78 -34.51
N GLU A 262 -35.25 10.22 -33.44
CA GLU A 262 -34.05 9.56 -32.95
C GLU A 262 -34.24 8.82 -31.63
N GLN A 263 -35.30 9.11 -30.89
CA GLN A 263 -35.57 8.45 -29.62
C GLN A 263 -36.42 7.19 -29.78
N LYS A 264 -36.42 6.59 -30.97
CA LYS A 264 -37.27 5.42 -31.21
C LYS A 264 -36.84 4.24 -30.35
N GLY A 265 -35.52 4.04 -30.17
CA GLY A 265 -35.06 2.92 -29.36
C GLY A 265 -35.34 3.06 -27.88
N LEU A 266 -35.84 4.21 -27.44
CA LEU A 266 -36.09 4.43 -26.01
C LEU A 266 -37.40 3.78 -25.56
N PHE A 267 -38.42 3.79 -26.40
CA PHE A 267 -39.69 3.17 -26.05
C PHE A 267 -40.20 2.20 -27.10
N LYS A 268 -39.51 2.04 -28.21
CA LYS A 268 -39.79 1.01 -29.18
C LYS A 268 -38.58 0.06 -29.26
N GLY A 269 -38.59 -0.82 -30.24
CA GLY A 269 -37.59 -1.87 -30.28
C GLY A 269 -38.06 -3.09 -29.51
N ILE A 270 -37.12 -4.00 -29.30
CA ILE A 270 -37.42 -5.33 -28.76
C ILE A 270 -36.78 -5.46 -27.38
N ASP A 271 -37.49 -6.13 -26.47
CA ASP A 271 -36.89 -6.55 -25.20
C ASP A 271 -35.61 -7.31 -25.47
N GLY A 272 -34.53 -6.91 -24.78
CA GLY A 272 -33.25 -7.54 -25.02
C GLY A 272 -33.25 -9.03 -24.75
N ASP A 273 -33.97 -9.46 -23.71
CA ASP A 273 -34.08 -10.88 -23.41
C ASP A 273 -34.75 -11.63 -24.55
N LEU A 274 -35.74 -11.00 -25.20
CA LEU A 274 -36.44 -11.67 -26.29
C LEU A 274 -35.52 -11.83 -27.51
N ILE A 275 -34.70 -10.82 -27.80
CA ILE A 275 -33.73 -10.94 -28.90
C ILE A 275 -32.79 -12.10 -28.64
N ASN A 276 -32.30 -12.22 -27.40
CA ASN A 276 -31.34 -13.29 -27.08
C ASN A 276 -32.00 -14.65 -27.14
N GLU A 277 -33.25 -14.77 -26.67
CA GLU A 277 -33.94 -16.04 -26.77
C GLU A 277 -34.22 -16.43 -28.22
N ILE A 278 -34.39 -15.45 -29.10
CA ILE A 278 -34.56 -15.74 -30.52
C ILE A 278 -33.28 -16.32 -31.10
N PHE A 279 -32.13 -15.76 -30.76
CA PHE A 279 -30.85 -16.29 -31.25
C PHE A 279 -30.62 -17.70 -30.73
N ASP A 280 -30.89 -17.93 -29.45
CA ASP A 280 -30.68 -19.27 -28.87
C ASP A 280 -31.56 -20.30 -29.55
N LEU A 281 -32.80 -19.92 -29.91
CA LEU A 281 -33.68 -20.85 -30.60
C LEU A 281 -33.19 -21.11 -32.01
N LEU A 282 -32.69 -20.07 -32.70
CA LEU A 282 -32.09 -20.28 -34.01
C LEU A 282 -30.89 -21.22 -33.92
N TYR A 283 -30.05 -21.03 -32.90
CA TYR A 283 -28.93 -21.93 -32.67
C TYR A 283 -29.40 -23.35 -32.43
N GLN A 284 -30.43 -23.52 -31.60
CA GLN A 284 -30.91 -24.85 -31.25
C GLN A 284 -31.48 -25.56 -32.48
N LYS A 285 -32.28 -24.86 -33.28
CA LYS A 285 -32.87 -25.49 -34.46
C LYS A 285 -31.84 -25.76 -35.54
N ASN A 286 -30.79 -24.94 -35.61
CA ASN A 286 -29.76 -25.11 -36.63
C ASN A 286 -28.96 -26.40 -36.44
N LEU A 287 -28.99 -26.99 -35.24
CA LEU A 287 -28.24 -28.22 -35.01
C LEU A 287 -28.76 -29.36 -35.86
N ALA A 288 -30.07 -29.41 -36.10
CA ALA A 288 -30.68 -30.48 -36.87
C ALA A 288 -30.64 -30.24 -38.38
N GLY A 289 -30.20 -29.07 -38.82
CA GLY A 289 -30.15 -28.75 -40.23
C GLY A 289 -30.49 -27.31 -40.50
N PRO A 290 -30.37 -26.88 -41.76
CA PRO A 290 -30.69 -25.49 -42.11
C PRO A 290 -32.14 -25.14 -41.79
N VAL A 291 -32.32 -24.01 -41.13
CA VAL A 291 -33.65 -23.51 -40.77
C VAL A 291 -34.13 -22.59 -41.88
N PRO A 292 -35.28 -22.88 -42.52
CA PRO A 292 -35.72 -22.04 -43.63
C PRO A 292 -36.26 -20.69 -43.16
N THR A 293 -35.38 -19.86 -42.61
CA THR A 293 -35.78 -18.54 -42.12
C THR A 293 -34.79 -17.48 -42.60
N ARG A 294 -35.30 -16.29 -42.85
CA ARG A 294 -34.50 -15.16 -43.29
C ARG A 294 -34.75 -13.96 -42.39
N LEU A 295 -33.67 -13.32 -41.94
CA LEU A 295 -33.73 -12.11 -41.14
C LEU A 295 -33.04 -11.00 -41.94
N LEU A 296 -33.82 -10.02 -42.39
CA LEU A 296 -33.33 -8.96 -43.26
C LEU A 296 -33.60 -7.59 -42.63
N THR A 297 -32.62 -6.71 -42.73
CA THR A 297 -32.71 -5.35 -42.22
C THR A 297 -32.51 -4.36 -43.36
N ASN A 298 -32.68 -3.08 -43.03
CA ASN A 298 -32.43 -1.97 -43.95
C ASN A 298 -33.27 -2.09 -45.23
N SER A 299 -34.41 -2.76 -45.14
CA SER A 299 -35.24 -3.06 -46.30
C SER A 299 -36.64 -2.53 -46.08
N SER A 300 -37.11 -1.68 -46.99
CA SER A 300 -38.43 -1.08 -46.91
C SER A 300 -39.35 -1.72 -47.93
N LEU A 301 -40.57 -2.04 -47.51
CA LEU A 301 -41.57 -2.60 -48.41
C LEU A 301 -42.16 -1.47 -49.25
N ASN A 302 -41.85 -1.44 -50.53
CA ASN A 302 -42.28 -0.35 -51.40
C ASN A 302 -43.50 -0.69 -52.23
N SER A 303 -43.72 -1.96 -52.56
CA SER A 303 -44.89 -2.34 -53.32
C SER A 303 -45.27 -3.77 -52.98
N ALA A 304 -46.54 -4.09 -53.16
CA ALA A 304 -47.06 -5.42 -52.85
C ALA A 304 -48.29 -5.68 -53.70
N ARG A 305 -48.45 -6.94 -54.09
CA ARG A 305 -49.63 -7.36 -54.83
C ARG A 305 -49.95 -8.81 -54.50
N HIS A 306 -51.23 -9.14 -54.60
CA HIS A 306 -51.74 -10.47 -54.30
C HIS A 306 -52.22 -11.10 -55.61
N GLU A 307 -51.45 -12.04 -56.13
CA GLU A 307 -51.80 -12.75 -57.36
C GLU A 307 -51.60 -14.24 -57.14
N ASN A 308 -52.43 -15.05 -57.81
CA ASN A 308 -52.35 -16.51 -57.73
C ASN A 308 -52.42 -17.01 -56.28
N GLY A 309 -53.14 -16.29 -55.43
CA GLY A 309 -53.25 -16.68 -54.04
C GLY A 309 -52.03 -16.46 -53.19
N THR A 310 -51.03 -15.73 -53.69
CA THR A 310 -49.81 -15.48 -52.95
C THR A 310 -49.40 -14.02 -53.13
N TYR A 311 -48.53 -13.55 -52.23
CA TYR A 311 -48.08 -12.16 -52.22
C TYR A 311 -46.75 -12.01 -52.92
N THR A 312 -46.58 -10.89 -53.62
CA THR A 312 -45.34 -10.54 -54.30
C THR A 312 -44.82 -9.24 -53.68
N LEU A 313 -43.92 -9.35 -52.72
CA LEU A 313 -43.42 -8.21 -51.98
C LEU A 313 -42.16 -7.67 -52.66
N ALA A 314 -42.17 -6.38 -53.00
CA ALA A 314 -41.01 -5.71 -53.56
C ALA A 314 -40.35 -4.86 -52.47
N PHE A 315 -39.12 -5.20 -52.14
CA PHE A 315 -38.35 -4.48 -51.14
C PHE A 315 -37.20 -3.73 -51.81
N ARG A 316 -36.64 -2.78 -51.06
CA ARG A 316 -35.39 -2.13 -51.46
C ARG A 316 -34.50 -2.05 -50.24
N GLN A 317 -33.28 -2.59 -50.35
CA GLN A 317 -32.27 -2.39 -49.33
C GLN A 317 -31.79 -0.95 -49.44
N GLU A 318 -32.35 -0.08 -48.60
CA GLU A 318 -32.11 1.36 -48.73
C GLU A 318 -30.66 1.72 -48.49
N GLU A 319 -29.97 1.00 -47.60
CA GLU A 319 -28.57 1.32 -47.32
C GLU A 319 -27.67 0.88 -48.45
N GLN A 320 -27.85 -0.36 -48.93
CA GLN A 320 -27.07 -0.87 -50.05
C GLN A 320 -27.56 -0.31 -51.38
N GLY A 321 -28.83 0.02 -51.49
CA GLY A 321 -29.38 0.53 -52.73
C GLY A 321 -29.70 -0.53 -53.76
N LYS A 322 -30.30 -1.65 -53.34
CA LYS A 322 -30.63 -2.74 -54.24
C LYS A 322 -32.04 -3.23 -53.95
N ASP A 323 -32.86 -3.34 -54.99
CA ASP A 323 -34.19 -3.88 -54.85
C ASP A 323 -34.16 -5.41 -54.87
N PHE A 324 -35.14 -6.01 -54.19
CA PHE A 324 -35.27 -7.46 -54.20
C PHE A 324 -36.72 -7.81 -53.88
N GLU A 325 -37.10 -9.02 -54.26
CA GLU A 325 -38.46 -9.50 -54.11
C GLU A 325 -38.50 -10.72 -53.20
N ILE A 326 -39.63 -10.87 -52.50
CA ILE A 326 -39.89 -12.03 -51.64
C ILE A 326 -41.29 -12.51 -51.94
N GLU A 327 -41.44 -13.83 -52.09
CA GLU A 327 -42.72 -14.47 -52.36
C GLU A 327 -43.19 -15.18 -51.09
N SER A 328 -44.39 -14.83 -50.64
CA SER A 328 -44.91 -15.37 -49.39
C SER A 328 -46.42 -15.51 -49.49
N GLN A 329 -46.95 -16.62 -48.98
CA GLN A 329 -48.39 -16.80 -48.91
C GLN A 329 -49.00 -16.05 -47.74
N GLY A 330 -48.23 -15.87 -46.67
CA GLY A 330 -48.68 -15.14 -45.49
C GLY A 330 -47.96 -13.82 -45.38
N LEU A 331 -48.68 -12.80 -44.91
CA LEU A 331 -48.13 -11.46 -44.75
C LEU A 331 -48.64 -10.89 -43.44
N VAL A 332 -47.72 -10.63 -42.52
CA VAL A 332 -48.04 -10.06 -41.21
C VAL A 332 -47.35 -8.70 -41.12
N LEU A 333 -48.15 -7.64 -41.10
CA LEU A 333 -47.62 -6.28 -41.02
C LEU A 333 -47.56 -5.89 -39.55
N ALA A 334 -46.37 -6.00 -38.95
CA ALA A 334 -46.11 -5.47 -37.63
C ALA A 334 -45.45 -4.10 -37.74
N THR A 335 -46.20 -3.19 -38.36
CA THR A 335 -45.69 -1.88 -38.76
C THR A 335 -46.14 -0.77 -37.84
N GLY A 336 -46.64 -1.10 -36.66
CA GLY A 336 -46.87 -0.11 -35.63
C GLY A 336 -48.25 0.49 -35.62
N TYR A 337 -48.35 1.57 -34.86
CA TYR A 337 -49.59 2.31 -34.66
C TYR A 337 -49.30 3.80 -34.87
N LYS A 338 -50.35 4.54 -35.23
CA LYS A 338 -50.20 5.96 -35.50
C LYS A 338 -51.51 6.67 -35.21
N TYR A 339 -51.43 7.78 -34.48
CA TYR A 339 -52.61 8.55 -34.14
C TYR A 339 -53.09 9.36 -35.34
N ALA A 340 -54.40 9.43 -35.50
CA ALA A 340 -55.04 10.28 -36.49
C ALA A 340 -56.16 11.05 -35.83
N GLU A 341 -56.30 12.32 -36.18
CA GLU A 341 -57.29 13.17 -35.56
C GLU A 341 -58.68 12.60 -35.78
N PRO A 342 -59.45 12.32 -34.73
CA PRO A 342 -60.77 11.71 -34.90
C PRO A 342 -61.71 12.64 -35.63
N GLU A 343 -62.60 12.04 -36.43
CA GLU A 343 -63.54 12.81 -37.23
C GLU A 343 -64.50 13.61 -36.34
N PHE A 344 -64.82 13.10 -35.15
CA PHE A 344 -65.83 13.75 -34.32
C PHE A 344 -65.35 15.08 -33.74
N LEU A 345 -64.08 15.43 -33.91
CA LEU A 345 -63.57 16.72 -33.46
C LEU A 345 -63.70 17.80 -34.52
N ALA A 346 -64.27 17.47 -35.68
CA ALA A 346 -64.36 18.44 -36.78
C ALA A 346 -65.09 19.73 -36.38
N PRO A 347 -66.24 19.70 -35.73
CA PRO A 347 -66.95 20.96 -35.44
C PRO A 347 -66.27 21.85 -34.42
N VAL A 348 -65.15 21.45 -33.83
CA VAL A 348 -64.49 22.26 -32.82
C VAL A 348 -62.99 22.38 -33.10
N LYS A 349 -62.59 22.15 -34.35
CA LYS A 349 -61.20 22.33 -34.72
C LYS A 349 -60.75 23.78 -34.55
N ASP A 350 -61.69 24.73 -34.58
CA ASP A 350 -61.36 26.14 -34.35
C ASP A 350 -60.90 26.41 -32.92
N ARG A 351 -61.22 25.53 -31.98
CA ARG A 351 -60.84 25.70 -30.59
C ARG A 351 -59.62 24.87 -30.20
N LEU A 352 -59.04 24.13 -31.13
CA LEU A 352 -57.85 23.33 -30.89
C LEU A 352 -56.61 24.04 -31.44
N VAL A 353 -55.47 23.78 -30.82
CA VAL A 353 -54.21 24.45 -31.15
C VAL A 353 -53.28 23.45 -31.83
N TYR A 354 -52.69 23.86 -32.95
CA TYR A 354 -51.83 23.01 -33.75
C TYR A 354 -50.44 23.63 -33.89
N ASP A 355 -49.44 22.77 -34.09
CA ASP A 355 -48.09 23.25 -34.31
C ASP A 355 -47.86 23.47 -35.80
N SER A 356 -46.63 23.82 -36.15
CA SER A 356 -46.29 24.09 -37.55
C SER A 356 -46.36 22.84 -38.42
N GLN A 357 -46.41 21.65 -37.83
CA GLN A 357 -46.54 20.41 -38.58
C GLN A 357 -47.98 19.93 -38.68
N GLY A 358 -48.93 20.60 -38.02
CA GLY A 358 -50.32 20.24 -38.10
C GLY A 358 -50.82 19.30 -37.03
N ASN A 359 -49.99 18.97 -36.04
CA ASN A 359 -50.37 18.10 -34.94
C ASN A 359 -50.76 18.93 -33.72
N PHE A 360 -51.44 18.28 -32.79
CA PHE A 360 -51.86 18.95 -31.56
C PHE A 360 -50.65 19.47 -30.80
N ASP A 361 -50.57 20.80 -30.65
CA ASP A 361 -49.51 21.42 -29.87
C ASP A 361 -49.83 21.27 -28.37
N VAL A 362 -49.69 20.04 -27.90
CA VAL A 362 -50.12 19.70 -26.54
C VAL A 362 -49.34 20.53 -25.53
N SER A 363 -50.07 21.20 -24.64
CA SER A 363 -49.43 21.99 -23.60
C SER A 363 -48.74 21.08 -22.60
N ARG A 364 -47.88 21.68 -21.77
CA ARG A 364 -47.21 20.95 -20.72
C ARG A 364 -48.20 20.26 -19.79
N ALA A 365 -49.32 20.92 -19.52
CA ALA A 365 -50.39 20.36 -18.70
C ALA A 365 -51.38 19.51 -19.51
N TYR A 366 -50.97 19.05 -20.71
CA TYR A 366 -51.69 18.07 -21.51
C TYR A 366 -53.00 18.61 -22.08
N ALA A 367 -53.08 19.92 -22.31
CA ALA A 367 -54.26 20.53 -22.92
C ALA A 367 -53.98 20.87 -24.38
N ILE A 368 -55.04 20.82 -25.20
CA ILE A 368 -54.90 21.05 -26.63
C ILE A 368 -55.89 22.10 -27.12
N ASP A 369 -56.62 22.73 -26.20
CA ASP A 369 -57.62 23.72 -26.56
C ASP A 369 -57.08 25.13 -26.35
N VAL A 370 -57.89 26.13 -26.74
CA VAL A 370 -57.44 27.52 -26.71
C VAL A 370 -57.38 28.07 -25.29
N THR A 371 -58.22 27.60 -24.37
CA THR A 371 -58.19 28.09 -23.00
C THR A 371 -57.04 27.51 -22.19
N GLY A 372 -56.35 26.50 -22.70
CA GLY A 372 -55.28 25.85 -21.96
C GLY A 372 -55.74 24.88 -20.89
N ARG A 373 -57.06 24.65 -20.77
CA ARG A 373 -57.54 23.73 -19.74
C ARG A 373 -58.92 23.16 -20.05
N GLY A 374 -59.34 23.12 -21.30
CA GLY A 374 -60.67 22.64 -21.63
C GLY A 374 -60.69 21.24 -22.23
N VAL A 375 -59.73 20.94 -23.11
CA VAL A 375 -59.66 19.65 -23.79
C VAL A 375 -58.30 19.05 -23.51
N PHE A 376 -58.28 17.93 -22.79
CA PHE A 376 -57.05 17.25 -22.44
C PHE A 376 -56.87 16.02 -23.33
N LEU A 377 -55.61 15.73 -23.68
CA LEU A 377 -55.28 14.64 -24.59
C LEU A 377 -54.45 13.60 -23.86
N GLN A 378 -54.91 12.36 -23.86
CA GLN A 378 -54.12 11.23 -23.41
C GLN A 378 -53.42 10.61 -24.62
N ASN A 379 -52.15 10.22 -24.43
CA ASN A 379 -51.35 9.62 -25.49
C ASN A 379 -51.18 10.59 -26.66
N ALA A 380 -50.61 10.10 -27.76
CA ALA A 380 -50.47 10.86 -29.00
C ALA A 380 -49.75 12.19 -28.79
N GLY A 381 -48.86 12.26 -27.81
CA GLY A 381 -48.15 13.48 -27.53
C GLY A 381 -46.65 13.30 -27.45
N VAL A 382 -46.10 12.43 -28.29
CA VAL A 382 -44.66 12.18 -28.27
C VAL A 382 -43.89 13.41 -28.71
N HIS A 383 -44.45 14.18 -29.66
CA HIS A 383 -43.75 15.37 -30.14
C HIS A 383 -43.72 16.48 -29.09
N THR A 384 -44.54 16.39 -28.04
CA THR A 384 -44.54 17.36 -26.96
C THR A 384 -44.05 16.79 -25.64
N HIS A 385 -44.26 15.50 -25.38
CA HIS A 385 -43.91 14.90 -24.09
C HIS A 385 -42.98 13.69 -24.23
N SER A 386 -42.47 13.44 -25.43
CA SER A 386 -41.43 12.42 -25.67
C SER A 386 -41.98 11.04 -25.28
N ILE A 387 -41.10 10.17 -24.80
CA ILE A 387 -41.43 8.76 -24.59
C ILE A 387 -42.47 8.55 -23.50
N THR A 388 -42.72 9.56 -22.66
CA THR A 388 -43.70 9.41 -21.59
C THR A 388 -45.13 9.37 -22.12
N SER A 389 -45.35 9.79 -23.37
CA SER A 389 -46.72 9.93 -23.85
C SER A 389 -47.50 8.61 -23.88
N PRO A 390 -46.98 7.51 -24.43
CA PRO A 390 -47.72 6.24 -24.36
C PRO A 390 -47.28 5.31 -23.24
N ASP A 391 -46.49 5.78 -22.28
CA ASP A 391 -45.93 4.92 -21.24
C ASP A 391 -46.98 4.67 -20.16
N LEU A 392 -47.27 3.38 -19.89
CA LEU A 392 -48.15 3.05 -18.78
C LEU A 392 -47.60 3.57 -17.46
N GLY A 393 -46.29 3.64 -17.32
CA GLY A 393 -45.66 4.14 -16.10
C GLY A 393 -45.78 5.62 -15.89
N MET A 394 -46.44 6.35 -16.79
CA MET A 394 -46.68 7.77 -16.60
C MET A 394 -48.15 8.13 -16.74
N GLY A 395 -49.04 7.14 -16.85
CA GLY A 395 -50.46 7.43 -16.92
C GLY A 395 -50.97 8.09 -15.65
N ALA A 396 -50.59 7.54 -14.49
CA ALA A 396 -51.03 8.12 -13.22
C ALA A 396 -50.50 9.54 -13.06
N TYR A 397 -49.26 9.79 -13.47
CA TYR A 397 -48.70 11.13 -13.36
C TYR A 397 -49.47 12.12 -14.24
N ARG A 398 -49.76 11.73 -15.48
CA ARG A 398 -50.51 12.60 -16.37
C ARG A 398 -51.92 12.83 -15.84
N ASN A 399 -52.56 11.77 -15.34
CA ASN A 399 -53.92 11.92 -14.81
C ASN A 399 -53.93 12.80 -13.56
N SER A 400 -52.88 12.73 -12.75
CA SER A 400 -52.80 13.60 -11.57
C SER A 400 -52.65 15.07 -11.97
N CYS A 401 -51.93 15.34 -13.06
CA CYS A 401 -51.85 16.70 -13.59
C CYS A 401 -53.17 17.14 -14.20
N ILE A 402 -53.85 16.23 -14.89
CA ILE A 402 -55.17 16.52 -15.42
C ILE A 402 -56.15 16.83 -14.30
N ILE A 403 -56.18 15.97 -13.28
CA ILE A 403 -57.05 16.20 -12.11
C ILE A 403 -56.74 17.56 -11.50
N ARG A 404 -55.46 17.92 -11.42
CA ARG A 404 -55.08 19.19 -10.82
C ARG A 404 -55.68 20.37 -11.59
N GLU A 405 -55.65 20.32 -12.92
CA GLU A 405 -56.23 21.40 -13.71
C GLU A 405 -57.74 21.42 -13.61
N LEU A 406 -58.38 20.28 -13.37
CA LEU A 406 -59.83 20.24 -13.24
C LEU A 406 -60.30 20.75 -11.89
N LEU A 407 -59.49 20.57 -10.84
CA LEU A 407 -59.87 20.96 -9.50
C LEU A 407 -59.28 22.30 -9.06
N GLY A 408 -58.16 22.71 -9.65
CA GLY A 408 -57.39 23.81 -9.12
C GLY A 408 -56.49 23.44 -7.96
N THR A 409 -56.71 22.27 -7.35
CA THR A 409 -55.91 21.79 -6.24
C THR A 409 -55.28 20.45 -6.59
N GLU A 410 -54.09 20.20 -6.05
CA GLU A 410 -53.34 18.97 -6.32
C GLU A 410 -53.89 17.87 -5.42
N TYR A 411 -54.87 17.13 -5.93
CA TYR A 411 -55.46 16.04 -5.16
C TYR A 411 -54.43 14.95 -4.87
N TYR A 412 -53.74 14.49 -5.91
CA TYR A 412 -52.66 13.53 -5.73
C TYR A 412 -51.33 14.25 -5.87
N PRO A 413 -50.38 14.03 -4.96
CA PRO A 413 -49.10 14.75 -5.04
C PRO A 413 -48.42 14.48 -6.38
N VAL A 414 -47.98 15.55 -7.02
CA VAL A 414 -47.37 15.48 -8.34
C VAL A 414 -45.88 15.72 -8.17
N GLU A 415 -45.08 14.67 -8.38
CA GLU A 415 -43.64 14.80 -8.25
C GLU A 415 -43.11 15.78 -9.29
N LYS A 416 -42.17 16.63 -8.86
CA LYS A 416 -41.47 17.53 -9.76
C LYS A 416 -40.07 17.05 -10.11
N THR A 417 -39.42 16.30 -9.22
CA THR A 417 -38.11 15.72 -9.48
C THR A 417 -38.09 14.30 -8.94
N ILE A 418 -37.59 13.36 -9.75
CA ILE A 418 -37.46 11.97 -9.35
C ILE A 418 -36.08 11.44 -9.70
N ALA A 419 -35.34 12.19 -10.51
CA ALA A 419 -34.10 11.70 -11.12
C ALA A 419 -32.88 12.23 -10.38
N PHE A 420 -31.80 11.44 -10.44
CA PHE A 420 -30.53 11.89 -9.89
C PHE A 420 -29.83 12.87 -10.84
N GLN A 421 -29.89 12.62 -12.14
CA GLN A 421 -29.23 13.48 -13.10
C GLN A 421 -30.06 14.73 -13.37
N GLU A 422 -29.43 15.70 -14.04
CA GLU A 422 -30.08 16.93 -14.47
C GLU A 422 -30.08 16.97 -15.99
N PHE A 423 -31.17 17.49 -16.56
CA PHE A 423 -31.32 17.56 -18.01
C PHE A 423 -31.25 18.98 -18.56
N SER A 424 -31.56 19.98 -17.76
CA SER A 424 -31.45 21.37 -18.16
C SER A 424 -30.46 22.10 -17.27
N VAL A 425 -29.88 23.16 -17.81
CA VAL A 425 -28.95 23.99 -17.06
C VAL A 425 -29.57 25.38 -16.84
N THR B 10 -1.04 -60.69 -29.44
CA THR B 10 -1.23 -59.27 -29.19
C THR B 10 -1.74 -59.01 -27.78
N VAL B 11 -0.90 -58.41 -26.94
CA VAL B 11 -1.25 -58.07 -25.56
C VAL B 11 -1.13 -56.57 -25.40
N HIS B 12 -2.25 -55.91 -25.14
CA HIS B 12 -2.28 -54.46 -24.97
C HIS B 12 -1.89 -54.07 -23.55
N ASP B 13 -1.67 -52.77 -23.35
CA ASP B 13 -1.41 -52.26 -22.00
C ASP B 13 -2.68 -52.25 -21.17
N PHE B 14 -3.83 -51.96 -21.79
CA PHE B 14 -5.10 -51.98 -21.08
C PHE B 14 -6.23 -52.16 -22.09
N VAL B 15 -7.35 -52.67 -21.59
CA VAL B 15 -8.57 -52.77 -22.37
C VAL B 15 -9.63 -51.91 -21.68
N GLY B 16 -10.30 -51.06 -22.45
CA GLY B 16 -11.42 -50.29 -21.94
C GLY B 16 -12.72 -50.99 -22.25
N ILE B 17 -13.53 -51.20 -21.23
CA ILE B 17 -14.81 -51.89 -21.36
C ILE B 17 -15.91 -50.83 -21.25
N GLY B 18 -16.61 -50.60 -22.35
CA GLY B 18 -17.58 -49.53 -22.40
C GLY B 18 -16.98 -48.24 -22.91
N LEU B 19 -17.80 -47.47 -23.63
CA LEU B 19 -17.36 -46.20 -24.22
C LEU B 19 -18.43 -45.14 -23.97
N GLY B 20 -18.53 -44.72 -22.71
CA GLY B 20 -19.27 -43.53 -22.37
C GLY B 20 -18.34 -42.34 -22.32
N PRO B 21 -18.82 -41.19 -21.82
CA PRO B 21 -17.96 -40.00 -21.77
C PRO B 21 -16.66 -40.22 -21.03
N PHE B 22 -16.65 -41.07 -20.01
CA PHE B 22 -15.45 -41.20 -19.17
C PHE B 22 -14.38 -42.04 -19.86
N ASN B 23 -14.77 -43.16 -20.49
CA ASN B 23 -13.79 -43.94 -21.23
C ASN B 23 -13.46 -43.33 -22.59
N LEU B 24 -14.42 -42.62 -23.21
CA LEU B 24 -14.09 -41.88 -24.42
C LEU B 24 -13.08 -40.78 -24.12
N GLY B 25 -13.25 -40.10 -22.99
CA GLY B 25 -12.24 -39.13 -22.56
C GLY B 25 -10.89 -39.77 -22.35
N LEU B 26 -10.86 -40.95 -21.74
CA LEU B 26 -9.60 -41.68 -21.60
C LEU B 26 -9.00 -42.01 -22.96
N ALA B 27 -9.85 -42.31 -23.95
CA ALA B 27 -9.35 -42.64 -25.28
C ALA B 27 -8.71 -41.43 -25.96
N CYS B 28 -9.33 -40.25 -25.81
CA CYS B 28 -8.76 -39.04 -26.38
C CYS B 28 -7.49 -38.61 -25.67
N LEU B 29 -7.40 -38.86 -24.36
CA LEU B 29 -6.24 -38.47 -23.59
C LEU B 29 -5.07 -39.44 -23.75
N THR B 30 -5.34 -40.69 -24.12
CA THR B 30 -4.28 -41.68 -24.32
C THR B 30 -3.90 -41.84 -25.79
N GLU B 31 -4.62 -41.20 -26.71
CA GLU B 31 -4.26 -41.29 -28.12
C GLU B 31 -2.87 -40.73 -28.45
N PRO B 32 -2.44 -39.58 -27.93
CA PRO B 32 -1.09 -39.09 -28.23
C PRO B 32 0.00 -39.67 -27.35
N ILE B 33 -0.28 -40.67 -26.54
CA ILE B 33 0.69 -41.28 -25.64
C ILE B 33 1.22 -42.54 -26.33
N ASP B 34 2.36 -42.39 -27.02
CA ASP B 34 2.91 -43.49 -27.80
C ASP B 34 3.32 -44.66 -26.93
N GLU B 35 3.76 -44.40 -25.71
CA GLU B 35 4.19 -45.44 -24.78
C GLU B 35 3.02 -46.19 -24.14
N LEU B 36 1.82 -46.04 -24.70
CA LEU B 36 0.62 -46.67 -24.18
C LEU B 36 -0.13 -47.33 -25.32
N ASP B 37 -0.59 -48.56 -25.10
CA ASP B 37 -1.29 -49.35 -26.11
C ASP B 37 -2.63 -49.78 -25.53
N GLY B 38 -3.69 -49.03 -25.84
CA GLY B 38 -4.99 -49.34 -25.30
C GLY B 38 -6.04 -49.65 -26.35
N ILE B 39 -7.11 -50.33 -25.96
CA ILE B 39 -8.23 -50.63 -26.84
C ILE B 39 -9.52 -50.52 -26.03
N PHE B 40 -10.59 -50.13 -26.71
CA PHE B 40 -11.88 -49.87 -26.07
C PHE B 40 -12.96 -50.67 -26.80
N LEU B 41 -13.80 -51.35 -26.03
CA LEU B 41 -14.86 -52.20 -26.57
C LEU B 41 -16.21 -51.65 -26.14
N GLU B 42 -17.09 -51.43 -27.13
CA GLU B 42 -18.39 -50.80 -26.89
C GLU B 42 -19.48 -51.60 -27.59
N SER B 43 -20.60 -51.83 -26.86
CA SER B 43 -21.70 -52.62 -27.41
C SER B 43 -22.45 -51.89 -28.51
N LYS B 44 -22.57 -50.57 -28.42
CA LYS B 44 -23.36 -49.82 -29.38
C LYS B 44 -22.65 -49.72 -30.72
N PRO B 45 -23.39 -49.56 -31.82
CA PRO B 45 -22.75 -49.36 -33.12
C PRO B 45 -21.97 -48.07 -33.21
N ASP B 46 -22.29 -47.10 -32.36
CA ASP B 46 -21.65 -45.79 -32.34
C ASP B 46 -21.95 -45.17 -30.99
N PHE B 47 -21.22 -44.10 -30.66
CA PHE B 47 -21.45 -43.41 -29.40
C PHE B 47 -22.87 -42.87 -29.36
N GLU B 48 -23.54 -43.09 -28.23
CA GLU B 48 -24.86 -42.53 -27.97
C GLU B 48 -24.97 -42.19 -26.49
N TRP B 49 -25.38 -40.97 -26.18
CA TRP B 49 -25.40 -40.46 -24.81
C TRP B 49 -26.84 -40.13 -24.41
N HIS B 50 -27.55 -41.12 -23.87
CA HIS B 50 -28.88 -40.94 -23.30
C HIS B 50 -29.84 -40.28 -24.30
N ALA B 51 -29.90 -40.85 -25.51
CA ALA B 51 -30.74 -40.29 -26.56
C ALA B 51 -32.22 -40.30 -26.19
N GLY B 52 -32.64 -41.18 -25.29
CA GLY B 52 -34.01 -41.17 -24.81
C GLY B 52 -34.39 -39.93 -24.03
N MET B 53 -33.41 -39.13 -23.60
CA MET B 53 -33.65 -37.88 -22.89
C MET B 53 -33.26 -36.67 -23.75
N PHE B 54 -33.31 -36.83 -25.07
CA PHE B 54 -32.99 -35.75 -26.01
C PHE B 54 -34.20 -34.85 -26.22
N LEU B 55 -34.70 -34.28 -25.13
CA LEU B 55 -35.78 -33.31 -25.22
C LEU B 55 -35.25 -32.01 -25.84
N ASP B 56 -36.15 -31.30 -26.52
CA ASP B 56 -35.74 -30.08 -27.20
C ASP B 56 -35.31 -29.03 -26.18
N GLY B 57 -34.12 -28.48 -26.38
CA GLY B 57 -33.56 -27.50 -25.49
C GLY B 57 -32.79 -28.06 -24.31
N ALA B 58 -32.78 -29.38 -24.14
CA ALA B 58 -32.04 -29.98 -23.03
C ALA B 58 -30.55 -29.74 -23.20
N HIS B 59 -29.89 -29.40 -22.09
CA HIS B 59 -28.48 -29.04 -22.12
C HIS B 59 -27.75 -29.75 -20.99
N LEU B 60 -26.42 -29.64 -21.01
CA LEU B 60 -25.62 -30.16 -19.93
C LEU B 60 -25.86 -29.36 -18.65
N GLN B 61 -25.49 -29.95 -17.52
CA GLN B 61 -25.51 -29.25 -16.25
C GLN B 61 -24.13 -28.82 -15.80
N THR B 62 -23.09 -29.09 -16.58
CA THR B 62 -21.73 -28.65 -16.34
C THR B 62 -21.24 -27.84 -17.54
N PRO B 63 -20.41 -26.82 -17.29
CA PRO B 63 -19.91 -26.01 -18.41
C PRO B 63 -19.15 -26.83 -19.43
N PHE B 64 -18.98 -26.26 -20.62
CA PHE B 64 -18.36 -26.99 -21.72
C PHE B 64 -16.90 -27.35 -21.45
N MET B 65 -16.24 -26.66 -20.53
CA MET B 65 -14.88 -27.04 -20.15
C MET B 65 -14.83 -28.46 -19.57
N SER B 66 -15.96 -28.97 -19.08
CA SER B 66 -16.04 -30.33 -18.58
C SER B 66 -16.16 -31.33 -19.72
N ASP B 67 -15.56 -31.02 -20.88
CA ASP B 67 -15.62 -31.91 -22.01
C ASP B 67 -14.66 -33.08 -21.82
N LEU B 68 -14.25 -33.71 -22.92
CA LEU B 68 -13.47 -34.94 -22.83
C LEU B 68 -12.01 -34.71 -22.42
N VAL B 69 -11.46 -33.52 -22.64
CA VAL B 69 -10.00 -33.34 -22.52
C VAL B 69 -9.59 -32.05 -21.82
N THR B 70 -10.42 -31.00 -21.92
CA THR B 70 -9.93 -29.64 -21.68
C THR B 70 -9.35 -29.46 -20.28
N LEU B 71 -9.99 -30.05 -19.27
CA LEU B 71 -9.50 -29.85 -17.90
C LEU B 71 -8.19 -30.56 -17.64
N ALA B 72 -7.75 -31.44 -18.53
CA ALA B 72 -6.44 -32.07 -18.44
C ALA B 72 -5.45 -31.48 -19.44
N ASP B 73 -5.91 -31.12 -20.63
CA ASP B 73 -5.07 -30.54 -21.68
C ASP B 73 -5.92 -29.67 -22.60
N PRO B 74 -5.96 -28.35 -22.36
CA PRO B 74 -6.77 -27.48 -23.22
C PRO B 74 -6.30 -27.43 -24.67
N THR B 75 -5.08 -27.87 -24.96
CA THR B 75 -4.59 -27.89 -26.34
C THR B 75 -5.02 -29.13 -27.11
N SER B 76 -5.70 -30.07 -26.46
CA SER B 76 -6.02 -31.33 -27.12
C SER B 76 -6.96 -31.08 -28.31
N PRO B 77 -6.70 -31.72 -29.45
CA PRO B 77 -7.55 -31.49 -30.63
C PRO B 77 -8.98 -32.03 -30.49
N TYR B 78 -9.28 -32.73 -29.40
CA TYR B 78 -10.61 -33.31 -29.19
C TYR B 78 -11.46 -32.47 -28.25
N SER B 79 -11.07 -31.21 -28.01
CA SER B 79 -11.85 -30.35 -27.13
C SER B 79 -13.12 -29.87 -27.83
N PHE B 80 -14.12 -29.52 -27.01
CA PHE B 80 -15.39 -29.03 -27.54
C PHE B 80 -15.19 -27.80 -28.41
N LEU B 81 -14.27 -26.92 -28.03
CA LEU B 81 -14.04 -25.71 -28.81
C LEU B 81 -13.47 -26.03 -30.18
N ASN B 82 -12.52 -26.98 -30.25
CA ASN B 82 -11.97 -27.36 -31.54
C ASN B 82 -13.00 -28.08 -32.40
N TYR B 83 -13.92 -28.82 -31.77
CA TYR B 83 -15.01 -29.43 -32.51
C TYR B 83 -15.90 -28.36 -33.14
N LEU B 84 -16.18 -27.29 -32.38
CA LEU B 84 -17.00 -26.19 -32.92
C LEU B 84 -16.27 -25.49 -34.06
N LYS B 85 -14.97 -25.29 -33.92
CA LYS B 85 -14.18 -24.67 -34.99
C LYS B 85 -14.30 -25.48 -36.27
N GLU B 86 -14.11 -26.79 -36.18
CA GLU B 86 -14.18 -27.65 -37.37
C GLU B 86 -15.56 -27.65 -37.99
N LYS B 87 -16.61 -27.51 -37.18
CA LYS B 87 -17.97 -27.48 -37.69
C LYS B 87 -18.38 -26.12 -38.24
N GLY B 88 -17.51 -25.12 -38.15
CA GLY B 88 -17.88 -23.78 -38.57
C GLY B 88 -18.90 -23.12 -37.68
N ARG B 89 -18.96 -23.53 -36.41
CA ARG B 89 -19.96 -23.03 -35.48
C ARG B 89 -19.33 -22.34 -34.26
N LEU B 90 -18.03 -22.10 -34.28
CA LEU B 90 -17.36 -21.54 -33.10
C LEU B 90 -17.83 -20.12 -32.80
N TYR B 91 -17.88 -19.26 -33.82
CA TYR B 91 -18.27 -17.88 -33.60
C TYR B 91 -19.70 -17.77 -33.11
N SER B 92 -20.62 -18.54 -33.70
CA SER B 92 -22.02 -18.49 -33.29
C SER B 92 -22.18 -18.95 -31.85
N PHE B 93 -21.41 -19.95 -31.43
CA PHE B 93 -21.37 -20.34 -30.02
C PHE B 93 -20.82 -19.20 -29.17
N TYR B 94 -19.78 -18.53 -29.64
CA TYR B 94 -19.23 -17.37 -28.94
C TYR B 94 -20.30 -16.30 -28.74
N ILE B 95 -21.13 -16.06 -29.75
CA ILE B 95 -22.23 -15.12 -29.61
C ILE B 95 -23.29 -15.67 -28.67
N ARG B 96 -23.51 -16.99 -28.69
CA ARG B 96 -24.51 -17.60 -27.81
C ARG B 96 -24.19 -17.34 -26.34
N GLU B 97 -22.91 -17.32 -25.99
CA GLU B 97 -22.45 -16.99 -24.64
C GLU B 97 -23.19 -17.77 -23.57
N ASN B 98 -23.24 -19.08 -23.76
CA ASN B 98 -23.88 -20.00 -22.84
C ASN B 98 -22.87 -21.09 -22.51
N PHE B 99 -22.63 -21.30 -21.21
CA PHE B 99 -21.62 -22.27 -20.80
C PHE B 99 -22.03 -23.70 -21.06
N TYR B 100 -23.33 -23.95 -21.25
CA TYR B 100 -23.84 -25.32 -21.28
C TYR B 100 -24.19 -25.72 -22.71
N PRO B 101 -23.50 -26.72 -23.26
CA PRO B 101 -23.91 -27.23 -24.57
C PRO B 101 -25.23 -27.96 -24.48
N LEU B 102 -25.96 -27.96 -25.59
CA LEU B 102 -27.16 -28.79 -25.67
C LEU B 102 -26.75 -30.26 -25.71
N ARG B 103 -27.67 -31.12 -25.27
CA ARG B 103 -27.35 -32.55 -25.20
C ARG B 103 -27.14 -33.14 -26.58
N VAL B 104 -27.97 -32.73 -27.56
CA VAL B 104 -27.77 -33.17 -28.93
C VAL B 104 -26.39 -32.72 -29.43
N GLU B 105 -25.94 -31.55 -28.97
CA GLU B 105 -24.64 -31.04 -29.37
C GLU B 105 -23.51 -31.86 -28.76
N TYR B 106 -23.61 -32.12 -27.45
CA TYR B 106 -22.58 -32.91 -26.77
C TYR B 106 -22.55 -34.34 -27.30
N ASP B 107 -23.71 -34.89 -27.66
CA ASP B 107 -23.76 -36.23 -28.24
C ASP B 107 -23.12 -36.25 -29.63
N ASP B 108 -23.37 -35.22 -30.43
CA ASP B 108 -22.73 -35.12 -31.74
C ASP B 108 -21.23 -34.89 -31.61
N TYR B 109 -20.81 -34.12 -30.60
CA TYR B 109 -19.39 -33.86 -30.39
C TYR B 109 -18.66 -35.12 -29.94
N CYS B 110 -19.26 -35.89 -29.03
CA CYS B 110 -18.65 -37.13 -28.59
C CYS B 110 -18.54 -38.14 -29.72
N ARG B 111 -19.58 -38.21 -30.56
CA ARG B 111 -19.52 -39.04 -31.76
C ARG B 111 -18.41 -38.57 -32.69
N TRP B 112 -18.23 -37.24 -32.80
CA TRP B 112 -17.17 -36.70 -33.64
C TRP B 112 -15.79 -37.11 -33.11
N ALA B 113 -15.60 -37.09 -31.79
CA ALA B 113 -14.31 -37.44 -31.23
C ALA B 113 -14.02 -38.93 -31.40
N ALA B 114 -15.03 -39.78 -31.22
CA ALA B 114 -14.82 -41.21 -31.35
C ALA B 114 -14.43 -41.61 -32.77
N ASN B 115 -14.99 -40.93 -33.77
CA ASN B 115 -14.69 -41.24 -35.15
C ASN B 115 -13.27 -40.85 -35.54
N LYS B 116 -12.66 -39.93 -34.81
CA LYS B 116 -11.28 -39.54 -35.09
C LYS B 116 -10.25 -40.51 -34.52
N LEU B 117 -10.67 -41.49 -33.72
CA LEU B 117 -9.74 -42.33 -32.98
C LEU B 117 -9.59 -43.70 -33.65
N SER B 118 -8.58 -44.42 -33.22
CA SER B 118 -8.23 -45.67 -33.82
C SER B 118 -8.39 -46.85 -32.87
N SER B 119 -8.78 -46.60 -31.63
CA SER B 119 -8.70 -47.57 -30.54
C SER B 119 -10.06 -48.08 -30.09
N ILE B 120 -11.12 -47.79 -30.83
CA ILE B 120 -12.48 -48.13 -30.43
C ILE B 120 -13.02 -49.22 -31.35
N ARG B 121 -13.55 -50.29 -30.74
CA ARG B 121 -14.26 -51.34 -31.46
C ARG B 121 -15.73 -51.26 -31.04
N PHE B 122 -16.55 -50.66 -31.90
CA PHE B 122 -17.97 -50.58 -31.64
C PHE B 122 -18.62 -51.94 -31.87
N GLY B 123 -19.90 -52.03 -31.50
CA GLY B 123 -20.66 -53.27 -31.69
C GLY B 123 -20.06 -54.49 -31.05
N THR B 124 -19.29 -54.31 -29.98
CA THR B 124 -18.55 -55.41 -29.35
C THR B 124 -18.91 -55.45 -27.87
N THR B 125 -19.67 -56.47 -27.48
CA THR B 125 -20.08 -56.64 -26.09
C THR B 125 -19.13 -57.58 -25.38
N VAL B 126 -18.70 -57.19 -24.18
CA VAL B 126 -17.84 -58.03 -23.35
C VAL B 126 -18.72 -58.97 -22.54
N THR B 127 -18.45 -60.27 -22.63
CA THR B 127 -19.24 -61.28 -21.93
C THR B 127 -18.49 -62.00 -20.82
N GLU B 128 -17.16 -61.97 -20.83
CA GLU B 128 -16.39 -62.68 -19.81
C GLU B 128 -15.05 -62.01 -19.62
N VAL B 129 -14.57 -62.01 -18.38
CA VAL B 129 -13.25 -61.53 -18.02
C VAL B 129 -12.56 -62.61 -17.19
N ARG B 130 -11.40 -63.06 -17.65
CA ARG B 130 -10.61 -64.06 -16.95
C ARG B 130 -9.21 -63.54 -16.68
N TYR B 131 -8.56 -64.10 -15.66
CA TYR B 131 -7.20 -63.73 -15.30
C TYR B 131 -6.34 -64.98 -15.31
N GLU B 132 -5.33 -64.99 -16.18
CA GLU B 132 -4.43 -66.12 -16.29
C GLU B 132 -3.14 -65.64 -16.93
N ASP B 133 -2.01 -66.19 -16.47
CA ASP B 133 -0.68 -65.79 -16.92
C ASP B 133 -0.43 -64.31 -16.67
N ASP B 134 -0.90 -63.83 -15.51
CA ASP B 134 -0.70 -62.47 -15.04
C ASP B 134 -1.33 -61.42 -15.98
N LEU B 135 -2.27 -61.84 -16.81
CA LEU B 135 -2.94 -60.93 -17.73
C LEU B 135 -4.45 -61.13 -17.63
N TYR B 136 -5.19 -60.10 -18.00
CA TYR B 136 -6.64 -60.19 -18.05
C TYR B 136 -7.08 -60.61 -19.44
N VAL B 137 -8.03 -61.54 -19.49
CA VAL B 137 -8.53 -62.10 -20.73
C VAL B 137 -9.97 -61.64 -20.91
N VAL B 138 -10.22 -60.89 -21.98
CA VAL B 138 -11.51 -60.28 -22.24
C VAL B 138 -12.11 -60.96 -23.46
N THR B 139 -13.21 -61.68 -23.27
CA THR B 139 -13.88 -62.40 -24.33
C THR B 139 -15.15 -61.66 -24.73
N THR B 140 -15.34 -61.47 -26.03
CA THR B 140 -16.51 -60.77 -26.53
C THR B 140 -17.60 -61.76 -26.92
N SER B 141 -18.81 -61.24 -27.16
CA SER B 141 -19.92 -62.09 -27.54
C SER B 141 -19.71 -62.70 -28.92
N ALA B 142 -18.95 -62.04 -29.78
CA ALA B 142 -18.63 -62.60 -31.09
C ALA B 142 -17.54 -63.67 -31.01
N GLY B 143 -16.98 -63.93 -29.83
CA GLY B 143 -15.96 -64.93 -29.66
C GLY B 143 -14.54 -64.43 -29.71
N ASP B 144 -14.34 -63.13 -29.95
CA ASP B 144 -13.00 -62.57 -29.99
C ASP B 144 -12.45 -62.42 -28.57
N VAL B 145 -11.14 -62.58 -28.45
CA VAL B 145 -10.46 -62.63 -27.17
C VAL B 145 -9.37 -61.57 -27.15
N TYR B 146 -9.38 -60.73 -26.12
CA TYR B 146 -8.38 -59.68 -25.94
C TYR B 146 -7.64 -59.90 -24.63
N ARG B 147 -6.34 -59.65 -24.66
CA ARG B 147 -5.49 -59.78 -23.48
C ARG B 147 -4.81 -58.44 -23.21
N ALA B 148 -4.65 -58.12 -21.92
CA ALA B 148 -4.00 -56.87 -21.53
C ALA B 148 -3.58 -56.96 -20.08
N ARG B 149 -2.63 -56.09 -19.71
CA ARG B 149 -2.13 -56.07 -18.34
C ARG B 149 -3.09 -55.37 -17.39
N HIS B 150 -3.89 -54.43 -17.88
CA HIS B 150 -4.81 -53.68 -17.03
C HIS B 150 -6.18 -53.60 -17.69
N LEU B 151 -7.17 -53.20 -16.89
CA LEU B 151 -8.54 -53.00 -17.35
C LEU B 151 -9.08 -51.70 -16.80
N VAL B 152 -9.89 -51.00 -17.59
CA VAL B 152 -10.59 -49.79 -17.16
C VAL B 152 -12.07 -50.01 -17.44
N LEU B 153 -12.87 -50.11 -16.38
CA LEU B 153 -14.28 -50.44 -16.49
C LEU B 153 -15.11 -49.16 -16.58
N GLY B 154 -15.77 -48.96 -17.72
CA GLY B 154 -16.60 -47.80 -17.92
C GLY B 154 -17.95 -48.14 -18.51
N THR B 155 -18.68 -49.03 -17.86
CA THR B 155 -19.95 -49.54 -18.36
C THR B 155 -21.16 -48.75 -17.83
N GLY B 156 -20.92 -47.64 -17.15
CA GLY B 156 -22.00 -46.78 -16.71
C GLY B 156 -22.88 -47.36 -15.61
N THR B 157 -24.01 -46.71 -15.41
CA THR B 157 -25.00 -47.13 -14.42
C THR B 157 -26.34 -47.37 -15.11
N PRO B 158 -26.77 -48.62 -15.26
CA PRO B 158 -28.01 -48.90 -15.99
C PRO B 158 -29.22 -48.35 -15.24
N PRO B 159 -30.37 -48.24 -15.91
CA PRO B 159 -31.55 -47.68 -15.25
C PRO B 159 -31.95 -48.48 -14.02
N TYR B 160 -32.53 -47.76 -13.05
CA TYR B 160 -33.09 -48.37 -11.85
C TYR B 160 -34.59 -48.12 -11.84
N ILE B 161 -35.36 -49.16 -11.54
CA ILE B 161 -36.81 -49.02 -11.38
C ILE B 161 -37.18 -49.65 -10.04
N PRO B 162 -38.18 -49.12 -9.34
CA PRO B 162 -38.56 -49.70 -8.05
C PRO B 162 -38.96 -51.16 -8.22
N GLU B 163 -38.67 -51.95 -7.18
CA GLU B 163 -39.01 -53.37 -7.23
C GLU B 163 -40.51 -53.60 -7.30
N ALA B 164 -41.31 -52.60 -6.91
CA ALA B 164 -42.75 -52.63 -7.10
C ALA B 164 -43.16 -52.58 -8.57
N CYS B 165 -42.21 -52.41 -9.48
CA CYS B 165 -42.50 -52.39 -10.91
C CYS B 165 -41.81 -53.54 -11.65
N GLN B 166 -41.18 -54.45 -10.93
CA GLN B 166 -40.53 -55.59 -11.57
C GLN B 166 -41.60 -56.52 -12.15
N GLY B 167 -41.45 -56.88 -13.42
CA GLY B 167 -42.43 -57.71 -14.08
C GLY B 167 -43.79 -57.06 -14.19
N LEU B 168 -43.84 -55.74 -14.36
CA LEU B 168 -45.11 -55.04 -14.49
C LEU B 168 -45.58 -55.08 -15.94
N ASP B 169 -46.88 -55.30 -16.13
CA ASP B 169 -47.46 -55.34 -17.46
C ASP B 169 -47.71 -53.93 -17.98
N GLY B 170 -48.11 -53.85 -19.24
CA GLY B 170 -48.42 -52.58 -19.86
C GLY B 170 -47.24 -51.96 -20.57
N ASP B 171 -47.44 -50.71 -21.00
CA ASP B 171 -46.46 -49.96 -21.77
C ASP B 171 -45.73 -48.90 -20.94
N PHE B 172 -45.64 -49.11 -19.62
CA PHE B 172 -44.87 -48.19 -18.79
C PHE B 172 -43.41 -48.21 -19.19
N ILE B 173 -42.74 -47.07 -19.00
CA ILE B 173 -41.37 -46.91 -19.43
C ILE B 173 -40.57 -46.23 -18.32
N HIS B 174 -39.28 -46.55 -18.29
CA HIS B 174 -38.31 -45.74 -17.57
C HIS B 174 -38.01 -44.50 -18.41
N ASN B 175 -37.62 -43.42 -17.73
CA ASN B 175 -37.37 -42.16 -18.43
C ASN B 175 -36.22 -42.29 -19.43
N SER B 176 -35.40 -43.34 -19.33
CA SER B 176 -34.34 -43.58 -20.29
C SER B 176 -34.88 -43.76 -21.72
N ARG B 177 -36.18 -44.02 -21.87
CA ARG B 177 -36.78 -44.23 -23.18
C ARG B 177 -37.94 -43.28 -23.44
N TYR B 178 -37.86 -42.06 -22.89
CA TYR B 178 -39.00 -41.16 -22.93
C TYR B 178 -39.28 -40.66 -24.34
N VAL B 179 -38.24 -40.21 -25.05
CA VAL B 179 -38.44 -39.59 -26.35
C VAL B 179 -39.10 -40.55 -27.33
N GLN B 180 -38.80 -41.84 -27.21
CA GLN B 180 -39.37 -42.82 -28.13
C GLN B 180 -40.85 -43.06 -27.88
N HIS B 181 -41.32 -42.86 -26.65
CA HIS B 181 -42.70 -43.14 -26.29
C HIS B 181 -43.54 -41.88 -26.08
N ARG B 182 -43.01 -40.71 -26.43
CA ARG B 182 -43.75 -39.48 -26.20
C ARG B 182 -45.02 -39.41 -27.04
N SER B 183 -44.95 -39.85 -28.30
CA SER B 183 -46.11 -39.77 -29.19
C SER B 183 -47.30 -40.51 -28.61
N GLU B 184 -47.06 -41.69 -28.02
CA GLU B 184 -48.14 -42.47 -27.44
C GLU B 184 -48.55 -42.01 -26.05
N LEU B 185 -47.63 -41.36 -25.32
CA LEU B 185 -47.97 -40.90 -23.97
C LEU B 185 -49.01 -39.79 -24.00
N VAL B 186 -48.86 -38.83 -24.90
CA VAL B 186 -49.77 -37.69 -24.95
C VAL B 186 -51.17 -38.05 -25.42
N LYS B 187 -51.36 -39.27 -25.93
CA LYS B 187 -52.69 -39.71 -26.34
C LYS B 187 -53.52 -40.21 -25.16
N LYS B 188 -52.89 -40.52 -24.03
CA LYS B 188 -53.60 -41.09 -22.90
C LYS B 188 -54.37 -40.03 -22.13
N GLU B 189 -55.27 -40.49 -21.27
CA GLU B 189 -56.10 -39.59 -20.45
C GLU B 189 -55.40 -39.16 -19.17
N SER B 190 -54.38 -39.90 -18.73
CA SER B 190 -53.67 -39.56 -17.49
C SER B 190 -52.23 -40.03 -17.61
N ILE B 191 -51.31 -39.21 -17.12
CA ILE B 191 -49.89 -39.53 -17.08
C ILE B 191 -49.36 -39.21 -15.69
N THR B 192 -48.62 -40.15 -15.11
CA THR B 192 -48.02 -39.98 -13.80
C THR B 192 -46.52 -40.18 -13.90
N ILE B 193 -45.76 -39.22 -13.39
CA ILE B 193 -44.31 -39.29 -13.31
C ILE B 193 -43.92 -39.59 -11.88
N VAL B 194 -43.02 -40.55 -11.70
CA VAL B 194 -42.55 -40.97 -10.37
C VAL B 194 -41.11 -40.56 -10.20
N GLY B 195 -40.82 -39.81 -9.14
CA GLY B 195 -39.50 -39.28 -8.88
C GLY B 195 -39.41 -37.79 -9.19
N SER B 196 -38.34 -37.17 -8.69
CA SER B 196 -38.18 -35.73 -8.84
C SER B 196 -36.71 -35.35 -9.00
N GLY B 197 -35.99 -36.10 -9.84
CA GLY B 197 -34.69 -35.67 -10.29
C GLY B 197 -34.80 -34.71 -11.47
N GLN B 198 -33.65 -34.40 -12.06
CA GLN B 198 -33.64 -33.52 -13.23
C GLN B 198 -34.41 -34.14 -14.39
N SER B 199 -34.35 -35.47 -14.54
CA SER B 199 -35.06 -36.13 -15.62
C SER B 199 -36.57 -35.94 -15.49
N ALA B 200 -37.11 -36.19 -14.28
CA ALA B 200 -38.55 -36.04 -14.08
C ALA B 200 -39.00 -34.59 -14.31
N ALA B 201 -38.20 -33.62 -13.86
CA ALA B 201 -38.59 -32.23 -13.98
C ALA B 201 -38.61 -31.77 -15.44
N GLU B 202 -37.67 -32.24 -16.25
CA GLU B 202 -37.69 -31.92 -17.67
C GLU B 202 -38.91 -32.53 -18.35
N ILE B 203 -39.28 -33.74 -17.94
CA ILE B 203 -40.44 -34.40 -18.54
C ILE B 203 -41.72 -33.71 -18.12
N TYR B 204 -41.83 -33.34 -16.84
CA TYR B 204 -43.02 -32.63 -16.37
C TYR B 204 -43.21 -31.32 -17.10
N GLN B 205 -42.13 -30.54 -17.26
CA GLN B 205 -42.21 -29.29 -18.01
C GLN B 205 -42.67 -29.54 -19.44
N ASP B 206 -42.16 -30.60 -20.06
CA ASP B 206 -42.51 -30.90 -21.45
C ASP B 206 -43.97 -31.28 -21.59
N LEU B 207 -44.48 -32.12 -20.70
CA LEU B 207 -45.87 -32.54 -20.78
C LEU B 207 -46.82 -31.44 -20.33
N LEU B 208 -46.42 -30.63 -19.34
CA LEU B 208 -47.25 -29.52 -18.89
C LEU B 208 -47.40 -28.47 -19.98
N GLY B 209 -46.38 -28.29 -20.82
CA GLY B 209 -46.45 -27.28 -21.87
C GLY B 209 -47.51 -27.60 -22.92
N GLU B 210 -47.82 -28.88 -23.11
CA GLU B 210 -48.82 -29.30 -24.08
C GLU B 210 -50.09 -29.82 -23.41
N ILE B 211 -50.31 -29.47 -22.14
CA ILE B 211 -51.46 -29.98 -21.42
C ILE B 211 -52.77 -29.41 -21.95
N ASP B 212 -52.72 -28.28 -22.64
CA ASP B 212 -53.91 -27.70 -23.25
C ASP B 212 -54.21 -28.28 -24.63
N VAL B 213 -53.29 -29.06 -25.20
CA VAL B 213 -53.43 -29.57 -26.56
C VAL B 213 -53.97 -30.99 -26.53
N HIS B 214 -53.67 -31.74 -25.45
CA HIS B 214 -53.99 -33.16 -25.41
C HIS B 214 -55.03 -33.53 -24.37
N GLY B 215 -55.21 -32.74 -23.33
CA GLY B 215 -56.24 -33.03 -22.33
C GLY B 215 -56.01 -34.27 -21.49
N TYR B 216 -54.78 -34.48 -21.04
CA TYR B 216 -54.51 -35.51 -20.04
C TYR B 216 -54.37 -34.84 -18.67
N ARG B 217 -54.49 -35.65 -17.62
CA ARG B 217 -54.14 -35.22 -16.28
C ARG B 217 -52.70 -35.59 -16.01
N LEU B 218 -51.95 -34.66 -15.42
CA LEU B 218 -50.51 -34.80 -15.22
C LEU B 218 -50.22 -34.93 -13.73
N ASN B 219 -49.72 -36.09 -13.33
CA ASN B 219 -49.36 -36.35 -11.95
C ASN B 219 -47.84 -36.45 -11.81
N TRP B 220 -47.31 -35.84 -10.76
CA TRP B 220 -45.88 -35.85 -10.46
C TRP B 220 -45.75 -36.19 -8.97
N VAL B 221 -45.39 -37.44 -8.68
CA VAL B 221 -45.29 -37.95 -7.31
C VAL B 221 -43.85 -38.38 -7.05
N THR B 222 -43.34 -38.01 -5.88
CA THR B 222 -41.93 -38.27 -5.58
C THR B 222 -41.75 -38.65 -4.12
N ARG B 223 -40.83 -39.60 -3.89
CA ARG B 223 -40.48 -39.98 -2.53
C ARG B 223 -39.62 -38.92 -1.85
N SER B 224 -39.03 -38.01 -2.61
CA SER B 224 -38.19 -36.97 -2.03
C SER B 224 -39.02 -36.05 -1.13
N PRO B 225 -38.41 -35.50 -0.07
CA PRO B 225 -39.17 -34.62 0.83
C PRO B 225 -39.59 -33.33 0.18
N ARG B 226 -38.82 -32.82 -0.79
CA ARG B 226 -39.16 -31.60 -1.50
C ARG B 226 -38.69 -31.75 -2.94
N PHE B 227 -39.17 -30.86 -3.80
CA PHE B 227 -38.59 -30.67 -5.13
C PHE B 227 -37.31 -29.85 -5.01
N PHE B 228 -36.33 -30.41 -4.32
CA PHE B 228 -35.15 -29.64 -3.95
C PHE B 228 -34.29 -29.34 -5.18
N PRO B 229 -33.63 -28.19 -5.20
CA PRO B 229 -32.74 -27.87 -6.33
C PRO B 229 -31.37 -28.47 -6.14
N LEU B 230 -30.65 -28.57 -7.25
CA LEU B 230 -29.24 -28.93 -7.20
C LEU B 230 -28.45 -27.80 -6.54
N GLU B 231 -27.71 -28.13 -5.49
CA GLU B 231 -26.90 -27.13 -4.78
C GLU B 231 -25.71 -26.77 -5.66
N TYR B 232 -25.79 -25.62 -6.33
CA TYR B 232 -24.83 -25.23 -7.35
C TYR B 232 -24.01 -23.99 -6.99
N THR B 233 -24.14 -23.47 -5.77
CA THR B 233 -23.38 -22.29 -5.38
C THR B 233 -21.89 -22.62 -5.29
N LYS B 234 -21.06 -21.60 -5.49
CA LYS B 234 -19.65 -21.84 -5.84
C LYS B 234 -18.84 -22.37 -4.67
N LEU B 235 -19.24 -22.11 -3.43
CA LEU B 235 -18.51 -22.69 -2.30
C LEU B 235 -18.79 -24.18 -2.17
N THR B 236 -20.00 -24.61 -2.54
CA THR B 236 -20.29 -26.04 -2.58
C THR B 236 -19.63 -26.71 -3.77
N LEU B 237 -19.51 -26.01 -4.89
CA LEU B 237 -18.81 -26.56 -6.05
C LEU B 237 -17.34 -26.85 -5.74
N GLU B 238 -16.76 -26.18 -4.74
CA GLU B 238 -15.40 -26.48 -4.34
C GLU B 238 -15.27 -27.88 -3.74
N MET B 239 -16.38 -28.50 -3.34
CA MET B 239 -16.33 -29.87 -2.86
C MET B 239 -16.07 -30.86 -3.99
N THR B 240 -16.27 -30.45 -5.24
CA THR B 240 -15.86 -31.24 -6.40
C THR B 240 -14.43 -30.83 -6.74
N SER B 241 -13.49 -31.39 -5.99
CA SER B 241 -12.10 -30.96 -6.05
C SER B 241 -11.22 -32.14 -5.63
N PRO B 242 -9.94 -32.12 -6.03
CA PRO B 242 -9.03 -33.18 -5.55
C PRO B 242 -8.86 -33.19 -4.04
N GLU B 243 -8.80 -32.02 -3.41
CA GLU B 243 -8.56 -31.98 -1.96
C GLU B 243 -9.75 -32.53 -1.18
N TYR B 244 -10.97 -32.34 -1.68
CA TYR B 244 -12.12 -32.92 -0.98
C TYR B 244 -12.15 -34.43 -1.13
N ILE B 245 -11.70 -34.95 -2.28
CA ILE B 245 -11.66 -36.40 -2.47
C ILE B 245 -10.65 -37.03 -1.50
N ASP B 246 -9.49 -36.39 -1.34
CA ASP B 246 -8.49 -36.88 -0.39
C ASP B 246 -9.07 -36.93 1.02
N TYR B 247 -9.74 -35.85 1.43
CA TYR B 247 -10.36 -35.82 2.76
C TYR B 247 -11.48 -36.85 2.86
N TYR B 248 -12.31 -36.94 1.82
CA TYR B 248 -13.48 -37.83 1.86
C TYR B 248 -13.06 -39.29 1.93
N ARG B 249 -12.15 -39.71 1.04
CA ARG B 249 -11.76 -41.11 0.97
C ARG B 249 -11.12 -41.59 2.27
N GLU B 250 -10.45 -40.69 3.00
CA GLU B 250 -9.80 -41.06 4.25
C GLU B 250 -10.76 -41.14 5.43
N LEU B 251 -12.00 -40.70 5.27
CA LEU B 251 -12.98 -40.81 6.34
C LEU B 251 -13.35 -42.28 6.56
N PRO B 252 -13.84 -42.63 7.75
CA PRO B 252 -14.27 -44.01 7.99
C PRO B 252 -15.39 -44.42 7.04
N GLU B 253 -15.48 -45.72 6.79
CA GLU B 253 -16.44 -46.22 5.80
C GLU B 253 -17.87 -45.91 6.18
N ALA B 254 -18.22 -46.07 7.46
CA ALA B 254 -19.58 -45.76 7.90
C ALA B 254 -19.88 -44.28 7.72
N THR B 255 -18.88 -43.42 7.90
CA THR B 255 -19.08 -41.99 7.69
C THR B 255 -19.29 -41.67 6.20
N ARG B 256 -18.62 -42.40 5.31
CA ARG B 256 -18.79 -42.15 3.89
C ARG B 256 -20.17 -42.59 3.41
N TYR B 257 -20.69 -43.69 3.94
CA TYR B 257 -22.01 -44.15 3.53
C TYR B 257 -23.12 -43.26 4.06
N ARG B 258 -22.88 -42.59 5.19
CA ARG B 258 -23.85 -41.62 5.69
C ARG B 258 -23.84 -40.35 4.84
N LEU B 259 -22.67 -39.97 4.31
CA LEU B 259 -22.59 -38.76 3.50
C LEU B 259 -23.27 -38.95 2.15
N THR B 260 -23.12 -40.13 1.55
CA THR B 260 -23.79 -40.39 0.27
C THR B 260 -25.31 -40.30 0.40
N ALA B 261 -25.84 -40.56 1.59
CA ALA B 261 -27.27 -40.44 1.80
C ALA B 261 -27.72 -39.00 1.97
N GLU B 262 -26.85 -38.14 2.53
CA GLU B 262 -27.20 -36.75 2.80
C GLU B 262 -26.54 -35.77 1.83
N GLN B 263 -26.03 -36.27 0.69
CA GLN B 263 -25.45 -35.41 -0.33
C GLN B 263 -26.14 -35.57 -1.67
N LYS B 264 -27.37 -36.09 -1.68
CA LYS B 264 -28.11 -36.24 -2.93
C LYS B 264 -28.41 -34.89 -3.56
N GLY B 265 -28.64 -33.86 -2.74
CA GLY B 265 -28.83 -32.52 -3.26
C GLY B 265 -27.60 -31.89 -3.86
N LEU B 266 -26.43 -32.54 -3.73
CA LEU B 266 -25.20 -32.00 -4.28
C LEU B 266 -24.95 -32.43 -5.72
N PHE B 267 -25.74 -33.35 -6.27
CA PHE B 267 -25.55 -33.78 -7.65
C PHE B 267 -26.78 -34.46 -8.23
N LYS B 268 -27.81 -34.69 -7.41
CA LYS B 268 -28.99 -35.44 -7.84
C LYS B 268 -30.27 -34.66 -7.55
N GLY B 269 -30.26 -33.36 -7.84
CA GLY B 269 -31.43 -32.53 -7.71
C GLY B 269 -31.94 -32.02 -9.03
N ILE B 270 -32.73 -30.95 -8.97
CA ILE B 270 -33.27 -30.28 -10.15
C ILE B 270 -32.55 -28.95 -10.34
N ASP B 271 -32.25 -28.61 -11.59
CA ASP B 271 -31.68 -27.31 -11.88
C ASP B 271 -32.61 -26.20 -11.39
N GLY B 272 -32.06 -25.26 -10.63
CA GLY B 272 -32.88 -24.24 -9.99
C GLY B 272 -33.68 -23.41 -10.97
N ASP B 273 -33.09 -23.08 -12.12
CA ASP B 273 -33.81 -22.32 -13.13
C ASP B 273 -34.99 -23.12 -13.68
N LEU B 274 -34.86 -24.44 -13.74
CA LEU B 274 -35.95 -25.27 -14.27
C LEU B 274 -37.13 -25.31 -13.31
N ILE B 275 -36.86 -25.35 -12.01
CA ILE B 275 -37.93 -25.30 -11.03
C ILE B 275 -38.74 -24.02 -11.18
N ASN B 276 -38.04 -22.88 -11.26
CA ASN B 276 -38.73 -21.60 -11.35
C ASN B 276 -39.50 -21.47 -12.66
N GLU B 277 -39.03 -22.11 -13.73
CA GLU B 277 -39.78 -22.10 -14.98
C GLU B 277 -41.05 -22.93 -14.89
N ILE B 278 -40.98 -24.06 -14.19
CA ILE B 278 -42.17 -24.89 -14.01
C ILE B 278 -43.23 -24.15 -13.23
N PHE B 279 -42.81 -23.44 -12.17
CA PHE B 279 -43.76 -22.67 -11.37
C PHE B 279 -44.38 -21.55 -12.19
N ASP B 280 -43.56 -20.85 -12.98
CA ASP B 280 -44.09 -19.76 -13.80
C ASP B 280 -45.05 -20.28 -14.85
N LEU B 281 -44.78 -21.47 -15.41
CA LEU B 281 -45.70 -22.06 -16.38
C LEU B 281 -47.00 -22.47 -15.70
N LEU B 282 -46.94 -22.95 -14.46
CA LEU B 282 -48.16 -23.24 -13.72
C LEU B 282 -48.95 -21.97 -13.47
N TYR B 283 -48.27 -20.89 -13.06
CA TYR B 283 -48.95 -19.61 -12.86
C TYR B 283 -49.61 -19.14 -14.14
N GLN B 284 -48.90 -19.23 -15.26
CA GLN B 284 -49.45 -18.77 -16.54
C GLN B 284 -50.71 -19.55 -16.91
N LYS B 285 -50.62 -20.88 -16.91
CA LYS B 285 -51.75 -21.68 -17.37
C LYS B 285 -52.92 -21.63 -16.40
N ASN B 286 -52.66 -21.40 -15.12
CA ASN B 286 -53.73 -21.28 -14.15
C ASN B 286 -54.55 -20.01 -14.33
N LEU B 287 -54.05 -19.05 -15.12
CA LEU B 287 -54.83 -17.84 -15.40
C LEU B 287 -56.08 -18.15 -16.22
N ALA B 288 -56.00 -19.15 -17.11
CA ALA B 288 -57.14 -19.51 -17.95
C ALA B 288 -58.15 -20.39 -17.22
N GLY B 289 -57.72 -21.13 -16.20
CA GLY B 289 -58.58 -22.03 -15.48
C GLY B 289 -57.79 -23.03 -14.66
N PRO B 290 -58.50 -23.90 -13.93
CA PRO B 290 -57.81 -24.90 -13.11
C PRO B 290 -57.03 -25.88 -13.96
N VAL B 291 -55.72 -25.91 -13.77
CA VAL B 291 -54.86 -26.82 -14.53
C VAL B 291 -54.96 -28.21 -13.91
N PRO B 292 -55.26 -29.25 -14.70
CA PRO B 292 -55.41 -30.62 -14.15
C PRO B 292 -54.09 -31.31 -13.88
N THR B 293 -53.41 -30.88 -12.82
CA THR B 293 -52.11 -31.45 -12.47
C THR B 293 -51.96 -31.52 -10.96
N ARG B 294 -51.32 -32.60 -10.50
CA ARG B 294 -51.05 -32.81 -9.08
C ARG B 294 -49.55 -32.96 -8.87
N LEU B 295 -49.03 -32.29 -7.84
CA LEU B 295 -47.64 -32.42 -7.44
C LEU B 295 -47.61 -32.87 -5.99
N LEU B 296 -47.06 -34.06 -5.75
CA LEU B 296 -47.03 -34.65 -4.42
C LEU B 296 -45.62 -35.06 -4.06
N THR B 297 -45.26 -34.86 -2.79
CA THR B 297 -43.95 -35.22 -2.26
C THR B 297 -44.11 -36.21 -1.12
N ASN B 298 -42.98 -36.68 -0.60
CA ASN B 298 -42.93 -37.59 0.56
C ASN B 298 -43.71 -38.88 0.33
N SER B 299 -43.85 -39.31 -0.93
CA SER B 299 -44.72 -40.44 -1.28
C SER B 299 -43.94 -41.48 -2.06
N SER B 300 -43.81 -42.67 -1.48
CA SER B 300 -43.08 -43.77 -2.11
C SER B 300 -44.06 -44.71 -2.81
N LEU B 301 -43.67 -45.16 -4.00
CA LEU B 301 -44.48 -46.12 -4.75
C LEU B 301 -44.18 -47.53 -4.25
N ASN B 302 -45.19 -48.19 -3.69
CA ASN B 302 -45.00 -49.49 -3.04
C ASN B 302 -45.63 -50.66 -3.80
N SER B 303 -46.67 -50.42 -4.59
CA SER B 303 -47.30 -51.49 -5.36
C SER B 303 -47.83 -50.92 -6.67
N ALA B 304 -47.85 -51.76 -7.70
CA ALA B 304 -48.31 -51.34 -9.02
C ALA B 304 -48.87 -52.56 -9.76
N ARG B 305 -50.06 -52.39 -10.32
CA ARG B 305 -50.68 -53.43 -11.13
C ARG B 305 -51.31 -52.80 -12.36
N HIS B 306 -51.44 -53.59 -13.42
CA HIS B 306 -51.94 -53.10 -14.70
C HIS B 306 -53.29 -53.74 -15.02
N GLU B 307 -54.22 -52.91 -15.47
CA GLU B 307 -55.55 -53.35 -15.86
C GLU B 307 -55.87 -52.82 -17.24
N ASN B 308 -56.26 -53.73 -18.14
CA ASN B 308 -56.63 -53.38 -19.50
C ASN B 308 -55.58 -52.50 -20.15
N GLY B 309 -55.66 -51.20 -19.87
CA GLY B 309 -54.66 -50.24 -20.30
C GLY B 309 -54.49 -49.12 -19.29
N THR B 310 -54.67 -49.45 -18.02
CA THR B 310 -54.59 -48.47 -16.94
C THR B 310 -53.70 -49.05 -15.83
N TYR B 311 -53.06 -48.16 -15.08
CA TYR B 311 -52.26 -48.56 -13.92
C TYR B 311 -52.93 -48.11 -12.63
N THR B 312 -52.93 -48.99 -11.65
CA THR B 312 -53.33 -48.63 -10.29
C THR B 312 -52.09 -48.64 -9.41
N LEU B 313 -51.72 -47.47 -8.91
CA LEU B 313 -50.47 -47.28 -8.18
C LEU B 313 -50.77 -47.06 -6.70
N ALA B 314 -50.14 -47.86 -5.86
CA ALA B 314 -50.30 -47.77 -4.42
C ALA B 314 -49.12 -46.97 -3.86
N PHE B 315 -49.41 -45.76 -3.38
CA PHE B 315 -48.41 -44.89 -2.78
C PHE B 315 -48.60 -44.84 -1.27
N ARG B 316 -47.56 -44.37 -0.58
CA ARG B 316 -47.64 -44.09 0.85
C ARG B 316 -46.87 -42.82 1.13
N GLN B 317 -47.55 -41.83 1.71
CA GLN B 317 -46.85 -40.66 2.23
C GLN B 317 -46.13 -41.07 3.50
N GLU B 318 -44.82 -41.26 3.40
CA GLU B 318 -44.03 -41.83 4.50
C GLU B 318 -43.91 -40.89 5.69
N GLU B 319 -44.26 -39.62 5.53
CA GLU B 319 -44.19 -38.64 6.62
C GLU B 319 -45.51 -38.51 7.36
N GLN B 320 -46.60 -38.23 6.62
CA GLN B 320 -47.92 -38.21 7.22
C GLN B 320 -48.40 -39.59 7.64
N GLY B 321 -47.81 -40.65 7.07
CA GLY B 321 -48.22 -42.00 7.39
C GLY B 321 -49.61 -42.32 6.90
N LYS B 322 -49.81 -42.25 5.59
CA LYS B 322 -51.13 -42.39 4.99
C LYS B 322 -50.99 -43.00 3.61
N ASP B 323 -51.68 -44.11 3.37
CA ASP B 323 -51.68 -44.73 2.05
C ASP B 323 -52.70 -44.04 1.14
N PHE B 324 -52.38 -44.03 -0.15
CA PHE B 324 -53.32 -43.54 -1.15
C PHE B 324 -52.98 -44.17 -2.50
N GLU B 325 -53.93 -44.09 -3.41
CA GLU B 325 -53.79 -44.67 -4.74
C GLU B 325 -53.97 -43.59 -5.80
N ILE B 326 -53.41 -43.85 -6.97
CA ILE B 326 -53.57 -42.97 -8.13
C ILE B 326 -53.86 -43.84 -9.35
N GLU B 327 -54.88 -43.44 -10.11
CA GLU B 327 -55.27 -44.12 -11.33
C GLU B 327 -54.60 -43.40 -12.50
N SER B 328 -53.83 -44.15 -13.30
CA SER B 328 -53.03 -43.52 -14.34
C SER B 328 -52.90 -44.46 -15.52
N GLN B 329 -53.24 -43.96 -16.71
CA GLN B 329 -53.02 -44.75 -17.92
C GLN B 329 -51.55 -44.74 -18.34
N GLY B 330 -50.89 -43.60 -18.21
CA GLY B 330 -49.47 -43.48 -18.51
C GLY B 330 -48.63 -43.49 -17.25
N LEU B 331 -47.52 -44.22 -17.30
CA LEU B 331 -46.60 -44.32 -16.17
C LEU B 331 -45.19 -44.10 -16.69
N VAL B 332 -44.50 -43.11 -16.13
CA VAL B 332 -43.12 -42.79 -16.48
C VAL B 332 -42.30 -42.86 -15.20
N LEU B 333 -41.38 -43.82 -15.13
CA LEU B 333 -40.55 -44.03 -13.95
C LEU B 333 -39.25 -43.27 -14.13
N ALA B 334 -39.17 -42.06 -13.56
CA ALA B 334 -37.92 -41.31 -13.51
C ALA B 334 -37.25 -41.51 -12.16
N THR B 335 -36.97 -42.78 -11.86
CA THR B 335 -36.52 -43.22 -10.55
C THR B 335 -35.01 -43.37 -10.45
N GLY B 336 -34.28 -42.99 -11.50
CA GLY B 336 -32.84 -42.89 -11.41
C GLY B 336 -32.10 -44.07 -12.03
N TYR B 337 -30.83 -44.18 -11.63
CA TYR B 337 -29.93 -45.20 -12.15
C TYR B 337 -29.17 -45.82 -10.98
N LYS B 338 -28.72 -47.06 -11.18
CA LYS B 338 -28.03 -47.79 -10.14
C LYS B 338 -27.02 -48.74 -10.76
N TYR B 339 -25.81 -48.76 -10.21
CA TYR B 339 -24.77 -49.64 -10.71
C TYR B 339 -24.91 -51.03 -10.09
N ALA B 340 -24.98 -52.04 -10.95
CA ALA B 340 -24.89 -53.43 -10.53
C ALA B 340 -23.63 -54.03 -11.13
N GLU B 341 -22.97 -54.89 -10.36
CA GLU B 341 -21.72 -55.47 -10.82
C GLU B 341 -21.97 -56.29 -12.09
N PRO B 342 -21.25 -56.02 -13.18
CA PRO B 342 -21.52 -56.74 -14.41
C PRO B 342 -21.19 -58.22 -14.29
N GLU B 343 -21.95 -59.03 -15.03
CA GLU B 343 -21.79 -60.48 -14.93
C GLU B 343 -20.45 -60.94 -15.48
N PHE B 344 -19.84 -60.18 -16.40
CA PHE B 344 -18.58 -60.62 -16.98
C PHE B 344 -17.42 -60.58 -16.00
N LEU B 345 -17.58 -59.97 -14.84
CA LEU B 345 -16.56 -59.96 -13.80
C LEU B 345 -16.62 -61.18 -12.91
N ALA B 346 -17.53 -62.12 -13.18
CA ALA B 346 -17.71 -63.27 -12.30
C ALA B 346 -16.45 -64.10 -12.10
N PRO B 347 -15.70 -64.49 -13.14
CA PRO B 347 -14.50 -65.32 -12.90
C PRO B 347 -13.37 -64.62 -12.19
N VAL B 348 -13.42 -63.29 -12.04
CA VAL B 348 -12.30 -62.56 -11.45
C VAL B 348 -12.73 -61.82 -10.17
N LYS B 349 -13.78 -62.29 -9.51
CA LYS B 349 -14.23 -61.63 -8.29
C LYS B 349 -13.20 -61.75 -7.18
N ASP B 350 -12.47 -62.87 -7.13
CA ASP B 350 -11.44 -63.05 -6.09
C ASP B 350 -10.33 -62.01 -6.19
N ARG B 351 -10.13 -61.42 -7.37
CA ARG B 351 -9.11 -60.40 -7.55
C ARG B 351 -9.62 -58.98 -7.29
N LEU B 352 -10.91 -58.82 -7.04
CA LEU B 352 -11.51 -57.52 -6.75
C LEU B 352 -11.70 -57.37 -5.24
N VAL B 353 -11.73 -56.11 -4.79
CA VAL B 353 -11.77 -55.78 -3.37
C VAL B 353 -13.15 -55.17 -3.05
N TYR B 354 -13.77 -55.67 -1.98
CA TYR B 354 -15.08 -55.22 -1.56
C TYR B 354 -15.02 -54.67 -0.14
N ASP B 355 -15.98 -53.80 0.19
CA ASP B 355 -16.10 -53.24 1.52
C ASP B 355 -17.13 -54.02 2.32
N SER B 356 -17.49 -53.48 3.50
CA SER B 356 -18.42 -54.18 4.39
C SER B 356 -19.82 -54.28 3.82
N GLN B 357 -20.19 -53.41 2.89
CA GLN B 357 -21.54 -53.40 2.33
C GLN B 357 -21.66 -54.21 1.04
N GLY B 358 -20.57 -54.75 0.52
CA GLY B 358 -20.59 -55.51 -0.71
C GLY B 358 -20.28 -54.74 -1.96
N ASN B 359 -19.96 -53.45 -1.85
CA ASN B 359 -19.58 -52.64 -3.00
C ASN B 359 -18.07 -52.62 -3.16
N PHE B 360 -17.63 -52.19 -4.34
CA PHE B 360 -16.20 -52.09 -4.62
C PHE B 360 -15.54 -51.10 -3.67
N ASP B 361 -14.39 -51.49 -3.12
CA ASP B 361 -13.62 -50.63 -2.23
C ASP B 361 -12.59 -49.85 -3.05
N VAL B 362 -13.11 -48.92 -3.85
CA VAL B 362 -12.28 -48.18 -4.80
C VAL B 362 -11.23 -47.38 -4.04
N SER B 363 -9.98 -47.52 -4.46
CA SER B 363 -8.87 -46.82 -3.83
C SER B 363 -8.85 -45.36 -4.26
N ARG B 364 -7.93 -44.59 -3.66
CA ARG B 364 -7.78 -43.18 -4.04
C ARG B 364 -7.39 -43.04 -5.50
N ALA B 365 -6.60 -43.98 -6.04
CA ALA B 365 -6.22 -43.98 -7.44
C ALA B 365 -7.21 -44.74 -8.33
N TYR B 366 -8.44 -44.94 -7.85
CA TYR B 366 -9.55 -45.47 -8.65
C TYR B 366 -9.34 -46.93 -9.05
N ALA B 367 -8.61 -47.70 -8.25
CA ALA B 367 -8.40 -49.12 -8.50
C ALA B 367 -9.31 -49.96 -7.62
N ILE B 368 -9.70 -51.13 -8.13
CA ILE B 368 -10.61 -52.01 -7.39
C ILE B 368 -10.06 -53.43 -7.33
N ASP B 369 -8.81 -53.63 -7.71
CA ASP B 369 -8.20 -54.95 -7.68
C ASP B 369 -7.18 -55.04 -6.54
N VAL B 370 -6.80 -56.28 -6.21
CA VAL B 370 -5.98 -56.54 -5.03
C VAL B 370 -4.61 -55.89 -5.16
N THR B 371 -4.08 -55.78 -6.38
CA THR B 371 -2.76 -55.17 -6.57
C THR B 371 -2.81 -53.64 -6.47
N GLY B 372 -3.99 -53.05 -6.38
CA GLY B 372 -4.13 -51.61 -6.32
C GLY B 372 -3.81 -50.87 -7.61
N ARG B 373 -3.55 -51.58 -8.71
CA ARG B 373 -3.25 -50.88 -9.97
C ARG B 373 -3.54 -51.73 -11.20
N GLY B 374 -4.41 -52.73 -11.12
CA GLY B 374 -4.70 -53.57 -12.25
C GLY B 374 -6.02 -53.27 -12.93
N VAL B 375 -7.07 -53.06 -12.14
CA VAL B 375 -8.41 -52.81 -12.65
C VAL B 375 -8.89 -51.49 -12.08
N PHE B 376 -9.22 -50.54 -12.96
CA PHE B 376 -9.71 -49.23 -12.57
C PHE B 376 -11.20 -49.11 -12.88
N LEU B 377 -11.90 -48.32 -12.08
CA LEU B 377 -13.34 -48.17 -12.19
C LEU B 377 -13.69 -46.72 -12.51
N GLN B 378 -14.31 -46.50 -13.66
CA GLN B 378 -14.93 -45.22 -13.99
C GLN B 378 -16.34 -45.20 -13.41
N ASN B 379 -16.70 -44.10 -12.74
CA ASN B 379 -18.01 -43.95 -12.13
C ASN B 379 -18.23 -45.02 -11.05
N ALA B 380 -19.48 -45.17 -10.59
CA ALA B 380 -19.86 -46.20 -9.62
C ALA B 380 -19.03 -46.13 -8.34
N GLY B 381 -18.64 -44.94 -7.93
CA GLY B 381 -17.83 -44.80 -6.72
C GLY B 381 -18.22 -43.63 -5.86
N VAL B 382 -19.52 -43.40 -5.66
CA VAL B 382 -19.96 -42.29 -4.82
C VAL B 382 -19.59 -42.56 -3.37
N HIS B 383 -19.58 -43.82 -2.95
CA HIS B 383 -19.23 -44.15 -1.57
C HIS B 383 -17.75 -43.96 -1.28
N THR B 384 -16.91 -43.76 -2.30
CA THR B 384 -15.48 -43.58 -2.11
C THR B 384 -14.97 -42.23 -2.59
N HIS B 385 -15.58 -41.64 -3.62
CA HIS B 385 -15.14 -40.35 -4.15
C HIS B 385 -16.24 -39.31 -4.17
N SER B 386 -17.35 -39.58 -3.49
CA SER B 386 -18.43 -38.60 -3.25
C SER B 386 -19.01 -38.16 -4.60
N ILE B 387 -19.40 -36.89 -4.73
CA ILE B 387 -20.15 -36.43 -5.89
C ILE B 387 -19.31 -36.35 -7.16
N THR B 388 -17.99 -36.44 -7.06
CA THR B 388 -17.13 -36.39 -8.23
C THR B 388 -17.19 -37.65 -9.07
N SER B 389 -17.72 -38.75 -8.54
CA SER B 389 -17.64 -40.02 -9.27
C SER B 389 -18.43 -40.00 -10.57
N PRO B 390 -19.69 -39.54 -10.62
CA PRO B 390 -20.39 -39.46 -11.91
C PRO B 390 -20.30 -38.10 -12.60
N ASP B 391 -19.40 -37.23 -12.19
CA ASP B 391 -19.38 -35.85 -12.67
C ASP B 391 -18.48 -35.72 -13.90
N LEU B 392 -19.03 -35.12 -14.96
CA LEU B 392 -18.24 -34.89 -16.17
C LEU B 392 -17.09 -33.92 -15.91
N GLY B 393 -17.24 -33.05 -14.91
CA GLY B 393 -16.19 -32.10 -14.58
C GLY B 393 -14.98 -32.71 -13.91
N MET B 394 -15.05 -33.99 -13.50
CA MET B 394 -13.90 -34.67 -12.94
C MET B 394 -13.51 -35.89 -13.77
N GLY B 395 -14.01 -35.97 -15.01
CA GLY B 395 -13.64 -37.10 -15.86
C GLY B 395 -12.20 -37.04 -16.32
N ALA B 396 -11.74 -35.85 -16.72
CA ALA B 396 -10.36 -35.71 -17.16
C ALA B 396 -9.38 -35.81 -16.00
N TYR B 397 -9.82 -35.44 -14.80
CA TYR B 397 -8.94 -35.57 -13.63
C TYR B 397 -8.71 -37.03 -13.29
N ARG B 398 -9.78 -37.81 -13.18
CA ARG B 398 -9.64 -39.23 -12.85
C ARG B 398 -8.88 -39.97 -13.94
N ASN B 399 -9.13 -39.62 -15.21
CA ASN B 399 -8.36 -40.22 -16.30
C ASN B 399 -6.89 -39.86 -16.22
N SER B 400 -6.57 -38.65 -15.73
CA SER B 400 -5.17 -38.26 -15.59
C SER B 400 -4.48 -39.05 -14.49
N CYS B 401 -5.20 -39.36 -13.41
CA CYS B 401 -4.65 -40.21 -12.37
C CYS B 401 -4.50 -41.64 -12.85
N ILE B 402 -5.50 -42.15 -13.57
CA ILE B 402 -5.42 -43.50 -14.12
C ILE B 402 -4.22 -43.62 -15.04
N ILE B 403 -3.99 -42.61 -15.89
CA ILE B 403 -2.82 -42.61 -16.76
C ILE B 403 -1.54 -42.54 -15.92
N ARG B 404 -1.58 -41.83 -14.80
CA ARG B 404 -0.42 -41.76 -13.92
C ARG B 404 -0.09 -43.13 -13.34
N GLU B 405 -1.11 -43.91 -12.96
CA GLU B 405 -0.86 -45.24 -12.45
C GLU B 405 -0.40 -46.18 -13.56
N LEU B 406 -0.98 -46.04 -14.76
CA LEU B 406 -0.61 -46.92 -15.87
C LEU B 406 0.83 -46.68 -16.31
N LEU B 407 1.18 -45.42 -16.55
CA LEU B 407 2.52 -45.07 -17.01
C LEU B 407 3.55 -45.04 -15.87
N GLY B 408 3.12 -45.27 -14.64
CA GLY B 408 4.01 -45.20 -13.49
C GLY B 408 4.31 -43.79 -13.00
N THR B 409 4.02 -42.77 -13.79
CA THR B 409 4.27 -41.39 -13.39
C THR B 409 3.32 -40.48 -14.15
N GLU B 410 3.43 -39.19 -13.89
CA GLU B 410 2.45 -38.21 -14.37
C GLU B 410 2.74 -37.80 -15.81
N TYR B 411 1.72 -37.90 -16.67
CA TYR B 411 1.78 -37.42 -18.03
C TYR B 411 1.14 -36.04 -18.19
N TYR B 412 -0.12 -35.90 -17.72
CA TYR B 412 -0.84 -34.64 -17.64
C TYR B 412 -0.74 -34.05 -16.23
N PRO B 413 -0.69 -32.73 -16.10
CA PRO B 413 -0.57 -32.15 -14.76
C PRO B 413 -1.81 -32.44 -13.93
N VAL B 414 -1.59 -33.06 -12.77
CA VAL B 414 -2.67 -33.42 -11.85
C VAL B 414 -2.66 -32.43 -10.70
N GLU B 415 -3.70 -31.62 -10.62
CA GLU B 415 -3.78 -30.60 -9.57
C GLU B 415 -3.93 -31.25 -8.20
N LYS B 416 -3.18 -30.73 -7.23
CA LYS B 416 -3.32 -31.19 -5.85
C LYS B 416 -4.32 -30.37 -5.05
N THR B 417 -4.46 -29.09 -5.38
CA THR B 417 -5.38 -28.20 -4.66
C THR B 417 -5.96 -27.20 -5.65
N ILE B 418 -7.28 -27.09 -5.68
CA ILE B 418 -7.96 -26.10 -6.49
C ILE B 418 -8.82 -25.13 -5.68
N ALA B 419 -9.18 -25.48 -4.45
CA ALA B 419 -10.18 -24.75 -3.70
C ALA B 419 -9.55 -23.72 -2.76
N PHE B 420 -10.38 -22.78 -2.30
CA PHE B 420 -9.97 -21.79 -1.33
C PHE B 420 -10.18 -22.25 0.11
N GLN B 421 -11.18 -23.09 0.34
CA GLN B 421 -11.46 -23.60 1.68
C GLN B 421 -10.69 -24.89 1.94
N GLU B 422 -10.69 -25.31 3.20
CA GLU B 422 -10.02 -26.53 3.63
C GLU B 422 -11.03 -27.50 4.22
N PHE B 423 -10.92 -28.77 3.87
CA PHE B 423 -11.86 -29.77 4.35
C PHE B 423 -11.28 -30.64 5.46
N SER B 424 -9.97 -30.86 5.47
CA SER B 424 -9.30 -31.62 6.52
C SER B 424 -8.45 -30.69 7.37
N VAL B 425 -8.37 -30.99 8.66
CA VAL B 425 -7.58 -30.18 9.58
C VAL B 425 -6.39 -30.97 10.10
N THR C 10 19.91 -9.95 -43.68
CA THR C 10 18.80 -10.86 -43.47
C THR C 10 17.46 -10.16 -43.69
N VAL C 11 16.60 -10.75 -44.51
CA VAL C 11 15.31 -10.17 -44.88
C VAL C 11 14.21 -11.10 -44.39
N HIS C 12 13.29 -10.55 -43.61
CA HIS C 12 12.17 -11.32 -43.10
C HIS C 12 11.00 -11.28 -44.08
N ASP C 13 10.02 -12.16 -43.84
CA ASP C 13 8.78 -12.09 -44.61
C ASP C 13 7.98 -10.84 -44.23
N PHE C 14 7.96 -10.51 -42.94
CA PHE C 14 7.26 -9.32 -42.47
C PHE C 14 7.87 -8.86 -41.16
N VAL C 15 7.68 -7.58 -40.86
CA VAL C 15 8.04 -7.00 -39.57
C VAL C 15 6.77 -6.42 -38.96
N GLY C 16 6.44 -6.86 -37.75
CA GLY C 16 5.31 -6.30 -37.03
C GLY C 16 5.71 -5.15 -36.15
N ILE C 17 5.19 -3.96 -36.41
CA ILE C 17 5.52 -2.77 -35.63
C ILE C 17 4.47 -2.60 -34.55
N GLY C 18 4.89 -2.69 -33.29
CA GLY C 18 3.98 -2.62 -32.15
C GLY C 18 3.59 -4.00 -31.67
N LEU C 19 3.45 -4.18 -30.35
CA LEU C 19 3.05 -5.46 -29.78
C LEU C 19 1.91 -5.24 -28.80
N GLY C 20 0.73 -4.93 -29.34
CA GLY C 20 -0.49 -4.99 -28.59
C GLY C 20 -1.12 -6.36 -28.76
N PRO C 21 -2.34 -6.54 -28.26
CA PRO C 21 -3.00 -7.84 -28.39
C PRO C 21 -3.13 -8.32 -29.83
N PHE C 22 -3.20 -7.40 -30.81
CA PHE C 22 -3.44 -7.81 -32.19
C PHE C 22 -2.17 -8.31 -32.85
N ASN C 23 -1.02 -7.66 -32.60
CA ASN C 23 0.24 -8.18 -33.12
C ASN C 23 0.75 -9.34 -32.30
N LEU C 24 0.50 -9.34 -30.98
CA LEU C 24 0.86 -10.48 -30.16
C LEU C 24 0.11 -11.74 -30.62
N GLY C 25 -1.19 -11.61 -30.84
CA GLY C 25 -1.95 -12.72 -31.40
C GLY C 25 -1.39 -13.17 -32.74
N LEU C 26 -0.93 -12.20 -33.55
CA LEU C 26 -0.26 -12.56 -34.79
C LEU C 26 1.05 -13.29 -34.54
N ALA C 27 1.74 -12.96 -33.44
CA ALA C 27 2.98 -13.64 -33.11
C ALA C 27 2.74 -15.09 -32.73
N CYS C 28 1.77 -15.34 -31.83
CA CYS C 28 1.45 -16.70 -31.42
C CYS C 28 0.89 -17.53 -32.57
N LEU C 29 0.14 -16.92 -33.47
CA LEU C 29 -0.44 -17.66 -34.58
C LEU C 29 0.58 -17.99 -35.65
N THR C 30 1.66 -17.22 -35.76
CA THR C 30 2.68 -17.43 -36.77
C THR C 30 3.87 -18.25 -36.30
N GLU C 31 4.00 -18.48 -34.99
CA GLU C 31 5.13 -19.26 -34.49
C GLU C 31 5.17 -20.67 -35.05
N PRO C 32 4.08 -21.44 -35.09
CA PRO C 32 4.16 -22.80 -35.67
C PRO C 32 4.31 -22.83 -37.18
N ILE C 33 4.04 -21.73 -37.88
CA ILE C 33 4.17 -21.69 -39.33
C ILE C 33 5.63 -21.48 -39.70
N ASP C 34 6.30 -22.54 -40.15
CA ASP C 34 7.72 -22.47 -40.44
C ASP C 34 8.01 -21.71 -41.73
N GLU C 35 7.09 -21.73 -42.69
CA GLU C 35 7.27 -21.04 -43.96
C GLU C 35 7.07 -19.53 -43.84
N LEU C 36 6.95 -19.00 -42.62
CA LEU C 36 6.84 -17.57 -42.38
C LEU C 36 7.91 -17.17 -41.37
N ASP C 37 8.64 -16.10 -41.68
CA ASP C 37 9.65 -15.55 -40.77
C ASP C 37 9.24 -14.12 -40.45
N GLY C 38 8.84 -13.90 -39.19
CA GLY C 38 8.42 -12.58 -38.76
C GLY C 38 9.19 -12.14 -37.52
N ILE C 39 9.17 -10.83 -37.30
CA ILE C 39 9.81 -10.22 -36.15
C ILE C 39 8.94 -9.06 -35.69
N PHE C 40 8.87 -8.85 -34.37
CA PHE C 40 7.99 -7.86 -33.78
C PHE C 40 8.79 -6.90 -32.91
N LEU C 41 8.58 -5.61 -33.11
CA LEU C 41 9.31 -4.56 -32.40
C LEU C 41 8.34 -3.80 -31.51
N GLU C 42 8.59 -3.82 -30.20
CA GLU C 42 7.77 -3.14 -29.22
C GLU C 42 8.62 -2.11 -28.48
N SER C 43 8.05 -0.91 -28.30
CA SER C 43 8.79 0.17 -27.63
C SER C 43 9.05 -0.14 -26.17
N LYS C 44 8.09 -0.76 -25.50
CA LYS C 44 8.15 -0.90 -24.06
C LYS C 44 8.95 -2.13 -23.65
N PRO C 45 9.49 -2.14 -22.43
CA PRO C 45 10.33 -3.30 -22.02
C PRO C 45 9.57 -4.61 -21.99
N ASP C 46 8.32 -4.60 -21.52
CA ASP C 46 7.50 -5.79 -21.49
C ASP C 46 6.10 -5.42 -21.96
N PHE C 47 5.28 -6.44 -22.18
CA PHE C 47 3.89 -6.18 -22.54
C PHE C 47 3.15 -5.55 -21.38
N GLU C 48 2.35 -4.52 -21.70
CA GLU C 48 1.50 -3.86 -20.71
C GLU C 48 0.30 -3.29 -21.45
N TRP C 49 -0.89 -3.61 -20.96
CA TRP C 49 -2.15 -3.33 -21.67
C TRP C 49 -3.01 -2.41 -20.81
N HIS C 50 -3.01 -1.13 -21.11
CA HIS C 50 -3.88 -0.13 -20.49
C HIS C 50 -3.85 -0.26 -18.96
N ALA C 51 -2.64 -0.30 -18.41
CA ALA C 51 -2.47 -0.49 -16.97
C ALA C 51 -3.03 0.68 -16.16
N GLY C 52 -3.21 1.84 -16.78
CA GLY C 52 -3.84 2.96 -16.09
C GLY C 52 -5.30 2.73 -15.77
N MET C 53 -5.93 1.73 -16.38
CA MET C 53 -7.33 1.42 -16.13
C MET C 53 -7.51 0.12 -15.34
N PHE C 54 -6.46 -0.30 -14.61
CA PHE C 54 -6.55 -1.49 -13.77
C PHE C 54 -7.34 -1.18 -12.48
N LEU C 55 -8.61 -0.85 -12.67
CA LEU C 55 -9.49 -0.69 -11.51
C LEU C 55 -9.82 -2.05 -10.91
N ASP C 56 -10.18 -2.02 -9.63
CA ASP C 56 -10.50 -3.27 -8.93
C ASP C 56 -11.76 -3.90 -9.51
N GLY C 57 -11.64 -5.16 -9.93
CA GLY C 57 -12.75 -5.88 -10.51
C GLY C 57 -12.97 -5.65 -11.99
N ALA C 58 -12.26 -4.71 -12.60
CA ALA C 58 -12.44 -4.44 -14.02
C ALA C 58 -12.14 -5.68 -14.84
N HIS C 59 -13.01 -5.95 -15.82
CA HIS C 59 -12.92 -7.15 -16.64
C HIS C 59 -13.04 -6.78 -18.11
N LEU C 60 -12.80 -7.77 -18.96
CA LEU C 60 -12.99 -7.58 -20.39
C LEU C 60 -14.48 -7.46 -20.70
N GLN C 61 -14.78 -6.84 -21.84
CA GLN C 61 -16.14 -6.80 -22.35
C GLN C 61 -16.40 -7.84 -23.41
N THR C 62 -15.43 -8.71 -23.69
CA THR C 62 -15.57 -9.83 -24.60
C THR C 62 -15.21 -11.12 -23.88
N PRO C 63 -15.88 -12.23 -24.18
CA PRO C 63 -15.56 -13.50 -23.52
C PRO C 63 -14.14 -13.97 -23.81
N PHE C 64 -13.65 -14.90 -22.98
CA PHE C 64 -12.26 -15.30 -23.03
C PHE C 64 -11.89 -16.00 -24.33
N MET C 65 -12.87 -16.54 -25.06
CA MET C 65 -12.59 -17.14 -26.36
C MET C 65 -12.01 -16.13 -27.34
N SER C 66 -12.14 -14.84 -27.06
CA SER C 66 -11.53 -13.78 -27.86
C SER C 66 -10.11 -13.48 -27.39
N ASP C 67 -9.36 -14.51 -26.99
CA ASP C 67 -7.97 -14.33 -26.60
C ASP C 67 -7.09 -14.20 -27.84
N LEU C 68 -5.84 -14.63 -27.74
CA LEU C 68 -4.89 -14.40 -28.81
C LEU C 68 -5.02 -15.40 -29.96
N VAL C 69 -5.60 -16.59 -29.73
CA VAL C 69 -5.48 -17.65 -30.71
C VAL C 69 -6.79 -18.43 -30.92
N THR C 70 -7.63 -18.49 -29.89
CA THR C 70 -8.65 -19.53 -29.81
C THR C 70 -9.60 -19.50 -31.01
N LEU C 71 -10.10 -18.32 -31.38
CA LEU C 71 -11.06 -18.24 -32.46
C LEU C 71 -10.45 -18.65 -33.81
N ALA C 72 -9.12 -18.66 -33.91
CA ALA C 72 -8.45 -19.19 -35.09
C ALA C 72 -8.01 -20.64 -34.90
N ASP C 73 -7.54 -21.01 -33.71
CA ASP C 73 -7.07 -22.36 -33.44
C ASP C 73 -7.25 -22.63 -31.94
N PRO C 74 -8.31 -23.32 -31.55
CA PRO C 74 -8.49 -23.62 -30.11
C PRO C 74 -7.41 -24.52 -29.53
N THR C 75 -6.68 -25.25 -30.37
CA THR C 75 -5.63 -26.15 -29.89
C THR C 75 -4.31 -25.45 -29.63
N SER C 76 -4.20 -24.16 -29.92
CA SER C 76 -2.93 -23.46 -29.76
C SER C 76 -2.53 -23.45 -28.29
N PRO C 77 -1.22 -23.59 -27.99
CA PRO C 77 -0.78 -23.58 -26.59
C PRO C 77 -0.82 -22.20 -25.94
N TYR C 78 -1.13 -21.15 -26.70
CA TYR C 78 -1.18 -19.80 -26.15
C TYR C 78 -2.60 -19.36 -25.82
N SER C 79 -3.53 -20.31 -25.72
CA SER C 79 -4.90 -19.98 -25.37
C SER C 79 -5.00 -19.57 -23.91
N PHE C 80 -6.05 -18.81 -23.60
CA PHE C 80 -6.29 -18.40 -22.21
C PHE C 80 -6.50 -19.61 -21.32
N LEU C 81 -7.19 -20.65 -21.83
CA LEU C 81 -7.45 -21.84 -21.02
C LEU C 81 -6.17 -22.60 -20.71
N ASN C 82 -5.30 -22.78 -21.71
CA ASN C 82 -4.02 -23.42 -21.46
C ASN C 82 -3.13 -22.58 -20.55
N TYR C 83 -3.29 -21.25 -20.60
CA TYR C 83 -2.59 -20.39 -19.65
C TYR C 83 -3.06 -20.66 -18.23
N LEU C 84 -4.38 -20.74 -18.03
CA LEU C 84 -4.92 -21.02 -16.70
C LEU C 84 -4.50 -22.41 -16.22
N LYS C 85 -4.48 -23.39 -17.12
CA LYS C 85 -4.05 -24.73 -16.75
C LYS C 85 -2.62 -24.72 -16.22
N GLU C 86 -1.74 -23.98 -16.88
CA GLU C 86 -0.35 -23.90 -16.46
C GLU C 86 -0.17 -23.12 -15.16
N LYS C 87 -1.13 -22.28 -14.81
CA LYS C 87 -1.05 -21.48 -13.59
C LYS C 87 -1.80 -22.12 -12.41
N GLY C 88 -2.28 -23.34 -12.58
CA GLY C 88 -3.04 -23.99 -11.52
C GLY C 88 -4.33 -23.29 -11.15
N ARG C 89 -4.92 -22.57 -12.10
CA ARG C 89 -6.13 -21.79 -11.87
C ARG C 89 -7.30 -22.19 -12.76
N LEU C 90 -7.15 -23.24 -13.57
CA LEU C 90 -8.19 -23.59 -14.53
C LEU C 90 -9.46 -24.08 -13.83
N TYR C 91 -9.30 -24.86 -12.76
CA TYR C 91 -10.46 -25.37 -12.04
C TYR C 91 -11.17 -24.26 -11.29
N SER C 92 -10.42 -23.32 -10.70
CA SER C 92 -11.05 -22.19 -10.02
C SER C 92 -11.80 -21.31 -11.01
N PHE C 93 -11.20 -21.06 -12.18
CA PHE C 93 -11.92 -20.37 -13.25
C PHE C 93 -13.14 -21.15 -13.69
N TYR C 94 -13.06 -22.49 -13.66
CA TYR C 94 -14.20 -23.32 -14.00
C TYR C 94 -15.36 -23.09 -13.03
N ILE C 95 -15.05 -22.99 -11.73
CA ILE C 95 -16.10 -22.71 -10.75
C ILE C 95 -16.59 -21.27 -10.86
N ARG C 96 -15.69 -20.33 -11.19
CA ARG C 96 -16.09 -18.94 -11.32
C ARG C 96 -17.21 -18.78 -12.36
N GLU C 97 -17.17 -19.59 -13.41
CA GLU C 97 -18.23 -19.63 -14.42
C GLU C 97 -18.55 -18.23 -14.93
N ASN C 98 -17.50 -17.50 -15.29
CA ASN C 98 -17.63 -16.14 -15.80
C ASN C 98 -16.86 -16.04 -17.09
N PHE C 99 -17.54 -15.63 -18.17
CA PHE C 99 -16.92 -15.55 -19.48
C PHE C 99 -15.87 -14.45 -19.58
N TYR C 100 -15.82 -13.52 -18.62
CA TYR C 100 -15.04 -12.30 -18.78
C TYR C 100 -13.83 -12.30 -17.85
N PRO C 101 -12.62 -12.51 -18.37
CA PRO C 101 -11.43 -12.42 -17.51
C PRO C 101 -11.28 -11.02 -16.95
N LEU C 102 -10.72 -10.95 -15.75
CA LEU C 102 -10.35 -9.66 -15.18
C LEU C 102 -9.23 -9.03 -16.00
N ARG C 103 -9.16 -7.70 -15.97
CA ARG C 103 -8.21 -7.00 -16.83
C ARG C 103 -6.77 -7.29 -16.42
N VAL C 104 -6.47 -7.30 -15.12
CA VAL C 104 -5.14 -7.67 -14.67
C VAL C 104 -4.81 -9.10 -15.08
N GLU C 105 -5.81 -9.98 -15.08
CA GLU C 105 -5.60 -11.35 -15.52
C GLU C 105 -5.28 -11.42 -17.00
N TYR C 106 -6.01 -10.67 -17.83
CA TYR C 106 -5.74 -10.68 -19.27
C TYR C 106 -4.37 -10.08 -19.57
N ASP C 107 -3.96 -9.05 -18.81
CA ASP C 107 -2.63 -8.49 -18.99
C ASP C 107 -1.56 -9.50 -18.62
N ASP C 108 -1.74 -10.20 -17.49
CA ASP C 108 -0.80 -11.24 -17.11
C ASP C 108 -0.77 -12.37 -18.13
N TYR C 109 -1.92 -12.68 -18.73
CA TYR C 109 -1.99 -13.76 -19.72
C TYR C 109 -1.20 -13.40 -20.97
N CYS C 110 -1.39 -12.19 -21.50
CA CYS C 110 -0.63 -11.75 -22.67
C CYS C 110 0.86 -11.67 -22.36
N ARG C 111 1.21 -11.12 -21.20
CA ARG C 111 2.60 -11.09 -20.77
C ARG C 111 3.19 -12.49 -20.70
N TRP C 112 2.38 -13.46 -20.27
CA TRP C 112 2.84 -14.84 -20.22
C TRP C 112 3.04 -15.41 -21.62
N ALA C 113 2.26 -14.94 -22.61
CA ALA C 113 2.31 -15.54 -23.94
C ALA C 113 3.42 -14.93 -24.79
N ALA C 114 3.53 -13.59 -24.79
CA ALA C 114 4.56 -12.93 -25.57
C ALA C 114 5.95 -13.38 -25.13
N ASN C 115 6.08 -13.74 -23.87
CA ASN C 115 7.34 -14.07 -23.24
C ASN C 115 7.71 -15.53 -23.43
N LYS C 116 6.79 -16.37 -23.92
CA LYS C 116 7.10 -17.72 -24.40
C LYS C 116 7.58 -17.75 -25.84
N LEU C 117 7.67 -16.59 -26.50
CA LEU C 117 8.07 -16.49 -27.89
C LEU C 117 9.47 -15.90 -28.00
N SER C 118 10.11 -16.13 -29.14
CA SER C 118 11.44 -15.63 -29.40
C SER C 118 11.48 -14.64 -30.57
N SER C 119 10.33 -14.27 -31.13
CA SER C 119 10.26 -13.40 -32.29
C SER C 119 9.98 -11.95 -31.91
N ILE C 120 9.99 -11.63 -30.62
CA ILE C 120 9.64 -10.29 -30.14
C ILE C 120 10.89 -9.60 -29.65
N ARG C 121 11.14 -8.40 -30.16
CA ARG C 121 12.24 -7.55 -29.71
C ARG C 121 11.63 -6.39 -28.91
N PHE C 122 11.76 -6.47 -27.59
CA PHE C 122 11.25 -5.41 -26.74
C PHE C 122 12.21 -4.23 -26.72
N GLY C 123 11.78 -3.15 -26.05
CA GLY C 123 12.58 -1.95 -25.95
C GLY C 123 13.01 -1.35 -27.26
N THR C 124 12.20 -1.50 -28.30
CA THR C 124 12.56 -1.09 -29.67
C THR C 124 11.47 -0.20 -30.23
N THR C 125 11.80 1.08 -30.44
CA THR C 125 10.87 2.06 -30.98
C THR C 125 11.21 2.30 -32.45
N VAL C 126 10.22 2.13 -33.33
CA VAL C 126 10.42 2.38 -34.75
C VAL C 126 10.41 3.88 -35.00
N THR C 127 11.42 4.37 -35.73
CA THR C 127 11.59 5.80 -35.98
C THR C 127 11.39 6.19 -37.44
N GLU C 128 11.66 5.28 -38.38
CA GLU C 128 11.57 5.61 -39.79
C GLU C 128 11.36 4.32 -40.59
N VAL C 129 10.55 4.42 -41.65
CA VAL C 129 10.27 3.30 -42.55
C VAL C 129 10.54 3.78 -43.97
N ARG C 130 11.33 3.01 -44.72
CA ARG C 130 11.69 3.36 -46.08
C ARG C 130 11.44 2.17 -47.00
N TYR C 131 11.11 2.48 -48.25
CA TYR C 131 10.89 1.46 -49.29
C TYR C 131 12.06 1.53 -50.26
N GLU C 132 12.93 0.54 -50.21
CA GLU C 132 14.16 0.52 -51.00
C GLU C 132 14.23 -0.79 -51.78
N ASP C 133 13.85 -0.74 -53.05
CA ASP C 133 13.93 -1.86 -53.98
C ASP C 133 13.11 -3.06 -53.48
N ASP C 134 11.78 -2.85 -53.53
CA ASP C 134 10.79 -3.89 -53.27
C ASP C 134 10.91 -4.50 -51.87
N LEU C 135 11.55 -3.78 -50.95
CA LEU C 135 11.68 -4.22 -49.56
C LEU C 135 11.38 -3.06 -48.65
N TYR C 136 10.70 -3.35 -47.54
CA TYR C 136 10.46 -2.35 -46.50
C TYR C 136 11.59 -2.39 -45.49
N VAL C 137 12.18 -1.23 -45.24
CA VAL C 137 13.35 -1.10 -44.38
C VAL C 137 12.95 -0.27 -43.17
N VAL C 138 13.07 -0.86 -41.98
CA VAL C 138 12.59 -0.26 -40.75
C VAL C 138 13.78 0.02 -39.85
N THR C 139 14.02 1.30 -39.57
CA THR C 139 15.12 1.73 -38.70
C THR C 139 14.55 2.13 -37.35
N THR C 140 15.30 1.82 -36.29
CA THR C 140 14.86 2.01 -34.92
C THR C 140 15.57 3.18 -34.27
N SER C 141 15.12 3.51 -33.04
CA SER C 141 15.72 4.62 -32.31
C SER C 141 17.14 4.33 -31.86
N ALA C 142 17.53 3.05 -31.81
CA ALA C 142 18.90 2.67 -31.45
C ALA C 142 19.79 2.47 -32.67
N GLY C 143 19.28 2.72 -33.88
CA GLY C 143 20.10 2.67 -35.07
C GLY C 143 20.06 1.36 -35.82
N ASP C 144 19.44 0.32 -35.29
CA ASP C 144 19.40 -0.96 -35.97
C ASP C 144 18.32 -0.95 -37.06
N VAL C 145 18.52 -1.82 -38.05
CA VAL C 145 17.73 -1.81 -39.28
C VAL C 145 17.23 -3.21 -39.56
N TYR C 146 15.93 -3.33 -39.83
CA TYR C 146 15.31 -4.59 -40.23
C TYR C 146 14.67 -4.41 -41.59
N ARG C 147 14.79 -5.44 -42.44
CA ARG C 147 14.24 -5.43 -43.78
C ARG C 147 13.24 -6.57 -43.93
N ALA C 148 12.15 -6.31 -44.65
CA ALA C 148 11.13 -7.32 -44.85
C ALA C 148 10.33 -7.01 -46.11
N ARG C 149 9.68 -8.04 -46.63
CA ARG C 149 8.82 -7.88 -47.81
C ARG C 149 7.47 -7.28 -47.47
N HIS C 150 7.03 -7.38 -46.21
CA HIS C 150 5.74 -6.86 -45.80
C HIS C 150 5.88 -6.19 -44.44
N LEU C 151 4.85 -5.43 -44.07
CA LEU C 151 4.77 -4.77 -42.77
C LEU C 151 3.39 -4.98 -42.17
N VAL C 152 3.35 -5.16 -40.85
CA VAL C 152 2.10 -5.30 -40.12
C VAL C 152 2.09 -4.20 -39.05
N LEU C 153 1.32 -3.15 -39.29
CA LEU C 153 1.25 -2.03 -38.36
C LEU C 153 0.25 -2.33 -37.25
N GLY C 154 0.73 -2.33 -36.01
CA GLY C 154 -0.14 -2.54 -34.87
C GLY C 154 0.23 -1.65 -33.70
N THR C 155 0.19 -0.34 -33.94
CA THR C 155 0.62 0.64 -32.94
C THR C 155 -0.53 1.14 -32.06
N GLY C 156 -1.75 0.69 -32.31
CA GLY C 156 -2.86 1.04 -31.44
C GLY C 156 -3.41 2.43 -31.72
N THR C 157 -4.06 2.97 -30.70
CA THR C 157 -4.72 4.28 -30.78
C THR C 157 -4.36 5.09 -29.55
N PRO C 158 -3.58 6.16 -29.68
CA PRO C 158 -3.20 6.97 -28.52
C PRO C 158 -4.40 7.68 -27.93
N PRO C 159 -4.28 8.18 -26.70
CA PRO C 159 -5.40 8.93 -26.09
C PRO C 159 -5.78 10.15 -26.89
N TYR C 160 -7.05 10.52 -26.79
CA TYR C 160 -7.59 11.73 -27.40
C TYR C 160 -8.08 12.67 -26.31
N ILE C 161 -7.72 13.94 -26.42
CA ILE C 161 -8.26 14.96 -25.53
C ILE C 161 -8.87 16.06 -26.40
N PRO C 162 -9.88 16.79 -25.92
CA PRO C 162 -10.47 17.85 -26.73
C PRO C 162 -9.45 18.95 -27.02
N GLU C 163 -9.75 19.75 -28.04
CA GLU C 163 -8.89 20.88 -28.36
C GLU C 163 -8.89 21.93 -27.26
N ALA C 164 -9.97 21.99 -26.48
CA ALA C 164 -10.06 22.93 -25.38
C ALA C 164 -9.05 22.64 -24.27
N CYS C 165 -8.41 21.48 -24.27
CA CYS C 165 -7.47 21.10 -23.22
C CYS C 165 -6.04 20.98 -23.72
N GLN C 166 -5.78 21.25 -25.00
CA GLN C 166 -4.41 21.24 -25.49
C GLN C 166 -3.65 22.43 -24.92
N GLY C 167 -2.52 22.16 -24.29
CA GLY C 167 -1.78 23.22 -23.62
C GLY C 167 -2.42 23.70 -22.34
N LEU C 168 -3.19 22.83 -21.67
CA LEU C 168 -3.85 23.18 -20.42
C LEU C 168 -2.90 22.97 -19.25
N ASP C 169 -2.76 23.97 -18.39
CA ASP C 169 -1.93 23.85 -17.21
C ASP C 169 -2.59 22.94 -16.19
N GLY C 170 -1.85 22.60 -15.15
CA GLY C 170 -2.37 21.84 -14.04
C GLY C 170 -2.08 20.36 -14.14
N ASP C 171 -2.73 19.60 -13.25
CA ASP C 171 -2.46 18.19 -13.05
C ASP C 171 -3.56 17.28 -13.61
N PHE C 172 -4.38 17.79 -14.51
CA PHE C 172 -5.44 16.99 -15.11
C PHE C 172 -4.84 15.79 -15.85
N ILE C 173 -5.66 14.74 -15.98
CA ILE C 173 -5.19 13.49 -16.58
C ILE C 173 -6.21 12.99 -17.58
N HIS C 174 -5.71 12.33 -18.63
CA HIS C 174 -6.52 11.44 -19.42
C HIS C 174 -6.79 10.16 -18.64
N ASN C 175 -7.93 9.54 -18.88
CA ASN C 175 -8.32 8.36 -18.11
C ASN C 175 -7.31 7.23 -18.23
N SER C 176 -6.48 7.23 -19.27
CA SER C 176 -5.46 6.20 -19.44
C SER C 176 -4.37 6.23 -18.37
N ARG C 177 -4.33 7.27 -17.54
CA ARG C 177 -3.39 7.34 -16.42
C ARG C 177 -4.13 7.52 -15.10
N TYR C 178 -5.30 6.90 -14.98
CA TYR C 178 -6.15 7.14 -13.81
C TYR C 178 -5.62 6.43 -12.57
N VAL C 179 -5.18 5.18 -12.72
CA VAL C 179 -4.77 4.38 -11.56
C VAL C 179 -3.60 5.05 -10.85
N GLN C 180 -2.69 5.65 -11.61
CA GLN C 180 -1.52 6.28 -11.00
C GLN C 180 -1.90 7.54 -10.24
N HIS C 181 -2.83 8.33 -10.77
CA HIS C 181 -3.16 9.63 -10.21
C HIS C 181 -4.36 9.59 -9.26
N ARG C 182 -4.85 8.40 -8.91
CA ARG C 182 -6.06 8.31 -8.10
C ARG C 182 -5.82 8.80 -6.67
N SER C 183 -4.64 8.53 -6.12
CA SER C 183 -4.36 8.90 -4.73
C SER C 183 -4.39 10.42 -4.53
N GLU C 184 -4.08 11.19 -5.57
CA GLU C 184 -4.12 12.64 -5.48
C GLU C 184 -5.49 13.22 -5.80
N LEU C 185 -6.24 12.58 -6.69
CA LEU C 185 -7.57 13.08 -7.03
C LEU C 185 -8.52 12.97 -5.84
N VAL C 186 -8.42 11.90 -5.06
CA VAL C 186 -9.32 11.70 -3.94
C VAL C 186 -9.05 12.70 -2.82
N LYS C 187 -7.90 13.37 -2.85
CA LYS C 187 -7.62 14.43 -1.89
C LYS C 187 -8.33 15.74 -2.24
N LYS C 188 -8.75 15.92 -3.49
CA LYS C 188 -9.24 17.19 -3.95
C LYS C 188 -10.65 17.47 -3.40
N GLU C 189 -11.06 18.74 -3.51
CA GLU C 189 -12.36 19.16 -3.03
C GLU C 189 -13.47 18.85 -4.02
N SER C 190 -13.13 18.73 -5.31
CA SER C 190 -14.12 18.46 -6.34
C SER C 190 -13.44 17.78 -7.52
N ILE C 191 -14.13 16.82 -8.12
CA ILE C 191 -13.63 16.08 -9.27
C ILE C 191 -14.68 16.13 -10.38
N THR C 192 -14.23 16.38 -11.60
CA THR C 192 -15.11 16.40 -12.76
C THR C 192 -14.61 15.40 -13.79
N ILE C 193 -15.51 14.56 -14.29
CA ILE C 193 -15.22 13.57 -15.32
C ILE C 193 -15.87 14.03 -16.61
N VAL C 194 -15.09 14.08 -17.69
CA VAL C 194 -15.58 14.48 -19.00
C VAL C 194 -15.62 13.24 -19.88
N GLY C 195 -16.79 12.95 -20.45
CA GLY C 195 -17.00 11.75 -21.21
C GLY C 195 -17.94 10.78 -20.51
N SER C 196 -18.46 9.82 -21.29
CA SER C 196 -19.43 8.87 -20.77
C SER C 196 -19.24 7.48 -21.34
N GLY C 197 -18.03 7.14 -21.76
CA GLY C 197 -17.74 5.80 -22.22
C GLY C 197 -17.62 4.83 -21.06
N GLN C 198 -17.14 3.63 -21.39
CA GLN C 198 -16.95 2.61 -20.36
C GLN C 198 -15.91 3.05 -19.34
N SER C 199 -14.85 3.72 -19.79
CA SER C 199 -13.81 4.19 -18.87
C SER C 199 -14.36 5.23 -17.90
N ALA C 200 -15.20 6.15 -18.39
CA ALA C 200 -15.75 7.19 -17.53
C ALA C 200 -16.65 6.61 -16.46
N ALA C 201 -17.47 5.61 -16.81
CA ALA C 201 -18.41 5.05 -15.86
C ALA C 201 -17.71 4.22 -14.80
N GLU C 202 -16.66 3.49 -15.18
CA GLU C 202 -15.90 2.74 -14.20
C GLU C 202 -15.23 3.67 -13.21
N ILE C 203 -14.68 4.79 -13.70
CA ILE C 203 -14.06 5.77 -12.81
C ILE C 203 -15.12 6.44 -11.93
N TYR C 204 -16.27 6.79 -12.51
CA TYR C 204 -17.34 7.37 -11.72
C TYR C 204 -17.79 6.43 -10.61
N GLN C 205 -18.01 5.16 -10.95
CA GLN C 205 -18.43 4.19 -9.94
C GLN C 205 -17.38 4.05 -8.84
N ASP C 206 -16.10 4.08 -9.21
CA ASP C 206 -15.03 4.00 -8.22
C ASP C 206 -15.05 5.20 -7.29
N LEU C 207 -15.16 6.41 -7.87
CA LEU C 207 -15.13 7.62 -7.05
C LEU C 207 -16.43 7.82 -6.27
N LEU C 208 -17.56 7.38 -6.83
CA LEU C 208 -18.82 7.50 -6.10
C LEU C 208 -18.87 6.56 -4.90
N GLY C 209 -18.19 5.42 -5.00
CA GLY C 209 -18.22 4.45 -3.90
C GLY C 209 -17.60 4.98 -2.62
N GLU C 210 -16.59 5.85 -2.73
CA GLU C 210 -15.90 6.39 -1.57
C GLU C 210 -16.16 7.90 -1.42
N ILE C 211 -17.28 8.38 -1.94
CA ILE C 211 -17.58 9.81 -1.88
C ILE C 211 -17.82 10.25 -0.44
N ASP C 212 -18.26 9.33 0.43
CA ASP C 212 -18.42 9.66 1.84
C ASP C 212 -17.09 9.68 2.57
N VAL C 213 -16.12 8.89 2.11
CA VAL C 213 -14.83 8.81 2.80
C VAL C 213 -14.06 10.10 2.64
N HIS C 214 -14.03 10.66 1.43
CA HIS C 214 -13.23 11.85 1.15
C HIS C 214 -14.07 13.12 1.05
N GLY C 215 -15.38 13.01 0.87
CA GLY C 215 -16.24 14.19 0.90
C GLY C 215 -16.01 15.20 -0.20
N TYR C 216 -15.71 14.74 -1.41
CA TYR C 216 -15.58 15.62 -2.56
C TYR C 216 -16.88 15.67 -3.35
N ARG C 217 -17.05 16.74 -4.12
CA ARG C 217 -18.11 16.80 -5.11
C ARG C 217 -17.66 16.07 -6.37
N LEU C 218 -18.57 15.31 -6.96
CA LEU C 218 -18.26 14.43 -8.08
C LEU C 218 -19.14 14.79 -9.27
N ASN C 219 -18.53 15.30 -10.33
CA ASN C 219 -19.23 15.72 -11.54
C ASN C 219 -18.96 14.76 -12.68
N TRP C 220 -20.01 14.44 -13.44
CA TRP C 220 -19.92 13.57 -14.61
C TRP C 220 -20.67 14.26 -15.74
N VAL C 221 -19.93 14.94 -16.62
CA VAL C 221 -20.49 15.72 -17.70
C VAL C 221 -20.03 15.13 -19.03
N THR C 222 -20.97 14.93 -19.95
CA THR C 222 -20.65 14.29 -21.22
C THR C 222 -21.36 14.99 -22.37
N ARG C 223 -20.78 14.84 -23.56
CA ARG C 223 -21.37 15.36 -24.78
C ARG C 223 -22.41 14.41 -25.37
N SER C 224 -22.34 13.13 -25.02
CA SER C 224 -23.30 12.14 -25.52
C SER C 224 -24.71 12.54 -25.12
N PRO C 225 -25.72 12.19 -25.93
CA PRO C 225 -27.09 12.58 -25.60
C PRO C 225 -27.66 11.86 -24.39
N ARG C 226 -27.20 10.63 -24.13
CA ARG C 226 -27.58 9.87 -22.95
C ARG C 226 -26.37 9.09 -22.46
N PHE C 227 -26.53 8.44 -21.31
CA PHE C 227 -25.58 7.44 -20.86
C PHE C 227 -25.96 6.09 -21.49
N PHE C 228 -25.83 6.03 -22.81
CA PHE C 228 -26.39 4.91 -23.54
C PHE C 228 -25.58 3.65 -23.29
N PRO C 229 -26.23 2.48 -23.20
CA PRO C 229 -25.50 1.24 -22.95
C PRO C 229 -24.86 0.69 -24.21
N LEU C 230 -23.89 -0.20 -23.99
CA LEU C 230 -23.27 -0.94 -25.08
C LEU C 230 -24.29 -1.95 -25.62
N GLU C 231 -24.73 -1.74 -26.85
CA GLU C 231 -25.70 -2.64 -27.49
C GLU C 231 -25.10 -4.03 -27.65
N TYR C 232 -25.51 -4.96 -26.79
CA TYR C 232 -24.85 -6.26 -26.68
C TYR C 232 -25.80 -7.43 -26.95
N THR C 233 -27.00 -7.18 -27.45
CA THR C 233 -27.92 -8.27 -27.75
C THR C 233 -27.41 -9.07 -28.95
N LYS C 234 -27.80 -10.35 -28.98
CA LYS C 234 -27.09 -11.31 -29.82
C LYS C 234 -27.29 -11.07 -31.30
N LEU C 235 -28.47 -10.58 -31.72
CA LEU C 235 -28.65 -10.29 -33.14
C LEU C 235 -27.77 -9.13 -33.59
N THR C 236 -27.50 -8.17 -32.70
CA THR C 236 -26.56 -7.10 -33.03
C THR C 236 -25.13 -7.62 -33.07
N LEU C 237 -24.78 -8.54 -32.17
CA LEU C 237 -23.45 -9.14 -32.17
C LEU C 237 -23.14 -9.87 -33.46
N GLU C 238 -24.17 -10.29 -34.22
CA GLU C 238 -23.95 -10.89 -35.53
C GLU C 238 -23.36 -9.92 -36.53
N MET C 239 -23.32 -8.62 -36.22
CA MET C 239 -22.63 -7.67 -37.08
C MET C 239 -21.12 -7.68 -36.89
N THR C 240 -20.63 -8.37 -35.87
CA THR C 240 -19.20 -8.64 -35.71
C THR C 240 -18.86 -9.96 -36.40
N SER C 241 -19.04 -9.98 -37.71
CA SER C 241 -18.99 -11.20 -38.50
C SER C 241 -18.23 -10.96 -39.79
N PRO C 242 -17.72 -12.01 -40.42
CA PRO C 242 -17.11 -11.85 -41.75
C PRO C 242 -18.07 -11.31 -42.79
N GLU C 243 -19.32 -11.80 -42.81
CA GLU C 243 -20.25 -11.37 -43.85
C GLU C 243 -20.64 -9.91 -43.69
N TYR C 244 -20.64 -9.38 -42.46
CA TYR C 244 -20.98 -7.97 -42.30
C TYR C 244 -19.85 -7.08 -42.81
N ILE C 245 -18.60 -7.46 -42.57
CA ILE C 245 -17.48 -6.69 -43.09
C ILE C 245 -17.51 -6.69 -44.62
N ASP C 246 -17.80 -7.84 -45.23
CA ASP C 246 -17.94 -7.91 -46.67
C ASP C 246 -18.99 -6.92 -47.17
N TYR C 247 -20.12 -6.84 -46.46
CA TYR C 247 -21.17 -5.91 -46.85
C TYR C 247 -20.80 -4.47 -46.52
N TYR C 248 -20.24 -4.25 -45.33
CA TYR C 248 -19.89 -2.89 -44.90
C TYR C 248 -18.78 -2.29 -45.75
N ARG C 249 -17.73 -3.08 -46.04
CA ARG C 249 -16.62 -2.56 -46.83
C ARG C 249 -17.05 -2.19 -48.23
N GLU C 250 -18.07 -2.87 -48.77
CA GLU C 250 -18.54 -2.61 -50.12
C GLU C 250 -19.51 -1.43 -50.20
N LEU C 251 -19.94 -0.88 -49.08
CA LEU C 251 -20.78 0.30 -49.11
C LEU C 251 -19.99 1.50 -49.62
N PRO C 252 -20.66 2.49 -50.20
CA PRO C 252 -19.96 3.73 -50.58
C PRO C 252 -19.29 4.38 -49.38
N GLU C 253 -18.15 5.04 -49.63
CA GLU C 253 -17.36 5.61 -48.55
C GLU C 253 -18.15 6.63 -47.75
N ALA C 254 -18.96 7.44 -48.42
CA ALA C 254 -19.78 8.41 -47.70
C ALA C 254 -20.81 7.72 -46.81
N THR C 255 -21.34 6.59 -47.27
CA THR C 255 -22.27 5.81 -46.45
C THR C 255 -21.55 5.27 -45.21
N ARG C 256 -20.34 4.74 -45.39
CA ARG C 256 -19.59 4.20 -44.26
C ARG C 256 -19.30 5.28 -43.22
N TYR C 257 -18.95 6.48 -43.67
CA TYR C 257 -18.57 7.53 -42.73
C TYR C 257 -19.78 8.04 -41.96
N ARG C 258 -20.95 8.11 -42.60
CA ARG C 258 -22.17 8.45 -41.89
C ARG C 258 -22.58 7.34 -40.94
N LEU C 259 -22.28 6.08 -41.29
CA LEU C 259 -22.66 4.96 -40.44
C LEU C 259 -21.83 4.94 -39.16
N THR C 260 -20.55 5.34 -39.24
CA THR C 260 -19.70 5.33 -38.06
C THR C 260 -20.23 6.26 -36.98
N ALA C 261 -20.86 7.37 -37.37
CA ALA C 261 -21.51 8.23 -36.38
C ALA C 261 -22.75 7.58 -35.78
N GLU C 262 -23.29 6.56 -36.43
CA GLU C 262 -24.52 5.95 -35.94
C GLU C 262 -24.30 4.65 -35.17
N GLN C 263 -23.11 4.07 -35.27
CA GLN C 263 -22.81 2.80 -34.61
C GLN C 263 -21.90 3.00 -33.40
N LYS C 264 -21.88 4.20 -32.82
CA LYS C 264 -21.08 4.43 -31.62
C LYS C 264 -21.59 3.56 -30.47
N GLY C 265 -22.91 3.43 -30.34
CA GLY C 265 -23.48 2.62 -29.28
C GLY C 265 -23.22 1.12 -29.42
N LEU C 266 -22.67 0.69 -30.55
CA LEU C 266 -22.40 -0.73 -30.76
C LEU C 266 -21.12 -1.21 -30.10
N PHE C 267 -20.24 -0.30 -29.67
CA PHE C 267 -18.94 -0.73 -29.15
C PHE C 267 -18.29 0.34 -28.27
N LYS C 268 -18.88 1.53 -28.22
CA LYS C 268 -18.32 2.64 -27.46
C LYS C 268 -19.31 3.20 -26.46
N GLY C 269 -20.09 2.31 -25.83
CA GLY C 269 -21.01 2.69 -24.80
C GLY C 269 -20.56 2.22 -23.42
N ILE C 270 -21.52 2.08 -22.52
CA ILE C 270 -21.27 1.57 -21.18
C ILE C 270 -21.90 0.21 -21.04
N ASP C 271 -21.25 -0.69 -20.31
CA ASP C 271 -21.86 -1.96 -19.96
C ASP C 271 -23.18 -1.73 -19.24
N GLY C 272 -24.25 -2.35 -19.75
CA GLY C 272 -25.57 -2.09 -19.22
C GLY C 272 -25.67 -2.38 -17.73
N ASP C 273 -24.98 -3.42 -17.27
CA ASP C 273 -25.01 -3.74 -15.84
C ASP C 273 -24.29 -2.70 -15.00
N LEU C 274 -23.22 -2.10 -15.54
CA LEU C 274 -22.53 -1.04 -14.80
C LEU C 274 -23.41 0.19 -14.66
N ILE C 275 -24.18 0.53 -15.70
CA ILE C 275 -25.13 1.64 -15.60
C ILE C 275 -26.13 1.38 -14.49
N ASN C 276 -26.65 0.14 -14.41
CA ASN C 276 -27.61 -0.19 -13.37
C ASN C 276 -26.97 -0.20 -11.99
N GLU C 277 -25.72 -0.68 -11.90
CA GLU C 277 -25.01 -0.64 -10.62
C GLU C 277 -24.76 0.79 -10.16
N ILE C 278 -24.54 1.70 -11.11
CA ILE C 278 -24.32 3.10 -10.74
C ILE C 278 -25.60 3.71 -10.18
N PHE C 279 -26.74 3.43 -10.81
CA PHE C 279 -28.01 3.95 -10.31
C PHE C 279 -28.32 3.40 -8.92
N ASP C 280 -28.09 2.11 -8.70
CA ASP C 280 -28.40 1.51 -7.41
C ASP C 280 -27.52 2.08 -6.31
N LEU C 281 -26.24 2.31 -6.61
CA LEU C 281 -25.36 2.96 -5.63
C LEU C 281 -25.82 4.38 -5.33
N LEU C 282 -26.26 5.11 -6.36
CA LEU C 282 -26.85 6.42 -6.15
C LEU C 282 -28.07 6.33 -5.25
N TYR C 283 -28.96 5.38 -5.53
CA TYR C 283 -30.14 5.18 -4.70
C TYR C 283 -29.74 4.80 -3.27
N GLN C 284 -28.70 3.97 -3.12
CA GLN C 284 -28.30 3.51 -1.80
C GLN C 284 -27.77 4.67 -0.95
N LYS C 285 -26.84 5.44 -1.50
CA LYS C 285 -26.24 6.54 -0.74
C LYS C 285 -27.23 7.67 -0.50
N ASN C 286 -28.18 7.86 -1.40
CA ASN C 286 -29.15 8.95 -1.26
C ASN C 286 -30.09 8.75 -0.09
N LEU C 287 -30.15 7.55 0.48
CA LEU C 287 -30.99 7.33 1.67
C LEU C 287 -30.47 8.12 2.86
N ALA C 288 -29.14 8.14 3.06
CA ALA C 288 -28.57 8.86 4.19
C ALA C 288 -28.75 10.37 4.04
N GLY C 289 -28.54 10.89 2.83
CA GLY C 289 -28.71 12.30 2.57
C GLY C 289 -28.38 12.63 1.13
N PRO C 290 -28.53 13.90 0.75
CA PRO C 290 -28.24 14.30 -0.63
C PRO C 290 -26.78 14.04 -0.98
N VAL C 291 -26.57 13.38 -2.12
CA VAL C 291 -25.24 13.02 -2.57
C VAL C 291 -24.69 14.17 -3.42
N PRO C 292 -23.52 14.72 -3.09
CA PRO C 292 -23.00 15.84 -3.87
C PRO C 292 -22.46 15.40 -5.22
N THR C 293 -23.36 15.02 -6.13
CA THR C 293 -22.96 14.55 -7.45
C THR C 293 -23.88 15.16 -8.50
N ARG C 294 -23.32 15.37 -9.69
CA ARG C 294 -24.05 15.91 -10.83
C ARG C 294 -23.78 15.03 -12.04
N LEU C 295 -24.84 14.67 -12.76
CA LEU C 295 -24.74 13.88 -13.98
C LEU C 295 -25.40 14.66 -15.11
N LEU C 296 -24.60 15.17 -16.04
CA LEU C 296 -25.08 16.06 -17.09
C LEU C 296 -24.75 15.47 -18.46
N THR C 297 -25.69 15.64 -19.39
CA THR C 297 -25.56 15.16 -20.76
C THR C 297 -25.69 16.32 -21.73
N ASN C 298 -25.45 16.02 -23.01
CA ASN C 298 -25.60 16.99 -24.09
C ASN C 298 -24.70 18.21 -23.90
N SER C 299 -23.56 18.04 -23.24
CA SER C 299 -22.72 19.17 -22.85
C SER C 299 -21.32 18.96 -23.40
N SER C 300 -20.86 19.91 -24.22
CA SER C 300 -19.54 19.86 -24.82
C SER C 300 -18.59 20.81 -24.08
N LEU C 301 -17.41 20.31 -23.76
CA LEU C 301 -16.37 21.13 -23.14
C LEU C 301 -15.70 21.99 -24.23
N ASN C 302 -15.83 23.30 -24.11
CA ASN C 302 -15.39 24.22 -25.15
C ASN C 302 -14.15 25.03 -24.79
N SER C 303 -13.88 25.23 -23.50
CA SER C 303 -12.67 25.91 -23.07
C SER C 303 -12.40 25.59 -21.62
N ALA C 304 -11.13 25.63 -21.23
CA ALA C 304 -10.73 25.35 -19.87
C ALA C 304 -9.51 26.21 -19.51
N ARG C 305 -9.45 26.60 -18.24
CA ARG C 305 -8.32 27.35 -17.71
C ARG C 305 -7.99 26.84 -16.32
N HIS C 306 -6.78 27.12 -15.87
CA HIS C 306 -6.29 26.65 -14.58
C HIS C 306 -5.81 27.84 -13.75
N GLU C 307 -6.44 28.03 -12.60
CA GLU C 307 -6.12 29.13 -11.68
C GLU C 307 -6.07 28.58 -10.26
N ASN C 308 -4.87 28.59 -9.67
CA ASN C 308 -4.68 28.26 -8.26
C ASN C 308 -5.16 26.85 -7.93
N GLY C 309 -4.73 25.88 -8.73
CA GLY C 309 -5.18 24.50 -8.52
C GLY C 309 -6.64 24.27 -8.76
N THR C 310 -7.36 25.23 -9.35
CA THR C 310 -8.76 25.08 -9.70
C THR C 310 -8.92 25.18 -11.21
N TYR C 311 -9.74 24.31 -11.78
CA TYR C 311 -10.08 24.39 -13.20
C TYR C 311 -11.41 25.11 -13.36
N THR C 312 -11.47 25.98 -14.37
CA THR C 312 -12.71 26.61 -14.79
C THR C 312 -13.07 26.01 -16.14
N LEU C 313 -14.15 25.23 -16.17
CA LEU C 313 -14.56 24.50 -17.36
C LEU C 313 -15.81 25.14 -17.94
N ALA C 314 -15.68 25.68 -19.16
CA ALA C 314 -16.81 26.26 -19.87
C ALA C 314 -17.48 25.18 -20.71
N PHE C 315 -18.73 24.87 -20.40
CA PHE C 315 -19.52 23.89 -21.13
C PHE C 315 -20.64 24.58 -21.88
N ARG C 316 -21.18 23.88 -22.88
CA ARG C 316 -22.38 24.33 -23.57
C ARG C 316 -23.32 23.15 -23.73
N GLN C 317 -24.53 23.28 -23.18
CA GLN C 317 -25.60 22.32 -23.43
C GLN C 317 -26.04 22.47 -24.88
N GLU C 318 -25.52 21.60 -25.75
CA GLU C 318 -25.69 21.78 -27.19
C GLU C 318 -27.14 21.62 -27.63
N GLU C 319 -27.94 20.84 -26.90
CA GLU C 319 -29.33 20.64 -27.29
C GLU C 319 -30.20 21.81 -26.84
N GLN C 320 -30.10 22.17 -25.56
CA GLN C 320 -30.87 23.30 -25.04
C GLN C 320 -30.39 24.62 -25.62
N GLY C 321 -29.08 24.73 -25.89
CA GLY C 321 -28.53 25.95 -26.44
C GLY C 321 -28.02 26.94 -25.40
N LYS C 322 -27.54 26.46 -24.26
CA LYS C 322 -27.17 27.31 -23.14
C LYS C 322 -25.76 26.98 -22.68
N ASP C 323 -25.00 28.02 -22.33
CA ASP C 323 -23.67 27.86 -21.75
C ASP C 323 -23.78 27.71 -20.24
N PHE C 324 -22.82 26.98 -19.66
CA PHE C 324 -22.72 26.90 -18.21
C PHE C 324 -21.28 26.57 -17.83
N GLU C 325 -20.96 26.84 -16.57
CA GLU C 325 -19.61 26.71 -16.05
C GLU C 325 -19.59 25.71 -14.90
N ILE C 326 -18.42 25.12 -14.67
CA ILE C 326 -18.19 24.22 -13.55
C ILE C 326 -16.79 24.48 -13.02
N GLU C 327 -16.69 24.71 -11.71
CA GLU C 327 -15.42 24.88 -11.03
C GLU C 327 -15.05 23.56 -10.35
N SER C 328 -13.85 23.06 -10.64
CA SER C 328 -13.44 21.77 -10.12
C SER C 328 -11.92 21.71 -9.98
N GLN C 329 -11.44 21.20 -8.86
CA GLN C 329 -10.00 21.08 -8.67
C GLN C 329 -9.43 19.88 -9.42
N GLY C 330 -10.18 18.80 -9.54
CA GLY C 330 -9.76 17.63 -10.29
C GLY C 330 -10.46 17.55 -11.63
N LEU C 331 -9.71 17.18 -12.66
CA LEU C 331 -10.22 17.02 -14.01
C LEU C 331 -9.73 15.70 -14.56
N VAL C 332 -10.66 14.83 -14.95
CA VAL C 332 -10.35 13.55 -15.57
C VAL C 332 -11.00 13.55 -16.94
N LEU C 333 -10.18 13.57 -17.99
CA LEU C 333 -10.67 13.54 -19.36
C LEU C 333 -10.79 12.08 -19.79
N ALA C 334 -12.02 11.56 -19.76
CA ALA C 334 -12.31 10.23 -20.31
C ALA C 334 -12.89 10.37 -21.71
N THR C 335 -12.15 11.05 -22.57
CA THR C 335 -12.63 11.47 -23.88
C THR C 335 -12.22 10.52 -25.00
N GLY C 336 -11.77 9.32 -24.66
CA GLY C 336 -11.56 8.30 -25.66
C GLY C 336 -10.17 8.29 -26.26
N TYR C 337 -10.08 7.68 -27.44
CA TYR C 337 -8.83 7.48 -28.14
C TYR C 337 -9.02 7.79 -29.61
N LYS C 338 -7.92 8.05 -30.30
CA LYS C 338 -7.97 8.37 -31.72
C LYS C 338 -6.65 7.99 -32.38
N TYR C 339 -6.74 7.42 -33.57
CA TYR C 339 -5.56 7.04 -34.32
C TYR C 339 -5.02 8.22 -35.11
N ALA C 340 -3.71 8.47 -34.98
CA ALA C 340 -3.01 9.46 -35.79
C ALA C 340 -1.97 8.74 -36.62
N GLU C 341 -1.76 9.22 -37.84
CA GLU C 341 -0.77 8.60 -38.72
C GLU C 341 0.60 8.70 -38.08
N PRO C 342 1.27 7.58 -37.80
CA PRO C 342 2.59 7.66 -37.15
C PRO C 342 3.62 8.29 -38.08
N GLU C 343 4.39 9.22 -37.51
CA GLU C 343 5.31 10.01 -38.32
C GLU C 343 6.42 9.16 -38.95
N PHE C 344 6.66 7.96 -38.43
CA PHE C 344 7.70 7.13 -39.05
C PHE C 344 7.30 6.61 -40.42
N LEU C 345 6.08 6.89 -40.88
CA LEU C 345 5.64 6.51 -42.21
C LEU C 345 5.85 7.62 -43.24
N ALA C 346 6.44 8.75 -42.83
CA ALA C 346 6.64 9.86 -43.75
C ALA C 346 7.37 9.49 -45.05
N PRO C 347 8.45 8.71 -45.03
CA PRO C 347 9.12 8.40 -46.31
C PRO C 347 8.30 7.52 -47.25
N VAL C 348 7.33 6.76 -46.75
CA VAL C 348 6.57 5.83 -47.57
C VAL C 348 5.13 6.30 -47.79
N LYS C 349 4.87 7.59 -47.57
CA LYS C 349 3.51 8.10 -47.77
C LYS C 349 3.07 8.04 -49.22
N ASP C 350 4.00 7.98 -50.17
CA ASP C 350 3.64 7.87 -51.58
C ASP C 350 3.14 6.48 -51.94
N ARG C 351 3.35 5.48 -51.09
CA ARG C 351 2.90 4.12 -51.36
C ARG C 351 1.63 3.75 -50.61
N LEU C 352 1.11 4.63 -49.77
CA LEU C 352 -0.06 4.35 -48.96
C LEU C 352 -1.30 4.98 -49.61
N VAL C 353 -2.41 4.26 -49.56
CA VAL C 353 -3.65 4.67 -50.20
C VAL C 353 -4.53 5.36 -49.17
N TYR C 354 -5.10 6.51 -49.54
CA TYR C 354 -5.96 7.30 -48.67
C TYR C 354 -7.30 7.53 -49.34
N ASP C 355 -8.32 7.77 -48.51
CA ASP C 355 -9.66 8.06 -48.98
C ASP C 355 -9.89 9.58 -49.02
N SER C 356 -11.09 9.98 -49.44
CA SER C 356 -11.39 11.39 -49.61
C SER C 356 -11.39 12.17 -48.30
N GLN C 357 -11.38 11.51 -47.16
CA GLN C 357 -11.31 12.19 -45.87
C GLN C 357 -9.92 12.20 -45.27
N GLY C 358 -8.93 11.61 -45.96
CA GLY C 358 -7.55 11.64 -45.51
C GLY C 358 -7.10 10.44 -44.71
N ASN C 359 -7.96 9.48 -44.45
CA ASN C 359 -7.60 8.30 -43.69
C ASN C 359 -7.18 7.16 -44.62
N PHE C 360 -6.54 6.15 -44.04
CA PHE C 360 -6.11 4.98 -44.81
C PHE C 360 -7.32 4.30 -45.44
N ASP C 361 -7.27 4.14 -46.77
CA ASP C 361 -8.33 3.41 -47.48
C ASP C 361 -8.06 1.92 -47.38
N VAL C 362 -8.32 1.38 -46.18
CA VAL C 362 -8.01 0.00 -45.89
C VAL C 362 -8.80 -0.91 -46.82
N SER C 363 -8.11 -1.83 -47.48
CA SER C 363 -8.78 -2.81 -48.31
C SER C 363 -9.46 -3.86 -47.41
N ARG C 364 -10.34 -4.65 -48.04
CA ARG C 364 -11.02 -5.72 -47.30
C ARG C 364 -10.02 -6.68 -46.68
N ALA C 365 -8.85 -6.85 -47.31
CA ALA C 365 -7.80 -7.72 -46.81
C ALA C 365 -6.87 -7.03 -45.83
N TYR C 366 -7.27 -5.87 -45.30
CA TYR C 366 -6.54 -5.13 -44.26
C TYR C 366 -5.21 -4.56 -44.76
N ALA C 367 -5.13 -4.24 -46.04
CA ALA C 367 -3.94 -3.64 -46.63
C ALA C 367 -4.16 -2.14 -46.84
N ILE C 368 -3.07 -1.38 -46.78
CA ILE C 368 -3.16 0.08 -46.90
C ILE C 368 -2.10 0.61 -47.86
N ASP C 369 -1.52 -0.25 -48.68
CA ASP C 369 -0.53 0.15 -49.67
C ASP C 369 -1.05 -0.11 -51.08
N VAL C 370 -0.29 0.36 -52.06
CA VAL C 370 -0.75 0.32 -53.46
C VAL C 370 -0.70 -1.09 -54.04
N THR C 371 0.01 -2.02 -53.42
CA THR C 371 0.09 -3.39 -53.93
C THR C 371 -0.99 -4.30 -53.38
N GLY C 372 -1.79 -3.83 -52.42
CA GLY C 372 -2.79 -4.66 -51.79
C GLY C 372 -2.26 -5.74 -50.87
N ARG C 373 -0.94 -5.81 -50.66
CA ARG C 373 -0.40 -6.85 -49.78
C ARG C 373 0.95 -6.49 -49.17
N GLY C 374 1.33 -5.22 -49.12
CA GLY C 374 2.63 -4.85 -48.57
C GLY C 374 2.59 -4.35 -47.15
N VAL C 375 1.67 -3.44 -46.85
CA VAL C 375 1.51 -2.86 -45.52
C VAL C 375 0.14 -3.24 -44.98
N PHE C 376 0.12 -3.93 -43.84
CA PHE C 376 -1.12 -4.34 -43.20
C PHE C 376 -1.34 -3.50 -41.95
N LEU C 377 -2.61 -3.17 -41.69
CA LEU C 377 -2.99 -2.30 -40.59
C LEU C 377 -3.87 -3.05 -39.61
N GLN C 378 -3.38 -3.22 -38.39
CA GLN C 378 -4.21 -3.67 -37.27
C GLN C 378 -4.89 -2.46 -36.65
N ASN C 379 -6.18 -2.63 -36.32
CA ASN C 379 -6.98 -1.56 -35.73
C ASN C 379 -7.11 -0.38 -36.68
N ALA C 380 -7.60 0.76 -36.19
CA ALA C 380 -7.64 2.02 -36.93
C ALA C 380 -8.42 1.90 -38.23
N GLY C 381 -9.38 0.97 -38.29
CA GLY C 381 -10.13 0.76 -39.52
C GLY C 381 -11.63 0.73 -39.33
N VAL C 382 -12.15 1.59 -38.45
CA VAL C 382 -13.59 1.64 -38.23
C VAL C 382 -14.31 2.10 -39.50
N HIS C 383 -13.70 3.02 -40.24
CA HIS C 383 -14.33 3.53 -41.46
C HIS C 383 -14.37 2.51 -42.60
N THR C 384 -13.62 1.42 -42.49
CA THR C 384 -13.63 0.39 -43.51
C THR C 384 -14.16 -0.96 -43.03
N HIS C 385 -13.95 -1.30 -41.76
CA HIS C 385 -14.35 -2.60 -41.23
C HIS C 385 -15.35 -2.47 -40.08
N SER C 386 -15.83 -1.28 -39.79
CA SER C 386 -16.87 -1.05 -38.78
C SER C 386 -16.35 -1.50 -37.42
N ILE C 387 -17.25 -1.97 -36.56
CA ILE C 387 -16.92 -2.27 -35.16
C ILE C 387 -15.94 -3.43 -35.00
N THR C 388 -15.71 -4.22 -36.05
CA THR C 388 -14.79 -5.34 -35.95
C THR C 388 -13.33 -4.90 -35.87
N SER C 389 -13.03 -3.63 -36.16
CA SER C 389 -11.63 -3.20 -36.25
C SER C 389 -10.93 -3.22 -34.88
N PRO C 390 -11.47 -2.61 -33.82
CA PRO C 390 -10.80 -2.71 -32.51
C PRO C 390 -11.26 -3.87 -31.64
N ASP C 391 -12.02 -4.81 -32.19
CA ASP C 391 -12.65 -5.86 -31.40
C ASP C 391 -11.66 -7.00 -31.17
N LEU C 392 -11.36 -7.29 -29.90
CA LEU C 392 -10.53 -8.45 -29.58
C LEU C 392 -11.10 -9.73 -30.15
N GLY C 393 -12.43 -9.82 -30.27
CA GLY C 393 -13.09 -10.98 -30.84
C GLY C 393 -12.83 -11.20 -32.32
N MET C 394 -12.32 -10.19 -33.02
CA MET C 394 -11.99 -10.31 -34.44
C MET C 394 -10.49 -10.21 -34.69
N GLY C 395 -9.67 -10.18 -33.64
CA GLY C 395 -8.24 -10.14 -33.83
C GLY C 395 -7.70 -11.41 -34.47
N ALA C 396 -8.22 -12.57 -34.06
CA ALA C 396 -7.77 -13.83 -34.65
C ALA C 396 -8.24 -13.96 -36.09
N TYR C 397 -9.45 -13.47 -36.40
CA TYR C 397 -9.93 -13.51 -37.76
C TYR C 397 -9.08 -12.62 -38.68
N ARG C 398 -8.76 -11.41 -38.23
CA ARG C 398 -7.95 -10.51 -39.04
C ARG C 398 -6.55 -11.07 -39.26
N ASN C 399 -5.96 -11.65 -38.22
CA ASN C 399 -4.62 -12.19 -38.34
C ASN C 399 -4.57 -13.39 -39.28
N SER C 400 -5.63 -14.21 -39.30
CA SER C 400 -5.66 -15.33 -40.23
C SER C 400 -5.81 -14.87 -41.67
N CYS C 401 -6.46 -13.72 -41.88
CA CYS C 401 -6.54 -13.15 -43.23
C CYS C 401 -5.21 -12.54 -43.65
N ILE C 402 -4.50 -11.93 -42.71
CA ILE C 402 -3.15 -11.43 -42.98
C ILE C 402 -2.23 -12.60 -43.33
N ILE C 403 -2.26 -13.65 -42.49
CA ILE C 403 -1.46 -14.84 -42.76
C ILE C 403 -1.82 -15.43 -44.12
N ARG C 404 -3.11 -15.38 -44.48
CA ARG C 404 -3.53 -15.88 -45.78
C ARG C 404 -2.84 -15.13 -46.91
N GLU C 405 -2.72 -13.81 -46.79
CA GLU C 405 -2.04 -13.03 -47.82
C GLU C 405 -0.54 -13.29 -47.80
N LEU C 406 0.06 -13.38 -46.61
CA LEU C 406 1.50 -13.60 -46.52
C LEU C 406 1.90 -14.99 -47.01
N LEU C 407 1.03 -15.98 -46.86
CA LEU C 407 1.35 -17.35 -47.23
C LEU C 407 0.96 -17.69 -48.66
N GLY C 408 -0.07 -17.04 -49.20
CA GLY C 408 -0.64 -17.44 -50.48
C GLY C 408 -1.63 -18.57 -50.30
N THR C 409 -1.45 -19.36 -49.24
CA THR C 409 -2.37 -20.41 -48.85
C THR C 409 -3.05 -20.02 -47.54
N GLU C 410 -4.24 -20.59 -47.33
CA GLU C 410 -5.02 -20.31 -46.12
C GLU C 410 -4.59 -21.29 -45.04
N TYR C 411 -3.82 -20.80 -44.06
CA TYR C 411 -3.34 -21.66 -42.99
C TYR C 411 -4.46 -22.01 -42.02
N TYR C 412 -4.98 -21.01 -41.30
CA TYR C 412 -6.09 -21.21 -40.39
C TYR C 412 -7.41 -21.04 -41.13
N PRO C 413 -8.37 -21.95 -40.97
CA PRO C 413 -9.64 -21.82 -41.70
C PRO C 413 -10.34 -20.51 -41.37
N VAL C 414 -10.65 -19.74 -42.42
CA VAL C 414 -11.30 -18.45 -42.28
C VAL C 414 -12.78 -18.62 -42.61
N GLU C 415 -13.63 -18.32 -41.63
CA GLU C 415 -15.06 -18.43 -41.84
C GLU C 415 -15.54 -17.38 -42.84
N LYS C 416 -16.44 -17.79 -43.73
CA LYS C 416 -17.05 -16.87 -44.67
C LYS C 416 -18.37 -16.32 -44.14
N THR C 417 -19.18 -17.17 -43.52
CA THR C 417 -20.42 -16.76 -42.89
C THR C 417 -20.52 -17.39 -41.51
N ILE C 418 -21.05 -16.61 -40.56
CA ILE C 418 -21.33 -17.13 -39.23
C ILE C 418 -22.72 -16.76 -38.74
N ALA C 419 -23.39 -15.79 -39.34
CA ALA C 419 -24.63 -15.23 -38.81
C ALA C 419 -25.84 -15.95 -39.39
N PHE C 420 -26.97 -15.81 -38.69
CA PHE C 420 -28.23 -16.33 -39.20
C PHE C 420 -28.89 -15.35 -40.15
N GLN C 421 -28.62 -14.06 -40.02
CA GLN C 421 -29.23 -13.06 -40.87
C GLN C 421 -28.35 -12.76 -42.08
N GLU C 422 -28.96 -12.10 -43.06
CA GLU C 422 -28.26 -11.63 -44.25
C GLU C 422 -28.19 -10.11 -44.19
N PHE C 423 -27.00 -9.56 -44.39
CA PHE C 423 -26.84 -8.12 -44.46
C PHE C 423 -26.89 -7.59 -45.88
N SER C 424 -26.39 -8.37 -46.84
CA SER C 424 -26.40 -8.00 -48.24
C SER C 424 -27.51 -8.75 -48.97
N VAL C 425 -28.08 -8.10 -49.98
CA VAL C 425 -29.09 -8.74 -50.81
C VAL C 425 -28.54 -8.86 -52.23
N SER D 9 -59.05 0.76 36.08
CA SER D 9 -59.71 1.78 35.26
C SER D 9 -60.02 1.25 33.87
N THR D 10 -59.10 1.45 32.94
CA THR D 10 -59.29 1.05 31.56
C THR D 10 -58.80 -0.37 31.34
N VAL D 11 -59.58 -1.14 30.59
CA VAL D 11 -59.23 -2.52 30.23
C VAL D 11 -59.27 -2.62 28.72
N HIS D 12 -58.12 -2.87 28.10
CA HIS D 12 -58.02 -2.94 26.66
C HIS D 12 -58.42 -4.33 26.16
N ASP D 13 -58.57 -4.46 24.85
CA ASP D 13 -58.86 -5.75 24.25
C ASP D 13 -57.64 -6.66 24.30
N PHE D 14 -56.45 -6.10 24.06
CA PHE D 14 -55.22 -6.88 24.11
C PHE D 14 -54.06 -5.91 24.34
N VAL D 15 -52.97 -6.46 24.87
CA VAL D 15 -51.72 -5.73 25.03
C VAL D 15 -50.65 -6.42 24.20
N GLY D 16 -49.93 -5.64 23.40
CA GLY D 16 -48.81 -6.18 22.65
C GLY D 16 -47.51 -5.94 23.39
N ILE D 17 -46.78 -7.02 23.68
CA ILE D 17 -45.51 -6.94 24.39
C ILE D 17 -44.39 -7.04 23.37
N GLY D 18 -43.61 -5.97 23.24
CA GLY D 18 -42.62 -5.86 22.19
C GLY D 18 -43.21 -5.28 20.92
N LEU D 19 -42.38 -4.53 20.18
CA LEU D 19 -42.80 -3.89 18.93
C LEU D 19 -41.71 -4.11 17.88
N GLY D 20 -41.56 -5.37 17.46
CA GLY D 20 -40.78 -5.66 16.28
C GLY D 20 -41.69 -5.66 15.07
N PRO D 21 -41.19 -6.16 13.93
CA PRO D 21 -42.00 -6.13 12.71
C PRO D 21 -43.35 -6.83 12.86
N PHE D 22 -43.44 -7.87 13.70
CA PHE D 22 -44.68 -8.62 13.77
C PHE D 22 -45.75 -7.89 14.59
N ASN D 23 -45.39 -7.39 15.77
CA ASN D 23 -46.36 -6.64 16.56
C ASN D 23 -46.62 -5.26 15.96
N LEU D 24 -45.63 -4.65 15.32
CA LEU D 24 -45.88 -3.40 14.60
C LEU D 24 -46.85 -3.61 13.46
N GLY D 25 -46.72 -4.73 12.73
CA GLY D 25 -47.67 -5.04 11.69
C GLY D 25 -49.07 -5.26 12.24
N LEU D 26 -49.17 -5.93 13.38
CA LEU D 26 -50.46 -6.06 14.05
C LEU D 26 -51.01 -4.69 14.43
N ALA D 27 -50.13 -3.77 14.86
CA ALA D 27 -50.58 -2.43 15.22
C ALA D 27 -51.11 -1.69 14.00
N CYS D 28 -50.45 -1.82 12.85
CA CYS D 28 -50.91 -1.15 11.64
C CYS D 28 -52.22 -1.77 11.14
N LEU D 29 -52.40 -3.08 11.33
CA LEU D 29 -53.59 -3.75 10.82
C LEU D 29 -54.80 -3.56 11.73
N THR D 30 -54.59 -3.38 13.03
CA THR D 30 -55.68 -3.21 13.97
C THR D 30 -56.08 -1.76 14.17
N GLU D 31 -55.25 -0.81 13.76
CA GLU D 31 -55.59 0.61 13.94
C GLU D 31 -56.90 1.01 13.29
N PRO D 32 -57.22 0.62 12.06
CA PRO D 32 -58.53 1.00 11.49
C PRO D 32 -59.70 0.15 11.97
N ILE D 33 -59.47 -0.85 12.82
CA ILE D 33 -60.54 -1.70 13.33
C ILE D 33 -61.07 -1.05 14.60
N ASP D 34 -62.30 -0.52 14.53
CA ASP D 34 -62.85 0.25 15.64
C ASP D 34 -63.23 -0.64 16.81
N GLU D 35 -63.95 -1.74 16.55
CA GLU D 35 -64.39 -2.64 17.59
C GLU D 35 -63.26 -3.46 18.21
N LEU D 36 -62.01 -3.05 18.00
CA LEU D 36 -60.84 -3.76 18.50
C LEU D 36 -59.79 -2.71 18.86
N ASP D 37 -59.50 -2.55 20.14
CA ASP D 37 -58.58 -1.52 20.60
C ASP D 37 -57.55 -2.15 21.52
N GLY D 38 -56.27 -2.12 21.10
CA GLY D 38 -55.20 -2.65 21.90
C GLY D 38 -54.08 -1.63 22.08
N ILE D 39 -53.13 -1.99 22.92
CA ILE D 39 -51.97 -1.15 23.20
C ILE D 39 -50.71 -2.01 23.06
N PHE D 40 -49.61 -1.35 22.71
CA PHE D 40 -48.34 -2.02 22.50
C PHE D 40 -47.28 -1.40 23.39
N LEU D 41 -46.50 -2.23 24.06
CA LEU D 41 -45.44 -1.79 24.96
C LEU D 41 -44.10 -2.21 24.38
N GLU D 42 -43.17 -1.26 24.26
CA GLU D 42 -41.88 -1.49 23.63
C GLU D 42 -40.78 -0.91 24.51
N SER D 43 -39.73 -1.70 24.76
CA SER D 43 -38.68 -1.28 25.67
C SER D 43 -37.87 -0.11 25.10
N LYS D 44 -37.58 -0.14 23.80
CA LYS D 44 -36.74 0.89 23.20
C LYS D 44 -37.51 2.22 23.09
N PRO D 45 -36.79 3.34 23.09
CA PRO D 45 -37.48 4.64 22.93
C PRO D 45 -38.10 4.83 21.54
N ASP D 46 -37.70 4.03 20.56
CA ASP D 46 -38.30 4.06 19.23
C ASP D 46 -38.04 2.70 18.59
N PHE D 47 -38.71 2.46 17.46
CA PHE D 47 -38.48 1.23 16.72
C PHE D 47 -37.03 1.18 16.23
N GLU D 48 -36.43 0.00 16.30
CA GLU D 48 -35.08 -0.22 15.81
C GLU D 48 -34.93 -1.70 15.49
N TRP D 49 -34.46 -2.00 14.29
CA TRP D 49 -34.49 -3.36 13.73
C TRP D 49 -33.08 -3.81 13.35
N HIS D 50 -32.39 -4.44 14.30
CA HIS D 50 -31.09 -5.06 14.06
C HIS D 50 -30.09 -4.05 13.48
N ALA D 51 -29.98 -2.90 14.13
CA ALA D 51 -29.11 -1.83 13.64
C ALA D 51 -27.65 -2.28 13.57
N GLY D 52 -27.25 -3.22 14.43
CA GLY D 52 -25.89 -3.73 14.39
C GLY D 52 -25.54 -4.46 13.11
N MET D 53 -26.53 -4.81 12.29
CA MET D 53 -26.32 -5.48 11.01
C MET D 53 -26.64 -4.56 9.83
N PHE D 54 -26.54 -3.25 10.03
CA PHE D 54 -26.79 -2.28 8.97
C PHE D 54 -25.52 -2.08 8.11
N LEU D 55 -25.08 -3.17 7.49
CA LEU D 55 -23.94 -3.10 6.60
C LEU D 55 -24.31 -2.35 5.33
N ASP D 56 -23.32 -1.75 4.69
CA ASP D 56 -23.56 -1.02 3.46
C ASP D 56 -24.07 -1.95 2.37
N GLY D 57 -25.24 -1.62 1.81
CA GLY D 57 -25.86 -2.44 0.80
C GLY D 57 -26.71 -3.58 1.32
N ALA D 58 -26.79 -3.77 2.64
CA ALA D 58 -27.56 -4.88 3.18
C ALA D 58 -29.05 -4.69 2.90
N HIS D 59 -29.70 -5.78 2.49
CA HIS D 59 -31.09 -5.73 2.06
C HIS D 59 -31.85 -6.90 2.67
N LEU D 60 -33.18 -6.82 2.58
CA LEU D 60 -34.03 -7.91 3.05
C LEU D 60 -33.83 -9.15 2.18
N GLN D 61 -34.20 -10.30 2.74
CA GLN D 61 -34.23 -11.54 1.99
C GLN D 61 -35.60 -11.84 1.41
N THR D 62 -36.62 -11.04 1.74
CA THR D 62 -37.97 -11.21 1.23
C THR D 62 -38.40 -9.97 0.45
N PRO D 63 -39.24 -10.13 -0.57
CA PRO D 63 -39.66 -8.98 -1.38
C PRO D 63 -40.38 -7.92 -0.54
N PHE D 64 -40.55 -6.74 -1.14
CA PHE D 64 -41.12 -5.61 -0.42
C PHE D 64 -42.59 -5.84 -0.06
N MET D 65 -43.27 -6.79 -0.71
CA MET D 65 -44.64 -7.10 -0.33
C MET D 65 -44.74 -7.72 1.06
N SER D 66 -43.62 -8.22 1.59
CA SER D 66 -43.62 -8.77 2.94
C SER D 66 -43.51 -7.65 3.97
N ASP D 67 -44.06 -6.48 3.66
CA ASP D 67 -44.03 -5.37 4.60
C ASP D 67 -45.02 -5.61 5.74
N LEU D 68 -45.50 -4.54 6.36
CA LEU D 68 -46.30 -4.69 7.56
C LEU D 68 -47.76 -5.03 7.28
N VAL D 69 -48.27 -4.78 6.07
CA VAL D 69 -49.71 -4.86 5.85
C VAL D 69 -50.09 -5.47 4.51
N THR D 70 -49.21 -5.37 3.51
CA THR D 70 -49.63 -5.53 2.11
C THR D 70 -50.25 -6.89 1.85
N LEU D 71 -49.66 -7.96 2.37
CA LEU D 71 -50.21 -9.28 2.09
C LEU D 71 -51.57 -9.50 2.74
N ALA D 72 -52.00 -8.63 3.65
CA ALA D 72 -53.35 -8.67 4.22
C ALA D 72 -54.27 -7.60 3.63
N ASP D 73 -53.74 -6.41 3.36
CA ASP D 73 -54.53 -5.30 2.83
C ASP D 73 -53.63 -4.37 2.02
N PRO D 74 -53.56 -4.54 0.69
CA PRO D 74 -52.74 -3.63 -0.12
C PRO D 74 -53.19 -2.18 -0.09
N THR D 75 -54.40 -1.89 0.40
CA THR D 75 -54.90 -0.53 0.47
C THR D 75 -54.49 0.20 1.74
N SER D 76 -53.86 -0.48 2.69
CA SER D 76 -53.54 0.15 3.96
C SER D 76 -52.56 1.30 3.76
N PRO D 77 -52.74 2.43 4.47
CA PRO D 77 -51.82 3.55 4.30
C PRO D 77 -50.42 3.30 4.85
N TYR D 78 -50.18 2.16 5.50
CA TYR D 78 -48.89 1.84 6.07
C TYR D 78 -48.08 0.88 5.21
N SER D 79 -48.44 0.75 3.93
CA SER D 79 -47.68 -0.11 3.03
C SER D 79 -46.34 0.52 2.68
N PHE D 80 -45.40 -0.34 2.25
CA PHE D 80 -44.08 0.14 1.86
C PHE D 80 -44.16 1.09 0.66
N LEU D 81 -45.04 0.78 -0.30
CA LEU D 81 -45.18 1.63 -1.48
C LEU D 81 -45.76 2.99 -1.12
N ASN D 82 -46.71 3.03 -0.18
CA ASN D 82 -47.24 4.32 0.26
C ASN D 82 -46.18 5.11 1.03
N TYR D 83 -45.33 4.42 1.79
CA TYR D 83 -44.22 5.10 2.46
C TYR D 83 -43.28 5.75 1.44
N LEU D 84 -42.99 5.05 0.34
CA LEU D 84 -42.14 5.62 -0.70
C LEU D 84 -42.80 6.82 -1.37
N LYS D 85 -44.12 6.78 -1.53
CA LYS D 85 -44.83 7.91 -2.13
C LYS D 85 -44.69 9.17 -1.28
N GLU D 86 -44.87 9.02 0.04
CA GLU D 86 -44.80 10.18 0.92
C GLU D 86 -43.38 10.76 0.97
N LYS D 87 -42.37 9.90 0.89
CA LYS D 87 -40.98 10.35 0.92
C LYS D 87 -40.49 10.87 -0.44
N GLY D 88 -41.35 10.87 -1.46
CA GLY D 88 -40.92 11.30 -2.77
C GLY D 88 -39.92 10.37 -3.42
N ARG D 89 -40.02 9.07 -3.15
CA ARG D 89 -39.06 8.10 -3.65
C ARG D 89 -39.69 6.94 -4.40
N LEU D 90 -40.98 7.02 -4.74
CA LEU D 90 -41.65 5.88 -5.35
C LEU D 90 -41.19 5.67 -6.79
N TYR D 91 -41.05 6.75 -7.56
CA TYR D 91 -40.59 6.61 -8.94
C TYR D 91 -39.14 6.12 -9.00
N SER D 92 -38.31 6.60 -8.07
CA SER D 92 -36.93 6.11 -8.00
C SER D 92 -36.88 4.63 -7.68
N PHE D 93 -37.78 4.16 -6.79
CA PHE D 93 -37.85 2.74 -6.48
C PHE D 93 -38.36 1.95 -7.68
N TYR D 94 -39.31 2.53 -8.43
CA TYR D 94 -39.82 1.90 -9.65
C TYR D 94 -38.69 1.68 -10.65
N ILE D 95 -37.83 2.67 -10.83
CA ILE D 95 -36.70 2.52 -11.74
C ILE D 95 -35.69 1.52 -11.18
N ARG D 96 -35.50 1.52 -9.86
CA ARG D 96 -34.55 0.58 -9.25
C ARG D 96 -34.91 -0.85 -9.57
N GLU D 97 -36.21 -1.16 -9.67
CA GLU D 97 -36.70 -2.47 -10.10
C GLU D 97 -36.02 -3.60 -9.33
N ASN D 98 -36.00 -3.47 -8.01
CA ASN D 98 -35.46 -4.48 -7.12
C ASN D 98 -36.52 -4.80 -6.08
N PHE D 99 -36.80 -6.10 -5.90
CA PHE D 99 -37.84 -6.50 -4.97
C PHE D 99 -37.44 -6.31 -3.52
N TYR D 100 -36.15 -6.20 -3.23
CA TYR D 100 -35.67 -6.24 -1.85
C TYR D 100 -35.23 -4.86 -1.38
N PRO D 101 -35.94 -4.26 -0.43
CA PRO D 101 -35.46 -2.99 0.14
C PRO D 101 -34.20 -3.19 0.95
N LEU D 102 -33.42 -2.12 1.05
CA LEU D 102 -32.27 -2.12 1.95
C LEU D 102 -32.75 -2.10 3.41
N ARG D 103 -31.92 -2.65 4.30
CA ARG D 103 -32.33 -2.75 5.70
C ARG D 103 -32.48 -1.38 6.33
N VAL D 104 -31.56 -0.46 6.05
CA VAL D 104 -31.68 0.90 6.59
C VAL D 104 -32.93 1.57 6.08
N GLU D 105 -33.42 1.16 4.90
CA GLU D 105 -34.65 1.69 4.35
C GLU D 105 -35.87 1.05 5.01
N TYR D 106 -35.82 -0.26 5.24
CA TYR D 106 -36.93 -0.93 5.90
C TYR D 106 -37.06 -0.48 7.35
N ASP D 107 -35.92 -0.23 8.01
CA ASP D 107 -35.94 0.25 9.38
C ASP D 107 -36.54 1.65 9.48
N ASP D 108 -36.15 2.55 8.56
CA ASP D 108 -36.75 3.87 8.51
C ASP D 108 -38.23 3.80 8.14
N TYR D 109 -38.62 2.82 7.33
CA TYR D 109 -40.03 2.64 7.00
C TYR D 109 -40.84 2.22 8.21
N CYS D 110 -40.29 1.32 9.03
CA CYS D 110 -41.00 0.87 10.23
C CYS D 110 -41.12 2.00 11.25
N ARG D 111 -40.05 2.78 11.45
CA ARG D 111 -40.13 3.93 12.33
C ARG D 111 -41.17 4.93 11.83
N TRP D 112 -41.23 5.12 10.51
CA TRP D 112 -42.24 6.00 9.93
C TRP D 112 -43.66 5.49 10.21
N ALA D 113 -43.85 4.17 10.15
CA ALA D 113 -45.18 3.61 10.37
C ALA D 113 -45.57 3.70 11.84
N ALA D 114 -44.66 3.37 12.75
CA ALA D 114 -44.96 3.43 14.17
C ALA D 114 -45.28 4.85 14.61
N ASN D 115 -44.68 5.85 13.97
CA ASN D 115 -44.94 7.24 14.33
C ASN D 115 -46.36 7.67 13.95
N LYS D 116 -46.98 7.01 12.98
CA LYS D 116 -48.35 7.34 12.61
C LYS D 116 -49.39 6.70 13.53
N LEU D 117 -48.97 5.86 14.46
CA LEU D 117 -49.87 5.15 15.35
C LEU D 117 -49.80 5.74 16.75
N SER D 118 -50.96 5.79 17.42
CA SER D 118 -51.04 6.28 18.79
C SER D 118 -51.21 5.18 19.82
N SER D 119 -51.18 3.92 19.38
CA SER D 119 -51.41 2.77 20.26
C SER D 119 -50.12 2.16 20.79
N ILE D 120 -48.99 2.86 20.65
CA ILE D 120 -47.69 2.33 21.01
C ILE D 120 -47.12 3.16 22.17
N ARG D 121 -46.55 2.47 23.15
CA ARG D 121 -45.91 3.10 24.31
C ARG D 121 -44.43 2.71 24.28
N PHE D 122 -43.60 3.61 23.77
CA PHE D 122 -42.17 3.36 23.71
C PHE D 122 -41.52 3.58 25.09
N GLY D 123 -40.33 3.01 25.26
CA GLY D 123 -39.61 3.11 26.51
C GLY D 123 -40.35 2.46 27.66
N THR D 124 -40.87 1.26 27.45
CA THR D 124 -41.70 0.57 28.43
C THR D 124 -41.36 -0.92 28.39
N THR D 125 -40.73 -1.41 29.45
CA THR D 125 -40.30 -2.80 29.53
C THR D 125 -41.27 -3.58 30.40
N VAL D 126 -41.85 -4.65 29.84
CA VAL D 126 -42.72 -5.52 30.62
C VAL D 126 -41.88 -6.37 31.55
N THR D 127 -42.21 -6.33 32.86
CA THR D 127 -41.47 -7.06 33.87
C THR D 127 -42.29 -8.10 34.61
N GLU D 128 -43.62 -8.10 34.47
CA GLU D 128 -44.46 -9.04 35.20
C GLU D 128 -45.80 -9.14 34.50
N VAL D 129 -46.28 -10.36 34.30
CA VAL D 129 -47.61 -10.62 33.75
C VAL D 129 -48.35 -11.50 34.74
N ARG D 130 -49.53 -11.06 35.16
CA ARG D 130 -50.33 -11.78 36.12
C ARG D 130 -51.74 -11.98 35.57
N TYR D 131 -52.42 -13.01 36.06
CA TYR D 131 -53.80 -13.31 35.66
C TYR D 131 -54.70 -13.15 36.87
N GLU D 132 -55.50 -12.10 36.89
CA GLU D 132 -56.40 -11.79 38.00
C GLU D 132 -57.78 -11.42 37.46
N ASP D 133 -58.81 -12.08 37.97
CA ASP D 133 -60.21 -11.76 37.65
C ASP D 133 -60.47 -11.86 36.14
N ASP D 134 -59.97 -12.92 35.53
CA ASP D 134 -60.12 -13.17 34.09
C ASP D 134 -59.49 -12.05 33.25
N LEU D 135 -58.43 -11.44 33.78
CA LEU D 135 -57.71 -10.39 33.08
C LEU D 135 -56.21 -10.65 33.21
N TYR D 136 -55.47 -10.28 32.18
CA TYR D 136 -54.01 -10.34 32.23
C TYR D 136 -53.49 -8.97 32.67
N VAL D 137 -52.75 -8.96 33.78
CA VAL D 137 -52.26 -7.73 34.38
C VAL D 137 -50.79 -7.59 34.02
N VAL D 138 -50.47 -6.58 33.23
CA VAL D 138 -49.11 -6.36 32.75
C VAL D 138 -48.50 -5.22 33.55
N THR D 139 -47.35 -5.48 34.17
CA THR D 139 -46.63 -4.50 34.97
C THR D 139 -45.29 -4.20 34.32
N THR D 140 -44.95 -2.93 34.25
CA THR D 140 -43.71 -2.49 33.63
C THR D 140 -42.68 -2.12 34.71
N SER D 141 -41.44 -1.96 34.27
CA SER D 141 -40.35 -1.66 35.19
C SER D 141 -40.49 -0.28 35.83
N ALA D 142 -41.31 0.59 35.24
CA ALA D 142 -41.58 1.91 35.82
C ALA D 142 -42.77 1.91 36.77
N GLY D 143 -43.40 0.76 36.98
CA GLY D 143 -44.52 0.66 37.90
C GLY D 143 -45.89 0.82 37.28
N ASP D 144 -45.96 1.11 35.98
CA ASP D 144 -47.26 1.25 35.32
C ASP D 144 -47.89 -0.12 35.10
N VAL D 145 -49.22 -0.15 35.20
CA VAL D 145 -49.98 -1.40 35.15
C VAL D 145 -51.04 -1.29 34.06
N TYR D 146 -51.05 -2.26 33.15
CA TYR D 146 -52.06 -2.35 32.10
C TYR D 146 -52.82 -3.66 32.25
N ARG D 147 -54.09 -3.63 31.85
CA ARG D 147 -54.96 -4.79 31.95
C ARG D 147 -55.64 -5.04 30.61
N ALA D 148 -55.83 -6.32 30.27
CA ALA D 148 -56.52 -6.68 29.04
C ALA D 148 -56.98 -8.13 29.13
N ARG D 149 -57.78 -8.53 28.14
CA ARG D 149 -58.31 -9.88 28.09
C ARG D 149 -57.40 -10.84 27.33
N HIS D 150 -56.58 -10.33 26.42
CA HIS D 150 -55.64 -11.15 25.66
C HIS D 150 -54.29 -10.48 25.62
N LEU D 151 -53.26 -11.27 25.28
CA LEU D 151 -51.90 -10.77 25.14
C LEU D 151 -51.31 -11.27 23.83
N VAL D 152 -50.50 -10.44 23.19
CA VAL D 152 -49.77 -10.80 21.98
C VAL D 152 -48.29 -10.64 22.29
N LEU D 153 -47.58 -11.76 22.40
CA LEU D 153 -46.16 -11.77 22.75
C LEU D 153 -45.34 -11.61 21.47
N GLY D 154 -44.64 -10.48 21.36
CA GLY D 154 -43.77 -10.24 20.23
C GLY D 154 -42.41 -9.72 20.66
N THR D 155 -41.73 -10.49 21.52
CA THR D 155 -40.45 -10.09 22.07
C THR D 155 -39.27 -10.59 21.25
N GLY D 156 -39.51 -11.30 20.15
CA GLY D 156 -38.45 -11.72 19.27
C GLY D 156 -37.57 -12.81 19.88
N THR D 157 -36.44 -13.03 19.21
CA THR D 157 -35.48 -14.04 19.62
C THR D 157 -34.14 -13.38 19.91
N PRO D 158 -33.72 -13.30 21.18
CA PRO D 158 -32.46 -12.63 21.51
C PRO D 158 -31.26 -13.39 20.95
N PRO D 159 -30.10 -12.77 20.91
CA PRO D 159 -28.92 -13.44 20.35
C PRO D 159 -28.58 -14.72 21.12
N TYR D 160 -27.91 -15.64 20.43
CA TYR D 160 -27.45 -16.88 21.02
C TYR D 160 -25.95 -17.00 20.83
N ILE D 161 -25.25 -17.33 21.91
CA ILE D 161 -23.81 -17.60 21.86
C ILE D 161 -23.57 -18.99 22.44
N PRO D 162 -22.57 -19.72 21.95
CA PRO D 162 -22.27 -21.03 22.56
C PRO D 162 -21.87 -20.87 24.01
N GLU D 163 -22.28 -21.83 24.83
CA GLU D 163 -21.97 -21.77 26.27
C GLU D 163 -20.48 -21.78 26.53
N ALA D 164 -19.67 -22.23 25.57
CA ALA D 164 -18.22 -22.15 25.69
C ALA D 164 -17.70 -20.72 25.70
N CYS D 165 -18.54 -19.76 25.29
CA CYS D 165 -18.17 -18.35 25.30
C CYS D 165 -18.89 -17.56 26.39
N GLN D 166 -19.73 -18.21 27.20
CA GLN D 166 -20.40 -17.53 28.30
C GLN D 166 -19.37 -17.20 29.38
N GLY D 167 -19.28 -15.93 29.74
CA GLY D 167 -18.28 -15.49 30.69
C GLY D 167 -16.89 -15.27 30.10
N LEU D 168 -16.77 -15.29 28.78
CA LEU D 168 -15.47 -15.12 28.15
C LEU D 168 -14.96 -13.70 28.34
N ASP D 169 -13.66 -13.57 28.52
CA ASP D 169 -13.01 -12.26 28.66
C ASP D 169 -12.61 -11.72 27.29
N GLY D 170 -12.48 -10.40 27.23
CA GLY D 170 -12.03 -9.73 26.02
C GLY D 170 -13.15 -8.94 25.37
N ASP D 171 -12.87 -8.50 24.13
CA ASP D 171 -13.77 -7.63 23.39
C ASP D 171 -14.51 -8.36 22.27
N PHE D 172 -14.72 -9.67 22.43
CA PHE D 172 -15.50 -10.41 21.45
C PHE D 172 -16.93 -9.88 21.43
N ILE D 173 -17.58 -10.01 20.27
CA ILE D 173 -18.94 -9.51 20.09
C ILE D 173 -19.77 -10.55 19.34
N HIS D 174 -21.08 -10.48 19.56
CA HIS D 174 -22.05 -11.13 18.69
C HIS D 174 -22.30 -10.25 17.48
N ASN D 175 -22.74 -10.87 16.38
CA ASN D 175 -22.92 -10.12 15.12
C ASN D 175 -23.96 -9.02 15.26
N SER D 176 -24.84 -9.10 16.26
CA SER D 176 -25.86 -8.07 16.47
C SER D 176 -25.27 -6.72 16.85
N ARG D 177 -23.97 -6.64 17.15
CA ARG D 177 -23.30 -5.39 17.47
C ARG D 177 -22.08 -5.18 16.58
N TYR D 178 -22.14 -5.66 15.34
CA TYR D 178 -20.96 -5.66 14.49
C TYR D 178 -20.61 -4.25 14.02
N VAL D 179 -21.61 -3.48 13.58
CA VAL D 179 -21.33 -2.18 12.98
C VAL D 179 -20.65 -1.25 13.98
N GLN D 180 -21.11 -1.27 15.23
CA GLN D 180 -20.53 -0.41 16.26
C GLN D 180 -19.09 -0.79 16.60
N HIS D 181 -18.68 -2.03 16.33
CA HIS D 181 -17.35 -2.52 16.66
C HIS D 181 -16.49 -2.77 15.42
N ARG D 182 -16.92 -2.27 14.27
CA ARG D 182 -16.17 -2.51 13.04
C ARG D 182 -14.82 -1.79 13.06
N SER D 183 -14.81 -0.53 13.53
CA SER D 183 -13.58 0.25 13.52
C SER D 183 -12.48 -0.40 14.35
N GLU D 184 -12.86 -1.11 15.42
CA GLU D 184 -11.85 -1.78 16.25
C GLU D 184 -11.37 -3.08 15.62
N LEU D 185 -12.28 -3.83 14.97
CA LEU D 185 -11.89 -5.13 14.43
C LEU D 185 -10.88 -4.99 13.31
N VAL D 186 -11.08 -4.02 12.41
CA VAL D 186 -10.18 -3.85 11.27
C VAL D 186 -8.79 -3.39 11.68
N LYS D 187 -8.60 -2.99 12.93
CA LYS D 187 -7.28 -2.61 13.43
C LYS D 187 -6.51 -3.81 13.98
N LYS D 188 -7.16 -4.94 14.21
CA LYS D 188 -6.50 -6.10 14.77
C LYS D 188 -5.70 -6.84 13.71
N GLU D 189 -4.83 -7.74 14.16
CA GLU D 189 -3.99 -8.52 13.25
C GLU D 189 -4.69 -9.77 12.73
N SER D 190 -5.77 -10.20 13.37
CA SER D 190 -6.49 -11.39 12.93
C SER D 190 -7.93 -11.29 13.41
N ILE D 191 -8.86 -11.76 12.58
CA ILE D 191 -10.28 -11.78 12.89
C ILE D 191 -10.82 -13.16 12.58
N THR D 192 -11.62 -13.72 13.48
CA THR D 192 -12.25 -15.02 13.30
C THR D 192 -13.75 -14.86 13.44
N ILE D 193 -14.49 -15.39 12.47
CA ILE D 193 -15.95 -15.37 12.45
C ILE D 193 -16.44 -16.80 12.65
N VAL D 194 -17.31 -16.99 13.64
CA VAL D 194 -17.88 -18.30 13.96
C VAL D 194 -19.32 -18.33 13.47
N GLY D 195 -19.65 -19.34 12.68
CA GLY D 195 -20.97 -19.48 12.07
C GLY D 195 -20.92 -19.29 10.57
N SER D 196 -22.01 -19.69 9.93
CA SER D 196 -22.11 -19.58 8.47
C SER D 196 -23.53 -19.28 8.04
N GLY D 197 -24.24 -18.50 8.83
CA GLY D 197 -25.53 -17.98 8.42
C GLY D 197 -25.36 -16.79 7.47
N GLN D 198 -26.49 -16.14 7.18
CA GLN D 198 -26.46 -14.99 6.28
C GLN D 198 -25.63 -13.85 6.87
N SER D 199 -25.71 -13.66 8.19
CA SER D 199 -24.97 -12.57 8.82
C SER D 199 -23.46 -12.81 8.79
N ALA D 200 -23.04 -14.07 8.93
CA ALA D 200 -21.61 -14.38 8.87
C ALA D 200 -21.05 -14.08 7.48
N ALA D 201 -21.77 -14.48 6.43
CA ALA D 201 -21.30 -14.25 5.08
C ALA D 201 -21.24 -12.76 4.76
N GLU D 202 -22.23 -12.00 5.21
CA GLU D 202 -22.21 -10.55 4.99
C GLU D 202 -20.98 -9.93 5.64
N ILE D 203 -20.74 -10.26 6.92
CA ILE D 203 -19.56 -9.76 7.61
C ILE D 203 -18.29 -10.26 6.94
N TYR D 204 -18.27 -11.53 6.53
CA TYR D 204 -17.10 -12.07 5.85
C TYR D 204 -16.85 -11.34 4.54
N GLN D 205 -17.91 -11.12 3.75
CA GLN D 205 -17.77 -10.34 2.53
C GLN D 205 -17.27 -8.93 2.84
N ASP D 206 -17.79 -8.31 3.91
CA ASP D 206 -17.37 -6.98 4.30
C ASP D 206 -15.88 -6.95 4.64
N LEU D 207 -15.43 -7.84 5.53
CA LEU D 207 -14.04 -7.80 5.97
C LEU D 207 -13.08 -8.26 4.88
N LEU D 208 -13.53 -9.15 4.00
CA LEU D 208 -12.66 -9.62 2.93
C LEU D 208 -12.41 -8.52 1.90
N GLY D 209 -13.38 -7.64 1.69
CA GLY D 209 -13.21 -6.58 0.71
C GLY D 209 -12.11 -5.59 1.07
N GLU D 210 -11.88 -5.36 2.36
CA GLU D 210 -10.88 -4.42 2.83
C GLU D 210 -9.67 -5.13 3.44
N ILE D 211 -9.47 -6.41 3.11
CA ILE D 211 -8.37 -7.16 3.70
C ILE D 211 -7.01 -6.66 3.23
N ASP D 212 -6.97 -5.86 2.15
CA ASP D 212 -5.69 -5.35 1.65
C ASP D 212 -5.29 -4.07 2.36
N VAL D 213 -6.25 -3.17 2.62
CA VAL D 213 -5.91 -1.89 3.24
C VAL D 213 -5.64 -2.00 4.73
N HIS D 214 -5.98 -3.13 5.35
CA HIS D 214 -5.75 -3.32 6.78
C HIS D 214 -4.71 -4.38 7.10
N GLY D 215 -4.59 -5.41 6.27
CA GLY D 215 -3.62 -6.46 6.51
C GLY D 215 -3.84 -7.23 7.79
N TYR D 216 -4.99 -7.89 7.91
CA TYR D 216 -5.26 -8.82 9.00
C TYR D 216 -5.51 -10.20 8.41
N ARG D 217 -5.67 -11.18 9.30
CA ARG D 217 -6.07 -12.52 8.90
C ARG D 217 -7.56 -12.70 9.16
N LEU D 218 -8.25 -13.29 8.19
CA LEU D 218 -9.69 -13.49 8.25
C LEU D 218 -9.99 -14.99 8.28
N ASN D 219 -10.59 -15.45 9.38
CA ASN D 219 -10.94 -16.84 9.54
C ASN D 219 -12.47 -16.98 9.59
N TRP D 220 -12.99 -17.89 8.77
CA TRP D 220 -14.42 -18.21 8.74
C TRP D 220 -14.59 -19.67 9.09
N VAL D 221 -15.06 -19.94 10.30
CA VAL D 221 -15.20 -21.31 10.82
C VAL D 221 -16.65 -21.53 11.22
N THR D 222 -17.18 -22.70 10.86
CA THR D 222 -18.59 -22.99 11.11
C THR D 222 -18.79 -24.47 11.39
N ARG D 223 -19.86 -24.77 12.13
CA ARG D 223 -20.22 -26.14 12.46
C ARG D 223 -21.03 -26.82 11.37
N SER D 224 -21.62 -26.06 10.47
CA SER D 224 -22.43 -26.65 9.40
C SER D 224 -21.55 -27.47 8.46
N PRO D 225 -22.10 -28.50 7.82
CA PRO D 225 -21.29 -29.32 6.91
C PRO D 225 -20.81 -28.57 5.69
N ARG D 226 -21.58 -27.57 5.23
CA ARG D 226 -21.20 -26.77 4.06
C ARG D 226 -21.62 -25.32 4.31
N PHE D 227 -21.15 -24.44 3.43
CA PHE D 227 -21.70 -23.09 3.32
C PHE D 227 -22.94 -23.15 2.44
N PHE D 228 -23.97 -23.81 2.96
CA PHE D 228 -25.12 -24.15 2.12
C PHE D 228 -25.96 -22.90 1.83
N PRO D 229 -26.53 -22.80 0.63
CA PRO D 229 -27.34 -21.62 0.29
C PRO D 229 -28.77 -21.76 0.79
N LEU D 230 -29.43 -20.61 0.89
CA LEU D 230 -30.84 -20.56 1.19
C LEU D 230 -31.64 -21.14 0.04
N GLU D 231 -32.36 -22.23 0.28
CA GLU D 231 -33.16 -22.89 -0.75
C GLU D 231 -34.33 -21.99 -1.11
N TYR D 232 -34.19 -21.24 -2.21
CA TYR D 232 -35.12 -20.18 -2.56
C TYR D 232 -35.93 -20.50 -3.81
N THR D 233 -35.90 -21.74 -4.29
CA THR D 233 -36.64 -22.11 -5.49
C THR D 233 -38.15 -22.10 -5.21
N LYS D 234 -38.91 -21.81 -6.27
CA LYS D 234 -40.32 -21.43 -6.09
C LYS D 234 -41.17 -22.59 -5.63
N LEU D 235 -40.89 -23.81 -6.09
CA LEU D 235 -41.61 -24.97 -5.59
C LEU D 235 -41.34 -25.22 -4.11
N THR D 236 -40.20 -24.73 -3.60
CA THR D 236 -39.92 -24.83 -2.17
C THR D 236 -40.55 -23.66 -1.42
N LEU D 237 -40.59 -22.48 -2.03
CA LEU D 237 -41.26 -21.34 -1.42
C LEU D 237 -42.73 -21.60 -1.15
N GLU D 238 -43.33 -22.56 -1.88
CA GLU D 238 -44.72 -22.94 -1.64
C GLU D 238 -44.93 -23.60 -0.28
N MET D 239 -43.86 -23.98 0.41
CA MET D 239 -43.99 -24.47 1.78
C MET D 239 -44.18 -23.34 2.78
N THR D 240 -43.94 -22.09 2.37
CA THR D 240 -44.32 -20.91 3.15
C THR D 240 -45.75 -20.53 2.77
N SER D 241 -46.69 -21.36 3.23
CA SER D 241 -48.06 -21.28 2.77
C SER D 241 -48.99 -21.71 3.91
N PRO D 242 -50.28 -21.34 3.85
CA PRO D 242 -51.21 -21.83 4.87
C PRO D 242 -51.42 -23.34 4.82
N GLU D 243 -51.52 -23.91 3.62
CA GLU D 243 -51.81 -25.34 3.53
C GLU D 243 -50.66 -26.19 4.08
N TYR D 244 -49.42 -25.71 3.97
CA TYR D 244 -48.32 -26.46 4.56
C TYR D 244 -48.35 -26.38 6.08
N ILE D 245 -48.64 -25.19 6.62
CA ILE D 245 -48.74 -25.06 8.08
C ILE D 245 -49.86 -25.94 8.61
N ASP D 246 -50.96 -26.03 7.85
CA ASP D 246 -52.03 -26.97 8.21
C ASP D 246 -51.50 -28.40 8.29
N TYR D 247 -50.75 -28.81 7.26
CA TYR D 247 -50.23 -30.17 7.22
C TYR D 247 -49.12 -30.37 8.25
N TYR D 248 -48.26 -29.37 8.42
CA TYR D 248 -47.13 -29.50 9.35
C TYR D 248 -47.60 -29.56 10.80
N ARG D 249 -48.58 -28.72 11.16
CA ARG D 249 -49.05 -28.68 12.55
C ARG D 249 -49.75 -29.98 12.94
N GLU D 250 -50.40 -30.66 11.98
CA GLU D 250 -51.07 -31.91 12.27
C GLU D 250 -50.13 -33.10 12.39
N LEU D 251 -48.85 -32.92 12.07
CA LEU D 251 -47.90 -34.01 12.17
C LEU D 251 -47.60 -34.30 13.65
N PRO D 252 -47.22 -35.54 13.98
CA PRO D 252 -46.84 -35.86 15.36
C PRO D 252 -45.66 -35.00 15.81
N GLU D 253 -45.61 -34.72 17.11
CA GLU D 253 -44.58 -33.85 17.66
C GLU D 253 -43.19 -34.36 17.36
N ALA D 254 -43.00 -35.69 17.35
CA ALA D 254 -41.68 -36.24 17.07
C ALA D 254 -41.27 -35.99 15.62
N THR D 255 -42.23 -36.03 14.70
CA THR D 255 -41.93 -35.76 13.30
C THR D 255 -41.61 -34.29 13.06
N ARG D 256 -42.27 -33.39 13.80
CA ARG D 256 -42.01 -31.96 13.62
C ARG D 256 -40.61 -31.60 14.11
N TYR D 257 -40.18 -32.17 15.24
CA TYR D 257 -38.84 -31.87 15.75
C TYR D 257 -37.75 -32.50 14.89
N ARG D 258 -38.00 -33.69 14.32
CA ARG D 258 -37.04 -34.26 13.39
C ARG D 258 -36.96 -33.44 12.11
N LEU D 259 -38.07 -32.86 11.68
CA LEU D 259 -38.06 -32.04 10.46
C LEU D 259 -37.27 -30.75 10.68
N THR D 260 -37.41 -30.13 11.86
CA THR D 260 -36.71 -28.89 12.13
C THR D 260 -35.19 -29.06 12.06
N ALA D 261 -34.70 -30.25 12.43
CA ALA D 261 -33.27 -30.53 12.29
C ALA D 261 -32.83 -30.57 10.83
N GLU D 262 -33.73 -30.86 9.90
CA GLU D 262 -33.40 -31.01 8.49
C GLU D 262 -33.93 -29.89 7.62
N GLN D 263 -34.65 -28.92 8.19
CA GLN D 263 -35.27 -27.85 7.41
C GLN D 263 -34.58 -26.51 7.59
N LYS D 264 -33.41 -26.49 8.24
CA LYS D 264 -32.69 -25.24 8.44
C LYS D 264 -32.23 -24.61 7.12
N GLY D 265 -32.06 -25.42 6.07
CA GLY D 265 -31.71 -24.87 4.77
C GLY D 265 -32.85 -24.16 4.08
N LEU D 266 -34.05 -24.20 4.63
CA LEU D 266 -35.20 -23.54 4.01
C LEU D 266 -35.41 -22.12 4.48
N PHE D 267 -34.93 -21.77 5.68
CA PHE D 267 -35.09 -20.41 6.19
C PHE D 267 -33.81 -19.78 6.73
N LYS D 268 -32.72 -20.54 6.86
CA LYS D 268 -31.43 -20.02 7.25
C LYS D 268 -30.46 -20.15 6.07
N GLY D 269 -29.17 -20.35 6.36
CA GLY D 269 -28.23 -20.41 5.27
C GLY D 269 -27.91 -19.03 4.71
N ILE D 270 -27.21 -19.06 3.58
CA ILE D 270 -26.68 -17.85 2.95
C ILE D 270 -27.42 -17.63 1.63
N ASP D 271 -27.66 -16.35 1.30
CA ASP D 271 -28.18 -16.01 0.00
C ASP D 271 -27.25 -16.54 -1.10
N GLY D 272 -27.84 -17.20 -2.10
CA GLY D 272 -27.04 -17.84 -3.12
C GLY D 272 -26.13 -16.88 -3.87
N ASP D 273 -26.61 -15.65 -4.10
CA ASP D 273 -25.78 -14.67 -4.80
C ASP D 273 -24.63 -14.19 -3.94
N LEU D 274 -24.81 -14.15 -2.61
CA LEU D 274 -23.73 -13.74 -1.73
C LEU D 274 -22.59 -14.77 -1.73
N ILE D 275 -22.94 -16.06 -1.73
CA ILE D 275 -21.91 -17.10 -1.84
C ILE D 275 -21.10 -16.92 -3.11
N ASN D 276 -21.77 -16.63 -4.21
CA ASN D 276 -21.07 -16.50 -5.49
C ASN D 276 -20.22 -15.24 -5.54
N GLU D 277 -20.70 -14.16 -4.91
CA GLU D 277 -19.89 -12.94 -4.85
C GLU D 277 -18.65 -13.14 -3.98
N ILE D 278 -18.78 -13.94 -2.92
CA ILE D 278 -17.64 -14.22 -2.04
C ILE D 278 -16.57 -15.01 -2.79
N PHE D 279 -16.98 -16.02 -3.56
CA PHE D 279 -16.02 -16.77 -4.37
C PHE D 279 -15.35 -15.87 -5.40
N ASP D 280 -16.14 -15.06 -6.11
CA ASP D 280 -15.58 -14.15 -7.10
C ASP D 280 -14.58 -13.19 -6.48
N LEU D 281 -14.90 -12.68 -5.28
CA LEU D 281 -13.95 -11.81 -4.59
C LEU D 281 -12.69 -12.56 -4.22
N LEU D 282 -12.83 -13.79 -3.70
CA LEU D 282 -11.66 -14.61 -3.39
C LEU D 282 -10.81 -14.84 -4.64
N TYR D 283 -11.46 -15.13 -5.77
CA TYR D 283 -10.72 -15.32 -7.01
C TYR D 283 -9.99 -14.04 -7.42
N GLN D 284 -10.67 -12.89 -7.27
CA GLN D 284 -10.07 -11.62 -7.68
C GLN D 284 -8.86 -11.28 -6.84
N LYS D 285 -8.97 -11.41 -5.52
CA LYS D 285 -7.85 -11.08 -4.65
C LYS D 285 -6.67 -12.01 -4.86
N ASN D 286 -6.94 -13.28 -5.15
CA ASN D 286 -5.87 -14.25 -5.31
C ASN D 286 -5.04 -14.03 -6.57
N LEU D 287 -5.45 -13.14 -7.46
CA LEU D 287 -4.62 -12.83 -8.62
C LEU D 287 -3.37 -12.05 -8.24
N ALA D 288 -3.44 -11.25 -7.19
CA ALA D 288 -2.30 -10.46 -6.72
C ALA D 288 -1.45 -11.19 -5.70
N GLY D 289 -1.74 -12.47 -5.42
CA GLY D 289 -1.00 -13.23 -4.44
C GLY D 289 -1.91 -13.97 -3.50
N PRO D 290 -1.32 -14.81 -2.63
CA PRO D 290 -2.14 -15.59 -1.69
C PRO D 290 -2.92 -14.68 -0.76
N VAL D 291 -4.17 -15.04 -0.49
CA VAL D 291 -5.05 -14.28 0.38
C VAL D 291 -4.96 -14.87 1.78
N PRO D 292 -4.66 -14.07 2.81
CA PRO D 292 -4.52 -14.61 4.17
C PRO D 292 -5.87 -14.88 4.82
N THR D 293 -6.59 -15.86 4.28
CA THR D 293 -7.91 -16.21 4.77
C THR D 293 -8.05 -17.73 4.85
N ARG D 294 -8.87 -18.19 5.79
CA ARG D 294 -9.17 -19.59 5.97
C ARG D 294 -10.68 -19.78 6.06
N LEU D 295 -11.18 -20.85 5.44
CA LEU D 295 -12.59 -21.20 5.48
C LEU D 295 -12.70 -22.67 5.86
N LEU D 296 -13.30 -22.94 7.02
CA LEU D 296 -13.40 -24.30 7.54
C LEU D 296 -14.85 -24.64 7.83
N THR D 297 -15.22 -25.88 7.56
CA THR D 297 -16.55 -26.40 7.83
C THR D 297 -16.45 -27.52 8.86
N ASN D 298 -17.62 -28.03 9.28
CA ASN D 298 -17.71 -29.19 10.17
C ASN D 298 -16.91 -29.00 11.46
N SER D 299 -16.70 -27.76 11.87
CA SER D 299 -15.85 -27.44 13.03
C SER D 299 -16.67 -26.69 14.07
N SER D 300 -16.83 -27.30 15.23
CA SER D 300 -17.61 -26.72 16.32
C SER D 300 -16.69 -26.10 17.35
N LEU D 301 -16.96 -24.85 17.70
CA LEU D 301 -16.19 -24.17 18.75
C LEU D 301 -16.57 -24.74 20.11
N ASN D 302 -15.62 -25.38 20.77
CA ASN D 302 -15.88 -26.09 22.02
C ASN D 302 -15.39 -25.37 23.27
N SER D 303 -14.40 -24.49 23.15
CA SER D 303 -13.92 -23.71 24.28
C SER D 303 -13.09 -22.55 23.74
N ALA D 304 -12.98 -21.49 24.55
CA ALA D 304 -12.26 -20.29 24.15
C ALA D 304 -11.69 -19.61 25.38
N ARG D 305 -10.45 -19.13 25.26
CA ARG D 305 -9.76 -18.43 26.33
C ARG D 305 -9.15 -17.14 25.79
N HIS D 306 -8.96 -16.16 26.67
CA HIS D 306 -8.41 -14.87 26.30
C HIS D 306 -7.12 -14.60 27.06
N GLU D 307 -6.21 -13.88 26.41
CA GLU D 307 -4.93 -13.51 26.98
C GLU D 307 -4.22 -12.56 26.03
N ASN D 308 -3.65 -11.48 26.58
CA ASN D 308 -2.84 -10.52 25.83
C ASN D 308 -3.63 -9.90 24.67
N GLY D 309 -4.94 -9.73 24.84
CA GLY D 309 -5.77 -9.26 23.75
C GLY D 309 -5.88 -10.23 22.60
N THR D 310 -5.75 -11.53 22.88
CA THR D 310 -5.75 -12.56 21.84
C THR D 310 -6.57 -13.75 22.32
N TYR D 311 -7.35 -14.33 21.41
CA TYR D 311 -8.20 -15.46 21.72
C TYR D 311 -7.56 -16.76 21.25
N THR D 312 -7.64 -17.79 22.08
CA THR D 312 -7.27 -19.15 21.72
C THR D 312 -8.56 -19.96 21.64
N LEU D 313 -9.00 -20.25 20.43
CA LEU D 313 -10.26 -20.94 20.19
C LEU D 313 -10.00 -22.40 19.87
N ALA D 314 -10.66 -23.29 20.60
CA ALA D 314 -10.51 -24.73 20.42
C ALA D 314 -11.72 -25.27 19.64
N PHE D 315 -11.47 -25.75 18.43
CA PHE D 315 -12.50 -26.36 17.59
C PHE D 315 -12.29 -27.87 17.53
N ARG D 316 -13.35 -28.57 17.10
CA ARG D 316 -13.27 -29.98 16.78
C ARG D 316 -13.92 -30.21 15.43
N GLN D 317 -13.15 -30.74 14.47
CA GLN D 317 -13.72 -31.17 13.20
C GLN D 317 -14.54 -32.43 13.45
N GLU D 318 -15.85 -32.26 13.69
CA GLU D 318 -16.67 -33.37 14.16
C GLU D 318 -16.74 -34.50 13.15
N GLU D 319 -16.65 -34.19 11.85
CA GLU D 319 -16.72 -35.24 10.84
C GLU D 319 -15.41 -36.02 10.75
N GLN D 320 -14.29 -35.31 10.69
CA GLN D 320 -12.99 -35.96 10.68
C GLN D 320 -12.63 -36.58 12.03
N GLY D 321 -13.19 -36.05 13.10
CA GLY D 321 -12.84 -36.55 14.43
C GLY D 321 -11.50 -36.06 14.94
N LYS D 322 -11.16 -34.81 14.69
CA LYS D 322 -9.87 -34.25 15.09
C LYS D 322 -10.07 -32.88 15.71
N ASP D 323 -9.20 -32.54 16.66
CA ASP D 323 -9.23 -31.26 17.35
C ASP D 323 -8.14 -30.35 16.80
N PHE D 324 -8.42 -29.05 16.80
CA PHE D 324 -7.43 -28.06 16.39
C PHE D 324 -7.77 -26.73 17.07
N GLU D 325 -6.79 -25.83 17.07
CA GLU D 325 -6.92 -24.54 17.71
C GLU D 325 -6.59 -23.42 16.73
N ILE D 326 -7.19 -22.26 16.95
CA ILE D 326 -6.96 -21.08 16.13
C ILE D 326 -6.74 -19.88 17.04
N GLU D 327 -5.66 -19.15 16.81
CA GLU D 327 -5.33 -17.94 17.56
C GLU D 327 -5.75 -16.73 16.76
N SER D 328 -6.51 -15.82 17.38
CA SER D 328 -7.00 -14.65 16.68
C SER D 328 -7.36 -13.56 17.69
N GLN D 329 -7.01 -12.32 17.35
CA GLN D 329 -7.32 -11.19 18.22
C GLN D 329 -8.78 -10.78 18.16
N GLY D 330 -9.41 -10.90 17.00
CA GLY D 330 -10.80 -10.55 16.82
C GLY D 330 -11.68 -11.80 16.80
N LEU D 331 -12.85 -11.70 17.43
CA LEU D 331 -13.79 -12.81 17.51
C LEU D 331 -15.20 -12.27 17.30
N VAL D 332 -15.82 -12.65 16.19
CA VAL D 332 -17.20 -12.30 15.89
C VAL D 332 -18.02 -13.59 15.96
N LEU D 333 -18.97 -13.62 16.89
CA LEU D 333 -19.83 -14.79 17.08
C LEU D 333 -21.10 -14.57 16.29
N ALA D 334 -21.11 -15.03 15.04
CA ALA D 334 -22.32 -15.05 14.22
C ALA D 334 -23.08 -16.35 14.41
N THR D 335 -23.38 -16.67 15.67
CA THR D 335 -23.92 -17.96 16.05
C THR D 335 -25.44 -17.98 16.11
N GLY D 336 -26.10 -16.93 15.64
CA GLY D 336 -27.53 -16.95 15.46
C GLY D 336 -28.30 -16.43 16.66
N TYR D 337 -29.59 -16.80 16.69
CA TYR D 337 -30.53 -16.35 17.71
C TYR D 337 -31.34 -17.54 18.20
N LYS D 338 -31.87 -17.42 19.41
CA LYS D 338 -32.62 -18.50 20.02
C LYS D 338 -33.61 -17.91 21.02
N TYR D 339 -34.84 -18.42 20.99
CA TYR D 339 -35.88 -17.94 21.89
C TYR D 339 -35.74 -18.58 23.27
N ALA D 340 -35.98 -17.78 24.30
CA ALA D 340 -36.07 -18.26 25.67
C ALA D 340 -37.30 -17.66 26.30
N GLU D 341 -38.01 -18.45 27.10
CA GLU D 341 -39.25 -17.99 27.69
C GLU D 341 -38.98 -16.79 28.59
N PRO D 342 -39.67 -15.67 28.39
CA PRO D 342 -39.37 -14.48 29.19
C PRO D 342 -39.77 -14.68 30.65
N GLU D 343 -39.00 -14.04 31.53
CA GLU D 343 -39.23 -14.20 32.96
C GLU D 343 -40.52 -13.53 33.41
N PHE D 344 -41.06 -12.57 32.64
CA PHE D 344 -42.30 -11.93 33.06
C PHE D 344 -43.52 -12.84 32.90
N LEU D 345 -43.35 -14.03 32.31
CA LEU D 345 -44.42 -14.99 32.16
C LEU D 345 -44.47 -16.01 33.30
N ALA D 346 -43.62 -15.86 34.32
CA ALA D 346 -43.60 -16.82 35.42
C ALA D 346 -44.91 -16.85 36.22
N PRO D 347 -45.52 -15.72 36.60
CA PRO D 347 -46.76 -15.80 37.39
C PRO D 347 -47.93 -16.43 36.65
N VAL D 348 -47.90 -16.46 35.32
CA VAL D 348 -48.97 -17.06 34.53
C VAL D 348 -48.53 -18.38 33.91
N LYS D 349 -47.42 -18.94 34.39
CA LYS D 349 -46.87 -20.14 33.78
C LYS D 349 -47.84 -21.32 33.85
N ASP D 350 -48.70 -21.36 34.87
CA ASP D 350 -49.65 -22.46 35.00
C ASP D 350 -50.78 -22.40 33.98
N ARG D 351 -50.93 -21.28 33.28
CA ARG D 351 -51.98 -21.14 32.28
C ARG D 351 -51.47 -21.38 30.86
N LEU D 352 -50.18 -21.66 30.69
CA LEU D 352 -49.59 -21.83 29.37
C LEU D 352 -49.34 -23.30 29.09
N VAL D 353 -49.61 -23.72 27.86
CA VAL D 353 -49.48 -25.10 27.44
C VAL D 353 -48.06 -25.34 26.92
N TYR D 354 -47.50 -26.49 27.27
CA TYR D 354 -46.16 -26.87 26.85
C TYR D 354 -46.20 -28.24 26.19
N ASP D 355 -45.22 -28.49 25.32
CA ASP D 355 -45.10 -29.78 24.65
C ASP D 355 -44.11 -30.67 25.41
N SER D 356 -43.91 -31.88 24.89
CA SER D 356 -43.06 -32.85 25.57
C SER D 356 -41.58 -32.48 25.58
N GLN D 357 -41.21 -31.34 24.99
CA GLN D 357 -39.82 -30.90 24.97
C GLN D 357 -39.59 -29.63 25.78
N GLY D 358 -40.61 -29.16 26.51
CA GLY D 358 -40.48 -27.98 27.32
C GLY D 358 -40.79 -26.67 26.63
N ASN D 359 -41.14 -26.70 25.34
CA ASN D 359 -41.46 -25.50 24.58
C ASN D 359 -42.98 -25.34 24.47
N PHE D 360 -43.39 -24.14 24.05
CA PHE D 360 -44.81 -23.84 23.92
C PHE D 360 -45.43 -24.71 22.83
N ASP D 361 -46.50 -25.43 23.18
CA ASP D 361 -47.27 -26.20 22.21
C ASP D 361 -48.26 -25.27 21.51
N VAL D 362 -47.71 -24.42 20.63
CA VAL D 362 -48.50 -23.38 20.00
C VAL D 362 -49.59 -24.00 19.15
N SER D 363 -50.82 -23.49 19.31
CA SER D 363 -51.95 -23.99 18.54
C SER D 363 -51.77 -23.67 17.05
N ARG D 364 -52.72 -24.13 16.24
CA ARG D 364 -52.76 -23.69 14.85
C ARG D 364 -53.07 -22.21 14.76
N ALA D 365 -53.91 -21.70 15.66
CA ALA D 365 -54.29 -20.30 15.70
C ALA D 365 -53.33 -19.45 16.52
N TYR D 366 -52.10 -19.92 16.74
CA TYR D 366 -51.03 -19.15 17.36
C TYR D 366 -51.31 -18.80 18.82
N ALA D 367 -51.99 -19.69 19.54
CA ALA D 367 -52.27 -19.50 20.95
C ALA D 367 -51.44 -20.48 21.78
N ILE D 368 -51.06 -20.04 22.99
CA ILE D 368 -50.15 -20.81 23.82
C ILE D 368 -50.71 -21.00 25.23
N ASP D 369 -51.96 -20.61 25.45
CA ASP D 369 -52.58 -20.74 26.77
C ASP D 369 -53.64 -21.82 26.76
N VAL D 370 -54.14 -22.13 27.96
CA VAL D 370 -55.05 -23.27 28.13
C VAL D 370 -56.38 -23.03 27.43
N THR D 371 -56.85 -21.78 27.39
CA THR D 371 -58.13 -21.50 26.74
C THR D 371 -58.06 -21.69 25.24
N GLY D 372 -56.87 -21.56 24.65
CA GLY D 372 -56.72 -21.67 23.22
C GLY D 372 -56.91 -20.38 22.46
N ARG D 373 -57.10 -19.25 23.15
CA ARG D 373 -57.26 -17.96 22.49
C ARG D 373 -57.08 -16.81 23.47
N GLY D 374 -56.13 -16.95 24.39
CA GLY D 374 -55.88 -15.91 25.38
C GLY D 374 -54.51 -15.27 25.25
N VAL D 375 -53.49 -16.07 25.00
CA VAL D 375 -52.12 -15.59 24.83
C VAL D 375 -51.64 -16.04 23.45
N PHE D 376 -51.23 -15.07 22.62
CA PHE D 376 -50.78 -15.34 21.27
C PHE D 376 -49.29 -15.08 21.17
N LEU D 377 -48.62 -15.91 20.36
CA LEU D 377 -47.17 -15.90 20.25
C LEU D 377 -46.76 -15.54 18.83
N GLN D 378 -46.07 -14.41 18.68
CA GLN D 378 -45.42 -14.05 17.42
C GLN D 378 -44.03 -14.67 17.41
N ASN D 379 -43.68 -15.30 16.28
CA ASN D 379 -42.38 -15.96 16.12
C ASN D 379 -42.22 -17.10 17.14
N ALA D 380 -41.02 -17.64 17.26
CA ALA D 380 -40.67 -18.66 18.25
C ALA D 380 -41.54 -19.91 18.13
N GLY D 381 -42.07 -20.18 16.94
CA GLY D 381 -42.92 -21.33 16.74
C GLY D 381 -42.51 -22.20 15.57
N VAL D 382 -41.21 -22.40 15.39
CA VAL D 382 -40.73 -23.22 14.28
C VAL D 382 -41.14 -24.67 14.45
N HIS D 383 -41.17 -25.16 15.70
CA HIS D 383 -41.55 -26.54 15.95
C HIS D 383 -43.04 -26.82 15.72
N THR D 384 -43.86 -25.77 15.58
CA THR D 384 -45.29 -25.93 15.34
C THR D 384 -45.75 -25.35 14.01
N HIS D 385 -45.05 -24.35 13.46
CA HIS D 385 -45.43 -23.74 12.20
C HIS D 385 -44.30 -23.73 11.18
N SER D 386 -43.23 -24.49 11.42
CA SER D 386 -42.13 -24.69 10.46
C SER D 386 -41.51 -23.34 10.10
N ILE D 387 -40.97 -23.23 8.88
CA ILE D 387 -40.17 -22.07 8.48
C ILE D 387 -40.97 -20.78 8.41
N THR D 388 -42.29 -20.83 8.51
CA THR D 388 -43.11 -19.63 8.42
C THR D 388 -43.10 -18.80 9.70
N SER D 389 -42.58 -19.34 10.81
CA SER D 389 -42.69 -18.65 12.09
C SER D 389 -41.91 -17.33 12.12
N PRO D 390 -40.63 -17.28 11.70
CA PRO D 390 -39.93 -15.99 11.73
C PRO D 390 -39.96 -15.26 10.39
N ASP D 391 -40.86 -15.67 9.50
CA ASP D 391 -40.87 -15.14 8.14
C ASP D 391 -41.64 -13.83 8.07
N LEU D 392 -40.98 -12.79 7.56
CA LEU D 392 -41.67 -11.51 7.36
C LEU D 392 -42.80 -11.65 6.36
N GLY D 393 -42.71 -12.60 5.44
CA GLY D 393 -43.76 -12.84 4.46
C GLY D 393 -44.99 -13.54 4.99
N MET D 394 -44.97 -13.97 6.25
CA MET D 394 -46.14 -14.57 6.89
C MET D 394 -46.60 -13.77 8.10
N GLY D 395 -46.02 -12.59 8.34
CA GLY D 395 -46.44 -11.79 9.48
C GLY D 395 -47.86 -11.26 9.34
N ALA D 396 -48.22 -10.80 8.14
CA ALA D 396 -49.58 -10.33 7.90
C ALA D 396 -50.59 -11.47 7.95
N TYR D 397 -50.20 -12.66 7.49
CA TYR D 397 -51.10 -13.81 7.59
C TYR D 397 -51.33 -14.18 9.05
N ARG D 398 -50.26 -14.31 9.83
CA ARG D 398 -50.41 -14.65 11.23
C ARG D 398 -51.22 -13.58 11.97
N ASN D 399 -50.94 -12.31 11.70
CA ASN D 399 -51.72 -11.24 12.32
C ASN D 399 -53.17 -11.28 11.87
N SER D 400 -53.44 -11.82 10.68
CA SER D 400 -54.82 -11.98 10.24
C SER D 400 -55.53 -13.03 11.06
N CYS D 401 -54.87 -14.16 11.32
CA CYS D 401 -55.47 -15.20 12.16
C CYS D 401 -55.66 -14.71 13.59
N ILE D 402 -54.71 -13.92 14.09
CA ILE D 402 -54.84 -13.38 15.45
C ILE D 402 -55.98 -12.38 15.53
N ILE D 403 -56.12 -11.54 14.50
CA ILE D 403 -57.26 -10.62 14.45
C ILE D 403 -58.57 -11.38 14.35
N ARG D 404 -58.58 -12.47 13.58
CA ARG D 404 -59.80 -13.25 13.40
C ARG D 404 -60.26 -13.88 14.71
N GLU D 405 -59.33 -14.42 15.50
CA GLU D 405 -59.72 -15.04 16.77
C GLU D 405 -60.10 -13.99 17.80
N LEU D 406 -59.37 -12.87 17.84
CA LEU D 406 -59.70 -11.81 18.78
C LEU D 406 -61.04 -11.17 18.47
N LEU D 407 -61.41 -11.09 17.20
CA LEU D 407 -62.61 -10.39 16.78
C LEU D 407 -63.78 -11.32 16.46
N GLY D 408 -63.53 -12.60 16.20
CA GLY D 408 -64.57 -13.51 15.77
C GLY D 408 -64.85 -13.38 14.29
N THR D 409 -64.55 -12.20 13.73
CA THR D 409 -64.78 -11.89 12.33
C THR D 409 -63.49 -12.03 11.54
N GLU D 410 -63.62 -12.33 10.26
CA GLU D 410 -62.47 -12.37 9.34
C GLU D 410 -62.36 -11.01 8.67
N TYR D 411 -61.87 -10.03 9.44
CA TYR D 411 -61.74 -8.66 8.95
C TYR D 411 -60.87 -8.61 7.69
N TYR D 412 -59.69 -9.24 7.74
CA TYR D 412 -58.89 -9.39 6.54
C TYR D 412 -59.03 -10.79 6.00
N PRO D 413 -59.27 -10.98 4.70
CA PRO D 413 -59.42 -12.33 4.16
C PRO D 413 -58.16 -13.16 4.40
N VAL D 414 -58.38 -14.36 4.92
CA VAL D 414 -57.30 -15.29 5.24
C VAL D 414 -57.34 -16.41 4.20
N GLU D 415 -56.32 -16.45 3.34
CA GLU D 415 -56.27 -17.47 2.30
C GLU D 415 -56.18 -18.86 2.92
N LYS D 416 -56.84 -19.82 2.28
CA LYS D 416 -56.79 -21.21 2.72
C LYS D 416 -55.82 -22.04 1.90
N THR D 417 -55.65 -21.73 0.60
CA THR D 417 -54.70 -22.40 -0.27
C THR D 417 -54.05 -21.34 -1.16
N ILE D 418 -52.75 -21.51 -1.42
CA ILE D 418 -52.02 -20.60 -2.31
C ILE D 418 -51.11 -21.39 -3.23
N ALA D 419 -50.88 -22.66 -2.94
CA ALA D 419 -49.87 -23.45 -3.62
C ALA D 419 -50.48 -24.36 -4.68
N PHE D 420 -49.68 -24.65 -5.71
CA PHE D 420 -50.09 -25.57 -6.76
C PHE D 420 -49.97 -27.02 -6.33
N GLN D 421 -49.02 -27.33 -5.45
CA GLN D 421 -48.83 -28.69 -4.99
C GLN D 421 -49.63 -28.94 -3.72
N GLU D 422 -49.81 -30.21 -3.40
CA GLU D 422 -50.47 -30.63 -2.17
C GLU D 422 -49.47 -31.33 -1.26
N PHE D 423 -49.57 -31.04 0.04
CA PHE D 423 -48.66 -31.64 1.02
C PHE D 423 -49.30 -32.76 1.81
N SER D 424 -50.62 -32.76 1.95
CA SER D 424 -51.35 -33.78 2.68
C SER D 424 -52.27 -34.54 1.74
N VAL D 425 -52.50 -35.80 2.04
CA VAL D 425 -53.42 -36.62 1.26
C VAL D 425 -54.61 -37.05 2.12
N SER E 9 -21.76 40.26 6.59
CA SER E 9 -21.82 41.46 7.42
C SER E 9 -20.65 41.50 8.41
N THR E 10 -20.06 40.33 8.68
CA THR E 10 -18.97 40.24 9.64
C THR E 10 -17.70 40.86 9.07
N VAL E 11 -17.07 41.74 9.84
CA VAL E 11 -15.84 42.42 9.44
C VAL E 11 -14.75 41.97 10.39
N HIS E 12 -13.84 41.14 9.89
CA HIS E 12 -12.74 40.61 10.70
C HIS E 12 -11.61 41.63 10.83
N ASP E 13 -10.68 41.33 11.73
CA ASP E 13 -9.46 42.13 11.84
C ASP E 13 -8.55 41.88 10.64
N PHE E 14 -8.36 40.62 10.28
CA PHE E 14 -7.53 40.28 9.13
C PHE E 14 -8.03 38.97 8.54
N VAL E 15 -7.61 38.74 7.30
CA VAL E 15 -7.86 37.48 6.60
C VAL E 15 -6.53 36.95 6.10
N GLY E 16 -6.22 35.69 6.42
CA GLY E 16 -5.05 35.03 5.91
C GLY E 16 -5.42 34.19 4.70
N ILE E 17 -4.74 34.46 3.59
CA ILE E 17 -4.98 33.76 2.34
C ILE E 17 -3.90 32.69 2.18
N GLY E 18 -4.31 31.44 2.17
CA GLY E 18 -3.36 30.34 2.19
C GLY E 18 -3.12 29.85 3.60
N LEU E 19 -2.87 28.53 3.72
CA LEU E 19 -2.60 27.91 5.01
C LEU E 19 -1.42 26.96 4.87
N GLY E 20 -0.25 27.52 4.62
CA GLY E 20 0.99 26.78 4.74
C GLY E 20 1.54 26.98 6.14
N PRO E 21 2.78 26.53 6.35
CA PRO E 21 3.37 26.64 7.70
C PRO E 21 3.38 28.06 8.25
N PHE E 22 3.55 29.08 7.41
CA PHE E 22 3.67 30.44 7.91
C PHE E 22 2.31 31.02 8.32
N ASN E 23 1.26 30.76 7.54
CA ASN E 23 -0.06 31.23 7.94
C ASN E 23 -0.64 30.36 9.05
N LEU E 24 -0.40 29.05 9.00
CA LEU E 24 -0.80 28.18 10.11
C LEU E 24 -0.10 28.60 11.40
N GLY E 25 1.19 28.94 11.32
CA GLY E 25 1.87 29.48 12.47
C GLY E 25 1.23 30.75 12.99
N LEU E 26 0.79 31.62 12.08
CA LEU E 26 0.12 32.84 12.49
C LEU E 26 -1.22 32.53 13.17
N ALA E 27 -1.92 31.50 12.68
CA ALA E 27 -3.20 31.12 13.29
C ALA E 27 -2.99 30.57 14.70
N CYS E 28 -1.91 29.80 14.91
CA CYS E 28 -1.63 29.26 16.23
C CYS E 28 -1.19 30.33 17.21
N LEU E 29 -0.53 31.38 16.72
CA LEU E 29 -0.07 32.45 17.57
C LEU E 29 -1.13 33.52 17.83
N THR E 30 -2.13 33.64 16.95
CA THR E 30 -3.23 34.56 17.16
C THR E 30 -4.43 33.92 17.84
N GLU E 31 -4.45 32.59 17.97
CA GLU E 31 -5.56 31.92 18.64
C GLU E 31 -5.79 32.41 20.06
N PRO E 32 -4.78 32.56 20.92
CA PRO E 32 -5.04 33.05 22.28
C PRO E 32 -5.24 34.55 22.39
N ILE E 33 -4.97 35.31 21.32
CA ILE E 33 -5.08 36.77 21.36
C ILE E 33 -6.55 37.11 21.08
N ASP E 34 -7.30 37.43 22.14
CA ASP E 34 -8.73 37.70 21.97
C ASP E 34 -8.96 39.02 21.28
N GLU E 35 -8.02 39.96 21.38
CA GLU E 35 -8.16 41.25 20.72
C GLU E 35 -8.10 41.16 19.19
N LEU E 36 -7.74 39.99 18.65
CA LEU E 36 -7.58 39.81 17.22
C LEU E 36 -8.67 38.86 16.70
N ASP E 37 -9.41 39.31 15.70
CA ASP E 37 -10.43 38.50 15.03
C ASP E 37 -9.89 38.15 13.66
N GLY E 38 -9.28 36.97 13.56
CA GLY E 38 -8.68 36.52 12.32
C GLY E 38 -9.36 35.28 11.78
N ILE E 39 -9.36 35.14 10.46
CA ILE E 39 -9.89 33.97 9.78
C ILE E 39 -8.96 33.64 8.61
N PHE E 40 -8.88 32.35 8.28
CA PHE E 40 -7.96 31.86 7.28
C PHE E 40 -8.69 31.06 6.22
N LEU E 41 -8.23 31.17 4.98
CA LEU E 41 -8.86 30.52 3.83
C LEU E 41 -7.83 29.66 3.12
N GLU E 42 -8.15 28.38 2.95
CA GLU E 42 -7.22 27.41 2.37
C GLU E 42 -7.94 26.64 1.27
N SER E 43 -7.27 26.47 0.12
CA SER E 43 -7.88 25.80 -1.02
C SER E 43 -8.10 24.32 -0.74
N LYS E 44 -7.11 23.65 -0.15
CA LYS E 44 -7.20 22.21 0.08
C LYS E 44 -8.24 21.89 1.14
N PRO E 45 -8.81 20.67 1.10
CA PRO E 45 -9.74 20.26 2.17
C PRO E 45 -9.07 20.10 3.51
N ASP E 46 -7.75 19.92 3.55
CA ASP E 46 -7.01 19.83 4.79
C ASP E 46 -5.59 20.32 4.52
N PHE E 47 -4.85 20.54 5.61
CA PHE E 47 -3.44 20.93 5.46
C PHE E 47 -2.64 19.80 4.81
N GLU E 48 -1.78 20.18 3.88
CA GLU E 48 -0.81 19.25 3.31
C GLU E 48 0.43 20.02 2.91
N TRP E 49 1.60 19.41 3.13
CA TRP E 49 2.89 20.09 3.00
C TRP E 49 3.83 19.27 2.11
N HIS E 50 3.86 19.60 0.82
CA HIS E 50 4.85 19.06 -0.11
C HIS E 50 4.87 17.53 -0.09
N ALA E 51 3.68 16.91 -0.09
CA ALA E 51 3.59 15.47 -0.04
C ALA E 51 4.31 14.80 -1.21
N GLY E 52 4.51 15.52 -2.32
CA GLY E 52 5.25 14.98 -3.44
C GLY E 52 6.71 14.71 -3.15
N MET E 53 7.24 15.21 -2.02
CA MET E 53 8.62 14.97 -1.62
C MET E 53 8.72 14.13 -0.35
N PHE E 54 7.69 13.32 -0.07
CA PHE E 54 7.68 12.47 1.13
C PHE E 54 8.47 11.19 0.88
N LEU E 55 9.75 11.36 0.58
CA LEU E 55 10.64 10.22 0.41
C LEU E 55 10.91 9.57 1.76
N ASP E 56 11.09 8.25 1.74
CA ASP E 56 11.31 7.52 2.98
C ASP E 56 12.57 8.02 3.68
N GLY E 57 12.43 8.39 4.95
CA GLY E 57 13.52 8.91 5.73
C GLY E 57 13.77 10.40 5.58
N ALA E 58 13.00 11.09 4.73
CA ALA E 58 13.23 12.50 4.50
C ALA E 58 12.79 13.33 5.70
N HIS E 59 13.56 14.38 5.99
CA HIS E 59 13.38 15.14 7.22
C HIS E 59 13.54 16.64 6.94
N LEU E 60 13.21 17.43 7.95
CA LEU E 60 13.41 18.87 7.87
C LEU E 60 14.90 19.20 7.81
N GLN E 61 15.19 20.38 7.27
CA GLN E 61 16.55 20.90 7.32
C GLN E 61 16.78 21.86 8.47
N THR E 62 15.72 22.27 9.16
CA THR E 62 15.80 23.12 10.33
C THR E 62 15.45 22.32 11.59
N PRO E 63 16.02 22.67 12.75
CA PRO E 63 15.69 21.94 13.97
C PRO E 63 14.22 22.11 14.34
N PHE E 64 13.76 21.24 15.26
CA PHE E 64 12.34 21.20 15.58
C PHE E 64 11.85 22.44 16.30
N MET E 65 12.76 23.23 16.91
CA MET E 65 12.34 24.51 17.48
C MET E 65 11.77 25.45 16.42
N SER E 66 12.03 25.19 15.14
CA SER E 66 11.47 25.97 14.04
C SER E 66 10.06 25.52 13.73
N ASP E 67 9.30 25.09 14.74
CA ASP E 67 7.92 24.70 14.51
C ASP E 67 7.04 25.94 14.39
N LEU E 68 5.74 25.79 14.66
CA LEU E 68 4.79 26.87 14.42
C LEU E 68 4.83 27.98 15.47
N VAL E 69 5.35 27.70 16.67
CA VAL E 69 5.12 28.62 17.79
C VAL E 69 6.34 28.80 18.68
N THR E 70 7.19 27.77 18.78
CA THR E 70 8.14 27.68 19.89
C THR E 70 9.08 28.88 19.95
N LEU E 71 9.57 29.36 18.80
CA LEU E 71 10.50 30.47 18.83
C LEU E 71 9.86 31.78 19.26
N ALA E 72 8.53 31.85 19.32
CA ALA E 72 7.83 32.99 19.88
C ALA E 72 7.28 32.74 21.27
N ASP E 73 6.84 31.51 21.55
CA ASP E 73 6.27 31.16 22.84
C ASP E 73 6.44 29.66 23.09
N PRO E 74 7.48 29.26 23.84
CA PRO E 74 7.68 27.83 24.10
C PRO E 74 6.56 27.17 24.90
N THR E 75 5.72 27.94 25.59
CA THR E 75 4.62 27.38 26.36
C THR E 75 3.35 27.16 25.54
N SER E 76 3.39 27.45 24.24
CA SER E 76 2.19 27.34 23.43
C SER E 76 1.74 25.89 23.30
N PRO E 77 0.44 25.61 23.40
CA PRO E 77 -0.03 24.22 23.26
C PRO E 77 0.15 23.65 21.87
N TYR E 78 0.55 24.44 20.88
CA TYR E 78 0.72 23.96 19.52
C TYR E 78 2.18 23.68 19.17
N SER E 79 3.03 23.50 20.18
CA SER E 79 4.43 23.19 19.93
C SER E 79 4.59 21.76 19.44
N PHE E 80 5.70 21.50 18.76
CA PHE E 80 6.00 20.14 18.32
C PHE E 80 6.15 19.21 19.50
N LEU E 81 6.77 19.69 20.58
CA LEU E 81 6.94 18.86 21.76
C LEU E 81 5.60 18.48 22.38
N ASN E 82 4.67 19.44 22.48
CA ASN E 82 3.37 19.13 23.03
C ASN E 82 2.61 18.16 22.13
N TYR E 83 2.77 18.30 20.81
CA TYR E 83 2.17 17.35 19.88
C TYR E 83 2.71 15.94 20.12
N LEU E 84 4.02 15.82 20.35
CA LEU E 84 4.58 14.51 20.63
C LEU E 84 4.05 13.95 21.93
N LYS E 85 3.83 14.81 22.93
CA LYS E 85 3.29 14.36 24.21
C LYS E 85 1.89 13.79 24.03
N GLU E 86 1.02 14.52 23.34
CA GLU E 86 -0.35 14.07 23.15
C GLU E 86 -0.39 12.79 22.32
N LYS E 87 0.50 12.64 21.35
CA LYS E 87 0.57 11.43 20.55
C LYS E 87 1.23 10.28 21.28
N GLY E 88 1.72 10.49 22.49
CA GLY E 88 2.42 9.44 23.21
C GLY E 88 3.77 9.06 22.62
N ARG E 89 4.46 10.02 22.00
CA ARG E 89 5.73 9.75 21.34
C ARG E 89 6.88 10.58 21.88
N LEU E 90 6.65 11.40 22.92
CA LEU E 90 7.69 12.31 23.39
C LEU E 90 8.95 11.56 23.82
N TYR E 91 8.79 10.51 24.63
CA TYR E 91 9.96 9.77 25.09
C TYR E 91 10.66 9.06 23.95
N SER E 92 9.91 8.60 22.95
CA SER E 92 10.54 7.97 21.78
C SER E 92 11.37 9.00 21.01
N PHE E 93 10.83 10.21 20.82
CA PHE E 93 11.61 11.29 20.23
C PHE E 93 12.81 11.63 21.11
N TYR E 94 12.63 11.60 22.42
CA TYR E 94 13.72 11.87 23.36
C TYR E 94 14.87 10.90 23.15
N ILE E 95 14.58 9.61 23.02
CA ILE E 95 15.62 8.63 22.79
C ILE E 95 16.22 8.81 21.40
N ARG E 96 15.39 9.14 20.42
CA ARG E 96 15.87 9.35 19.06
C ARG E 96 16.95 10.41 19.00
N GLU E 97 16.80 11.47 19.79
CA GLU E 97 17.83 12.49 19.97
C GLU E 97 18.28 13.06 18.63
N ASN E 98 17.31 13.45 17.81
CA ASN E 98 17.55 14.06 16.52
C ASN E 98 16.79 15.37 16.46
N PHE E 99 17.47 16.42 16.01
CA PHE E 99 16.86 17.74 15.97
C PHE E 99 15.86 17.91 14.83
N TYR E 100 15.88 17.02 13.83
CA TYR E 100 15.14 17.24 12.60
C TYR E 100 13.98 16.26 12.48
N PRO E 101 12.73 16.73 12.58
CA PRO E 101 11.60 15.82 12.41
C PRO E 101 11.52 15.29 10.99
N LEU E 102 11.02 14.06 10.87
CA LEU E 102 10.70 13.53 9.56
C LEU E 102 9.63 14.39 8.89
N ARG E 103 9.68 14.45 7.56
CA ARG E 103 8.75 15.32 6.84
C ARG E 103 7.30 14.87 7.05
N VAL E 104 7.05 13.57 6.94
CA VAL E 104 5.70 13.06 7.18
C VAL E 104 5.27 13.35 8.61
N GLU E 105 6.23 13.41 9.54
CA GLU E 105 5.93 13.73 10.93
C GLU E 105 5.54 15.21 11.07
N TYR E 106 6.34 16.10 10.47
CA TYR E 106 6.02 17.52 10.52
C TYR E 106 4.69 17.81 9.83
N ASP E 107 4.41 17.10 8.75
CA ASP E 107 3.14 17.27 8.04
C ASP E 107 1.97 16.81 8.91
N ASP E 108 2.12 15.66 9.57
CA ASP E 108 1.09 15.20 10.49
C ASP E 108 0.92 16.16 11.67
N TYR E 109 2.01 16.78 12.13
CA TYR E 109 1.95 17.69 13.26
C TYR E 109 1.16 18.95 12.91
N CYS E 110 1.42 19.52 11.73
CA CYS E 110 0.70 20.72 11.30
C CYS E 110 -0.78 20.45 11.12
N ARG E 111 -1.12 19.34 10.47
CA ARG E 111 -2.51 18.93 10.35
C ARG E 111 -3.15 18.75 11.74
N TRP E 112 -2.38 18.25 12.70
CA TRP E 112 -2.88 18.13 14.07
C TRP E 112 -3.13 19.50 14.68
N ALA E 113 -2.26 20.48 14.40
CA ALA E 113 -2.43 21.82 14.95
C ALA E 113 -3.55 22.58 14.24
N ALA E 114 -3.74 22.36 12.94
CA ALA E 114 -4.84 23.00 12.24
C ALA E 114 -6.19 22.46 12.68
N ASN E 115 -6.24 21.19 13.07
CA ASN E 115 -7.50 20.58 13.48
C ASN E 115 -7.98 21.12 14.82
N LYS E 116 -7.07 21.62 15.65
CA LYS E 116 -7.42 22.17 16.96
C LYS E 116 -7.95 23.59 16.88
N LEU E 117 -7.83 24.25 15.75
CA LEU E 117 -8.26 25.64 15.60
C LEU E 117 -9.66 25.69 14.99
N SER E 118 -10.29 26.88 15.11
CA SER E 118 -11.61 27.11 14.56
C SER E 118 -11.67 28.33 13.64
N SER E 119 -10.51 28.85 13.23
CA SER E 119 -10.46 30.04 12.39
C SER E 119 -10.05 29.73 10.95
N ILE E 120 -10.07 28.46 10.57
CA ILE E 120 -9.61 28.03 9.25
C ILE E 120 -10.82 27.50 8.47
N ARG E 121 -10.97 27.97 7.24
CA ARG E 121 -12.04 27.52 6.34
C ARG E 121 -11.40 26.76 5.18
N PHE E 122 -11.39 25.43 5.30
CA PHE E 122 -10.77 24.59 4.28
C PHE E 122 -11.64 24.53 3.03
N GLY E 123 -11.10 23.90 1.99
CA GLY E 123 -11.84 23.76 0.74
C GLY E 123 -12.33 25.07 0.17
N THR E 124 -11.53 26.12 0.34
CA THR E 124 -11.97 27.48 0.05
C THR E 124 -10.85 28.20 -0.71
N THR E 125 -11.07 28.46 -1.99
CA THR E 125 -10.07 29.08 -2.86
C THR E 125 -10.45 30.52 -3.14
N VAL E 126 -9.50 31.43 -2.96
CA VAL E 126 -9.71 32.86 -3.19
C VAL E 126 -9.51 33.17 -4.67
N THR E 127 -10.43 33.94 -5.24
CA THR E 127 -10.35 34.32 -6.64
C THR E 127 -10.23 35.81 -6.88
N GLU E 128 -10.60 36.65 -5.91
CA GLU E 128 -10.58 38.09 -6.14
C GLU E 128 -10.43 38.81 -4.80
N VAL E 129 -9.66 39.90 -4.83
CA VAL E 129 -9.52 40.79 -3.68
C VAL E 129 -9.73 42.21 -4.16
N ARG E 130 -10.61 42.94 -3.48
CA ARG E 130 -10.92 44.32 -3.82
C ARG E 130 -10.76 45.21 -2.60
N TYR E 131 -10.88 46.51 -2.83
CA TYR E 131 -10.76 47.52 -1.78
C TYR E 131 -11.97 48.44 -1.88
N GLU E 132 -12.85 48.35 -0.88
CA GLU E 132 -14.06 49.15 -0.79
C GLU E 132 -14.25 49.54 0.68
N ASP E 133 -14.50 50.83 0.93
CA ASP E 133 -14.85 51.40 2.22
C ASP E 133 -13.75 51.14 3.25
N ASP E 134 -12.51 51.42 2.84
CA ASP E 134 -11.33 51.19 3.65
C ASP E 134 -11.25 49.76 4.17
N LEU E 135 -11.73 48.81 3.39
CA LEU E 135 -11.78 47.42 3.78
C LEU E 135 -11.46 46.54 2.56
N TYR E 136 -10.75 45.45 2.81
CA TYR E 136 -10.43 44.50 1.76
C TYR E 136 -11.55 43.46 1.65
N VAL E 137 -11.99 43.21 0.43
CA VAL E 137 -13.11 42.31 0.16
C VAL E 137 -12.58 41.09 -0.57
N VAL E 138 -12.69 39.93 0.08
CA VAL E 138 -12.12 38.69 -0.43
C VAL E 138 -13.27 37.81 -0.89
N THR E 139 -13.37 37.59 -2.20
CA THR E 139 -14.36 36.71 -2.79
C THR E 139 -13.74 35.35 -3.11
N THR E 140 -14.55 34.32 -3.04
CA THR E 140 -14.08 32.94 -3.22
C THR E 140 -14.58 32.37 -4.53
N SER E 141 -14.05 31.19 -4.86
CA SER E 141 -14.50 30.49 -6.06
C SER E 141 -15.90 29.92 -5.88
N ALA E 142 -16.36 29.74 -4.63
CA ALA E 142 -17.71 29.27 -4.37
C ALA E 142 -18.72 30.41 -4.26
N GLY E 143 -18.26 31.66 -4.17
CA GLY E 143 -19.14 32.81 -4.09
C GLY E 143 -19.17 33.50 -2.75
N ASP E 144 -18.58 32.91 -1.71
CA ASP E 144 -18.59 33.53 -0.39
C ASP E 144 -17.69 34.76 -0.38
N VAL E 145 -18.06 35.73 0.46
CA VAL E 145 -17.42 37.04 0.49
C VAL E 145 -17.04 37.37 1.93
N TYR E 146 -15.77 37.64 2.17
CA TYR E 146 -15.27 38.04 3.47
C TYR E 146 -14.71 39.45 3.40
N ARG E 147 -14.79 40.16 4.52
CA ARG E 147 -14.30 41.53 4.63
C ARG E 147 -13.45 41.67 5.88
N ALA E 148 -12.38 42.46 5.78
CA ALA E 148 -11.44 42.61 6.89
C ALA E 148 -10.66 43.90 6.74
N ARG E 149 -10.02 44.31 7.84
CA ARG E 149 -9.22 45.52 7.85
C ARG E 149 -7.80 45.30 7.37
N HIS E 150 -7.32 44.05 7.38
CA HIS E 150 -5.95 43.76 6.96
C HIS E 150 -5.92 42.41 6.25
N LEU E 151 -4.81 42.15 5.57
CA LEU E 151 -4.61 40.91 4.84
C LEU E 151 -3.22 40.38 5.12
N VAL E 152 -3.12 39.07 5.30
CA VAL E 152 -1.84 38.38 5.42
C VAL E 152 -1.79 37.34 4.30
N LEU E 153 -0.93 37.55 3.31
CA LEU E 153 -0.84 36.67 2.16
C LEU E 153 0.16 35.56 2.43
N GLY E 154 -0.29 34.31 2.33
CA GLY E 154 0.58 33.18 2.54
C GLY E 154 0.34 32.05 1.56
N THR E 155 0.34 32.37 0.28
CA THR E 155 0.04 31.40 -0.78
C THR E 155 1.27 30.64 -1.25
N GLY E 156 2.43 30.88 -0.64
CA GLY E 156 3.62 30.11 -0.97
C GLY E 156 4.25 30.53 -2.29
N THR E 157 5.15 29.67 -2.77
CA THR E 157 5.84 29.88 -4.04
C THR E 157 5.61 28.65 -4.92
N PRO E 158 4.85 28.77 -5.99
CA PRO E 158 4.55 27.61 -6.84
C PRO E 158 5.79 27.08 -7.51
N PRO E 159 5.74 25.86 -8.07
CA PRO E 159 6.93 25.31 -8.73
C PRO E 159 7.36 26.17 -9.91
N TYR E 160 8.65 26.12 -10.20
CA TYR E 160 9.23 26.82 -11.33
C TYR E 160 9.68 25.81 -12.39
N ILE E 161 9.27 26.05 -13.63
CA ILE E 161 9.67 25.22 -14.77
C ILE E 161 10.52 26.08 -15.68
N PRO E 162 11.67 25.60 -16.16
CA PRO E 162 12.47 26.37 -17.11
C PRO E 162 11.64 26.75 -18.33
N GLU E 163 11.90 27.96 -18.85
CA GLU E 163 11.18 28.43 -20.02
C GLU E 163 11.31 27.46 -21.18
N ALA E 164 12.46 26.77 -21.29
CA ALA E 164 12.69 25.81 -22.36
C ALA E 164 11.83 24.57 -22.24
N CYS E 165 11.08 24.40 -21.14
CA CYS E 165 10.21 23.25 -20.95
C CYS E 165 8.74 23.62 -20.85
N GLN E 166 8.38 24.88 -21.09
CA GLN E 166 6.98 25.26 -21.12
C GLN E 166 6.35 24.77 -22.42
N GLY E 167 5.17 24.16 -22.31
CA GLY E 167 4.55 23.53 -23.46
C GLY E 167 5.16 22.21 -23.83
N LEU E 168 5.92 21.58 -22.93
CA LEU E 168 6.55 20.31 -23.20
C LEU E 168 5.53 19.18 -23.09
N ASP E 169 5.68 18.18 -23.96
CA ASP E 169 4.79 17.02 -23.98
C ASP E 169 5.50 15.81 -23.37
N GLY E 170 4.70 14.80 -23.04
CA GLY E 170 5.21 13.61 -22.37
C GLY E 170 4.90 13.63 -20.88
N ASP E 171 5.35 12.59 -20.20
CA ASP E 171 5.07 12.39 -18.78
C ASP E 171 6.15 12.99 -17.87
N PHE E 172 6.84 14.04 -18.32
CA PHE E 172 7.84 14.69 -17.49
C PHE E 172 7.18 15.35 -16.29
N ILE E 173 7.90 15.36 -15.17
CA ILE E 173 7.35 15.87 -13.92
C ILE E 173 8.33 16.84 -13.28
N HIS E 174 7.78 17.83 -12.59
CA HIS E 174 8.53 18.61 -11.63
C HIS E 174 8.69 17.78 -10.36
N ASN E 175 9.74 18.09 -9.58
CA ASN E 175 10.01 17.30 -8.38
C ASN E 175 8.89 17.40 -7.35
N SER E 176 7.99 18.39 -7.50
CA SER E 176 6.86 18.55 -6.58
C SER E 176 5.88 17.39 -6.62
N ARG E 177 5.99 16.49 -7.59
CA ARG E 177 5.08 15.35 -7.72
C ARG E 177 5.87 14.07 -7.92
N TYR E 178 6.98 13.92 -7.20
CA TYR E 178 7.91 12.83 -7.47
C TYR E 178 7.39 11.50 -6.98
N VAL E 179 6.92 11.42 -5.74
CA VAL E 179 6.55 10.14 -5.17
C VAL E 179 5.35 9.51 -5.88
N GLN E 180 4.51 10.33 -6.52
CA GLN E 180 3.36 9.79 -7.25
C GLN E 180 3.79 9.14 -8.56
N HIS E 181 4.76 9.74 -9.25
CA HIS E 181 5.22 9.25 -10.54
C HIS E 181 6.47 8.39 -10.43
N ARG E 182 6.91 8.07 -9.21
CA ARG E 182 8.05 7.18 -9.05
C ARG E 182 7.76 5.79 -9.59
N SER E 183 6.49 5.37 -9.53
CA SER E 183 6.09 4.08 -10.08
C SER E 183 6.46 3.96 -11.56
N GLU E 184 6.15 5.01 -12.33
CA GLU E 184 6.38 4.98 -13.78
C GLU E 184 7.83 5.22 -14.15
N LEU E 185 8.59 5.94 -13.31
CA LEU E 185 9.93 6.35 -13.69
C LEU E 185 10.92 5.18 -13.64
N VAL E 186 10.81 4.31 -12.64
CA VAL E 186 11.77 3.21 -12.52
C VAL E 186 11.64 2.16 -13.62
N LYS E 187 10.58 2.23 -14.45
CA LYS E 187 10.43 1.29 -15.55
C LYS E 187 11.20 1.71 -16.79
N LYS E 188 11.57 2.98 -16.89
CA LYS E 188 12.21 3.50 -18.08
C LYS E 188 13.66 3.07 -18.16
N GLU E 189 14.28 3.33 -19.31
CA GLU E 189 15.67 2.99 -19.54
C GLU E 189 16.62 4.12 -19.21
N SER E 190 16.11 5.32 -18.95
CA SER E 190 16.95 6.47 -18.69
C SER E 190 16.15 7.53 -17.96
N ILE E 191 16.73 8.10 -16.90
CA ILE E 191 16.12 9.18 -16.13
C ILE E 191 17.17 10.28 -15.95
N THR E 192 16.78 11.51 -16.26
CA THR E 192 17.67 12.66 -16.13
C THR E 192 17.06 13.65 -15.16
N ILE E 193 17.80 13.98 -14.10
CA ILE E 193 17.40 14.96 -13.11
C ILE E 193 18.07 16.29 -13.44
N VAL E 194 17.27 17.35 -13.55
CA VAL E 194 17.77 18.69 -13.83
C VAL E 194 17.61 19.53 -12.57
N GLY E 195 18.70 20.13 -12.13
CA GLY E 195 18.73 20.88 -10.88
C GLY E 195 19.74 20.30 -9.91
N SER E 196 20.04 21.09 -8.88
CA SER E 196 21.09 20.72 -7.94
C SER E 196 20.76 21.02 -6.48
N GLY E 197 19.51 21.36 -6.15
CA GLY E 197 19.15 21.65 -4.79
C GLY E 197 18.97 20.39 -3.95
N GLN E 198 18.38 20.58 -2.77
CA GLN E 198 18.12 19.44 -1.89
C GLN E 198 17.15 18.44 -2.52
N SER E 199 16.18 18.94 -3.29
CA SER E 199 15.22 18.04 -3.91
C SER E 199 15.89 17.12 -4.93
N ALA E 200 16.76 17.67 -5.77
CA ALA E 200 17.42 16.87 -6.79
C ALA E 200 18.31 15.80 -6.17
N ALA E 201 19.02 16.15 -5.10
CA ALA E 201 19.95 15.21 -4.48
C ALA E 201 19.21 14.09 -3.77
N GLU E 202 18.09 14.42 -3.11
CA GLU E 202 17.28 13.38 -2.46
C GLU E 202 16.73 12.40 -3.49
N ILE E 203 16.24 12.91 -4.62
CA ILE E 203 15.75 12.04 -5.68
C ILE E 203 16.88 11.20 -6.27
N TYR E 204 18.03 11.83 -6.50
CA TYR E 204 19.17 11.10 -7.07
C TYR E 204 19.62 9.98 -6.13
N GLN E 205 19.68 10.25 -4.83
CA GLN E 205 20.05 9.20 -3.88
C GLN E 205 19.05 8.07 -3.92
N ASP E 206 17.75 8.39 -4.03
CA ASP E 206 16.72 7.36 -4.07
C ASP E 206 16.88 6.47 -5.30
N LEU E 207 16.97 7.08 -6.49
CA LEU E 207 17.06 6.29 -7.71
C LEU E 207 18.39 5.56 -7.81
N LEU E 208 19.47 6.15 -7.31
CA LEU E 208 20.77 5.48 -7.36
C LEU E 208 20.77 4.22 -6.49
N GLY E 209 20.07 4.27 -5.35
CA GLY E 209 20.01 3.10 -4.48
C GLY E 209 19.37 1.90 -5.16
N GLU E 210 18.42 2.13 -6.04
CA GLU E 210 17.72 1.07 -6.75
C GLU E 210 18.19 0.91 -8.20
N ILE E 211 19.38 1.44 -8.53
CA ILE E 211 19.85 1.39 -9.90
C ILE E 211 20.14 -0.03 -10.36
N ASP E 212 20.34 -0.96 -9.44
CA ASP E 212 20.69 -2.33 -9.80
C ASP E 212 19.49 -3.25 -9.92
N VAL E 213 18.34 -2.87 -9.34
CA VAL E 213 17.15 -3.70 -9.47
C VAL E 213 16.33 -3.37 -10.71
N HIS E 214 16.51 -2.18 -11.29
CA HIS E 214 15.84 -1.80 -12.52
C HIS E 214 16.84 -1.81 -13.66
N GLY E 215 16.48 -1.15 -14.76
CA GLY E 215 17.37 -1.09 -15.91
C GLY E 215 17.42 0.28 -16.55
N TYR E 216 17.70 1.31 -15.76
CA TYR E 216 17.78 2.67 -16.27
C TYR E 216 19.18 3.24 -16.08
N ARG E 217 19.50 4.22 -16.93
CA ARG E 217 20.65 5.08 -16.71
C ARG E 217 20.20 6.28 -15.89
N LEU E 218 21.09 6.76 -15.02
CA LEU E 218 20.76 7.84 -14.09
C LEU E 218 21.64 9.05 -14.39
N ASN E 219 21.04 10.09 -14.96
CA ASN E 219 21.75 11.32 -15.27
C ASN E 219 21.36 12.40 -14.28
N TRP E 220 22.35 13.12 -13.78
CA TRP E 220 22.14 14.25 -12.88
C TRP E 220 22.90 15.43 -13.48
N VAL E 221 22.16 16.36 -14.08
CA VAL E 221 22.73 17.49 -14.79
C VAL E 221 22.21 18.78 -14.16
N THR E 222 23.13 19.70 -13.86
CA THR E 222 22.75 20.93 -13.20
C THR E 222 23.49 22.12 -13.82
N ARG E 223 22.81 23.27 -13.84
CA ARG E 223 23.43 24.51 -14.29
C ARG E 223 24.45 25.04 -13.28
N SER E 224 24.32 24.66 -12.00
CA SER E 224 25.17 25.19 -10.96
C SER E 224 26.64 24.80 -11.21
N PRO E 225 27.59 25.60 -10.72
CA PRO E 225 29.00 25.28 -10.98
C PRO E 225 29.49 24.08 -10.20
N ARG E 226 28.91 23.79 -9.03
CA ARG E 226 29.25 22.62 -8.24
C ARG E 226 27.99 22.10 -7.58
N PHE E 227 28.07 20.88 -7.04
CA PHE E 227 27.04 20.37 -6.14
C PHE E 227 27.33 20.92 -4.74
N PHE E 228 27.15 22.24 -4.61
CA PHE E 228 27.62 22.91 -3.42
C PHE E 228 26.74 22.57 -2.21
N PRO E 229 27.32 22.48 -1.02
CA PRO E 229 26.54 22.15 0.16
C PRO E 229 25.83 23.37 0.72
N LEU E 230 24.77 23.09 1.47
CA LEU E 230 24.07 24.12 2.21
C LEU E 230 24.96 24.63 3.32
N GLU E 231 25.28 25.93 3.29
CA GLU E 231 26.25 26.50 4.24
C GLU E 231 25.56 26.70 5.58
N TYR E 232 25.74 25.74 6.50
CA TYR E 232 25.06 25.74 7.78
C TYR E 232 26.04 25.75 8.95
N THR E 233 27.22 26.31 8.75
CA THR E 233 28.11 26.55 9.87
C THR E 233 27.56 27.68 10.73
N LYS E 234 27.77 27.58 12.04
CA LYS E 234 26.99 28.35 13.00
C LYS E 234 27.20 29.86 12.83
N LEU E 235 28.39 30.29 12.41
CA LEU E 235 28.60 31.72 12.21
C LEU E 235 27.78 32.24 11.03
N THR E 236 27.59 31.43 9.98
CA THR E 236 26.70 31.83 8.90
C THR E 236 25.23 31.71 9.31
N LEU E 237 24.90 30.72 10.15
CA LEU E 237 23.55 30.61 10.68
C LEU E 237 23.14 31.88 11.41
N GLU E 238 24.10 32.63 11.95
CA GLU E 238 23.80 33.88 12.63
C GLU E 238 23.27 34.96 11.67
N MET E 239 23.39 34.77 10.37
CA MET E 239 22.78 35.69 9.42
C MET E 239 21.27 35.50 9.30
N THR E 240 20.75 34.39 9.82
CA THR E 240 19.30 34.21 9.98
C THR E 240 18.88 34.82 11.32
N SER E 241 18.98 36.13 11.38
CA SER E 241 18.83 36.90 12.60
C SER E 241 18.07 38.17 12.32
N PRO E 242 17.49 38.80 13.36
CA PRO E 242 16.85 40.11 13.13
C PRO E 242 17.83 41.20 12.76
N GLU E 243 19.01 41.24 13.40
CA GLU E 243 19.94 42.32 13.14
C GLU E 243 20.50 42.28 11.74
N TYR E 244 20.63 41.08 11.14
CA TYR E 244 21.04 41.02 9.75
C TYR E 244 19.93 41.50 8.82
N ILE E 245 18.67 41.23 9.16
CA ILE E 245 17.56 41.73 8.35
C ILE E 245 17.55 43.25 8.34
N ASP E 246 17.69 43.87 9.53
CA ASP E 246 17.79 45.32 9.60
C ASP E 246 18.92 45.84 8.73
N TYR E 247 20.08 45.19 8.79
CA TYR E 247 21.21 45.60 7.96
C TYR E 247 20.94 45.36 6.48
N TYR E 248 20.46 44.16 6.15
CA TYR E 248 20.20 43.82 4.75
C TYR E 248 19.13 44.71 4.15
N ARG E 249 18.02 44.93 4.88
CA ARG E 249 16.90 45.68 4.33
C ARG E 249 17.26 47.13 4.03
N GLU E 250 18.23 47.68 4.76
CA GLU E 250 18.64 49.07 4.56
C GLU E 250 19.75 49.22 3.51
N LEU E 251 20.14 48.13 2.85
CA LEU E 251 21.11 48.24 1.78
C LEU E 251 20.43 48.73 0.50
N PRO E 252 21.19 49.35 -0.41
CA PRO E 252 20.60 49.78 -1.69
C PRO E 252 19.99 48.60 -2.44
N GLU E 253 18.96 48.91 -3.24
CA GLU E 253 18.22 47.86 -3.92
C GLU E 253 19.12 47.04 -4.83
N ALA E 254 20.06 47.69 -5.53
CA ALA E 254 20.96 46.95 -6.41
C ALA E 254 21.82 45.97 -5.63
N THR E 255 22.29 46.37 -4.45
CA THR E 255 23.11 45.48 -3.63
C THR E 255 22.31 44.27 -3.16
N ARG E 256 21.06 44.49 -2.74
CA ARG E 256 20.23 43.38 -2.26
C ARG E 256 19.99 42.36 -3.36
N TYR E 257 19.78 42.82 -4.60
CA TYR E 257 19.56 41.88 -5.69
C TYR E 257 20.85 41.17 -6.09
N ARG E 258 22.00 41.82 -5.89
CA ARG E 258 23.27 41.13 -6.11
C ARG E 258 23.49 40.06 -5.06
N LEU E 259 23.16 40.36 -3.80
CA LEU E 259 23.33 39.37 -2.73
C LEU E 259 22.43 38.17 -2.92
N THR E 260 21.23 38.37 -3.47
CA THR E 260 20.34 37.23 -3.70
C THR E 260 20.96 36.23 -4.68
N ALA E 261 21.71 36.73 -5.66
CA ALA E 261 22.40 35.84 -6.58
C ALA E 261 23.62 35.17 -5.94
N GLU E 262 24.26 35.84 -4.99
CA GLU E 262 25.49 35.35 -4.38
C GLU E 262 25.26 34.72 -3.01
N GLN E 263 24.01 34.47 -2.62
CA GLN E 263 23.72 33.84 -1.34
C GLN E 263 22.84 32.60 -1.51
N LYS E 264 22.82 32.01 -2.70
CA LYS E 264 22.00 30.82 -2.93
C LYS E 264 22.52 29.63 -2.14
N GLY E 265 23.83 29.56 -1.91
CA GLY E 265 24.39 28.49 -1.11
C GLY E 265 24.07 28.58 0.37
N LEU E 266 23.36 29.62 0.81
CA LEU E 266 23.03 29.80 2.21
C LEU E 266 21.67 29.23 2.59
N PHE E 267 20.86 28.82 1.61
CA PHE E 267 19.53 28.29 1.90
C PHE E 267 18.98 27.46 0.75
N LYS E 268 19.78 27.21 -0.28
CA LYS E 268 19.30 26.47 -1.45
C LYS E 268 20.32 25.49 -1.98
N GLY E 269 21.17 24.95 -1.10
CA GLY E 269 22.15 23.94 -1.47
C GLY E 269 21.69 22.55 -1.13
N ILE E 270 22.65 21.64 -0.99
CA ILE E 270 22.39 20.27 -0.59
C ILE E 270 22.91 20.07 0.83
N ASP E 271 22.19 19.28 1.61
CA ASP E 271 22.70 18.79 2.89
C ASP E 271 24.06 18.15 2.70
N GLY E 272 25.06 18.67 3.42
CA GLY E 272 26.42 18.17 3.24
C GLY E 272 26.54 16.69 3.48
N ASP E 273 25.79 16.16 4.46
CA ASP E 273 25.81 14.73 4.71
C ASP E 273 25.16 13.95 3.57
N LEU E 274 24.20 14.56 2.87
CA LEU E 274 23.58 13.90 1.73
C LEU E 274 24.56 13.80 0.56
N ILE E 275 25.33 14.86 0.33
CA ILE E 275 26.39 14.79 -0.69
C ILE E 275 27.36 13.67 -0.39
N ASN E 276 27.73 13.51 0.88
CA ASN E 276 28.69 12.49 1.25
C ASN E 276 28.11 11.08 1.15
N GLU E 277 26.82 10.92 1.46
CA GLU E 277 26.19 9.61 1.29
C GLU E 277 26.14 9.20 -0.18
N ILE E 278 25.88 10.17 -1.07
CA ILE E 278 25.80 9.87 -2.50
C ILE E 278 27.15 9.38 -3.01
N PHE E 279 28.23 10.06 -2.62
CA PHE E 279 29.56 9.63 -3.04
C PHE E 279 29.88 8.24 -2.50
N ASP E 280 29.51 7.97 -1.25
CA ASP E 280 29.80 6.66 -0.66
C ASP E 280 29.00 5.56 -1.34
N LEU E 281 27.74 5.86 -1.70
CA LEU E 281 26.94 4.90 -2.45
C LEU E 281 27.56 4.65 -3.82
N LEU E 282 27.99 5.72 -4.51
CA LEU E 282 28.67 5.55 -5.79
C LEU E 282 29.91 4.68 -5.64
N TYR E 283 30.71 4.92 -4.61
CA TYR E 283 31.87 4.08 -4.34
C TYR E 283 31.46 2.63 -4.13
N GLN E 284 30.33 2.42 -3.45
CA GLN E 284 29.89 1.06 -3.14
C GLN E 284 29.47 0.32 -4.42
N LYS E 285 28.69 0.97 -5.28
CA LYS E 285 28.23 0.30 -6.50
C LYS E 285 29.36 0.11 -7.50
N ASN E 286 30.31 1.06 -7.55
CA ASN E 286 31.42 0.96 -8.50
C ASN E 286 32.34 -0.22 -8.19
N LEU E 287 32.23 -0.83 -7.01
CA LEU E 287 33.01 -2.03 -6.73
C LEU E 287 32.52 -3.21 -7.57
N ALA E 288 31.22 -3.28 -7.82
CA ALA E 288 30.63 -4.36 -8.62
C ALA E 288 30.41 -3.94 -10.06
N GLY E 289 31.44 -3.35 -10.67
CA GLY E 289 31.37 -2.96 -12.07
C GLY E 289 30.98 -1.51 -12.25
N PRO E 290 31.10 -1.00 -13.49
CA PRO E 290 30.77 0.40 -13.75
C PRO E 290 29.29 0.69 -13.52
N VAL E 291 29.02 1.82 -12.86
CA VAL E 291 27.66 2.23 -12.57
C VAL E 291 27.15 3.10 -13.70
N PRO E 292 25.99 2.80 -14.29
CA PRO E 292 25.46 3.60 -15.42
C PRO E 292 24.85 4.93 -14.96
N THR E 293 25.72 5.88 -14.62
CA THR E 293 25.25 7.18 -14.15
C THR E 293 26.24 8.26 -14.55
N ARG E 294 25.71 9.47 -14.75
CA ARG E 294 26.49 10.64 -15.12
C ARG E 294 26.14 11.81 -14.21
N LEU E 295 27.15 12.59 -13.84
CA LEU E 295 26.97 13.78 -13.01
C LEU E 295 27.67 14.95 -13.70
N LEU E 296 26.89 15.91 -14.18
CA LEU E 296 27.41 17.00 -15.00
C LEU E 296 26.99 18.34 -14.41
N THR E 297 27.96 19.24 -14.28
CA THR E 297 27.74 20.58 -13.76
C THR E 297 27.98 21.60 -14.87
N ASN E 298 27.73 22.87 -14.54
CA ASN E 298 27.97 23.99 -15.45
C ASN E 298 27.21 23.83 -16.77
N SER E 299 26.04 23.18 -16.73
CA SER E 299 25.30 22.83 -17.95
C SER E 299 23.87 23.33 -17.83
N SER E 300 23.52 24.31 -18.65
CA SER E 300 22.18 24.86 -18.69
C SER E 300 21.33 24.09 -19.68
N LEU E 301 20.08 23.81 -19.28
CA LEU E 301 19.12 23.15 -20.16
C LEU E 301 18.48 24.21 -21.05
N ASN E 302 18.86 24.23 -22.34
CA ASN E 302 18.43 25.26 -23.26
C ASN E 302 17.24 24.85 -24.13
N SER E 303 17.11 23.57 -24.45
CA SER E 303 16.01 23.11 -25.30
C SER E 303 15.67 21.66 -24.94
N ALA E 304 14.41 21.30 -25.15
CA ALA E 304 13.94 19.97 -24.82
C ALA E 304 12.81 19.59 -25.78
N ARG E 305 12.91 18.39 -26.36
CA ARG E 305 11.90 17.87 -27.27
C ARG E 305 11.47 16.49 -26.81
N HIS E 306 10.19 16.18 -27.04
CA HIS E 306 9.67 14.82 -26.86
C HIS E 306 9.22 14.30 -28.22
N GLU E 307 10.11 13.55 -28.89
CA GLU E 307 9.78 12.84 -30.12
C GLU E 307 10.12 11.37 -29.93
N ASN E 308 9.17 10.49 -30.28
CA ASN E 308 9.36 9.03 -30.20
C ASN E 308 9.45 8.54 -28.76
N GLY E 309 8.60 9.07 -27.88
CA GLY E 309 8.48 8.55 -26.53
C GLY E 309 9.65 8.79 -25.61
N THR E 310 10.65 9.56 -26.04
CA THR E 310 11.80 9.89 -25.23
C THR E 310 12.09 11.37 -25.36
N TYR E 311 12.99 11.88 -24.52
CA TYR E 311 13.32 13.28 -24.48
C TYR E 311 14.71 13.50 -25.08
N THR E 312 14.81 14.49 -25.97
CA THR E 312 16.09 14.98 -26.46
C THR E 312 16.32 16.33 -25.79
N LEU E 313 17.36 16.42 -24.96
CA LEU E 313 17.63 17.60 -24.16
C LEU E 313 18.89 18.27 -24.68
N ALA E 314 18.76 19.55 -25.04
CA ALA E 314 19.90 20.34 -25.52
C ALA E 314 20.49 21.11 -24.35
N PHE E 315 21.71 20.74 -23.97
CA PHE E 315 22.44 21.42 -22.91
C PHE E 315 23.59 22.22 -23.50
N ARG E 316 24.11 23.13 -22.69
CA ARG E 316 25.33 23.86 -23.03
C ARG E 316 26.18 23.99 -21.78
N GLN E 317 27.37 23.41 -21.81
CA GLN E 317 28.35 23.64 -20.75
C GLN E 317 28.82 25.09 -20.88
N GLU E 318 28.23 25.97 -20.08
CA GLU E 318 28.43 27.41 -20.26
C GLU E 318 29.86 27.82 -19.91
N GLU E 319 30.51 27.13 -18.98
CA GLU E 319 31.90 27.46 -18.64
C GLU E 319 32.84 27.01 -19.75
N GLN E 320 32.63 25.81 -20.28
CA GLN E 320 33.45 25.30 -21.37
C GLN E 320 33.10 25.96 -22.70
N GLY E 321 31.85 26.36 -22.88
CA GLY E 321 31.42 26.90 -24.15
C GLY E 321 31.12 25.84 -25.19
N LYS E 322 30.49 24.73 -24.79
CA LYS E 322 30.25 23.61 -25.67
C LYS E 322 28.84 23.08 -25.45
N ASP E 323 28.17 22.74 -26.55
CA ASP E 323 26.82 22.21 -26.53
C ASP E 323 26.86 20.68 -26.57
N PHE E 324 25.95 20.05 -25.84
CA PHE E 324 25.82 18.60 -25.88
C PHE E 324 24.36 18.24 -25.66
N GLU E 325 24.03 17.00 -25.99
CA GLU E 325 22.65 16.52 -25.92
C GLU E 325 22.58 15.26 -25.07
N ILE E 326 21.39 15.02 -24.53
CA ILE E 326 21.14 13.84 -23.70
C ILE E 326 19.79 13.27 -24.09
N GLU E 327 19.77 11.96 -24.40
CA GLU E 327 18.54 11.25 -24.70
C GLU E 327 18.12 10.49 -23.45
N SER E 328 16.92 10.77 -22.96
CA SER E 328 16.44 10.19 -21.72
C SER E 328 14.92 10.03 -21.77
N GLN E 329 14.45 8.84 -21.39
CA GLN E 329 13.02 8.59 -21.39
C GLN E 329 12.33 9.32 -20.25
N GLY E 330 12.97 9.38 -19.09
CA GLY E 330 12.41 10.05 -17.92
C GLY E 330 13.05 11.41 -17.72
N LEU E 331 12.22 12.39 -17.35
CA LEU E 331 12.67 13.74 -17.09
C LEU E 331 12.04 14.23 -15.79
N VAL E 332 12.88 14.45 -14.77
CA VAL E 332 12.46 15.03 -13.50
C VAL E 332 13.10 16.40 -13.39
N LEU E 333 12.28 17.44 -13.34
CA LEU E 333 12.74 18.82 -13.24
C LEU E 333 12.73 19.23 -11.78
N ALA E 334 13.89 19.13 -11.12
CA ALA E 334 14.06 19.67 -9.78
C ALA E 334 14.64 21.08 -9.85
N THR E 335 13.91 21.94 -10.56
CA THR E 335 14.34 23.29 -10.85
C THR E 335 13.78 24.32 -9.86
N GLY E 336 13.27 23.86 -8.73
CA GLY E 336 12.92 24.76 -7.66
C GLY E 336 11.53 25.37 -7.77
N TYR E 337 11.38 26.50 -7.07
CA TYR E 337 10.11 27.19 -6.95
C TYR E 337 10.37 28.67 -7.11
N LYS E 338 9.31 29.40 -7.48
CA LYS E 338 9.43 30.84 -7.67
C LYS E 338 8.05 31.48 -7.49
N TYR E 339 8.02 32.60 -6.77
CA TYR E 339 6.79 33.28 -6.46
C TYR E 339 6.30 34.09 -7.65
N ALA E 340 5.03 33.93 -8.00
CA ALA E 340 4.36 34.75 -8.99
C ALA E 340 3.22 35.48 -8.30
N GLU E 341 3.10 36.78 -8.55
CA GLU E 341 2.06 37.57 -7.91
C GLU E 341 0.70 37.01 -8.28
N PRO E 342 -0.12 36.61 -7.30
CA PRO E 342 -1.40 35.96 -7.63
C PRO E 342 -2.33 36.91 -8.39
N GLU E 343 -3.14 36.31 -9.25
CA GLU E 343 -4.06 37.08 -10.08
C GLU E 343 -5.20 37.69 -9.26
N PHE E 344 -5.53 37.12 -8.10
CA PHE E 344 -6.61 37.70 -7.30
C PHE E 344 -6.23 39.04 -6.70
N LEU E 345 -5.00 39.50 -6.90
CA LEU E 345 -4.55 40.79 -6.41
C LEU E 345 -4.69 41.89 -7.46
N ALA E 346 -5.19 41.57 -8.65
CA ALA E 346 -5.25 42.57 -9.72
C ALA E 346 -6.04 43.82 -9.33
N PRO E 347 -7.24 43.74 -8.76
CA PRO E 347 -7.98 44.98 -8.45
C PRO E 347 -7.38 45.83 -7.34
N VAL E 348 -6.28 45.40 -6.71
CA VAL E 348 -5.72 46.15 -5.60
C VAL E 348 -4.24 46.45 -5.85
N LYS E 349 -3.78 46.19 -7.08
CA LYS E 349 -2.36 46.39 -7.39
C LYS E 349 -1.97 47.86 -7.25
N ASP E 350 -2.90 48.78 -7.44
CA ASP E 350 -2.62 50.19 -7.18
C ASP E 350 -2.37 50.47 -5.71
N ARG E 351 -2.78 49.57 -4.81
CA ARG E 351 -2.56 49.73 -3.39
C ARG E 351 -1.24 49.12 -2.92
N LEU E 352 -0.51 48.43 -3.79
CA LEU E 352 0.70 47.73 -3.42
C LEU E 352 1.94 48.46 -3.95
N VAL E 353 3.04 48.33 -3.20
CA VAL E 353 4.29 49.03 -3.51
C VAL E 353 5.22 48.07 -4.24
N TYR E 354 5.96 48.60 -5.22
CA TYR E 354 6.85 47.81 -6.04
C TYR E 354 8.23 48.46 -6.10
N ASP E 355 9.26 47.62 -6.23
CA ASP E 355 10.61 48.12 -6.41
C ASP E 355 10.94 48.25 -7.90
N SER E 356 12.11 48.82 -8.18
CA SER E 356 12.50 49.12 -9.55
C SER E 356 12.63 47.88 -10.42
N GLN E 357 12.57 46.67 -9.85
CA GLN E 357 12.63 45.44 -10.62
C GLN E 357 11.28 44.76 -10.75
N GLY E 358 10.21 45.40 -10.29
CA GLY E 358 8.87 44.88 -10.46
C GLY E 358 8.35 43.98 -9.36
N ASN E 359 9.15 43.75 -8.32
CA ASN E 359 8.75 42.90 -7.21
C ASN E 359 8.18 43.74 -6.06
N PHE E 360 7.44 43.07 -5.18
CA PHE E 360 6.93 43.73 -3.99
C PHE E 360 8.08 44.32 -3.19
N ASP E 361 8.00 45.62 -2.90
CA ASP E 361 9.00 46.31 -2.09
C ASP E 361 8.64 46.11 -0.61
N VAL E 362 8.77 44.85 -0.18
CA VAL E 362 8.35 44.47 1.17
C VAL E 362 9.03 45.34 2.21
N SER E 363 8.24 45.95 3.08
CA SER E 363 8.78 46.77 4.15
C SER E 363 9.48 45.89 5.19
N ARG E 364 10.21 46.55 6.09
CA ARG E 364 10.85 45.82 7.19
C ARG E 364 9.81 45.06 8.01
N ALA E 365 8.64 45.68 8.23
CA ALA E 365 7.55 45.06 8.96
C ALA E 365 6.67 44.17 8.08
N TYR E 366 7.17 43.76 6.91
CA TYR E 366 6.56 42.76 6.04
C TYR E 366 5.27 43.25 5.37
N ALA E 367 5.07 44.56 5.28
CA ALA E 367 3.93 45.13 4.57
C ALA E 367 4.31 45.45 3.13
N ILE E 368 3.34 45.29 2.23
CA ILE E 368 3.57 45.53 0.81
C ILE E 368 2.51 46.48 0.26
N ASP E 369 1.82 47.20 1.12
CA ASP E 369 0.79 48.13 0.70
C ASP E 369 1.22 49.56 0.95
N VAL E 370 0.43 50.51 0.43
CA VAL E 370 0.80 51.91 0.46
C VAL E 370 0.76 52.47 1.88
N THR E 371 -0.12 51.95 2.73
CA THR E 371 -0.19 52.44 4.11
C THR E 371 0.93 51.87 4.97
N GLY E 372 1.60 50.81 4.54
CA GLY E 372 2.63 50.19 5.33
C GLY E 372 2.12 49.34 6.48
N ARG E 373 0.85 48.92 6.43
CA ARG E 373 0.25 48.19 7.53
C ARG E 373 -0.98 47.43 7.07
N GLY E 374 -1.34 47.60 5.80
CA GLY E 374 -2.56 47.00 5.28
C GLY E 374 -2.43 45.53 4.91
N VAL E 375 -1.49 45.20 4.04
CA VAL E 375 -1.33 43.86 3.50
C VAL E 375 0.07 43.37 3.85
N PHE E 376 0.14 42.23 4.53
CA PHE E 376 1.40 41.62 4.93
C PHE E 376 1.67 40.39 4.06
N LEU E 377 2.94 40.17 3.73
CA LEU E 377 3.35 39.09 2.84
C LEU E 377 4.17 38.07 3.61
N GLN E 378 3.75 36.81 3.53
CA GLN E 378 4.53 35.68 4.04
C GLN E 378 5.36 35.09 2.90
N ASN E 379 6.64 34.83 3.18
CA ASN E 379 7.57 34.30 2.18
C ASN E 379 7.74 35.30 1.03
N ALA E 380 8.39 34.87 -0.04
CA ALA E 380 8.52 35.65 -1.28
C ALA E 380 9.22 36.99 -1.05
N GLY E 381 10.07 37.08 -0.02
CA GLY E 381 10.73 38.33 0.28
C GLY E 381 12.25 38.22 0.39
N VAL E 382 12.85 37.36 -0.42
CA VAL E 382 14.31 37.17 -0.36
C VAL E 382 15.02 38.45 -0.76
N HIS E 383 14.46 39.20 -1.72
CA HIS E 383 15.10 40.44 -2.15
C HIS E 383 14.98 41.55 -1.10
N THR E 384 14.23 41.34 -0.03
CA THR E 384 14.12 42.32 1.05
C THR E 384 14.55 41.78 2.41
N HIS E 385 14.35 40.49 2.68
CA HIS E 385 14.71 39.91 3.97
C HIS E 385 15.68 38.75 3.83
N SER E 386 16.32 38.59 2.67
CA SER E 386 17.39 37.62 2.44
C SER E 386 16.89 36.21 2.78
N ILE E 387 17.79 35.37 3.31
CA ILE E 387 17.51 33.95 3.52
C ILE E 387 16.41 33.73 4.54
N THR E 388 16.10 34.73 5.38
CA THR E 388 15.09 34.56 6.40
C THR E 388 13.67 34.47 5.84
N SER E 389 13.47 34.78 4.55
CA SER E 389 12.10 34.87 4.04
C SER E 389 11.40 33.52 3.95
N PRO E 390 11.99 32.47 3.36
CA PRO E 390 11.32 31.16 3.37
C PRO E 390 11.71 30.26 4.54
N ASP E 391 12.41 30.78 5.54
CA ASP E 391 12.94 29.96 6.62
C ASP E 391 11.86 29.63 7.63
N LEU E 392 11.64 28.33 7.86
CA LEU E 392 10.72 27.92 8.93
C LEU E 392 11.19 28.43 10.29
N GLY E 393 12.50 28.59 10.47
CA GLY E 393 13.07 29.10 11.70
C GLY E 393 12.87 30.58 11.93
N MET E 394 12.24 31.29 11.01
CA MET E 394 11.92 32.69 11.21
C MET E 394 10.42 32.96 11.05
N GLY E 395 9.60 31.91 10.93
CA GLY E 395 8.18 32.10 10.80
C GLY E 395 7.55 32.72 12.04
N ALA E 396 7.90 32.20 13.21
CA ALA E 396 7.35 32.73 14.45
C ALA E 396 7.80 34.17 14.67
N TYR E 397 9.04 34.49 14.31
CA TYR E 397 9.53 35.86 14.41
C TYR E 397 8.71 36.80 13.53
N ARG E 398 8.60 36.48 12.24
CA ARG E 398 7.83 37.30 11.32
C ARG E 398 6.37 37.41 11.77
N ASN E 399 5.79 36.30 12.23
CA ASN E 399 4.42 36.34 12.71
C ASN E 399 4.29 37.21 13.95
N SER E 400 5.34 37.27 14.77
CA SER E 400 5.31 38.16 15.93
C SER E 400 5.35 39.62 15.50
N CYS E 401 6.08 39.94 14.44
CA CYS E 401 6.12 41.31 13.92
C CYS E 401 4.79 41.70 13.30
N ILE E 402 4.19 40.78 12.53
CA ILE E 402 2.87 41.04 11.94
C ILE E 402 1.83 41.23 13.04
N ILE E 403 1.89 40.41 14.08
CA ILE E 403 0.97 40.56 15.21
C ILE E 403 1.20 41.90 15.90
N ARG E 404 2.47 42.29 16.08
CA ARG E 404 2.78 43.56 16.74
C ARG E 404 2.22 44.73 15.94
N GLU E 405 2.23 44.64 14.61
CA GLU E 405 1.69 45.72 13.79
C GLU E 405 0.17 45.72 13.82
N LEU E 406 -0.45 44.54 13.85
CA LEU E 406 -1.90 44.47 13.84
C LEU E 406 -2.51 45.03 15.12
N LEU E 407 -1.86 44.78 16.26
CA LEU E 407 -2.39 45.21 17.54
C LEU E 407 -1.98 46.64 17.90
N GLY E 408 -0.92 47.16 17.30
CA GLY E 408 -0.37 48.44 17.69
C GLY E 408 0.58 48.38 18.87
N THR E 409 0.82 47.20 19.42
CA THR E 409 1.75 47.02 20.53
C THR E 409 2.29 45.60 20.49
N GLU E 410 3.31 45.35 21.31
CA GLU E 410 3.92 44.04 21.37
C GLU E 410 2.96 43.03 22.01
N TYR E 411 3.19 41.76 21.69
CA TYR E 411 2.51 40.66 22.36
C TYR E 411 3.53 39.57 22.66
N TYR E 412 4.19 39.08 21.63
CA TYR E 412 5.31 38.20 21.92
C TYR E 412 6.62 38.99 21.89
N PRO E 413 7.55 38.70 22.81
CA PRO E 413 8.82 39.45 22.83
C PRO E 413 9.58 39.26 21.53
N VAL E 414 9.89 40.37 20.87
CA VAL E 414 10.62 40.38 19.62
C VAL E 414 12.08 40.70 19.92
N GLU E 415 12.97 39.75 19.63
CA GLU E 415 14.38 39.95 19.92
C GLU E 415 14.98 41.01 19.01
N LYS E 416 15.71 41.95 19.59
CA LYS E 416 16.41 42.94 18.80
C LYS E 416 17.67 42.33 18.17
N THR E 417 18.49 41.66 18.97
CA THR E 417 19.71 41.02 18.50
C THR E 417 19.79 39.62 19.08
N ILE E 418 20.30 38.68 18.28
CA ILE E 418 20.59 37.33 18.77
C ILE E 418 22.01 36.89 18.49
N ALA E 419 22.75 37.57 17.61
CA ALA E 419 24.04 37.08 17.15
C ALA E 419 25.19 37.68 17.96
N PHE E 420 26.32 36.96 17.95
CA PHE E 420 27.53 37.49 18.58
C PHE E 420 28.23 38.49 17.69
N GLN E 421 28.08 38.37 16.38
CA GLN E 421 28.77 39.25 15.44
C GLN E 421 27.89 40.43 15.07
N GLU E 422 28.52 41.46 14.49
CA GLU E 422 27.84 42.64 13.99
C GLU E 422 28.00 42.71 12.48
N PHE E 423 26.94 43.12 11.80
CA PHE E 423 26.94 43.27 10.35
C PHE E 423 26.93 44.73 9.91
N SER E 424 26.22 45.59 10.63
CA SER E 424 26.18 47.01 10.34
C SER E 424 27.14 47.75 11.27
N VAL E 425 28.02 48.57 10.68
CA VAL E 425 28.94 49.37 11.47
C VAL E 425 28.41 50.78 11.64
N THR F 10 61.21 -33.51 -0.17
CA THR F 10 61.31 -32.09 0.13
C THR F 10 60.59 -31.75 1.44
N VAL F 11 61.34 -31.19 2.38
CA VAL F 11 60.80 -30.77 3.67
C VAL F 11 60.73 -29.25 3.69
N HIS F 12 59.63 -28.73 4.22
CA HIS F 12 59.43 -27.29 4.36
C HIS F 12 59.78 -26.87 5.78
N ASP F 13 59.96 -25.57 5.96
CA ASP F 13 60.18 -25.04 7.30
C ASP F 13 58.89 -25.11 8.12
N PHE F 14 57.76 -24.81 7.49
CA PHE F 14 56.46 -24.93 8.15
C PHE F 14 55.39 -25.16 7.11
N VAL F 15 54.26 -25.70 7.55
CA VAL F 15 53.08 -25.90 6.71
C VAL F 15 51.95 -25.06 7.27
N GLY F 16 51.29 -24.29 6.41
CA GLY F 16 50.11 -23.55 6.78
C GLY F 16 48.87 -24.32 6.37
N ILE F 17 48.02 -24.62 7.35
CA ILE F 17 46.78 -25.35 7.11
C ILE F 17 45.63 -24.38 7.29
N GLY F 18 44.95 -24.06 6.20
CA GLY F 18 43.89 -23.07 6.23
C GLY F 18 44.39 -21.71 5.83
N LEU F 19 43.72 -21.05 4.90
CA LEU F 19 44.12 -19.74 4.40
C LEU F 19 43.00 -18.75 4.68
N GLY F 20 42.94 -18.28 5.91
CA GLY F 20 42.10 -17.16 6.27
C GLY F 20 42.94 -15.90 6.31
N PRO F 21 42.37 -14.81 6.83
CA PRO F 21 43.15 -13.56 6.93
C PRO F 21 44.44 -13.71 7.70
N PHE F 22 44.46 -14.51 8.77
CA PHE F 22 45.64 -14.59 9.62
C PHE F 22 46.76 -15.39 8.96
N ASN F 23 46.44 -16.51 8.33
CA ASN F 23 47.48 -17.27 7.63
C ASN F 23 47.87 -16.62 6.31
N LEU F 24 46.94 -15.94 5.65
CA LEU F 24 47.30 -15.16 4.46
C LEU F 24 48.27 -14.05 4.82
N GLY F 25 48.02 -13.36 5.93
CA GLY F 25 48.97 -12.35 6.39
C GLY F 25 50.34 -12.93 6.66
N LEU F 26 50.38 -14.16 7.19
CA LEU F 26 51.66 -14.83 7.39
C LEU F 26 52.30 -15.19 6.05
N ALA F 27 51.49 -15.59 5.07
CA ALA F 27 52.02 -15.86 3.74
C ALA F 27 52.61 -14.59 3.12
N CYS F 28 51.96 -13.45 3.35
CA CYS F 28 52.45 -12.19 2.79
C CYS F 28 53.71 -11.71 3.50
N LEU F 29 53.79 -11.93 4.80
CA LEU F 29 54.94 -11.45 5.58
C LEU F 29 56.15 -12.37 5.47
N THR F 30 55.96 -13.63 5.10
CA THR F 30 57.08 -14.56 4.94
C THR F 30 57.57 -14.65 3.50
N GLU F 31 56.86 -14.02 2.55
CA GLU F 31 57.27 -14.10 1.15
C GLU F 31 58.64 -13.50 0.88
N PRO F 32 58.99 -12.30 1.37
CA PRO F 32 60.33 -11.76 1.12
C PRO F 32 61.42 -12.31 2.05
N ILE F 33 61.12 -13.33 2.86
CA ILE F 33 62.09 -13.91 3.78
C ILE F 33 62.64 -15.16 3.13
N ASP F 34 63.84 -15.04 2.53
CA ASP F 34 64.41 -16.16 1.79
C ASP F 34 64.72 -17.35 2.70
N GLU F 35 65.19 -17.07 3.91
CA GLU F 35 65.51 -18.15 4.85
C GLU F 35 64.28 -18.97 5.23
N LEU F 36 63.08 -18.41 5.13
CA LEU F 36 61.86 -19.13 5.45
C LEU F 36 61.31 -19.80 4.20
N ASP F 37 60.92 -21.05 4.33
CA ASP F 37 60.34 -21.84 3.25
C ASP F 37 59.04 -22.46 3.77
N GLY F 38 57.91 -21.85 3.41
CA GLY F 38 56.61 -22.31 3.84
C GLY F 38 55.70 -22.60 2.66
N ILE F 39 54.60 -23.27 2.95
CA ILE F 39 53.57 -23.55 1.97
C ILE F 39 52.23 -23.63 2.70
N PHE F 40 51.19 -23.12 2.06
CA PHE F 40 49.87 -23.01 2.67
C PHE F 40 48.87 -23.86 1.89
N LEU F 41 48.00 -24.54 2.63
CA LEU F 41 47.02 -25.46 2.06
C LEU F 41 45.63 -24.98 2.43
N GLU F 42 44.76 -24.82 1.43
CA GLU F 42 43.44 -24.24 1.61
C GLU F 42 42.39 -25.14 0.95
N SER F 43 41.29 -25.39 1.67
CA SER F 43 40.23 -26.25 1.15
C SER F 43 39.57 -25.64 -0.08
N LYS F 44 39.26 -24.34 -0.02
CA LYS F 44 38.51 -23.68 -1.07
C LYS F 44 39.37 -23.50 -2.32
N PRO F 45 38.74 -23.34 -3.49
CA PRO F 45 39.51 -23.05 -4.71
C PRO F 45 40.09 -21.65 -4.74
N ASP F 46 39.56 -20.74 -3.94
CA ASP F 46 40.05 -19.37 -3.87
C ASP F 46 39.68 -18.80 -2.52
N PHE F 47 40.37 -17.72 -2.15
CA PHE F 47 40.05 -17.02 -0.91
C PHE F 47 38.63 -16.47 -0.97
N GLU F 48 37.86 -16.73 0.08
CA GLU F 48 36.54 -16.14 0.24
C GLU F 48 36.26 -15.95 1.71
N TRP F 49 35.92 -14.72 2.10
CA TRP F 49 35.86 -14.32 3.50
C TRP F 49 34.41 -14.02 3.88
N HIS F 50 33.73 -15.04 4.43
CA HIS F 50 32.37 -14.91 4.96
C HIS F 50 31.43 -14.29 3.93
N ALA F 51 31.40 -14.89 2.74
CA ALA F 51 30.60 -14.34 1.65
C ALA F 51 29.10 -14.40 1.95
N GLY F 52 28.67 -15.31 2.84
CA GLY F 52 27.27 -15.35 3.22
C GLY F 52 26.81 -14.11 3.94
N MET F 53 27.75 -13.29 4.44
CA MET F 53 27.44 -12.05 5.11
C MET F 53 27.83 -10.83 4.27
N PHE F 54 27.89 -11.01 2.94
CA PHE F 54 28.21 -9.92 2.02
C PHE F 54 26.96 -9.06 1.76
N LEU F 55 26.41 -8.53 2.85
CA LEU F 55 25.26 -7.65 2.73
C LEU F 55 25.68 -6.31 2.14
N ASP F 56 24.70 -5.58 1.59
CA ASP F 56 24.98 -4.31 0.95
C ASP F 56 25.48 -3.30 1.98
N GLY F 57 26.64 -2.70 1.69
CA GLY F 57 27.24 -1.73 2.58
C GLY F 57 28.00 -2.31 3.76
N ALA F 58 28.02 -3.63 3.92
CA ALA F 58 28.70 -4.24 5.06
C ALA F 58 30.20 -3.96 4.99
N HIS F 59 30.77 -3.64 6.15
CA HIS F 59 32.16 -3.21 6.22
C HIS F 59 32.84 -3.87 7.40
N LEU F 60 34.15 -3.66 7.49
CA LEU F 60 34.93 -4.16 8.61
C LEU F 60 34.60 -3.36 9.87
N GLN F 61 34.91 -3.96 11.02
CA GLN F 61 34.87 -3.27 12.29
C GLN F 61 36.23 -2.73 12.72
N THR F 62 37.27 -3.01 11.95
CA THR F 62 38.60 -2.49 12.21
C THR F 62 39.07 -1.64 11.03
N PRO F 63 39.85 -0.59 11.29
CA PRO F 63 40.35 0.26 10.18
C PRO F 63 41.21 -0.54 9.21
N PHE F 64 41.44 0.07 8.04
CA PHE F 64 42.14 -0.64 6.97
C PHE F 64 43.59 -0.95 7.32
N MET F 65 44.17 -0.27 8.30
CA MET F 65 45.50 -0.65 8.76
C MET F 65 45.53 -2.05 9.37
N SER F 66 44.36 -2.63 9.66
CA SER F 66 44.27 -4.00 10.13
C SER F 66 44.30 -4.97 8.96
N ASP F 67 44.99 -4.60 7.88
CA ASP F 67 45.08 -5.47 6.72
C ASP F 67 46.06 -6.61 7.00
N LEU F 68 46.70 -7.13 5.95
CA LEU F 68 47.52 -8.33 6.09
C LEU F 68 48.95 -8.05 6.53
N VAL F 69 49.44 -6.81 6.40
CA VAL F 69 50.87 -6.56 6.57
C VAL F 69 51.18 -5.26 7.28
N THR F 70 50.30 -4.26 7.14
CA THR F 70 50.68 -2.87 7.43
C THR F 70 51.19 -2.71 8.86
N LEU F 71 50.49 -3.29 9.84
CA LEU F 71 50.88 -3.10 11.23
C LEU F 71 52.22 -3.75 11.54
N ALA F 72 52.68 -4.68 10.71
CA ALA F 72 54.02 -5.25 10.84
C ALA F 72 55.04 -4.56 9.94
N ASP F 73 54.64 -4.18 8.72
CA ASP F 73 55.55 -3.54 7.76
C ASP F 73 54.72 -2.71 6.80
N PRO F 74 54.62 -1.40 7.02
CA PRO F 74 53.83 -0.56 6.11
C PRO F 74 54.36 -0.50 4.70
N THR F 75 55.64 -0.81 4.49
CA THR F 75 56.22 -0.77 3.15
C THR F 75 55.97 -2.04 2.36
N SER F 76 55.23 -3.00 2.91
CA SER F 76 55.00 -4.26 2.21
C SER F 76 54.13 -4.03 0.98
N PRO F 77 54.45 -4.65 -0.15
CA PRO F 77 53.65 -4.42 -1.37
C PRO F 77 52.25 -5.03 -1.31
N TYR F 78 51.94 -5.85 -0.31
CA TYR F 78 50.62 -6.45 -0.18
C TYR F 78 49.71 -5.67 0.75
N SER F 79 49.99 -4.39 0.97
CA SER F 79 49.16 -3.57 1.83
C SER F 79 47.87 -3.16 1.11
N PHE F 80 46.89 -2.74 1.89
CA PHE F 80 45.60 -2.32 1.34
C PHE F 80 45.75 -1.06 0.49
N LEU F 81 46.60 -0.12 0.92
CA LEU F 81 46.79 1.11 0.16
C LEU F 81 47.51 0.83 -1.15
N ASN F 82 48.46 -0.10 -1.15
CA ASN F 82 49.12 -0.48 -2.40
C ASN F 82 48.15 -1.23 -3.32
N TYR F 83 47.23 -1.98 -2.74
CA TYR F 83 46.20 -2.64 -3.53
C TYR F 83 45.29 -1.61 -4.20
N LEU F 84 44.88 -0.58 -3.46
CA LEU F 84 44.08 0.48 -4.05
C LEU F 84 44.85 1.20 -5.15
N LYS F 85 46.14 1.43 -4.95
CA LYS F 85 46.95 2.13 -5.94
C LYS F 85 46.96 1.37 -7.26
N GLU F 86 47.21 0.06 -7.21
CA GLU F 86 47.23 -0.76 -8.41
C GLU F 86 45.83 -0.87 -9.03
N LYS F 87 44.79 -0.84 -8.21
CA LYS F 87 43.42 -0.94 -8.71
C LYS F 87 42.88 0.38 -9.24
N GLY F 88 43.67 1.44 -9.22
CA GLY F 88 43.20 2.73 -9.70
C GLY F 88 42.12 3.35 -8.84
N ARG F 89 42.04 2.99 -7.57
CA ARG F 89 40.97 3.45 -6.69
C ARG F 89 41.49 4.17 -5.45
N LEU F 90 42.81 4.38 -5.36
CA LEU F 90 43.39 4.96 -4.14
C LEU F 90 42.87 6.37 -3.91
N TYR F 91 42.84 7.20 -4.95
CA TYR F 91 42.35 8.57 -4.80
C TYR F 91 40.87 8.59 -4.44
N SER F 92 40.07 7.72 -5.07
CA SER F 92 38.65 7.66 -4.72
C SER F 92 38.46 7.27 -3.26
N PHE F 93 39.24 6.30 -2.78
CA PHE F 93 39.21 5.94 -1.37
C PHE F 93 39.68 7.09 -0.50
N TYR F 94 40.66 7.85 -0.99
CA TYR F 94 41.15 9.02 -0.26
C TYR F 94 40.03 10.04 -0.04
N ILE F 95 39.15 10.19 -1.03
CA ILE F 95 38.01 11.10 -0.88
C ILE F 95 36.97 10.49 0.05
N ARG F 96 36.79 9.17 -0.01
CA ARG F 96 35.79 8.51 0.82
C ARG F 96 36.05 8.75 2.30
N GLU F 97 37.32 8.81 2.70
CA GLU F 97 37.71 9.18 4.06
C GLU F 97 37.01 8.31 5.10
N ASN F 98 37.03 7.01 4.87
CA ASN F 98 36.40 6.04 5.76
C ASN F 98 37.44 5.00 6.13
N PHE F 99 37.64 4.80 7.43
CA PHE F 99 38.66 3.86 7.89
C PHE F 99 38.27 2.41 7.62
N TYR F 100 36.99 2.12 7.45
CA TYR F 100 36.52 0.75 7.38
C TYR F 100 36.21 0.36 5.94
N PRO F 101 37.03 -0.48 5.30
CA PRO F 101 36.70 -0.94 3.96
C PRO F 101 35.47 -1.83 3.97
N LEU F 102 34.74 -1.80 2.86
CA LEU F 102 33.60 -2.68 2.69
C LEU F 102 34.06 -4.14 2.65
N ARG F 103 33.20 -5.04 3.13
CA ARG F 103 33.60 -6.44 3.26
C ARG F 103 33.84 -7.09 1.91
N VAL F 104 33.09 -6.70 0.88
CA VAL F 104 33.38 -7.22 -0.46
C VAL F 104 34.73 -6.70 -0.93
N GLU F 105 35.08 -5.47 -0.55
CA GLU F 105 36.37 -4.91 -0.93
C GLU F 105 37.51 -5.62 -0.23
N TYR F 106 37.36 -5.93 1.06
CA TYR F 106 38.39 -6.66 1.79
C TYR F 106 38.59 -8.04 1.19
N ASP F 107 37.51 -8.71 0.78
CA ASP F 107 37.62 -10.01 0.15
C ASP F 107 38.37 -9.90 -1.18
N ASP F 108 38.01 -8.91 -2.00
CA ASP F 108 38.72 -8.69 -3.26
C ASP F 108 40.20 -8.39 -3.00
N TYR F 109 40.49 -7.60 -1.97
CA TYR F 109 41.87 -7.32 -1.62
C TYR F 109 42.61 -8.59 -1.21
N CYS F 110 41.94 -9.46 -0.46
CA CYS F 110 42.60 -10.69 -0.01
C CYS F 110 42.84 -11.65 -1.17
N ARG F 111 41.87 -11.76 -2.09
CA ARG F 111 42.11 -12.57 -3.29
C ARG F 111 43.25 -12.02 -4.12
N TRP F 112 43.34 -10.68 -4.20
CA TRP F 112 44.42 -10.04 -4.94
C TRP F 112 45.78 -10.35 -4.31
N ALA F 113 45.85 -10.41 -2.98
CA ALA F 113 47.11 -10.69 -2.32
C ALA F 113 47.50 -12.17 -2.45
N ALA F 114 46.51 -13.06 -2.41
CA ALA F 114 46.81 -14.48 -2.52
C ALA F 114 47.29 -14.84 -3.93
N ASN F 115 46.63 -14.28 -4.95
CA ASN F 115 47.02 -14.57 -6.32
C ASN F 115 48.43 -14.10 -6.63
N LYS F 116 48.89 -13.04 -5.97
CA LYS F 116 50.24 -12.54 -6.17
C LYS F 116 51.30 -13.47 -5.61
N LEU F 117 50.93 -14.42 -4.77
CA LEU F 117 51.89 -15.25 -4.05
C LEU F 117 52.10 -16.59 -4.72
N SER F 118 53.19 -17.26 -4.32
CA SER F 118 53.58 -18.53 -4.91
C SER F 118 53.38 -19.72 -3.98
N SER F 119 53.23 -19.49 -2.67
CA SER F 119 53.28 -20.53 -1.67
C SER F 119 51.92 -21.14 -1.33
N ILE F 120 50.87 -20.77 -2.06
CA ILE F 120 49.52 -21.19 -1.73
C ILE F 120 49.06 -22.26 -2.71
N ARG F 121 48.60 -23.38 -2.18
CA ARG F 121 47.97 -24.46 -2.97
C ARG F 121 46.49 -24.50 -2.59
N PHE F 122 45.65 -23.93 -3.46
CA PHE F 122 44.22 -23.94 -3.21
C PHE F 122 43.63 -25.32 -3.49
N GLY F 123 42.36 -25.49 -3.11
CA GLY F 123 41.66 -26.73 -3.33
C GLY F 123 42.34 -27.93 -2.71
N THR F 124 42.76 -27.81 -1.44
CA THR F 124 43.53 -28.84 -0.77
C THR F 124 43.01 -28.96 0.67
N THR F 125 42.21 -29.99 0.93
CA THR F 125 41.69 -30.24 2.27
C THR F 125 42.63 -31.19 3.00
N VAL F 126 43.13 -30.75 4.16
CA VAL F 126 43.99 -31.58 4.98
C VAL F 126 43.13 -32.56 5.76
N THR F 127 43.55 -33.83 5.80
CA THR F 127 42.76 -34.88 6.44
C THR F 127 43.49 -35.65 7.53
N GLU F 128 44.81 -35.59 7.58
CA GLU F 128 45.55 -36.29 8.63
C GLU F 128 46.90 -35.62 8.84
N VAL F 129 47.30 -35.52 10.11
CA VAL F 129 48.60 -35.01 10.50
C VAL F 129 49.26 -36.03 11.41
N ARG F 130 50.49 -36.42 11.08
CA ARG F 130 51.26 -37.38 11.87
C ARG F 130 52.61 -36.78 12.21
N TYR F 131 53.29 -37.44 13.15
CA TYR F 131 54.63 -37.01 13.59
C TYR F 131 55.59 -38.18 13.39
N GLU F 132 56.55 -38.01 12.49
CA GLU F 132 57.53 -39.06 12.19
C GLU F 132 58.87 -38.43 11.87
N ASP F 133 59.94 -38.97 12.45
CA ASP F 133 61.31 -38.52 12.20
C ASP F 133 61.47 -37.04 12.54
N ASP F 134 60.85 -36.63 13.64
CA ASP F 134 60.89 -35.25 14.13
C ASP F 134 60.29 -34.26 13.13
N LEU F 135 59.49 -34.75 12.19
CA LEU F 135 58.80 -33.92 11.21
C LEU F 135 57.30 -34.15 11.31
N TYR F 136 56.54 -33.17 10.84
CA TYR F 136 55.09 -33.26 10.80
C TYR F 136 54.67 -33.66 9.40
N VAL F 137 53.93 -34.76 9.30
CA VAL F 137 53.49 -35.32 8.02
C VAL F 137 52.05 -34.89 7.81
N VAL F 138 51.83 -34.07 6.78
CA VAL F 138 50.51 -33.55 6.45
C VAL F 138 50.06 -34.24 5.17
N THR F 139 48.99 -35.03 5.27
CA THR F 139 48.45 -35.69 4.09
C THR F 139 47.06 -35.14 3.79
N THR F 140 46.82 -34.89 2.51
CA THR F 140 45.62 -34.22 2.04
C THR F 140 44.57 -35.25 1.61
N SER F 141 43.36 -34.74 1.34
CA SER F 141 42.28 -35.60 0.87
C SER F 141 42.56 -36.18 -0.52
N ALA F 142 43.55 -35.65 -1.23
CA ALA F 142 43.94 -36.15 -2.54
C ALA F 142 45.17 -37.05 -2.49
N GLY F 143 45.59 -37.47 -1.30
CA GLY F 143 46.73 -38.33 -1.14
C GLY F 143 48.07 -37.65 -1.14
N ASP F 144 48.12 -36.33 -1.30
CA ASP F 144 49.39 -35.62 -1.29
C ASP F 144 49.94 -35.56 0.13
N VAL F 145 51.27 -35.65 0.24
CA VAL F 145 51.96 -35.67 1.52
C VAL F 145 52.93 -34.50 1.56
N TYR F 146 52.84 -33.67 2.59
CA TYR F 146 53.75 -32.56 2.82
C TYR F 146 54.42 -32.74 4.18
N ARG F 147 55.71 -32.47 4.24
CA ARG F 147 56.48 -32.59 5.47
C ARG F 147 57.08 -31.25 5.84
N ALA F 148 57.05 -30.93 7.14
CA ALA F 148 57.58 -29.68 7.62
C ALA F 148 57.99 -29.82 9.08
N ARG F 149 58.96 -29.02 9.49
CA ARG F 149 59.41 -29.03 10.88
C ARG F 149 58.41 -28.34 11.81
N HIS F 150 57.55 -27.48 11.28
CA HIS F 150 56.58 -26.76 12.09
C HIS F 150 55.21 -26.76 11.40
N LEU F 151 54.20 -26.35 12.15
CA LEU F 151 52.83 -26.26 11.65
C LEU F 151 52.21 -24.97 12.17
N VAL F 152 51.49 -24.26 11.31
CA VAL F 152 50.72 -23.09 11.69
C VAL F 152 49.26 -23.38 11.35
N LEU F 153 48.45 -23.59 12.38
CA LEU F 153 47.06 -23.98 12.20
C LEU F 153 46.20 -22.73 12.10
N GLY F 154 45.60 -22.52 10.93
CA GLY F 154 44.70 -21.40 10.72
C GLY F 154 43.45 -21.80 9.98
N THR F 155 42.65 -22.68 10.59
CA THR F 155 41.45 -23.21 9.97
C THR F 155 40.18 -22.50 10.44
N GLY F 156 40.31 -21.44 11.22
CA GLY F 156 39.18 -20.61 11.58
C GLY F 156 38.29 -21.22 12.65
N THR F 157 37.14 -20.57 12.83
CA THR F 157 36.14 -20.98 13.82
C THR F 157 34.83 -21.28 13.11
N PRO F 158 34.48 -22.54 12.93
CA PRO F 158 33.26 -22.89 12.17
C PRO F 158 32.01 -22.40 12.88
N PRO F 159 30.88 -22.33 12.18
CA PRO F 159 29.65 -21.85 12.81
C PRO F 159 29.21 -22.71 13.98
N TYR F 160 28.54 -22.09 14.93
CA TYR F 160 27.91 -22.76 16.06
C TYR F 160 26.40 -22.52 16.01
N ILE F 161 25.63 -23.57 16.26
CA ILE F 161 24.18 -23.46 16.36
C ILE F 161 23.76 -24.05 17.69
N PRO F 162 22.63 -23.63 18.26
CA PRO F 162 22.19 -24.21 19.54
C PRO F 162 21.90 -25.70 19.41
N GLU F 163 22.09 -26.42 20.52
CA GLU F 163 21.82 -27.85 20.52
C GLU F 163 20.35 -28.14 20.24
N ALA F 164 19.46 -27.22 20.58
CA ALA F 164 18.04 -27.40 20.32
C ALA F 164 17.70 -27.45 18.83
N CYS F 165 18.65 -27.12 17.96
CA CYS F 165 18.42 -27.14 16.52
C CYS F 165 19.25 -28.20 15.81
N GLN F 166 19.92 -29.08 16.55
CA GLN F 166 20.68 -30.16 15.92
C GLN F 166 19.71 -31.20 15.36
N GLY F 167 19.90 -31.54 14.08
CA GLY F 167 18.97 -32.43 13.43
C GLY F 167 17.59 -31.84 13.21
N LEU F 168 17.45 -30.52 13.28
CA LEU F 168 16.17 -29.88 13.04
C LEU F 168 15.83 -29.95 11.56
N ASP F 169 14.55 -30.21 11.28
CA ASP F 169 14.08 -30.27 9.90
C ASP F 169 13.94 -28.86 9.33
N GLY F 170 13.63 -28.80 8.04
CA GLY F 170 13.31 -27.53 7.41
C GLY F 170 14.49 -26.85 6.76
N ASP F 171 14.26 -25.61 6.36
CA ASP F 171 15.22 -24.82 5.60
C ASP F 171 15.89 -23.74 6.44
N PHE F 172 15.93 -23.91 7.76
CA PHE F 172 16.58 -22.93 8.62
C PHE F 172 18.05 -22.80 8.25
N ILE F 173 18.58 -21.60 8.43
CA ILE F 173 19.95 -21.30 8.05
C ILE F 173 20.69 -20.66 9.22
N HIS F 174 21.97 -20.98 9.32
CA HIS F 174 22.89 -20.15 10.09
C HIS F 174 23.15 -18.87 9.30
N ASN F 175 23.49 -17.80 10.03
CA ASN F 175 23.75 -16.53 9.35
C ASN F 175 24.90 -16.63 8.36
N SER F 176 25.73 -17.67 8.45
CA SER F 176 26.83 -17.86 7.51
C SER F 176 26.36 -18.04 6.08
N ARG F 177 25.09 -18.40 5.87
CA ARG F 177 24.53 -18.59 4.54
C ARG F 177 23.30 -17.72 4.35
N TYR F 178 23.33 -16.49 4.87
CA TYR F 178 22.16 -15.63 4.83
C TYR F 178 21.95 -15.03 3.44
N VAL F 179 23.01 -14.53 2.82
CA VAL F 179 22.86 -13.85 1.53
C VAL F 179 22.35 -14.83 0.47
N GLN F 180 22.80 -16.08 0.52
CA GLN F 180 22.36 -17.09 -0.43
C GLN F 180 20.91 -17.51 -0.24
N HIS F 181 20.29 -17.19 0.89
CA HIS F 181 18.93 -17.59 1.17
C HIS F 181 18.00 -16.40 1.39
N ARG F 182 18.47 -15.18 1.15
CA ARG F 182 17.64 -14.01 1.42
C ARG F 182 16.41 -13.97 0.52
N SER F 183 16.56 -14.33 -0.76
CA SER F 183 15.45 -14.26 -1.69
C SER F 183 14.28 -15.14 -1.24
N GLU F 184 14.58 -16.32 -0.67
CA GLU F 184 13.53 -17.21 -0.22
C GLU F 184 12.99 -16.82 1.16
N LEU F 185 13.84 -16.23 2.00
CA LEU F 185 13.40 -15.86 3.35
C LEU F 185 12.35 -14.76 3.31
N VAL F 186 12.53 -13.75 2.44
CA VAL F 186 11.62 -12.62 2.41
C VAL F 186 10.25 -12.99 1.87
N LYS F 187 10.10 -14.16 1.24
CA LYS F 187 8.80 -14.59 0.76
C LYS F 187 7.91 -15.12 1.88
N LYS F 188 8.49 -15.57 2.99
CA LYS F 188 7.71 -16.16 4.07
C LYS F 188 6.85 -15.11 4.76
N GLU F 189 5.93 -15.57 5.61
CA GLU F 189 5.02 -14.66 6.32
C GLU F 189 5.53 -14.29 7.70
N SER F 190 6.55 -14.96 8.23
CA SER F 190 7.13 -14.61 9.52
C SER F 190 8.57 -15.08 9.56
N ILE F 191 9.46 -14.23 10.09
CA ILE F 191 10.88 -14.51 10.22
C ILE F 191 11.32 -14.22 11.65
N THR F 192 12.16 -15.09 12.19
CA THR F 192 12.68 -14.94 13.55
C THR F 192 14.19 -15.07 13.51
N ILE F 193 14.89 -14.04 14.01
CA ILE F 193 16.34 -14.05 14.15
C ILE F 193 16.67 -14.30 15.62
N VAL F 194 17.55 -15.26 15.87
CA VAL F 194 17.95 -15.63 17.22
C VAL F 194 19.42 -15.26 17.42
N GLY F 195 19.69 -14.49 18.48
CA GLY F 195 20.98 -13.89 18.70
C GLY F 195 20.93 -12.38 18.51
N SER F 196 21.95 -11.70 19.03
CA SER F 196 21.99 -10.24 18.98
C SER F 196 23.41 -9.74 18.84
N GLY F 197 24.23 -10.43 18.06
CA GLY F 197 25.54 -9.96 17.69
C GLY F 197 25.48 -9.04 16.48
N GLN F 198 26.66 -8.65 16.01
CA GLN F 198 26.75 -7.80 14.83
C GLN F 198 26.10 -8.46 13.61
N SER F 199 26.21 -9.79 13.51
CA SER F 199 25.59 -10.50 12.39
C SER F 199 24.07 -10.41 12.44
N ALA F 200 23.48 -10.65 13.62
CA ALA F 200 22.04 -10.60 13.75
C ALA F 200 21.51 -9.19 13.47
N ALA F 201 22.23 -8.17 13.94
CA ALA F 201 21.75 -6.80 13.78
C ALA F 201 21.77 -6.36 12.32
N GLU F 202 22.85 -6.71 11.60
CA GLU F 202 22.89 -6.41 10.16
C GLU F 202 21.73 -7.08 9.43
N ILE F 203 21.37 -8.29 9.85
CA ILE F 203 20.28 -9.00 9.19
C ILE F 203 18.93 -8.43 9.62
N TYR F 204 18.78 -8.07 10.89
CA TYR F 204 17.54 -7.44 11.33
C TYR F 204 17.30 -6.12 10.60
N GLN F 205 18.33 -5.29 10.49
CA GLN F 205 18.17 -4.01 9.81
C GLN F 205 17.80 -4.21 8.35
N ASP F 206 18.44 -5.16 7.68
CA ASP F 206 18.15 -5.43 6.28
C ASP F 206 16.71 -5.89 6.10
N LEU F 207 16.24 -6.78 6.97
CA LEU F 207 14.87 -7.29 6.85
C LEU F 207 13.85 -6.26 7.30
N LEU F 208 14.19 -5.43 8.30
CA LEU F 208 13.30 -4.36 8.72
C LEU F 208 13.18 -3.30 7.63
N GLY F 209 14.21 -3.15 6.80
CA GLY F 209 14.18 -2.11 5.77
C GLY F 209 13.14 -2.34 4.70
N GLU F 210 12.77 -3.60 4.47
CA GLU F 210 11.77 -3.95 3.47
C GLU F 210 10.56 -4.64 4.10
N ILE F 211 10.28 -4.34 5.36
CA ILE F 211 9.18 -4.99 6.06
C ILE F 211 7.83 -4.56 5.51
N ASP F 212 7.76 -3.42 4.83
CA ASP F 212 6.51 -2.98 4.22
C ASP F 212 6.34 -3.46 2.80
N VAL F 213 7.41 -3.92 2.15
CA VAL F 213 7.30 -4.43 0.79
C VAL F 213 6.80 -5.87 0.79
N HIS F 214 7.40 -6.72 1.62
CA HIS F 214 7.04 -8.14 1.66
C HIS F 214 5.98 -8.47 2.69
N GLY F 215 5.72 -7.57 3.63
CA GLY F 215 4.70 -7.78 4.64
C GLY F 215 4.84 -9.06 5.44
N TYR F 216 5.91 -9.15 6.23
CA TYR F 216 6.10 -10.27 7.14
C TYR F 216 6.27 -9.75 8.56
N ARG F 217 6.21 -10.67 9.52
CA ARG F 217 6.45 -10.36 10.93
C ARG F 217 7.89 -10.72 11.27
N LEU F 218 8.62 -9.76 11.84
CA LEU F 218 10.04 -9.90 12.10
C LEU F 218 10.26 -10.02 13.60
N ASN F 219 10.88 -11.14 14.02
CA ASN F 219 11.15 -11.40 15.43
C ASN F 219 12.66 -11.40 15.67
N TRP F 220 13.08 -10.66 16.70
CA TRP F 220 14.49 -10.59 17.10
C TRP F 220 14.56 -11.01 18.56
N VAL F 221 14.92 -12.27 18.80
CA VAL F 221 14.98 -12.84 20.14
C VAL F 221 16.43 -13.20 20.45
N THR F 222 16.88 -12.86 21.66
CA THR F 222 18.26 -13.11 22.05
C THR F 222 18.33 -13.53 23.51
N ARG F 223 19.34 -14.35 23.80
CA ARG F 223 19.63 -14.75 25.18
C ARG F 223 20.39 -13.68 25.95
N SER F 224 21.05 -12.75 25.24
CA SER F 224 21.83 -11.73 25.89
C SER F 224 20.93 -10.80 26.71
N PRO F 225 21.43 -10.24 27.82
CA PRO F 225 20.56 -9.43 28.68
C PRO F 225 20.11 -8.13 28.05
N ARG F 226 20.92 -7.55 27.15
CA ARG F 226 20.56 -6.36 26.41
C ARG F 226 21.06 -6.50 24.98
N PHE F 227 20.65 -5.55 24.14
CA PHE F 227 21.28 -5.37 22.83
C PHE F 227 22.55 -4.52 23.01
N PHE F 228 23.50 -5.07 23.77
CA PHE F 228 24.64 -4.28 24.20
C PHE F 228 25.54 -3.95 23.02
N PRO F 229 26.19 -2.80 23.05
CA PRO F 229 27.07 -2.40 21.95
C PRO F 229 28.50 -2.89 22.17
N LEU F 230 29.26 -2.84 21.08
CA LEU F 230 30.70 -3.12 21.16
C LEU F 230 31.40 -1.95 21.84
N GLU F 231 32.12 -2.26 22.92
CA GLU F 231 32.86 -1.23 23.66
C GLU F 231 34.07 -0.83 22.83
N TYR F 232 33.96 0.29 22.11
CA TYR F 232 34.96 0.70 21.13
C TYR F 232 35.69 1.99 21.51
N THR F 233 35.49 2.49 22.72
CA THR F 233 36.19 3.70 23.13
C THR F 233 37.69 3.40 23.33
N LYS F 234 38.51 4.46 23.20
CA LYS F 234 39.92 4.26 22.93
C LYS F 234 40.70 3.76 24.14
N LEU F 235 40.24 4.06 25.35
CA LEU F 235 40.90 3.50 26.53
C LEU F 235 40.66 1.99 26.65
N THR F 236 39.59 1.48 26.04
CA THR F 236 39.35 0.04 26.04
C THR F 236 40.09 -0.64 24.90
N LEU F 237 40.19 0.03 23.76
CA LEU F 237 40.98 -0.50 22.64
C LEU F 237 42.43 -0.73 23.01
N GLU F 238 42.93 -0.02 24.03
CA GLU F 238 44.29 -0.26 24.51
C GLU F 238 44.46 -1.67 25.10
N MET F 239 43.37 -2.38 25.36
CA MET F 239 43.47 -3.77 25.79
C MET F 239 43.80 -4.71 24.64
N THR F 240 43.63 -4.26 23.39
CA THR F 240 44.14 -4.95 22.21
C THR F 240 45.59 -4.52 22.02
N SER F 241 46.46 -5.04 22.86
CA SER F 241 47.83 -4.59 22.92
C SER F 241 48.74 -5.74 23.32
N PRO F 242 50.04 -5.65 23.02
CA PRO F 242 50.95 -6.70 23.49
C PRO F 242 51.05 -6.78 25.01
N GLU F 243 51.09 -5.64 25.69
CA GLU F 243 51.28 -5.65 27.14
C GLU F 243 50.06 -6.15 27.89
N TYR F 244 48.86 -6.05 27.30
CA TYR F 244 47.70 -6.64 27.95
C TYR F 244 47.72 -8.16 27.82
N ILE F 245 48.18 -8.67 26.67
CA ILE F 245 48.32 -10.11 26.50
C ILE F 245 49.31 -10.67 27.51
N ASP F 246 50.42 -9.97 27.72
CA ASP F 246 51.40 -10.40 28.72
C ASP F 246 50.77 -10.46 30.10
N TYR F 247 50.01 -9.43 30.47
CA TYR F 247 49.31 -9.43 31.75
C TYR F 247 48.25 -10.53 31.80
N TYR F 248 47.45 -10.63 30.74
CA TYR F 248 46.33 -11.57 30.72
C TYR F 248 46.82 -13.02 30.73
N ARG F 249 47.81 -13.34 29.89
CA ARG F 249 48.29 -14.72 29.79
C ARG F 249 48.88 -15.22 31.10
N GLU F 250 49.56 -14.33 31.85
CA GLU F 250 50.13 -14.72 33.13
C GLU F 250 49.11 -14.81 34.25
N LEU F 251 47.88 -14.36 34.02
CA LEU F 251 46.84 -14.50 35.03
C LEU F 251 46.49 -15.98 35.21
N PRO F 252 45.95 -16.35 36.38
CA PRO F 252 45.55 -17.75 36.60
C PRO F 252 44.50 -18.19 35.59
N GLU F 253 44.45 -19.50 35.37
CA GLU F 253 43.54 -20.05 34.37
C GLU F 253 42.08 -19.80 34.74
N ALA F 254 41.75 -19.91 36.03
CA ALA F 254 40.37 -19.67 36.46
C ALA F 254 39.99 -18.20 36.24
N THR F 255 40.94 -17.29 36.45
CA THR F 255 40.68 -15.88 36.18
C THR F 255 40.51 -15.62 34.70
N ARG F 256 41.28 -16.32 33.86
CA ARG F 256 41.19 -16.13 32.42
C ARG F 256 39.86 -16.62 31.86
N TYR F 257 39.30 -17.70 32.44
CA TYR F 257 38.04 -18.22 31.94
C TYR F 257 36.85 -17.39 32.41
N ARG F 258 36.99 -16.70 33.54
CA ARG F 258 35.93 -15.79 33.99
C ARG F 258 35.90 -14.53 33.15
N LEU F 259 37.07 -14.06 32.71
CA LEU F 259 37.12 -12.87 31.88
C LEU F 259 36.52 -13.11 30.51
N THR F 260 36.70 -14.32 29.96
CA THR F 260 36.12 -14.62 28.65
C THR F 260 34.60 -14.54 28.68
N ALA F 261 33.99 -14.79 29.83
CA ALA F 261 32.56 -14.60 29.98
C ALA F 261 32.19 -13.14 30.27
N GLU F 262 33.12 -12.38 30.84
CA GLU F 262 32.90 -10.98 31.16
C GLU F 262 33.29 -10.01 30.05
N GLN F 263 34.05 -10.47 29.05
CA GLN F 263 34.58 -9.60 28.01
C GLN F 263 33.93 -9.84 26.66
N LYS F 264 32.67 -10.29 26.65
CA LYS F 264 31.97 -10.49 25.39
C LYS F 264 31.66 -9.16 24.71
N GLY F 265 31.17 -8.19 25.47
CA GLY F 265 30.96 -6.86 24.93
C GLY F 265 32.22 -6.17 24.45
N LEU F 266 33.39 -6.77 24.66
CA LEU F 266 34.64 -6.19 24.23
C LEU F 266 35.00 -6.53 22.79
N PHE F 267 34.39 -7.56 22.21
CA PHE F 267 34.67 -7.92 20.82
C PHE F 267 33.45 -8.56 20.15
N LYS F 268 32.40 -8.83 20.94
CA LYS F 268 31.11 -9.19 20.36
C LYS F 268 30.23 -7.96 20.34
N GLY F 269 28.92 -8.15 20.52
CA GLY F 269 28.00 -7.03 20.54
C GLY F 269 27.84 -6.39 19.17
N ILE F 270 27.04 -5.32 19.15
CA ILE F 270 26.73 -4.60 17.93
C ILE F 270 27.47 -3.28 17.93
N ASP F 271 27.87 -2.82 16.76
CA ASP F 271 28.39 -1.46 16.65
C ASP F 271 27.29 -0.46 17.00
N GLY F 272 27.64 0.53 17.82
CA GLY F 272 26.63 1.42 18.37
C GLY F 272 25.88 2.20 17.30
N ASP F 273 26.56 2.56 16.21
CA ASP F 273 25.88 3.26 15.12
C ASP F 273 24.79 2.40 14.49
N LEU F 274 25.03 1.09 14.39
CA LEU F 274 24.03 0.21 13.82
C LEU F 274 22.83 0.05 14.75
N ILE F 275 23.08 0.02 16.06
CA ILE F 275 21.98 -0.01 17.02
C ILE F 275 21.12 1.23 16.88
N ASN F 276 21.76 2.40 16.82
CA ASN F 276 21.00 3.65 16.75
C ASN F 276 20.25 3.77 15.43
N GLU F 277 20.85 3.27 14.34
CA GLU F 277 20.16 3.33 13.05
C GLU F 277 18.95 2.40 13.03
N ILE F 278 19.03 1.25 13.70
CA ILE F 278 17.89 0.36 13.79
C ILE F 278 16.75 1.02 14.57
N PHE F 279 17.08 1.70 15.67
CA PHE F 279 16.05 2.42 16.43
C PHE F 279 15.43 3.52 15.59
N ASP F 280 16.24 4.24 14.82
CA ASP F 280 15.72 5.33 13.98
C ASP F 280 14.79 4.80 12.90
N LEU F 281 15.11 3.64 12.33
CA LEU F 281 14.23 3.03 11.34
C LEU F 281 12.93 2.57 11.97
N LEU F 282 12.99 2.04 13.20
CA LEU F 282 11.76 1.68 13.91
C LEU F 282 10.90 2.91 14.17
N TYR F 283 11.51 4.03 14.56
CA TYR F 283 10.76 5.26 14.78
C TYR F 283 10.13 5.74 13.48
N GLN F 284 10.87 5.71 12.38
CA GLN F 284 10.36 6.22 11.11
C GLN F 284 9.19 5.38 10.62
N LYS F 285 9.34 4.07 10.61
CA LYS F 285 8.29 3.20 10.10
C LYS F 285 7.08 3.14 11.03
N ASN F 286 7.27 3.44 12.32
CA ASN F 286 6.14 3.44 13.25
C ASN F 286 5.20 4.62 13.00
N LEU F 287 5.67 5.67 12.32
CA LEU F 287 4.82 6.83 12.06
C LEU F 287 3.62 6.45 11.19
N ALA F 288 3.79 5.48 10.30
CA ALA F 288 2.71 5.03 9.42
C ALA F 288 1.86 3.92 10.03
N GLY F 289 2.05 3.61 11.31
CA GLY F 289 1.28 2.59 11.97
C GLY F 289 2.13 1.62 12.75
N PRO F 290 1.49 0.74 13.52
CA PRO F 290 2.24 -0.25 14.31
C PRO F 290 3.05 -1.17 13.41
N VAL F 291 4.33 -1.32 13.75
CA VAL F 291 5.25 -2.16 12.97
C VAL F 291 5.12 -3.60 13.49
N PRO F 292 4.94 -4.58 12.60
CA PRO F 292 4.82 -5.98 13.03
C PRO F 292 6.16 -6.63 13.38
N THR F 293 6.80 -6.10 14.42
CA THR F 293 8.11 -6.60 14.82
C THR F 293 8.15 -6.75 16.34
N ARG F 294 9.00 -7.69 16.78
CA ARG F 294 9.16 -8.00 18.20
C ARG F 294 10.63 -8.09 18.53
N LEU F 295 11.04 -7.43 19.61
CA LEU F 295 12.41 -7.44 20.09
C LEU F 295 12.41 -7.93 21.52
N LEU F 296 13.12 -9.03 21.79
CA LEU F 296 13.08 -9.70 23.09
C LEU F 296 14.50 -10.01 23.55
N THR F 297 14.72 -9.87 24.85
CA THR F 297 16.00 -10.17 25.48
C THR F 297 15.80 -11.20 26.59
N ASN F 298 16.93 -11.68 27.11
CA ASN F 298 16.97 -12.63 28.23
C ASN F 298 16.24 -13.93 27.94
N SER F 299 16.12 -14.33 26.67
CA SER F 299 15.29 -15.46 26.27
C SER F 299 16.15 -16.54 25.66
N SER F 300 16.06 -17.76 26.21
CA SER F 300 16.85 -18.89 25.76
C SER F 300 16.08 -19.74 24.77
N LEU F 301 16.71 -20.09 23.65
CA LEU F 301 16.13 -21.02 22.70
C LEU F 301 16.44 -22.43 23.19
N ASN F 302 15.42 -23.10 23.74
CA ASN F 302 15.62 -24.38 24.42
C ASN F 302 15.16 -25.58 23.61
N SER F 303 14.17 -25.41 22.74
CA SER F 303 13.71 -26.50 21.89
C SER F 303 13.12 -25.91 20.61
N ALA F 304 13.07 -26.72 19.56
CA ALA F 304 12.58 -26.27 18.27
C ALA F 304 12.01 -27.45 17.50
N ARG F 305 10.78 -27.28 17.00
CA ARG F 305 10.11 -28.27 16.17
C ARG F 305 9.70 -27.64 14.85
N HIS F 306 9.85 -28.41 13.76
CA HIS F 306 9.45 -27.99 12.42
C HIS F 306 8.32 -28.91 11.98
N GLU F 307 7.09 -28.39 11.95
CA GLU F 307 5.93 -29.28 11.91
C GLU F 307 4.98 -29.09 10.73
N ASN F 308 5.03 -27.97 9.99
CA ASN F 308 4.60 -27.95 8.59
C ASN F 308 4.97 -26.63 7.92
N GLY F 309 6.21 -26.53 7.45
CA GLY F 309 6.72 -25.28 6.93
C GLY F 309 6.79 -24.14 7.94
N THR F 310 6.44 -24.39 9.20
CA THR F 310 6.40 -23.38 10.24
C THR F 310 7.14 -23.94 11.45
N TYR F 311 8.14 -23.21 11.94
CA TYR F 311 8.84 -23.62 13.14
C TYR F 311 8.06 -23.21 14.37
N THR F 312 8.14 -24.03 15.41
CA THR F 312 7.60 -23.69 16.72
C THR F 312 8.80 -23.66 17.68
N LEU F 313 9.24 -22.45 18.00
CA LEU F 313 10.42 -22.25 18.84
C LEU F 313 9.99 -22.08 20.29
N ALA F 314 10.47 -22.97 21.15
CA ALA F 314 10.17 -22.91 22.58
C ALA F 314 11.26 -22.11 23.28
N PHE F 315 10.92 -20.91 23.73
CA PHE F 315 11.84 -20.04 24.44
C PHE F 315 11.55 -20.05 25.93
N ARG F 316 12.52 -19.55 26.69
CA ARG F 316 12.33 -19.30 28.12
C ARG F 316 13.04 -18.01 28.48
N GLN F 317 12.29 -17.07 29.07
CA GLN F 317 12.88 -15.85 29.61
C GLN F 317 13.57 -16.21 30.92
N GLU F 318 14.91 -16.26 30.90
CA GLU F 318 15.65 -16.81 32.02
C GLU F 318 15.62 -15.91 33.24
N GLU F 319 15.58 -14.58 33.04
CA GLU F 319 15.53 -13.67 34.17
C GLU F 319 14.16 -13.63 34.83
N GLN F 320 13.10 -13.57 34.02
CA GLN F 320 11.74 -13.57 34.55
C GLN F 320 11.29 -14.95 34.99
N GLY F 321 11.83 -16.00 34.37
CA GLY F 321 11.46 -17.35 34.74
C GLY F 321 10.19 -17.87 34.12
N LYS F 322 9.84 -17.39 32.92
CA LYS F 322 8.60 -17.77 32.26
C LYS F 322 8.91 -18.28 30.86
N ASP F 323 8.20 -19.33 30.45
CA ASP F 323 8.35 -19.91 29.13
C ASP F 323 7.34 -19.29 28.16
N PHE F 324 7.71 -19.26 26.89
CA PHE F 324 6.82 -18.83 25.83
C PHE F 324 7.28 -19.46 24.52
N GLU F 325 6.42 -19.37 23.51
CA GLU F 325 6.69 -19.96 22.21
C GLU F 325 6.39 -18.94 21.11
N ILE F 326 7.13 -19.05 20.02
CA ILE F 326 6.95 -18.18 18.86
C ILE F 326 6.83 -19.05 17.62
N GLU F 327 5.83 -18.77 16.79
CA GLU F 327 5.63 -19.47 15.53
C GLU F 327 6.23 -18.63 14.41
N SER F 328 7.03 -19.28 13.56
CA SER F 328 7.77 -18.55 12.52
C SER F 328 8.14 -19.51 11.40
N GLN F 329 7.82 -19.12 10.16
CA GLN F 329 8.18 -19.96 9.02
C GLN F 329 9.66 -19.86 8.71
N GLY F 330 10.29 -18.75 9.01
CA GLY F 330 11.71 -18.54 8.75
C GLY F 330 12.51 -18.57 10.05
N LEU F 331 13.68 -19.18 10.00
CA LEU F 331 14.56 -19.28 11.15
C LEU F 331 15.98 -18.93 10.72
N VAL F 332 16.55 -17.89 11.32
CA VAL F 332 17.93 -17.48 11.09
C VAL F 332 18.68 -17.63 12.40
N LEU F 333 19.65 -18.52 12.43
CA LEU F 333 20.45 -18.75 13.63
C LEU F 333 21.71 -17.90 13.53
N ALA F 334 21.67 -16.73 14.14
CA ALA F 334 22.84 -15.87 14.28
C ALA F 334 23.48 -16.07 15.64
N THR F 335 23.81 -17.33 15.92
CA THR F 335 24.31 -17.76 17.23
C THR F 335 25.83 -17.87 17.27
N GLY F 336 26.53 -17.31 16.29
CA GLY F 336 27.96 -17.19 16.38
C GLY F 336 28.73 -18.37 15.82
N TYR F 337 30.01 -18.39 16.15
CA TYR F 337 30.95 -19.39 15.68
C TYR F 337 31.73 -19.93 16.87
N LYS F 338 32.13 -21.19 16.79
CA LYS F 338 32.89 -21.82 17.87
C LYS F 338 33.90 -22.79 17.28
N TYR F 339 35.09 -22.80 17.87
CA TYR F 339 36.18 -23.63 17.40
C TYR F 339 36.10 -25.01 18.05
N ALA F 340 35.89 -26.04 17.24
CA ALA F 340 36.06 -27.41 17.67
C ALA F 340 37.42 -27.92 17.21
N GLU F 341 37.94 -28.91 17.92
CA GLU F 341 39.24 -29.45 17.56
C GLU F 341 39.13 -30.16 16.20
N PRO F 342 40.02 -29.85 15.26
CA PRO F 342 39.96 -30.52 13.95
C PRO F 342 40.28 -32.00 14.07
N GLU F 343 39.49 -32.81 13.37
CA GLU F 343 39.64 -34.26 13.46
C GLU F 343 40.95 -34.75 12.86
N PHE F 344 41.61 -33.95 12.01
CA PHE F 344 42.87 -34.37 11.44
C PHE F 344 44.04 -34.22 12.40
N LEU F 345 43.80 -33.74 13.62
CA LEU F 345 44.83 -33.67 14.65
C LEU F 345 44.82 -34.89 15.58
N ALA F 346 43.91 -35.84 15.34
CA ALA F 346 43.81 -36.99 16.24
C ALA F 346 45.12 -37.77 16.40
N PRO F 347 45.90 -38.07 15.35
CA PRO F 347 47.13 -38.84 15.55
C PRO F 347 48.22 -38.08 16.32
N VAL F 348 48.04 -36.79 16.61
CA VAL F 348 49.09 -36.04 17.29
C VAL F 348 48.53 -35.35 18.53
N LYS F 349 47.39 -35.84 19.05
CA LYS F 349 46.83 -35.27 20.25
C LYS F 349 47.77 -35.41 21.44
N ASP F 350 48.62 -36.43 21.44
CA ASP F 350 49.58 -36.63 22.51
C ASP F 350 50.68 -35.58 22.51
N ARG F 351 50.84 -34.85 21.40
CA ARG F 351 51.85 -33.80 21.30
C ARG F 351 51.29 -32.41 21.57
N LEU F 352 49.97 -32.28 21.72
CA LEU F 352 49.33 -31.01 22.00
C LEU F 352 49.12 -30.85 23.50
N VAL F 353 49.13 -29.60 23.96
CA VAL F 353 48.92 -29.26 25.36
C VAL F 353 47.47 -28.85 25.56
N TYR F 354 46.87 -29.30 26.67
CA TYR F 354 45.50 -28.96 27.00
C TYR F 354 45.43 -28.45 28.43
N ASP F 355 44.44 -27.62 28.70
CA ASP F 355 44.25 -27.05 30.03
C ASP F 355 43.18 -27.83 30.79
N SER F 356 42.75 -27.29 31.93
CA SER F 356 41.79 -27.98 32.77
C SER F 356 40.42 -28.14 32.11
N GLN F 357 40.11 -27.30 31.13
CA GLN F 357 38.81 -27.32 30.47
C GLN F 357 38.80 -28.12 29.18
N GLY F 358 39.96 -28.54 28.68
CA GLY F 358 40.04 -29.34 27.48
C GLY F 358 40.48 -28.60 26.23
N ASN F 359 40.73 -27.29 26.32
CA ASN F 359 41.16 -26.50 25.17
C ASN F 359 42.68 -26.36 25.16
N PHE F 360 43.19 -25.91 24.02
CA PHE F 360 44.64 -25.75 23.87
C PHE F 360 45.16 -24.69 24.84
N ASP F 361 46.17 -25.06 25.63
CA ASP F 361 46.83 -24.12 26.53
C ASP F 361 47.86 -23.35 25.73
N VAL F 362 47.37 -22.40 24.93
CA VAL F 362 48.22 -21.68 23.99
C VAL F 362 49.26 -20.88 24.75
N SER F 363 50.53 -21.02 24.36
CA SER F 363 51.61 -20.31 25.01
C SER F 363 51.59 -18.84 24.60
N ARG F 364 52.44 -18.04 25.28
CA ARG F 364 52.57 -16.63 24.95
C ARG F 364 53.06 -16.45 23.51
N ALA F 365 53.91 -17.36 23.04
CA ALA F 365 54.39 -17.35 21.67
C ALA F 365 53.45 -18.08 20.70
N TYR F 366 52.21 -18.31 21.10
CA TYR F 366 51.14 -18.87 20.27
C TYR F 366 51.38 -20.32 19.89
N ALA F 367 52.17 -21.06 20.67
CA ALA F 367 52.41 -22.48 20.41
C ALA F 367 51.50 -23.35 21.28
N ILE F 368 51.13 -24.51 20.76
CA ILE F 368 50.22 -25.41 21.46
C ILE F 368 50.78 -26.83 21.55
N ASP F 369 52.07 -26.99 21.26
CA ASP F 369 52.69 -28.30 21.28
C ASP F 369 53.67 -28.41 22.46
N VAL F 370 54.12 -29.64 22.69
CA VAL F 370 54.89 -29.93 23.89
C VAL F 370 56.27 -29.29 23.84
N THR F 371 56.80 -29.03 22.64
CA THR F 371 58.10 -28.38 22.54
C THR F 371 58.00 -26.87 22.73
N GLY F 372 56.81 -26.30 22.66
CA GLY F 372 56.62 -24.87 22.80
C GLY F 372 57.01 -24.04 21.60
N ARG F 373 57.37 -24.67 20.49
CA ARG F 373 57.75 -23.94 19.28
C ARG F 373 57.59 -24.80 18.04
N GLY F 374 56.66 -25.75 18.10
CA GLY F 374 56.46 -26.67 16.99
C GLY F 374 55.18 -26.45 16.21
N VAL F 375 54.07 -26.26 16.91
CA VAL F 375 52.77 -26.11 16.29
C VAL F 375 52.15 -24.82 16.81
N PHE F 376 51.98 -23.84 15.92
CA PHE F 376 51.38 -22.55 16.26
C PHE F 376 49.91 -22.53 15.86
N LEU F 377 49.12 -21.76 16.60
CA LEU F 377 47.68 -21.71 16.42
C LEU F 377 47.24 -20.28 16.11
N GLN F 378 46.52 -20.12 15.00
CA GLN F 378 45.85 -18.87 14.68
C GLN F 378 44.44 -18.91 15.24
N ASN F 379 44.01 -17.79 15.84
CA ASN F 379 42.67 -17.66 16.41
C ASN F 379 42.45 -18.69 17.53
N ALA F 380 41.19 -18.86 17.94
CA ALA F 380 40.79 -19.90 18.89
C ALA F 380 41.58 -19.82 20.19
N GLY F 381 42.00 -18.61 20.58
CA GLY F 381 42.79 -18.45 21.79
C GLY F 381 42.31 -17.35 22.70
N VAL F 382 40.99 -17.16 22.80
CA VAL F 382 40.46 -16.10 23.66
C VAL F 382 40.73 -16.41 25.13
N HIS F 383 40.72 -17.70 25.50
CA HIS F 383 40.98 -18.07 26.89
C HIS F 383 42.43 -17.85 27.31
N THR F 384 43.34 -17.62 26.35
CA THR F 384 44.73 -17.35 26.67
C THR F 384 45.22 -16.00 26.19
N HIS F 385 44.66 -15.47 25.09
CA HIS F 385 45.09 -14.19 24.55
C HIS F 385 43.97 -13.15 24.53
N SER F 386 42.84 -13.44 25.15
CA SER F 386 41.76 -12.48 25.39
C SER F 386 41.20 -12.02 24.04
N ILE F 387 40.85 -10.74 23.90
CA ILE F 387 40.16 -10.23 22.72
C ILE F 387 41.02 -10.25 21.47
N THR F 388 42.34 -10.33 21.61
CA THR F 388 43.23 -10.17 20.47
C THR F 388 43.28 -11.39 19.57
N SER F 389 42.83 -12.55 20.05
CA SER F 389 42.98 -13.77 19.26
C SER F 389 42.21 -13.75 17.94
N PRO F 390 40.94 -13.36 17.88
CA PRO F 390 40.26 -13.22 16.58
C PRO F 390 40.36 -11.83 15.97
N ASP F 391 41.19 -10.95 16.50
CA ASP F 391 41.23 -9.55 16.08
C ASP F 391 42.13 -9.37 14.86
N LEU F 392 41.56 -8.84 13.77
CA LEU F 392 42.34 -8.55 12.58
C LEU F 392 43.45 -7.56 12.87
N GLY F 393 43.24 -6.64 13.81
CA GLY F 393 44.26 -5.69 14.21
C GLY F 393 45.44 -6.28 14.94
N MET F 394 45.41 -7.57 15.27
CA MET F 394 46.54 -8.24 15.90
C MET F 394 47.04 -9.42 15.07
N GLY F 395 46.60 -9.54 13.83
CA GLY F 395 47.11 -10.60 12.98
C GLY F 395 48.58 -10.42 12.66
N ALA F 396 48.95 -9.21 12.23
CA ALA F 396 50.34 -8.95 11.88
C ALA F 396 51.25 -9.04 13.09
N TYR F 397 50.76 -8.67 14.27
CA TYR F 397 51.56 -8.81 15.48
C TYR F 397 51.79 -10.28 15.81
N ARG F 398 50.72 -11.08 15.79
CA ARG F 398 50.86 -12.50 16.08
C ARG F 398 51.75 -13.20 15.04
N ASN F 399 51.57 -12.86 13.77
CA ASN F 399 52.42 -13.43 12.73
C ASN F 399 53.88 -13.00 12.90
N SER F 400 54.10 -11.77 13.39
CA SER F 400 55.47 -11.34 13.63
C SER F 400 56.12 -12.16 14.75
N CYS F 401 55.36 -12.52 15.78
CA CYS F 401 55.88 -13.36 16.84
C CYS F 401 56.10 -14.79 16.37
N ILE F 402 55.24 -15.29 15.47
CA ILE F 402 55.44 -16.62 14.90
C ILE F 402 56.68 -16.65 14.05
N ILE F 403 56.87 -15.63 13.20
CA ILE F 403 58.09 -15.53 12.41
C ILE F 403 59.32 -15.49 13.31
N ARG F 404 59.20 -14.81 14.46
CA ARG F 404 60.32 -14.74 15.39
C ARG F 404 60.64 -16.10 15.98
N GLU F 405 59.62 -16.94 16.20
CA GLU F 405 59.87 -18.28 16.72
C GLU F 405 60.51 -19.18 15.67
N LEU F 406 60.12 -19.00 14.40
CA LEU F 406 60.64 -19.84 13.33
C LEU F 406 62.06 -19.44 12.93
N LEU F 407 62.40 -18.16 13.04
CA LEU F 407 63.70 -17.67 12.62
C LEU F 407 64.69 -17.51 13.77
N GLY F 408 64.24 -17.63 15.01
CA GLY F 408 65.12 -17.47 16.14
C GLY F 408 65.48 -16.02 16.41
N THR F 409 65.17 -15.16 15.44
CA THR F 409 65.47 -13.74 15.55
C THR F 409 64.25 -12.92 15.18
N GLU F 410 64.28 -11.65 15.56
CA GLU F 410 63.18 -10.73 15.30
C GLU F 410 63.31 -10.17 13.90
N TYR F 411 62.47 -10.64 12.97
CA TYR F 411 62.51 -10.12 11.61
C TYR F 411 61.79 -8.78 11.52
N TYR F 412 60.49 -8.76 11.83
CA TYR F 412 59.75 -7.50 11.88
C TYR F 412 59.76 -6.95 13.30
N PRO F 413 59.91 -5.63 13.44
CA PRO F 413 59.88 -5.03 14.80
C PRO F 413 58.60 -5.38 15.53
N VAL F 414 58.75 -6.04 16.67
CA VAL F 414 57.62 -6.49 17.48
C VAL F 414 57.51 -5.55 18.66
N GLU F 415 56.44 -4.74 18.66
CA GLU F 415 56.21 -3.81 19.77
C GLU F 415 55.97 -4.57 21.07
N LYS F 416 56.52 -4.04 22.15
CA LYS F 416 56.29 -4.60 23.48
C LYS F 416 55.34 -3.78 24.32
N THR F 417 55.23 -2.48 24.06
CA THR F 417 54.26 -1.62 24.69
C THR F 417 53.72 -0.64 23.66
N ILE F 418 52.40 -0.48 23.63
CA ILE F 418 51.75 0.50 22.76
C ILE F 418 50.79 1.41 23.49
N ALA F 419 50.39 1.09 24.72
CA ALA F 419 49.32 1.80 25.43
C ALA F 419 49.88 2.86 26.38
N PHE F 420 49.02 3.79 26.76
CA PHE F 420 49.38 4.78 27.77
C PHE F 420 49.14 4.27 29.18
N GLN F 421 48.28 3.28 29.36
CA GLN F 421 47.97 2.72 30.66
C GLN F 421 48.74 1.43 30.90
N GLU F 422 48.77 1.01 32.16
CA GLU F 422 49.40 -0.23 32.57
C GLU F 422 48.36 -1.14 33.21
N PHE F 423 48.46 -2.43 32.95
CA PHE F 423 47.51 -3.39 33.48
C PHE F 423 48.06 -4.20 34.64
N SER F 424 49.33 -4.61 34.58
CA SER F 424 49.98 -5.32 35.67
C SER F 424 50.81 -4.32 36.49
N VAL F 425 50.87 -4.56 37.80
CA VAL F 425 51.56 -3.67 38.70
C VAL F 425 52.73 -4.39 39.38
N THR G 10 80.95 18.38 -12.75
CA THR G 10 79.87 18.02 -11.85
C THR G 10 78.56 18.68 -12.27
N VAL G 11 77.76 17.97 -13.06
CA VAL G 11 76.49 18.46 -13.57
C VAL G 11 75.41 17.45 -13.20
N HIS G 12 74.39 17.90 -12.48
CA HIS G 12 73.29 17.04 -12.08
C HIS G 12 72.21 17.00 -13.15
N ASP G 13 71.20 16.16 -12.92
CA ASP G 13 70.03 16.15 -13.80
C ASP G 13 69.10 17.32 -13.49
N PHE G 14 68.99 17.71 -12.23
CA PHE G 14 68.15 18.82 -11.83
C PHE G 14 68.59 19.28 -10.44
N VAL G 15 68.28 20.53 -10.12
CA VAL G 15 68.45 21.07 -8.78
C VAL G 15 67.08 21.52 -8.26
N GLY G 16 66.78 21.14 -7.03
CA GLY G 16 65.57 21.60 -6.38
C GLY G 16 65.85 22.75 -5.43
N ILE G 17 65.39 23.94 -5.78
CA ILE G 17 65.61 25.12 -4.95
C ILE G 17 64.48 25.23 -3.93
N GLY G 18 64.82 25.14 -2.65
CA GLY G 18 63.84 25.15 -1.58
C GLY G 18 63.46 23.74 -1.18
N LEU G 19 63.34 23.48 0.12
CA LEU G 19 62.99 22.16 0.62
C LEU G 19 61.75 22.27 1.52
N GLY G 20 60.60 22.41 0.89
CA GLY G 20 59.33 22.28 1.58
C GLY G 20 58.74 20.92 1.32
N PRO G 21 57.48 20.70 1.71
CA PRO G 21 56.87 19.39 1.51
C PRO G 21 56.81 18.94 0.07
N PHE G 22 56.76 19.88 -0.89
CA PHE G 22 56.66 19.47 -2.28
C PHE G 22 58.00 19.03 -2.85
N ASN G 23 59.08 19.77 -2.56
CA ASN G 23 60.40 19.33 -3.00
C ASN G 23 60.93 18.19 -2.16
N LEU G 24 60.59 18.15 -0.86
CA LEU G 24 60.98 17.01 -0.04
C LEU G 24 60.29 15.74 -0.52
N GLY G 25 59.02 15.85 -0.94
CA GLY G 25 58.36 14.70 -1.53
C GLY G 25 59.02 14.28 -2.83
N LEU G 26 59.46 15.25 -3.63
CA LEU G 26 60.22 14.93 -4.83
C LEU G 26 61.53 14.24 -4.49
N ALA G 27 62.17 14.68 -3.39
CA ALA G 27 63.44 14.08 -2.99
C ALA G 27 63.24 12.64 -2.51
N CYS G 28 62.12 12.36 -1.84
CA CYS G 28 61.86 11.01 -1.37
C CYS G 28 61.48 10.08 -2.53
N LEU G 29 60.85 10.62 -3.57
CA LEU G 29 60.45 9.79 -4.70
C LEU G 29 61.55 9.60 -5.73
N THR G 30 62.55 10.49 -5.76
CA THR G 30 63.63 10.37 -6.74
C THR G 30 64.84 9.59 -6.22
N GLU G 31 64.94 9.39 -4.90
CA GLU G 31 66.08 8.66 -4.36
C GLU G 31 66.20 7.22 -4.88
N PRO G 32 65.13 6.44 -5.02
CA PRO G 32 65.29 5.10 -5.59
C PRO G 32 65.40 5.06 -7.11
N ILE G 33 65.43 6.20 -7.78
CA ILE G 33 65.55 6.25 -9.23
C ILE G 33 67.01 6.56 -9.55
N ASP G 34 67.78 5.50 -9.85
CA ASP G 34 69.20 5.66 -10.15
C ASP G 34 69.44 6.47 -11.42
N GLU G 35 68.48 6.51 -12.33
CA GLU G 35 68.60 7.24 -13.58
C GLU G 35 68.45 8.75 -13.42
N LEU G 36 68.23 9.23 -12.19
CA LEU G 36 68.06 10.66 -11.92
C LEU G 36 69.11 11.09 -10.92
N ASP G 37 69.76 12.22 -11.18
CA ASP G 37 70.79 12.80 -10.32
C ASP G 37 70.32 14.18 -9.91
N GLY G 38 69.73 14.27 -8.72
CA GLY G 38 69.14 15.52 -8.25
C GLY G 38 69.75 15.96 -6.94
N ILE G 39 69.88 17.28 -6.78
CA ILE G 39 70.37 17.89 -5.55
C ILE G 39 69.37 18.96 -5.12
N PHE G 40 69.23 19.13 -3.81
CA PHE G 40 68.25 20.04 -3.25
C PHE G 40 68.93 21.01 -2.30
N LEU G 41 68.65 22.30 -2.46
CA LEU G 41 69.27 23.37 -1.69
C LEU G 41 68.22 24.05 -0.82
N GLU G 42 68.51 24.17 0.47
CA GLU G 42 67.56 24.70 1.45
C GLU G 42 68.22 25.79 2.27
N SER G 43 67.49 26.90 2.47
CA SER G 43 68.03 28.03 3.22
C SER G 43 68.22 27.67 4.69
N LYS G 44 67.22 27.04 5.31
CA LYS G 44 67.29 26.76 6.73
C LYS G 44 68.32 25.65 7.02
N PRO G 45 68.91 25.65 8.21
CA PRO G 45 69.83 24.57 8.58
C PRO G 45 69.15 23.21 8.69
N ASP G 46 67.83 23.17 8.65
CA ASP G 46 67.07 21.93 8.73
C ASP G 46 65.67 22.22 8.20
N PHE G 47 64.90 21.15 7.99
CA PHE G 47 63.52 21.33 7.58
C PHE G 47 62.69 21.88 8.73
N GLU G 48 61.75 22.77 8.40
CA GLU G 48 60.78 23.27 9.36
C GLU G 48 59.58 23.80 8.59
N TRP G 49 58.38 23.43 9.05
CA TRP G 49 57.13 23.65 8.31
C TRP G 49 56.18 24.51 9.14
N HIS G 50 56.17 25.82 8.88
CA HIS G 50 55.22 26.76 9.48
C HIS G 50 55.16 26.61 11.00
N ALA G 51 56.33 26.65 11.62
CA ALA G 51 56.40 26.49 13.07
C ALA G 51 55.67 27.58 13.83
N GLY G 52 55.46 28.74 13.21
CA GLY G 52 54.71 29.80 13.85
C GLY G 52 53.27 29.47 14.12
N MET G 53 52.72 28.47 13.41
CA MET G 53 51.34 28.05 13.59
C MET G 53 51.22 26.74 14.35
N PHE G 54 52.24 26.39 15.15
CA PHE G 54 52.21 25.15 15.93
C PHE G 54 51.38 25.34 17.20
N LEU G 55 50.12 25.71 17.00
CA LEU G 55 49.17 25.76 18.11
C LEU G 55 48.93 24.35 18.64
N ASP G 56 48.69 24.26 19.94
CA ASP G 56 48.50 22.95 20.56
C ASP G 56 47.20 22.32 20.04
N GLY G 57 47.31 21.10 19.53
CA GLY G 57 46.19 20.41 18.93
C GLY G 57 45.99 20.68 17.46
N ALA G 58 46.76 21.59 16.87
CA ALA G 58 46.61 21.90 15.46
C ALA G 58 46.95 20.68 14.60
N HIS G 59 46.20 20.49 13.53
CA HIS G 59 46.31 19.30 12.71
C HIS G 59 46.24 19.68 11.23
N LEU G 60 46.58 18.72 10.39
CA LEU G 60 46.47 18.92 8.95
C LEU G 60 45.01 19.01 8.55
N GLN G 61 44.77 19.62 7.39
CA GLN G 61 43.43 19.69 6.80
C GLN G 61 43.19 18.63 5.74
N THR G 62 44.17 17.76 5.49
CA THR G 62 44.07 16.67 4.54
C THR G 62 44.49 15.37 5.23
N PRO G 63 43.91 14.24 4.83
CA PRO G 63 44.24 12.96 5.46
C PRO G 63 45.72 12.62 5.31
N PHE G 64 46.19 11.69 6.16
CA PHE G 64 47.60 11.36 6.20
C PHE G 64 48.09 10.69 4.92
N MET G 65 47.18 10.19 4.07
CA MET G 65 47.61 9.65 2.79
C MET G 65 48.25 10.71 1.91
N SER G 66 48.01 11.99 2.21
CA SER G 66 48.63 13.08 1.46
C SER G 66 50.02 13.38 2.00
N ASP G 67 50.74 12.34 2.46
CA ASP G 67 52.10 12.54 2.92
C ASP G 67 53.05 12.73 1.74
N LEU G 68 54.33 12.45 1.95
CA LEU G 68 55.33 12.77 0.94
C LEU G 68 55.32 11.81 -0.24
N VAL G 69 54.79 10.59 -0.08
CA VAL G 69 55.02 9.56 -1.11
C VAL G 69 53.80 8.68 -1.36
N THR G 70 52.91 8.55 -0.37
CA THR G 70 51.96 7.43 -0.36
C THR G 70 51.06 7.42 -1.60
N LEU G 71 50.55 8.58 -2.01
CA LEU G 71 49.65 8.61 -3.15
C LEU G 71 50.36 8.22 -4.45
N ALA G 72 51.69 8.25 -4.47
CA ALA G 72 52.46 7.76 -5.60
C ALA G 72 52.94 6.32 -5.41
N ASP G 73 53.38 5.95 -4.20
CA ASP G 73 53.88 4.61 -3.93
C ASP G 73 53.68 4.30 -2.46
N PRO G 74 52.58 3.62 -2.11
CA PRO G 74 52.33 3.29 -0.70
C PRO G 74 53.43 2.45 -0.05
N THR G 75 54.31 1.83 -0.84
CA THR G 75 55.37 0.99 -0.29
C THR G 75 56.65 1.76 0.02
N SER G 76 56.68 3.06 -0.23
CA SER G 76 57.89 3.83 0.00
C SER G 76 58.23 3.85 1.49
N PRO G 77 59.50 3.67 1.84
CA PRO G 77 59.88 3.72 3.27
C PRO G 77 59.71 5.10 3.89
N TYR G 78 59.50 6.14 3.09
CA TYR G 78 59.34 7.49 3.60
C TYR G 78 57.88 7.87 3.84
N SER G 79 56.99 6.88 3.89
CA SER G 79 55.59 7.17 4.14
C SER G 79 55.35 7.52 5.60
N PHE G 80 54.24 8.21 5.85
CA PHE G 80 53.88 8.58 7.22
C PHE G 80 53.65 7.34 8.09
N LEU G 81 53.05 6.29 7.51
CA LEU G 81 52.80 5.07 8.28
C LEU G 81 54.11 4.41 8.69
N ASN G 82 55.07 4.31 7.75
CA ASN G 82 56.37 3.74 8.08
C ASN G 82 57.12 4.62 9.08
N TYR G 83 56.91 5.93 9.02
CA TYR G 83 57.49 6.81 10.03
C TYR G 83 56.96 6.48 11.41
N LEU G 84 55.66 6.22 11.52
CA LEU G 84 55.08 5.86 12.82
C LEU G 84 55.60 4.52 13.30
N LYS G 85 55.72 3.55 12.39
CA LYS G 85 56.25 2.24 12.76
C LYS G 85 57.65 2.37 13.34
N GLU G 86 58.51 3.13 12.68
CA GLU G 86 59.87 3.32 13.15
C GLU G 86 59.91 4.01 14.51
N LYS G 87 58.96 4.92 14.77
CA LYS G 87 58.90 5.64 16.03
C LYS G 87 58.21 4.85 17.13
N GLY G 88 57.69 3.66 16.83
CA GLY G 88 56.92 2.91 17.82
C GLY G 88 55.60 3.54 18.17
N ARG G 89 54.98 4.26 17.24
CA ARG G 89 53.74 4.99 17.48
C ARG G 89 52.62 4.56 16.55
N LEU G 90 52.83 3.52 15.75
CA LEU G 90 51.83 3.15 14.75
C LEU G 90 50.56 2.62 15.39
N TYR G 91 50.70 1.70 16.36
CA TYR G 91 49.53 1.13 17.02
C TYR G 91 48.76 2.20 17.80
N SER G 92 49.46 3.16 18.39
CA SER G 92 48.79 4.25 19.08
C SER G 92 48.04 5.13 18.08
N PHE G 93 48.65 5.43 16.93
CA PHE G 93 47.94 6.12 15.87
C PHE G 93 46.77 5.29 15.36
N TYR G 94 46.90 3.97 15.37
CA TYR G 94 45.81 3.10 14.94
C TYR G 94 44.60 3.24 15.86
N ILE G 95 44.84 3.34 17.16
CA ILE G 95 43.74 3.53 18.10
C ILE G 95 43.16 4.93 18.00
N ARG G 96 44.01 5.93 17.76
CA ARG G 96 43.54 7.30 17.65
C ARG G 96 42.47 7.44 16.57
N GLU G 97 42.60 6.68 15.48
CA GLU G 97 41.60 6.61 14.42
C GLU G 97 41.23 8.01 13.91
N ASN G 98 42.26 8.79 13.61
CA ASN G 98 42.11 10.14 13.09
C ASN G 98 42.93 10.25 11.82
N PHE G 99 42.28 10.68 10.73
CA PHE G 99 42.96 10.81 9.45
C PHE G 99 43.97 11.95 9.44
N TYR G 100 43.90 12.87 10.40
CA TYR G 100 44.61 14.13 10.31
C TYR G 100 45.77 14.18 11.30
N PRO G 101 47.02 14.06 10.85
CA PRO G 101 48.14 14.17 11.77
C PRO G 101 48.28 15.59 12.30
N LEU G 102 48.73 15.69 13.55
CA LEU G 102 49.01 16.99 14.14
C LEU G 102 50.14 17.67 13.37
N ARG G 103 50.18 19.00 13.47
CA ARG G 103 51.19 19.75 12.72
C ARG G 103 52.59 19.46 13.23
N VAL G 104 52.78 19.48 14.55
CA VAL G 104 54.11 19.15 15.10
C VAL G 104 54.48 17.72 14.76
N GLU G 105 53.48 16.84 14.63
CA GLU G 105 53.76 15.46 14.22
C GLU G 105 54.16 15.40 12.75
N TYR G 106 53.48 16.17 11.91
CA TYR G 106 53.83 16.20 10.48
C TYR G 106 55.20 16.84 10.27
N ASP G 107 55.50 17.90 11.02
CA ASP G 107 56.80 18.55 10.91
C ASP G 107 57.93 17.60 11.31
N ASP G 108 57.75 16.88 12.42
CA ASP G 108 58.76 15.91 12.84
C ASP G 108 58.90 14.76 11.86
N TYR G 109 57.81 14.40 11.17
CA TYR G 109 57.88 13.33 10.18
C TYR G 109 58.66 13.77 8.94
N CYS G 110 58.40 15.00 8.48
CA CYS G 110 59.14 15.51 7.33
C CYS G 110 60.63 15.64 7.64
N ARG G 111 60.95 16.18 8.82
CA ARG G 111 62.35 16.28 9.23
C ARG G 111 62.99 14.90 9.30
N TRP G 112 62.25 13.90 9.79
CA TRP G 112 62.75 12.54 9.82
C TRP G 112 63.00 11.99 8.42
N ALA G 113 62.20 12.42 7.44
CA ALA G 113 62.39 11.93 6.08
C ALA G 113 63.61 12.58 5.42
N ALA G 114 63.79 13.89 5.65
CA ALA G 114 64.94 14.58 5.06
C ALA G 114 66.27 14.07 5.62
N ASN G 115 66.29 13.69 6.91
CA ASN G 115 67.51 13.16 7.51
C ASN G 115 67.87 11.79 6.93
N LYS G 116 66.87 11.03 6.47
CA LYS G 116 67.14 9.77 5.79
C LYS G 116 67.81 9.96 4.44
N LEU G 117 67.71 11.15 3.86
CA LEU G 117 68.10 11.38 2.49
C LEU G 117 69.56 11.81 2.38
N SER G 118 70.07 11.81 1.15
CA SER G 118 71.45 12.15 0.86
C SER G 118 71.61 13.39 -0.01
N SER G 119 70.53 13.89 -0.63
CA SER G 119 70.61 14.90 -1.67
C SER G 119 70.25 16.30 -1.19
N ILE G 120 70.20 16.51 0.12
CA ILE G 120 69.79 17.79 0.68
C ILE G 120 71.02 18.57 1.12
N ARG G 121 71.09 19.83 0.72
CA ARG G 121 72.13 20.75 1.15
C ARG G 121 71.46 21.83 2.00
N PHE G 122 71.45 21.62 3.31
CA PHE G 122 70.86 22.58 4.22
C PHE G 122 71.77 23.80 4.41
N GLY G 123 71.22 24.84 5.01
CA GLY G 123 71.96 26.08 5.21
C GLY G 123 72.52 26.67 3.95
N THR G 124 71.81 26.53 2.82
CA THR G 124 72.28 26.96 1.52
C THR G 124 71.18 27.79 0.84
N THR G 125 71.36 29.10 0.82
CA THR G 125 70.41 30.00 0.18
C THR G 125 70.85 30.27 -1.26
N VAL G 126 69.92 30.10 -2.19
CA VAL G 126 70.18 30.41 -3.59
C VAL G 126 69.98 31.91 -3.81
N THR G 127 70.97 32.55 -4.45
CA THR G 127 70.91 33.98 -4.72
C THR G 127 70.92 34.35 -6.20
N GLU G 128 71.35 33.45 -7.08
CA GLU G 128 71.40 33.76 -8.50
C GLU G 128 71.25 32.48 -9.31
N VAL G 129 70.54 32.59 -10.43
CA VAL G 129 70.40 31.51 -11.41
C VAL G 129 70.79 32.07 -12.77
N ARG G 130 71.66 31.35 -13.48
CA ARG G 130 72.08 31.74 -14.82
C ARG G 130 72.02 30.51 -15.73
N TYR G 131 72.00 30.78 -17.04
CA TYR G 131 71.85 29.74 -18.06
C TYR G 131 73.05 29.80 -19.00
N GLU G 132 73.97 28.88 -18.84
CA GLU G 132 75.13 28.77 -19.72
C GLU G 132 75.29 27.32 -20.14
N ASP G 133 75.80 27.13 -21.37
CA ASP G 133 76.15 25.81 -21.87
C ASP G 133 74.94 24.88 -21.91
N ASP G 134 73.75 25.45 -22.12
CA ASP G 134 72.47 24.74 -22.05
C ASP G 134 72.24 24.10 -20.67
N LEU G 135 72.92 24.62 -19.65
CA LEU G 135 72.74 24.18 -18.27
C LEU G 135 72.26 25.36 -17.43
N TYR G 136 71.73 25.04 -16.25
CA TYR G 136 71.30 26.03 -15.28
C TYR G 136 72.32 26.04 -14.15
N VAL G 137 72.95 27.18 -13.93
CA VAL G 137 74.02 27.34 -12.95
C VAL G 137 73.47 28.11 -11.77
N VAL G 138 73.57 27.52 -10.58
CA VAL G 138 72.93 28.03 -9.38
C VAL G 138 74.02 28.46 -8.41
N THR G 139 74.15 29.77 -8.22
CA THR G 139 75.12 30.31 -7.27
C THR G 139 74.45 30.54 -5.92
N THR G 140 75.08 30.06 -4.86
CA THR G 140 74.54 30.21 -3.52
C THR G 140 75.14 31.43 -2.84
N SER G 141 74.50 31.86 -1.75
CA SER G 141 74.98 33.02 -1.01
C SER G 141 76.34 32.80 -0.36
N ALA G 142 76.70 31.55 -0.11
CA ALA G 142 78.02 31.21 0.41
C ALA G 142 79.08 31.18 -0.68
N GLY G 143 78.71 31.38 -1.95
CA GLY G 143 79.64 31.36 -3.04
C GLY G 143 79.73 30.05 -3.79
N ASP G 144 79.16 28.98 -3.25
CA ASP G 144 79.19 27.68 -3.92
C ASP G 144 78.33 27.71 -5.17
N VAL G 145 78.66 26.84 -6.13
CA VAL G 145 78.05 26.86 -7.45
C VAL G 145 77.70 25.43 -7.86
N TYR G 146 76.46 25.22 -8.27
CA TYR G 146 76.00 23.93 -8.78
C TYR G 146 75.51 24.10 -10.21
N ARG G 147 75.58 23.00 -10.97
CA ARG G 147 75.18 23.00 -12.37
C ARG G 147 74.28 21.81 -12.64
N ALA G 148 73.27 22.01 -13.49
CA ALA G 148 72.32 20.95 -13.82
C ALA G 148 71.57 21.30 -15.09
N ARG G 149 70.93 20.30 -15.67
CA ARG G 149 70.18 20.48 -16.91
C ARG G 149 68.78 21.04 -16.67
N HIS G 150 68.20 20.78 -15.49
CA HIS G 150 66.85 21.20 -15.17
C HIS G 150 66.81 21.83 -13.78
N LEU G 151 65.69 22.46 -13.47
CA LEU G 151 65.47 23.10 -12.17
C LEU G 151 64.06 22.82 -11.70
N VAL G 152 63.91 22.58 -10.40
CA VAL G 152 62.61 22.43 -9.77
C VAL G 152 62.52 23.48 -8.65
N LEU G 153 61.61 24.43 -8.82
CA LEU G 153 61.47 25.55 -7.89
C LEU G 153 60.42 25.20 -6.84
N GLY G 154 60.84 25.14 -5.58
CA GLY G 154 59.93 24.92 -4.48
C GLY G 154 60.19 25.87 -3.32
N THR G 155 60.12 27.16 -3.59
CA THR G 155 60.42 28.19 -2.59
C THR G 155 59.20 28.59 -1.77
N GLY G 156 58.02 28.09 -2.11
CA GLY G 156 56.84 28.34 -1.30
C GLY G 156 56.22 29.71 -1.54
N THR G 157 55.30 30.05 -0.65
CA THR G 157 54.59 31.33 -0.71
C THR G 157 54.91 32.12 0.55
N PRO G 158 55.69 33.19 0.46
CA PRO G 158 56.02 33.98 1.65
C PRO G 158 54.79 34.71 2.17
N PRO G 159 54.82 35.16 3.42
CA PRO G 159 53.64 35.82 4.00
C PRO G 159 53.29 37.10 3.25
N TYR G 160 51.98 37.32 3.09
CA TYR G 160 51.46 38.52 2.43
C TYR G 160 50.84 39.45 3.47
N ILE G 161 51.06 40.74 3.30
CA ILE G 161 50.50 41.76 4.18
C ILE G 161 49.64 42.68 3.33
N PRO G 162 48.70 43.40 3.94
CA PRO G 162 48.01 44.46 3.21
C PRO G 162 48.96 45.62 2.94
N GLU G 163 48.76 46.27 1.79
CA GLU G 163 49.58 47.42 1.42
C GLU G 163 49.51 48.53 2.45
N ALA G 164 48.47 48.55 3.28
CA ALA G 164 48.30 49.55 4.33
C ALA G 164 49.22 49.32 5.52
N CYS G 165 50.02 48.25 5.52
CA CYS G 165 50.94 47.96 6.61
C CYS G 165 52.39 47.97 6.18
N GLN G 166 52.69 48.38 4.94
CA GLN G 166 54.06 48.53 4.50
C GLN G 166 54.78 49.60 5.30
N GLY G 167 55.76 49.20 6.11
CA GLY G 167 56.46 50.16 6.95
C GLY G 167 55.78 50.48 8.25
N LEU G 168 54.83 49.66 8.69
CA LEU G 168 54.11 49.93 9.92
C LEU G 168 55.01 49.74 11.13
N ASP G 169 54.88 50.63 12.10
CA ASP G 169 55.67 50.57 13.33
C ASP G 169 54.98 49.68 14.36
N GLY G 170 55.70 49.37 15.43
CA GLY G 170 55.16 48.58 16.52
C GLY G 170 55.46 47.10 16.41
N ASP G 171 54.92 46.36 17.37
CA ASP G 171 55.20 44.94 17.51
C ASP G 171 54.17 44.04 16.82
N PHE G 172 53.45 44.58 15.82
CA PHE G 172 52.50 43.76 15.10
C PHE G 172 53.20 42.61 14.37
N ILE G 173 52.51 41.47 14.30
CA ILE G 173 53.08 40.28 13.70
C ILE G 173 52.16 39.78 12.60
N HIS G 174 52.76 39.08 11.64
CA HIS G 174 52.01 38.19 10.77
C HIS G 174 51.72 36.89 11.51
N ASN G 175 50.67 36.18 11.07
CA ASN G 175 50.30 34.95 11.76
C ASN G 175 51.38 33.88 11.66
N SER G 176 52.31 34.01 10.73
CA SER G 176 53.41 33.07 10.59
C SER G 176 54.37 33.08 11.78
N ARG G 177 54.23 34.05 12.70
CA ARG G 177 55.06 34.12 13.89
C ARG G 177 54.21 34.15 15.16
N TYR G 178 53.07 33.47 15.14
CA TYR G 178 52.09 33.65 16.20
C TYR G 178 52.55 33.02 17.51
N VAL G 179 53.03 31.76 17.46
CA VAL G 179 53.36 31.06 18.70
C VAL G 179 54.51 31.73 19.44
N GLN G 180 55.45 32.34 18.70
CA GLN G 180 56.61 32.95 19.35
C GLN G 180 56.23 34.21 20.11
N HIS G 181 55.22 34.95 19.65
CA HIS G 181 54.85 36.23 20.23
C HIS G 181 53.49 36.20 20.91
N ARG G 182 53.09 35.02 21.40
CA ARG G 182 51.78 34.88 22.04
C ARG G 182 51.81 35.39 23.47
N SER G 183 52.89 35.12 24.21
CA SER G 183 52.99 35.60 25.58
C SER G 183 52.95 37.12 25.64
N GLU G 184 53.48 37.81 24.61
CA GLU G 184 53.45 39.27 24.62
C GLU G 184 52.08 39.79 24.22
N LEU G 185 51.35 39.04 23.38
CA LEU G 185 50.04 39.50 22.92
C LEU G 185 49.00 39.38 24.02
N VAL G 186 49.07 38.32 24.83
CA VAL G 186 48.05 38.06 25.84
C VAL G 186 48.13 38.98 27.04
N LYS G 187 49.09 39.90 27.07
CA LYS G 187 49.22 40.87 28.16
C LYS G 187 48.72 42.25 27.78
N LYS G 188 48.27 42.46 26.54
CA LYS G 188 47.86 43.76 26.07
C LYS G 188 46.42 44.06 26.48
N GLU G 189 45.98 45.30 26.19
CA GLU G 189 44.61 45.71 26.46
C GLU G 189 43.65 45.10 25.45
N SER G 190 44.05 45.00 24.19
CA SER G 190 43.16 44.58 23.12
C SER G 190 43.97 43.99 21.98
N ILE G 191 43.47 42.90 21.39
CA ILE G 191 44.10 42.24 20.25
C ILE G 191 43.11 42.23 19.10
N THR G 192 43.61 42.50 17.89
CA THR G 192 42.79 42.52 16.69
C THR G 192 43.38 41.56 15.66
N ILE G 193 42.55 40.66 15.15
CA ILE G 193 42.92 39.72 14.10
C ILE G 193 42.28 40.18 12.80
N VAL G 194 43.10 40.36 11.77
CA VAL G 194 42.64 40.79 10.45
C VAL G 194 42.75 39.61 9.50
N GLY G 195 41.63 39.25 8.88
CA GLY G 195 41.52 38.07 8.04
C GLY G 195 40.67 37.00 8.69
N SER G 196 40.22 36.04 7.88
CA SER G 196 39.31 35.01 8.36
C SER G 196 39.54 33.69 7.64
N GLY G 197 40.80 33.38 7.32
CA GLY G 197 41.15 32.06 6.86
C GLY G 197 41.26 31.10 8.03
N GLN G 198 41.78 29.90 7.73
CA GLN G 198 41.98 28.91 8.78
C GLN G 198 42.95 29.41 9.84
N SER G 199 43.96 30.18 9.44
CA SER G 199 44.94 30.68 10.41
C SER G 199 44.29 31.60 11.42
N ALA G 200 43.48 32.56 10.94
CA ALA G 200 42.84 33.51 11.85
C ALA G 200 41.90 32.82 12.82
N ALA G 201 41.13 31.84 12.32
CA ALA G 201 40.17 31.16 13.18
C ALA G 201 40.85 30.36 14.28
N GLU G 202 41.97 29.70 13.95
CA GLU G 202 42.71 28.98 14.97
C GLU G 202 43.27 29.95 16.02
N ILE G 203 43.74 31.12 15.58
CA ILE G 203 44.26 32.11 16.51
C ILE G 203 43.12 32.71 17.33
N TYR G 204 41.99 32.98 16.68
CA TYR G 204 40.84 33.53 17.42
C TYR G 204 40.35 32.55 18.48
N GLN G 205 40.23 31.26 18.12
CA GLN G 205 39.81 30.26 19.10
C GLN G 205 40.80 30.20 20.26
N ASP G 206 42.10 30.34 19.96
CA ASP G 206 43.12 30.28 21.00
C ASP G 206 42.97 31.45 21.98
N LEU G 207 42.80 32.67 21.45
CA LEU G 207 42.71 33.83 22.34
C LEU G 207 41.36 33.88 23.05
N LEU G 208 40.29 33.46 22.37
CA LEU G 208 38.97 33.47 23.00
C LEU G 208 38.90 32.50 24.18
N GLY G 209 39.63 31.38 24.10
CA GLY G 209 39.61 30.41 25.18
C GLY G 209 40.17 30.95 26.48
N GLU G 210 40.98 31.99 26.43
CA GLU G 210 41.58 32.60 27.61
C GLU G 210 41.17 34.06 27.74
N ILE G 211 39.99 34.41 27.21
CA ILE G 211 39.53 35.79 27.26
C ILE G 211 39.24 36.23 28.69
N ASP G 212 38.80 35.31 29.54
CA ASP G 212 38.37 35.64 30.89
C ASP G 212 39.49 35.52 31.92
N VAL G 213 40.68 35.09 31.51
CA VAL G 213 41.81 34.98 32.43
C VAL G 213 42.87 36.05 32.21
N HIS G 214 42.96 36.63 31.01
CA HIS G 214 43.84 37.77 30.78
C HIS G 214 43.10 39.10 30.73
N GLY G 215 41.81 39.11 30.43
CA GLY G 215 41.04 40.32 30.38
C GLY G 215 41.44 41.29 29.29
N TYR G 216 41.39 40.88 28.03
CA TYR G 216 41.62 41.75 26.90
C TYR G 216 40.39 41.78 26.00
N ARG G 217 40.37 42.75 25.08
CA ARG G 217 39.37 42.79 24.04
C ARG G 217 39.90 42.08 22.80
N LEU G 218 39.01 41.34 22.13
CA LEU G 218 39.40 40.49 21.01
C LEU G 218 38.54 40.84 19.80
N ASN G 219 39.15 41.48 18.81
CA ASN G 219 38.47 41.83 17.58
C ASN G 219 38.88 40.89 16.45
N TRP G 220 37.90 40.48 15.64
CA TRP G 220 38.12 39.63 14.48
C TRP G 220 37.43 40.30 13.29
N VAL G 221 38.22 40.98 12.46
CA VAL G 221 37.72 41.79 11.36
C VAL G 221 38.29 41.24 10.07
N THR G 222 37.41 40.97 9.10
CA THR G 222 37.82 40.38 7.84
C THR G 222 37.18 41.09 6.67
N ARG G 223 37.90 41.12 5.55
CA ARG G 223 37.36 41.64 4.30
C ARG G 223 36.39 40.67 3.64
N SER G 224 36.44 39.40 4.00
CA SER G 224 35.56 38.41 3.38
C SER G 224 34.10 38.69 3.74
N PRO G 225 33.17 38.31 2.87
CA PRO G 225 31.75 38.59 3.15
C PRO G 225 31.19 37.80 4.31
N ARG G 226 31.70 36.60 4.56
CA ARG G 226 31.26 35.77 5.67
C ARG G 226 32.47 35.05 6.25
N PHE G 227 32.25 34.38 7.39
CA PHE G 227 33.19 33.39 7.90
C PHE G 227 32.87 32.05 7.26
N PHE G 228 33.09 31.99 5.94
CA PHE G 228 32.62 30.85 5.18
C PHE G 228 33.46 29.61 5.48
N PRO G 229 32.86 28.43 5.44
CA PRO G 229 33.61 27.20 5.70
C PRO G 229 34.34 26.70 4.46
N LEU G 230 35.38 25.92 4.71
CA LEU G 230 36.02 25.19 3.62
C LEU G 230 35.04 24.16 3.06
N GLU G 231 34.85 24.20 1.75
CA GLU G 231 33.91 23.29 1.08
C GLU G 231 34.56 21.92 0.98
N TYR G 232 34.30 21.08 1.98
CA TYR G 232 34.95 19.77 2.10
C TYR G 232 33.99 18.61 1.79
N THR G 233 32.88 18.87 1.11
CA THR G 233 31.98 17.79 0.73
C THR G 233 32.56 17.01 -0.45
N LYS G 234 32.27 15.71 -0.47
CA LYS G 234 33.05 14.78 -1.28
C LYS G 234 32.89 15.02 -2.77
N LEU G 235 31.71 15.46 -3.22
CA LEU G 235 31.55 15.75 -4.64
C LEU G 235 32.42 16.94 -5.07
N THR G 236 32.63 17.91 -4.16
CA THR G 236 33.54 19.01 -4.46
C THR G 236 34.99 18.57 -4.38
N LEU G 237 35.32 17.67 -3.45
CA LEU G 237 36.68 17.16 -3.36
C LEU G 237 37.11 16.44 -4.63
N GLU G 238 36.16 15.99 -5.45
CA GLU G 238 36.51 15.39 -6.74
C GLU G 238 37.09 16.38 -7.73
N MET G 239 37.07 17.68 -7.41
CA MET G 239 37.71 18.67 -8.28
C MET G 239 39.21 18.74 -8.06
N THR G 240 39.72 18.23 -6.93
CA THR G 240 41.15 18.01 -6.76
C THR G 240 41.48 16.63 -7.37
N SER G 241 41.43 16.60 -8.70
CA SER G 241 41.58 15.38 -9.48
C SER G 241 42.40 15.68 -10.71
N PRO G 242 43.01 14.66 -11.32
CA PRO G 242 43.71 14.89 -12.61
C PRO G 242 42.79 15.37 -13.72
N GLU G 243 41.57 14.84 -13.81
CA GLU G 243 40.71 15.20 -14.93
C GLU G 243 40.19 16.63 -14.81
N TYR G 244 40.01 17.14 -13.58
CA TYR G 244 39.60 18.52 -13.45
C TYR G 244 40.72 19.48 -13.81
N ILE G 245 41.96 19.12 -13.47
CA ILE G 245 43.11 19.93 -13.88
C ILE G 245 43.21 19.98 -15.40
N ASP G 246 43.00 18.84 -16.07
CA ASP G 246 42.97 18.84 -17.53
C ASP G 246 41.88 19.76 -18.06
N TYR G 247 40.72 19.76 -17.42
CA TYR G 247 39.63 20.62 -17.85
C TYR G 247 39.93 22.08 -17.53
N TYR G 248 40.38 22.35 -16.30
CA TYR G 248 40.65 23.72 -15.87
C TYR G 248 41.77 24.36 -16.71
N ARG G 249 42.88 23.64 -16.88
CA ARG G 249 44.04 24.21 -17.57
C ARG G 249 43.72 24.56 -19.02
N GLU G 250 42.79 23.84 -19.64
CA GLU G 250 42.40 24.09 -21.02
C GLU G 250 41.35 25.18 -21.16
N LEU G 251 40.90 25.76 -20.06
CA LEU G 251 39.94 26.86 -20.14
C LEU G 251 40.67 28.15 -20.54
N PRO G 252 39.96 29.09 -21.15
CA PRO G 252 40.57 30.38 -21.48
C PRO G 252 41.16 31.05 -20.26
N GLU G 253 42.29 31.73 -20.46
CA GLU G 253 43.02 32.33 -19.33
C GLU G 253 42.14 33.31 -18.56
N ALA G 254 41.31 34.08 -19.27
CA ALA G 254 40.40 34.99 -18.58
C ALA G 254 39.39 34.22 -17.74
N THR G 255 38.89 33.09 -18.26
CA THR G 255 37.98 32.26 -17.50
C THR G 255 38.65 31.71 -16.24
N ARG G 256 39.87 31.19 -16.39
CA ARG G 256 40.62 30.69 -15.24
C ARG G 256 40.81 31.78 -14.20
N TYR G 257 41.27 32.96 -14.63
CA TYR G 257 41.51 34.04 -13.68
C TYR G 257 40.21 34.52 -13.04
N ARG G 258 39.10 34.49 -13.78
CA ARG G 258 37.80 34.76 -13.15
C ARG G 258 37.43 33.66 -12.18
N LEU G 259 37.76 32.41 -12.51
CA LEU G 259 37.36 31.29 -11.66
C LEU G 259 38.05 31.32 -10.31
N THR G 260 39.32 31.74 -10.27
CA THR G 260 40.04 31.77 -9.00
C THR G 260 39.39 32.68 -7.97
N ALA G 261 38.69 33.73 -8.43
CA ALA G 261 37.95 34.58 -7.51
C ALA G 261 36.70 33.91 -6.98
N GLU G 262 36.23 32.85 -7.65
CA GLU G 262 35.01 32.15 -7.25
C GLU G 262 35.27 30.93 -6.39
N GLN G 263 36.50 30.41 -6.38
CA GLN G 263 36.80 29.13 -5.76
C GLN G 263 37.63 29.27 -4.49
N LYS G 264 37.66 30.46 -3.90
CA LYS G 264 38.40 30.64 -2.65
C LYS G 264 37.79 29.83 -1.50
N GLY G 265 36.51 29.51 -1.57
CA GLY G 265 35.91 28.63 -0.60
C GLY G 265 36.23 27.17 -0.76
N LEU G 266 36.99 26.81 -1.79
CA LEU G 266 37.32 25.41 -2.05
C LEU G 266 38.64 24.97 -1.42
N PHE G 267 39.56 25.91 -1.21
CA PHE G 267 40.84 25.58 -0.56
C PHE G 267 41.24 26.58 0.52
N LYS G 268 40.57 27.71 0.63
CA LYS G 268 40.72 28.63 1.76
C LYS G 268 39.46 28.55 2.62
N GLY G 269 39.33 29.49 3.55
CA GLY G 269 38.25 29.43 4.50
C GLY G 269 38.59 28.56 5.69
N ILE G 270 37.58 28.38 6.54
CA ILE G 270 37.76 27.74 7.84
C ILE G 270 37.13 26.36 7.82
N ASP G 271 37.76 25.41 8.52
CA ASP G 271 37.16 24.10 8.71
C ASP G 271 35.82 24.24 9.42
N GLY G 272 34.81 23.53 8.91
CA GLY G 272 33.45 23.70 9.43
C GLY G 272 33.33 23.40 10.91
N ASP G 273 34.06 22.39 11.40
CA ASP G 273 34.02 22.09 12.82
C ASP G 273 34.64 23.19 13.66
N LEU G 274 35.64 23.90 13.11
CA LEU G 274 36.28 24.98 13.85
C LEU G 274 35.35 26.17 13.98
N ILE G 275 34.59 26.47 12.92
CA ILE G 275 33.58 27.53 13.01
C ILE G 275 32.58 27.22 14.12
N ASN G 276 32.10 25.98 14.16
CA ASN G 276 31.08 25.61 15.14
C ASN G 276 31.65 25.56 16.55
N GLU G 277 32.90 25.15 16.70
CA GLU G 277 33.52 25.16 18.03
C GLU G 277 33.72 26.59 18.53
N ILE G 278 33.98 27.54 17.64
CA ILE G 278 34.12 28.93 18.04
C ILE G 278 32.79 29.48 18.54
N PHE G 279 31.69 29.15 17.84
CA PHE G 279 30.38 29.61 18.29
C PHE G 279 30.03 29.03 19.65
N ASP G 280 30.27 27.73 19.84
CA ASP G 280 29.97 27.08 21.11
C ASP G 280 30.77 27.71 22.25
N LEU G 281 32.03 28.08 21.99
CA LEU G 281 32.83 28.75 23.00
C LEU G 281 32.28 30.14 23.31
N LEU G 282 31.84 30.86 22.29
CA LEU G 282 31.20 32.16 22.52
C LEU G 282 29.95 32.00 23.37
N TYR G 283 29.14 30.98 23.09
CA TYR G 283 27.96 30.73 23.90
C TYR G 283 28.32 30.40 25.33
N GLN G 284 29.41 29.64 25.51
CA GLN G 284 29.83 29.25 26.86
C GLN G 284 30.35 30.45 27.64
N LYS G 285 31.23 31.24 27.03
CA LYS G 285 31.79 32.40 27.71
C LYS G 285 30.70 33.42 28.04
N ASN G 286 29.72 33.58 27.15
CA ASN G 286 28.69 34.59 27.34
C ASN G 286 27.75 34.28 28.49
N LEU G 287 27.76 33.04 29.00
CA LEU G 287 26.92 32.72 30.15
C LEU G 287 27.34 33.51 31.38
N ALA G 288 28.64 33.72 31.57
CA ALA G 288 29.17 34.43 32.72
C ALA G 288 29.12 35.94 32.58
N GLY G 289 28.33 36.46 31.64
CA GLY G 289 28.29 37.87 31.36
C GLY G 289 28.71 38.16 29.94
N PRO G 290 28.52 39.40 29.49
CA PRO G 290 28.90 39.75 28.11
C PRO G 290 30.40 39.59 27.90
N VAL G 291 30.75 39.10 26.72
CA VAL G 291 32.15 38.84 26.35
C VAL G 291 32.66 40.04 25.55
N PRO G 292 33.80 40.61 25.91
CA PRO G 292 34.36 41.73 25.12
C PRO G 292 35.05 41.26 23.83
N THR G 293 34.24 40.95 22.83
CA THR G 293 34.76 40.52 21.55
C THR G 293 33.85 41.02 20.43
N ARG G 294 34.45 41.29 19.28
CA ARG G 294 33.74 41.78 18.10
C ARG G 294 34.12 40.94 16.90
N LEU G 295 33.11 40.58 16.09
CA LEU G 295 33.31 39.81 14.88
C LEU G 295 32.68 40.59 13.73
N LEU G 296 33.51 41.19 12.89
CA LEU G 296 33.06 42.06 11.81
C LEU G 296 33.50 41.51 10.46
N THR G 297 32.64 41.67 9.46
CA THR G 297 32.89 41.17 8.12
C THR G 297 32.73 42.30 7.11
N ASN G 298 33.08 42.01 5.86
CA ASN G 298 32.96 42.94 4.73
C ASN G 298 33.81 44.20 4.91
N SER G 299 34.81 44.16 5.78
CA SER G 299 35.56 45.34 6.18
C SER G 299 37.00 45.23 5.69
N SER G 300 37.37 46.12 4.76
CA SER G 300 38.71 46.18 4.20
C SER G 300 39.60 47.06 5.06
N LEU G 301 40.78 46.56 5.42
CA LEU G 301 41.76 47.35 6.15
C LEU G 301 42.52 48.24 5.17
N ASN G 302 42.48 49.55 5.41
CA ASN G 302 43.06 50.52 4.48
C ASN G 302 44.07 51.47 5.09
N SER G 303 44.12 51.61 6.42
CA SER G 303 45.09 52.49 7.05
C SER G 303 45.44 51.97 8.43
N ALA G 304 46.69 52.19 8.83
CA ALA G 304 47.15 51.77 10.15
C ALA G 304 48.34 52.61 10.56
N ARG G 305 48.33 53.09 11.80
CA ARG G 305 49.46 53.82 12.37
C ARG G 305 49.64 53.38 13.82
N HIS G 306 50.84 53.64 14.35
CA HIS G 306 51.21 53.20 15.69
C HIS G 306 51.48 54.40 16.58
N GLU G 307 51.12 54.27 17.86
CA GLU G 307 51.38 55.34 18.83
C GLU G 307 51.46 54.72 20.23
N ASN G 308 52.67 54.29 20.61
CA ASN G 308 53.02 53.97 22.00
C ASN G 308 52.34 52.68 22.49
N GLY G 309 52.45 51.63 21.68
CA GLY G 309 51.82 50.37 22.05
C GLY G 309 50.36 50.27 21.68
N THR G 310 49.90 51.13 20.76
CA THR G 310 48.49 51.16 20.38
C THR G 310 48.40 51.47 18.88
N TYR G 311 47.59 50.70 18.16
CA TYR G 311 47.31 50.95 16.76
C TYR G 311 45.93 51.57 16.58
N THR G 312 45.80 52.37 15.54
CA THR G 312 44.50 52.86 15.07
C THR G 312 44.34 52.40 13.63
N LEU G 313 43.46 51.42 13.40
CA LEU G 313 43.26 50.84 12.09
C LEU G 313 41.97 51.39 11.49
N ALA G 314 42.04 51.82 10.23
CA ALA G 314 40.91 52.41 9.52
C ALA G 314 40.35 51.40 8.54
N PHE G 315 39.19 50.83 8.86
CA PHE G 315 38.50 49.88 8.00
C PHE G 315 37.39 50.57 7.23
N ARG G 316 36.95 49.90 6.16
CA ARG G 316 35.77 50.34 5.42
C ARG G 316 34.87 49.13 5.18
N GLN G 317 33.65 49.18 5.71
CA GLN G 317 32.64 48.18 5.40
C GLN G 317 32.25 48.35 3.93
N GLU G 318 32.81 47.50 3.07
CA GLU G 318 32.68 47.70 1.63
C GLU G 318 31.26 47.52 1.13
N GLU G 319 30.46 46.70 1.83
CA GLU G 319 29.08 46.49 1.42
C GLU G 319 28.18 47.64 1.86
N GLN G 320 28.28 48.04 3.13
CA GLN G 320 27.51 49.16 3.63
C GLN G 320 28.02 50.48 3.06
N GLY G 321 29.32 50.55 2.74
CA GLY G 321 29.90 51.80 2.27
C GLY G 321 30.19 52.79 3.36
N LYS G 322 30.60 52.34 4.54
CA LYS G 322 30.83 53.20 5.69
C LYS G 322 32.21 52.91 6.28
N ASP G 323 32.85 53.97 6.77
CA ASP G 323 34.16 53.87 7.40
C ASP G 323 34.03 53.72 8.90
N PHE G 324 34.96 52.99 9.49
CA PHE G 324 35.05 52.88 10.94
C PHE G 324 36.49 52.58 11.33
N GLU G 325 36.79 52.80 12.61
CA GLU G 325 38.16 52.69 13.11
C GLU G 325 38.19 51.84 14.37
N ILE G 326 39.26 51.06 14.52
CA ILE G 326 39.47 50.20 15.68
C ILE G 326 40.80 50.58 16.32
N GLU G 327 40.76 50.82 17.63
CA GLU G 327 41.97 51.07 18.41
C GLU G 327 42.39 49.77 19.08
N SER G 328 43.57 49.26 18.71
CA SER G 328 44.02 47.95 19.17
C SER G 328 45.49 48.01 19.51
N GLN G 329 45.85 47.47 20.68
CA GLN G 329 47.26 47.43 21.08
C GLN G 329 48.02 46.37 20.29
N GLY G 330 47.50 45.15 20.28
CA GLY G 330 48.10 44.05 19.53
C GLY G 330 47.41 43.85 18.20
N LEU G 331 48.20 43.59 17.17
CA LEU G 331 47.70 43.39 15.82
C LEU G 331 48.28 42.11 15.25
N VAL G 332 47.42 41.21 14.81
CA VAL G 332 47.82 39.95 14.18
C VAL G 332 47.27 39.97 12.77
N LEU G 333 48.16 40.05 11.79
CA LEU G 333 47.77 40.05 10.37
C LEU G 333 47.74 38.61 9.88
N ALA G 334 46.56 38.00 9.89
CA ALA G 334 46.35 36.68 9.31
C ALA G 334 45.89 36.77 7.86
N THR G 335 46.53 37.64 7.08
CA THR G 335 46.07 37.97 5.74
C THR G 335 46.67 37.07 4.67
N GLY G 336 47.03 35.84 5.02
CA GLY G 336 47.35 34.85 4.03
C GLY G 336 48.78 34.89 3.52
N TYR G 337 48.97 34.27 2.37
CA TYR G 337 50.27 34.16 1.73
C TYR G 337 50.13 34.47 0.25
N LYS G 338 51.26 34.74 -0.39
CA LYS G 338 51.25 35.10 -1.80
C LYS G 338 52.64 34.85 -2.39
N TYR G 339 52.67 34.28 -3.59
CA TYR G 339 53.92 33.98 -4.26
C TYR G 339 54.43 35.20 -5.00
N ALA G 340 55.67 35.60 -4.71
CA ALA G 340 56.39 36.60 -5.48
C ALA G 340 57.60 35.95 -6.12
N GLU G 341 57.88 36.33 -7.35
CA GLU G 341 58.98 35.73 -8.09
C GLU G 341 60.30 35.96 -7.34
N PRO G 342 61.11 34.94 -7.12
CA PRO G 342 62.35 35.13 -6.36
C PRO G 342 63.37 35.96 -7.13
N GLU G 343 64.23 36.63 -6.36
CA GLU G 343 65.21 37.53 -6.97
C GLU G 343 66.24 36.78 -7.81
N PHE G 344 66.51 35.51 -7.49
CA PHE G 344 67.56 34.79 -8.21
C PHE G 344 67.18 34.47 -9.65
N LEU G 345 65.89 34.54 -9.98
CA LEU G 345 65.45 34.25 -11.35
C LEU G 345 65.72 35.39 -12.32
N ALA G 346 66.27 36.51 -11.84
CA ALA G 346 66.44 37.69 -12.70
C ALA G 346 67.32 37.43 -13.92
N PRO G 347 68.50 36.79 -13.81
CA PRO G 347 69.32 36.60 -15.02
C PRO G 347 68.77 35.60 -16.02
N VAL G 348 67.64 34.94 -15.73
CA VAL G 348 67.10 33.93 -16.64
C VAL G 348 65.65 34.24 -16.96
N LYS G 349 65.22 35.49 -16.76
CA LYS G 349 63.83 35.85 -16.98
C LYS G 349 63.42 35.73 -18.43
N ASP G 350 64.38 35.86 -19.37
CA ASP G 350 64.05 35.77 -20.79
C ASP G 350 63.71 34.35 -21.21
N ARG G 351 64.04 33.35 -20.39
CA ARG G 351 63.68 31.96 -20.67
C ARG G 351 62.38 31.53 -20.03
N LEU G 352 61.77 32.39 -19.20
CA LEU G 352 60.55 32.05 -18.48
C LEU G 352 59.33 32.61 -19.20
N VAL G 353 58.27 31.81 -19.24
CA VAL G 353 57.03 32.18 -19.93
C VAL G 353 56.11 32.90 -18.94
N TYR G 354 55.45 33.95 -19.42
CA TYR G 354 54.51 34.71 -18.63
C TYR G 354 53.17 34.79 -19.36
N ASP G 355 52.11 35.04 -18.59
CA ASP G 355 50.77 35.16 -19.15
C ASP G 355 50.36 36.63 -19.21
N SER G 356 49.08 36.88 -19.48
CA SER G 356 48.60 38.25 -19.62
C SER G 356 48.79 39.07 -18.35
N GLN G 357 48.70 38.43 -17.18
CA GLN G 357 48.77 39.12 -15.90
C GLN G 357 50.18 39.16 -15.32
N GLY G 358 51.19 38.81 -16.10
CA GLY G 358 52.55 38.82 -15.61
C GLY G 358 52.93 37.65 -14.72
N ASN G 359 52.11 36.60 -14.67
CA ASN G 359 52.40 35.41 -13.90
C ASN G 359 52.89 34.30 -14.82
N PHE G 360 53.59 33.33 -14.23
CA PHE G 360 54.11 32.19 -14.99
C PHE G 360 52.98 31.46 -15.70
N ASP G 361 53.12 31.30 -17.01
CA ASP G 361 52.15 30.54 -17.81
C ASP G 361 52.44 29.05 -17.64
N VAL G 362 52.16 28.56 -16.43
CA VAL G 362 52.50 27.19 -16.06
C VAL G 362 51.83 26.23 -17.02
N SER G 363 52.63 25.39 -17.67
CA SER G 363 52.10 24.38 -18.56
C SER G 363 51.36 23.30 -17.77
N ARG G 364 50.68 22.41 -18.50
CA ARG G 364 50.03 21.29 -17.84
C ARG G 364 51.04 20.39 -17.13
N ALA G 365 52.23 20.25 -17.68
CA ALA G 365 53.30 19.47 -17.06
C ALA G 365 54.08 20.26 -16.02
N TYR G 366 53.54 21.39 -15.56
CA TYR G 366 54.12 22.19 -14.48
C TYR G 366 55.47 22.79 -14.87
N ALA G 367 55.59 23.24 -16.12
CA ALA G 367 56.79 23.86 -16.63
C ALA G 367 56.54 25.34 -16.92
N ILE G 368 57.57 26.16 -16.73
CA ILE G 368 57.43 27.60 -16.86
C ILE G 368 58.53 28.19 -17.74
N ASP G 369 59.25 27.35 -18.47
CA ASP G 369 60.32 27.82 -19.34
C ASP G 369 59.92 27.63 -20.81
N VAL G 370 60.74 28.22 -21.69
CA VAL G 370 60.40 28.26 -23.11
C VAL G 370 60.40 26.85 -23.71
N THR G 371 61.30 25.99 -23.24
CA THR G 371 61.42 24.65 -23.82
C THR G 371 60.28 23.73 -23.41
N GLY G 372 59.62 24.01 -22.29
CA GLY G 372 58.51 23.18 -21.85
C GLY G 372 58.86 22.06 -20.90
N ARG G 373 60.15 21.89 -20.58
CA ARG G 373 60.57 20.84 -19.65
C ARG G 373 61.94 21.16 -19.08
N GLY G 374 62.23 22.45 -18.90
CA GLY G 374 63.52 22.87 -18.38
C GLY G 374 63.47 23.29 -16.92
N VAL G 375 62.46 24.06 -16.54
CA VAL G 375 62.27 24.53 -15.17
C VAL G 375 60.84 24.26 -14.76
N PHE G 376 60.66 23.54 -13.64
CA PHE G 376 59.36 23.17 -13.14
C PHE G 376 59.03 23.95 -11.87
N LEU G 377 57.73 24.19 -11.66
CA LEU G 377 57.27 25.04 -10.57
C LEU G 377 56.39 24.23 -9.63
N GLN G 378 56.83 24.11 -8.38
CA GLN G 378 55.99 23.61 -7.30
C GLN G 378 55.20 24.76 -6.73
N ASN G 379 53.90 24.52 -6.50
CA ASN G 379 53.01 25.53 -5.93
C ASN G 379 52.92 26.74 -6.85
N ALA G 380 52.30 27.82 -6.37
CA ALA G 380 52.26 29.11 -7.08
C ALA G 380 51.60 29.00 -8.45
N GLY G 381 50.66 28.07 -8.61
CA GLY G 381 49.98 27.90 -9.88
C GLY G 381 48.50 27.66 -9.76
N VAL G 382 47.84 28.43 -8.88
CA VAL G 382 46.39 28.31 -8.74
C VAL G 382 45.70 28.81 -10.01
N HIS G 383 46.29 29.78 -10.70
CA HIS G 383 45.71 30.30 -11.93
C HIS G 383 45.81 29.35 -13.10
N THR G 384 46.51 28.23 -12.96
CA THR G 384 46.63 27.24 -14.02
C THR G 384 46.21 25.84 -13.59
N HIS G 385 46.42 25.46 -12.34
CA HIS G 385 46.08 24.14 -11.85
C HIS G 385 45.04 24.16 -10.75
N SER G 386 44.34 25.29 -10.57
CA SER G 386 43.22 25.41 -9.64
C SER G 386 43.68 25.08 -8.23
N ILE G 387 42.81 24.50 -7.43
CA ILE G 387 43.00 24.37 -5.98
C ILE G 387 44.02 23.27 -5.69
N THR G 388 44.47 22.57 -6.71
CA THR G 388 45.45 21.52 -6.49
C THR G 388 46.87 22.05 -6.38
N SER G 389 47.10 23.33 -6.66
CA SER G 389 48.48 23.85 -6.68
C SER G 389 49.13 23.82 -5.31
N PRO G 390 48.51 24.29 -4.23
CA PRO G 390 49.12 24.13 -2.89
C PRO G 390 48.64 22.91 -2.12
N ASP G 391 47.88 22.02 -2.76
CA ASP G 391 47.28 20.87 -2.08
C ASP G 391 48.36 19.83 -1.76
N LEU G 392 48.50 19.51 -0.48
CA LEU G 392 49.40 18.42 -0.09
C LEU G 392 48.97 17.08 -0.67
N GLY G 393 47.68 16.94 -0.99
CA GLY G 393 47.19 15.70 -1.60
C GLY G 393 47.47 15.56 -3.07
N MET G 394 47.98 16.61 -3.72
CA MET G 394 48.36 16.55 -5.12
C MET G 394 49.85 16.77 -5.33
N GLY G 395 50.63 16.88 -4.25
CA GLY G 395 52.07 17.00 -4.40
C GLY G 395 52.70 15.76 -4.99
N ALA G 396 52.29 14.58 -4.52
CA ALA G 396 52.83 13.34 -5.06
C ALA G 396 52.45 13.15 -6.52
N TYR G 397 51.22 13.55 -6.88
CA TYR G 397 50.80 13.48 -8.28
C TYR G 397 51.65 14.42 -9.13
N ARG G 398 51.84 15.66 -8.68
CA ARG G 398 52.61 16.63 -9.45
C ARG G 398 54.07 16.25 -9.51
N ASN G 399 54.61 15.69 -8.41
CA ASN G 399 55.97 15.17 -8.46
C ASN G 399 56.08 13.99 -9.41
N SER G 400 55.00 13.23 -9.57
CA SER G 400 55.02 12.10 -10.49
C SER G 400 55.14 12.55 -11.93
N CYS G 401 54.44 13.64 -12.29
CA CYS G 401 54.51 14.15 -13.66
C CYS G 401 55.86 14.80 -13.93
N ILE G 402 56.43 15.49 -12.94
CA ILE G 402 57.76 16.07 -13.09
C ILE G 402 58.79 14.98 -13.34
N ILE G 403 58.74 13.91 -12.53
CA ILE G 403 59.63 12.76 -12.74
C ILE G 403 59.41 12.17 -14.13
N ARG G 404 58.16 12.14 -14.59
CA ARG G 404 57.87 11.62 -15.93
C ARG G 404 58.55 12.46 -17.01
N GLU G 405 58.56 13.78 -16.85
CA GLU G 405 59.20 14.64 -17.83
C GLU G 405 60.71 14.59 -17.74
N LEU G 406 61.26 14.40 -16.54
CA LEU G 406 62.71 14.30 -16.39
C LEU G 406 63.24 13.01 -16.99
N LEU G 407 62.62 11.88 -16.63
CA LEU G 407 63.06 10.57 -17.12
C LEU G 407 62.64 10.30 -18.55
N GLY G 408 61.57 10.95 -19.02
CA GLY G 408 61.01 10.64 -20.32
C GLY G 408 60.17 9.38 -20.35
N THR G 409 60.12 8.62 -19.26
CA THR G 409 59.30 7.42 -19.15
C THR G 409 58.46 7.51 -17.90
N GLU G 410 57.55 6.54 -17.74
CA GLU G 410 56.60 6.53 -16.64
C GLU G 410 57.16 5.67 -15.51
N TYR G 411 57.60 6.31 -14.42
CA TYR G 411 58.10 5.58 -13.25
C TYR G 411 56.94 5.24 -12.32
N TYR G 412 56.38 6.24 -11.66
CA TYR G 412 55.19 5.98 -10.84
C TYR G 412 53.93 6.12 -11.68
N PRO G 413 52.96 5.22 -11.52
CA PRO G 413 51.74 5.30 -12.32
C PRO G 413 50.98 6.60 -12.03
N VAL G 414 50.63 7.31 -13.09
CA VAL G 414 49.95 8.59 -13.01
C VAL G 414 48.50 8.37 -13.43
N GLU G 415 47.59 8.41 -12.47
CA GLU G 415 46.18 8.26 -12.78
C GLU G 415 45.70 9.40 -13.67
N LYS G 416 44.74 9.11 -14.54
CA LYS G 416 44.14 10.12 -15.39
C LYS G 416 42.66 10.36 -15.09
N THR G 417 42.00 9.45 -14.39
CA THR G 417 40.61 9.66 -13.98
C THR G 417 40.40 9.00 -12.63
N ILE G 418 39.98 9.80 -11.65
CA ILE G 418 39.64 9.29 -10.32
C ILE G 418 38.21 9.58 -9.92
N ALA G 419 37.50 10.46 -10.62
CA ALA G 419 36.21 10.98 -10.18
C ALA G 419 35.05 10.26 -10.85
N PHE G 420 33.89 10.33 -10.20
CA PHE G 420 32.66 9.78 -10.78
C PHE G 420 32.00 10.75 -11.74
N GLN G 421 32.13 12.04 -11.49
CA GLN G 421 31.50 13.04 -12.35
C GLN G 421 32.43 13.42 -13.50
N GLU G 422 31.85 14.09 -14.49
CA GLU G 422 32.59 14.58 -15.65
C GLU G 422 32.54 16.09 -15.66
N PHE G 423 33.69 16.74 -15.82
CA PHE G 423 33.76 18.18 -15.88
C PHE G 423 33.78 18.72 -17.30
N SER G 424 34.29 17.94 -18.25
CA SER G 424 34.33 18.31 -19.65
C SER G 424 33.23 17.60 -20.43
N VAL G 425 32.74 18.26 -21.46
CA VAL G 425 31.66 17.70 -22.27
C VAL G 425 32.16 17.28 -23.64
N GLU H 6 -0.89 31.65 57.80
CA GLU H 6 -0.04 30.77 58.59
C GLU H 6 -0.47 30.76 60.06
N ASN H 7 -0.78 29.58 60.57
CA ASN H 7 -1.17 29.42 61.97
C ASN H 7 -0.88 27.98 62.38
N PRO H 8 -0.80 27.71 63.70
CA PRO H 8 -0.43 26.34 64.14
C PRO H 8 -1.44 25.26 63.76
N SER H 9 -2.58 25.61 63.18
CA SER H 9 -3.57 24.63 62.73
C SER H 9 -3.43 24.30 61.24
N THR H 10 -2.35 24.76 60.60
CA THR H 10 -2.18 24.56 59.17
C THR H 10 -1.69 23.15 58.86
N VAL H 11 -2.40 22.46 57.98
CA VAL H 11 -2.04 21.12 57.53
C VAL H 11 -1.97 21.16 56.01
N HIS H 12 -0.76 21.05 55.47
CA HIS H 12 -0.57 21.04 54.03
C HIS H 12 -0.88 19.65 53.47
N ASP H 13 -1.03 19.59 52.14
CA ASP H 13 -1.24 18.29 51.50
C ASP H 13 0.02 17.43 51.58
N PHE H 14 1.19 18.05 51.42
CA PHE H 14 2.44 17.32 51.57
C PHE H 14 3.56 18.30 51.88
N VAL H 15 4.62 17.79 52.49
CA VAL H 15 5.83 18.56 52.77
C VAL H 15 6.97 17.93 51.99
N GLY H 16 7.65 18.74 51.19
CA GLY H 16 8.81 18.31 50.45
C GLY H 16 10.08 18.71 51.17
N ILE H 17 10.84 17.70 51.58
CA ILE H 17 12.10 17.90 52.30
C ILE H 17 13.24 17.77 51.31
N GLY H 18 14.04 18.83 51.18
CA GLY H 18 15.09 18.88 50.19
C GLY H 18 14.58 19.38 48.86
N LEU H 19 15.29 20.31 48.23
CA LEU H 19 14.88 20.88 46.95
C LEU H 19 16.02 20.74 45.94
N GLY H 20 16.22 19.52 45.46
CA GLY H 20 17.06 19.28 44.32
C GLY H 20 16.23 19.32 43.05
N PRO H 21 16.80 18.84 41.94
CA PRO H 21 16.02 18.83 40.69
C PRO H 21 14.72 18.04 40.78
N PHE H 22 14.68 16.96 41.56
CA PHE H 22 13.49 16.12 41.60
C PHE H 22 12.36 16.76 42.41
N ASN H 23 12.69 17.45 43.50
CA ASN H 23 11.65 18.14 44.25
C ASN H 23 11.35 19.52 43.68
N LEU H 24 12.31 20.12 42.98
CA LEU H 24 12.01 21.36 42.26
C LEU H 24 11.02 21.10 41.14
N GLY H 25 11.19 20.00 40.41
CA GLY H 25 10.23 19.65 39.38
C GLY H 25 8.84 19.39 39.94
N LEU H 26 8.77 18.69 41.07
CA LEU H 26 7.47 18.50 41.74
C LEU H 26 6.87 19.83 42.17
N ALA H 27 7.72 20.79 42.56
CA ALA H 27 7.21 22.11 42.90
C ALA H 27 6.67 22.83 41.67
N CYS H 28 7.40 22.78 40.56
CA CYS H 28 6.95 23.43 39.33
C CYS H 28 5.70 22.76 38.78
N LEU H 29 5.64 21.43 38.84
CA LEU H 29 4.49 20.71 38.32
C LEU H 29 3.26 20.86 39.19
N THR H 30 3.41 21.17 40.48
CA THR H 30 2.26 21.35 41.36
C THR H 30 1.89 22.81 41.58
N GLU H 31 2.72 23.75 41.11
CA GLU H 31 2.37 25.17 41.27
C GLU H 31 1.07 25.55 40.59
N PRO H 32 0.76 25.12 39.35
CA PRO H 32 -0.53 25.45 38.76
C PRO H 32 -1.69 24.58 39.26
N ILE H 33 -1.43 23.62 40.14
CA ILE H 33 -2.47 22.73 40.67
C ILE H 33 -2.91 23.29 42.02
N ASP H 34 -4.00 24.05 42.01
CA ASP H 34 -4.44 24.73 43.23
C ASP H 34 -4.96 23.75 44.28
N GLU H 35 -5.44 22.58 43.85
CA GLU H 35 -5.98 21.61 44.79
C GLU H 35 -4.89 20.93 45.61
N LEU H 36 -3.64 21.02 45.19
CA LEU H 36 -2.52 20.42 45.91
C LEU H 36 -1.79 21.51 46.69
N ASP H 37 -1.82 21.42 48.01
CA ASP H 37 -1.18 22.39 48.89
C ASP H 37 0.13 21.77 49.38
N GLY H 38 1.22 22.08 48.66
CA GLY H 38 2.53 21.58 49.03
C GLY H 38 3.46 22.67 49.50
N ILE H 39 4.49 22.30 50.25
CA ILE H 39 5.51 23.23 50.71
C ILE H 39 6.85 22.50 50.71
N PHE H 40 7.91 23.25 50.42
CA PHE H 40 9.23 22.67 50.21
C PHE H 40 10.25 23.34 51.13
N LEU H 41 11.05 22.53 51.81
CA LEU H 41 12.02 23.01 52.80
C LEU H 41 13.41 22.62 52.35
N GLU H 42 14.29 23.62 52.22
CA GLU H 42 15.64 23.43 51.73
C GLU H 42 16.64 24.09 52.66
N SER H 43 17.76 23.39 52.93
CA SER H 43 18.77 23.91 53.84
C SER H 43 19.49 25.11 53.24
N LYS H 44 19.89 25.00 51.97
CA LYS H 44 20.65 26.06 51.33
C LYS H 44 19.80 27.32 51.21
N PRO H 45 20.44 28.50 51.17
CA PRO H 45 19.67 29.74 50.97
C PRO H 45 19.08 29.86 49.58
N ASP H 46 19.66 29.19 48.59
CA ASP H 46 19.15 29.19 47.22
C ASP H 46 19.52 27.86 46.59
N PHE H 47 18.90 27.58 45.45
CA PHE H 47 19.21 26.34 44.74
C PHE H 47 20.69 26.33 44.33
N GLU H 48 21.30 25.15 44.43
CA GLU H 48 22.69 24.98 44.03
C GLU H 48 22.89 23.51 43.69
N TRP H 49 23.39 23.23 42.49
CA TRP H 49 23.41 21.88 41.92
C TRP H 49 24.85 21.46 41.64
N HIS H 50 25.48 20.81 42.62
CA HIS H 50 26.84 20.26 42.48
C HIS H 50 27.81 21.31 41.95
N ALA H 51 27.82 22.48 42.60
CA ALA H 51 28.65 23.58 42.14
C ALA H 51 30.14 23.24 42.18
N GLY H 52 30.54 22.22 42.95
CA GLY H 52 31.92 21.81 42.98
C GLY H 52 32.42 21.16 41.69
N MET H 53 31.51 20.79 40.78
CA MET H 53 31.89 20.16 39.52
C MET H 53 31.65 21.09 38.33
N PHE H 54 31.57 22.41 38.57
CA PHE H 54 31.38 23.38 37.50
C PHE H 54 32.69 23.63 36.76
N LEU H 55 33.18 22.57 36.12
CA LEU H 55 34.35 22.71 35.26
C LEU H 55 33.97 23.41 33.97
N ASP H 56 34.97 24.01 33.32
CA ASP H 56 34.74 24.70 32.06
C ASP H 56 34.21 23.74 31.02
N GLY H 57 33.03 24.05 30.46
CA GLY H 57 32.43 23.24 29.43
C GLY H 57 31.67 22.03 29.92
N ALA H 58 31.59 21.81 31.23
CA ALA H 58 30.88 20.65 31.75
C ALA H 58 29.39 20.77 31.48
N HIS H 59 28.79 19.68 31.01
CA HIS H 59 27.40 19.71 30.57
C HIS H 59 26.66 18.49 31.10
N LEU H 60 25.34 18.52 30.92
CA LEU H 60 24.49 17.41 31.31
C LEU H 60 24.73 16.20 30.42
N GLN H 61 24.38 15.03 30.95
CA GLN H 61 24.41 13.79 30.18
C GLN H 61 23.06 13.42 29.58
N THR H 62 22.01 14.16 29.93
CA THR H 62 20.69 13.96 29.35
C THR H 62 20.26 15.21 28.61
N PRO H 63 19.52 15.07 27.51
CA PRO H 63 19.13 16.24 26.71
C PRO H 63 18.24 17.19 27.49
N PHE H 64 18.12 18.42 26.98
CA PHE H 64 17.46 19.50 27.70
C PHE H 64 15.99 19.20 27.99
N MET H 65 15.37 18.28 27.25
CA MET H 65 14.00 17.90 27.55
C MET H 65 13.88 17.22 28.91
N SER H 66 14.99 16.74 29.46
CA SER H 66 15.00 16.18 30.80
C SER H 66 15.07 17.30 31.84
N ASP H 67 14.45 18.45 31.53
CA ASP H 67 14.42 19.57 32.45
C ASP H 67 13.45 19.29 33.60
N LEU H 68 12.87 20.35 34.17
CA LEU H 68 12.01 20.18 35.33
C LEU H 68 10.58 19.80 34.96
N VAL H 69 10.16 20.06 33.72
CA VAL H 69 8.72 20.03 33.45
C VAL H 69 8.40 19.25 32.17
N THR H 70 9.29 19.29 31.18
CA THR H 70 8.85 19.13 29.79
C THR H 70 8.36 17.73 29.50
N LEU H 71 9.01 16.71 30.05
CA LEU H 71 8.57 15.34 29.82
C LEU H 71 7.16 15.08 30.36
N ALA H 72 6.67 15.92 31.27
CA ALA H 72 5.30 15.84 31.77
C ALA H 72 4.36 16.82 31.08
N ASP H 73 4.81 18.04 30.81
CA ASP H 73 3.97 19.08 30.21
C ASP H 73 4.86 20.05 29.46
N PRO H 74 4.98 19.90 28.13
CA PRO H 74 5.80 20.83 27.35
C PRO H 74 5.32 22.27 27.41
N THR H 75 4.03 22.51 27.69
CA THR H 75 3.50 23.86 27.74
C THR H 75 3.78 24.57 29.06
N SER H 76 4.52 23.95 29.97
CA SER H 76 4.74 24.55 31.28
C SER H 76 5.61 25.80 31.16
N PRO H 77 5.34 26.85 31.93
CA PRO H 77 6.17 28.06 31.86
C PRO H 77 7.56 27.90 32.46
N TYR H 78 7.84 26.80 33.16
CA TYR H 78 9.13 26.60 33.79
C TYR H 78 10.05 25.70 32.97
N SER H 79 9.77 25.56 31.66
CA SER H 79 10.62 24.74 30.82
C SER H 79 11.96 25.41 30.60
N PHE H 80 12.94 24.59 30.22
CA PHE H 80 14.24 25.14 29.84
C PHE H 80 14.13 26.04 28.63
N LEU H 81 13.30 25.66 27.65
CA LEU H 81 13.17 26.46 26.43
C LEU H 81 12.49 27.79 26.71
N ASN H 82 11.43 27.79 27.53
CA ASN H 82 10.81 29.05 27.93
C ASN H 82 11.76 29.89 28.78
N TYR H 83 12.64 29.24 29.54
CA TYR H 83 13.65 29.97 30.29
C TYR H 83 14.63 30.68 29.36
N LEU H 84 15.05 30.00 28.29
CA LEU H 84 15.94 30.62 27.31
C LEU H 84 15.26 31.80 26.62
N LYS H 85 13.95 31.66 26.33
CA LYS H 85 13.23 32.75 25.68
C LYS H 85 13.19 33.99 26.55
N GLU H 86 12.96 33.81 27.86
CA GLU H 86 12.94 34.96 28.75
C GLU H 86 14.32 35.58 28.91
N LYS H 87 15.37 34.77 28.90
CA LYS H 87 16.73 35.27 29.01
C LYS H 87 17.25 35.88 27.71
N GLY H 88 16.45 35.85 26.64
CA GLY H 88 16.89 36.38 25.36
C GLY H 88 17.97 35.55 24.68
N ARG H 89 18.03 34.25 24.98
CA ARG H 89 19.07 33.38 24.46
C ARG H 89 18.52 32.19 23.67
N LEU H 90 17.23 32.19 23.34
CA LEU H 90 16.63 31.02 22.70
C LEU H 90 17.15 30.83 21.28
N TYR H 91 17.28 31.92 20.52
CA TYR H 91 17.77 31.80 19.15
C TYR H 91 19.24 31.36 19.11
N SER H 92 20.05 31.88 20.04
CA SER H 92 21.46 31.47 20.10
C SER H 92 21.59 30.00 20.46
N PHE H 93 20.77 29.52 21.38
CA PHE H 93 20.76 28.09 21.69
C PHE H 93 20.24 27.28 20.52
N TYR H 94 19.33 27.87 19.73
CA TYR H 94 18.84 27.20 18.52
C TYR H 94 19.98 26.99 17.53
N ILE H 95 20.84 27.98 17.37
CA ILE H 95 22.00 27.83 16.50
C ILE H 95 23.01 26.88 17.11
N ARG H 96 23.14 26.87 18.43
CA ARG H 96 24.09 25.98 19.09
C ARG H 96 23.80 24.52 18.74
N GLU H 97 22.53 24.17 18.59
CA GLU H 97 22.09 22.85 18.15
C GLU H 97 22.78 21.75 18.94
N ASN H 98 22.68 21.85 20.26
CA ASN H 98 23.23 20.86 21.20
C ASN H 98 22.15 20.51 22.20
N PHE H 99 21.85 19.22 22.30
CA PHE H 99 20.82 18.77 23.23
C PHE H 99 21.21 18.95 24.68
N TYR H 100 22.51 19.10 24.97
CA TYR H 100 23.01 19.04 26.34
C TYR H 100 23.36 20.43 26.86
N PRO H 101 22.60 20.96 27.81
CA PRO H 101 22.94 22.27 28.38
C PRO H 101 24.20 22.19 29.24
N LEU H 102 24.89 23.33 29.34
CA LEU H 102 26.00 23.45 30.29
C LEU H 102 25.48 23.29 31.72
N ARG H 103 26.34 22.75 32.59
CA ARG H 103 25.93 22.55 33.98
C ARG H 103 25.71 23.87 34.68
N VAL H 104 26.59 24.85 34.48
CA VAL H 104 26.39 26.17 35.06
C VAL H 104 25.13 26.83 34.48
N GLU H 105 24.77 26.47 33.26
CA GLU H 105 23.52 26.96 32.68
C GLU H 105 22.31 26.27 33.31
N TYR H 106 22.39 24.95 33.50
CA TYR H 106 21.29 24.22 34.13
C TYR H 106 21.06 24.70 35.56
N ASP H 107 22.15 25.00 36.29
CA ASP H 107 22.01 25.50 37.64
C ASP H 107 21.33 26.86 37.66
N ASP H 108 21.70 27.74 36.71
CA ASP H 108 21.04 29.03 36.60
C ASP H 108 19.57 28.88 36.22
N TYR H 109 19.26 27.89 35.37
CA TYR H 109 17.87 27.63 35.00
C TYR H 109 17.06 27.17 36.19
N CYS H 110 17.67 26.37 37.07
CA CYS H 110 16.94 25.87 38.24
C CYS H 110 16.69 26.98 39.26
N ARG H 111 17.67 27.85 39.49
CA ARG H 111 17.46 28.98 40.39
C ARG H 111 16.41 29.93 39.84
N TRP H 112 16.45 30.20 38.54
CA TRP H 112 15.42 31.02 37.90
C TRP H 112 14.03 30.43 38.11
N ALA H 113 13.91 29.10 38.03
CA ALA H 113 12.61 28.46 38.18
C ALA H 113 12.15 28.49 39.62
N ALA H 114 13.05 28.26 40.58
CA ALA H 114 12.69 28.27 41.98
C ALA H 114 12.27 29.67 42.43
N ASN H 115 12.81 30.71 41.81
CA ASN H 115 12.47 32.08 42.20
C ASN H 115 11.02 32.41 41.85
N LYS H 116 10.50 31.85 40.77
CA LYS H 116 9.12 32.12 40.37
C LYS H 116 8.10 31.42 41.24
N LEU H 117 8.51 30.49 42.09
CA LEU H 117 7.61 29.69 42.89
C LEU H 117 7.42 30.30 44.28
N SER H 118 6.27 29.97 44.88
CA SER H 118 5.93 30.46 46.21
C SER H 118 5.92 29.38 47.28
N SER H 119 6.12 28.12 46.90
CA SER H 119 6.00 26.99 47.81
C SER H 119 7.30 26.59 48.48
N ILE H 120 8.36 27.39 48.33
CA ILE H 120 9.70 27.00 48.77
C ILE H 120 10.09 27.84 49.98
N ARG H 121 10.65 27.19 50.99
CA ARG H 121 11.22 27.85 52.16
C ARG H 121 12.71 27.52 52.19
N PHE H 122 13.54 28.46 51.78
CA PHE H 122 14.98 28.24 51.78
C PHE H 122 15.57 28.47 53.17
N GLY H 123 16.84 28.14 53.31
CA GLY H 123 17.53 28.29 54.59
C GLY H 123 16.90 27.49 55.71
N THR H 124 16.30 26.34 55.41
CA THR H 124 15.50 25.59 56.36
C THR H 124 16.01 24.15 56.42
N THR H 125 16.71 23.81 57.50
CA THR H 125 17.17 22.44 57.72
C THR H 125 16.16 21.70 58.60
N VAL H 126 15.76 20.51 58.15
CA VAL H 126 14.79 19.69 58.87
C VAL H 126 15.55 18.70 59.74
N THR H 127 15.15 18.61 61.02
CA THR H 127 15.85 17.78 61.98
C THR H 127 15.04 16.62 62.54
N GLU H 128 13.71 16.70 62.54
CA GLU H 128 12.88 15.65 63.12
C GLU H 128 11.59 15.51 62.33
N VAL H 129 11.11 14.26 62.21
CA VAL H 129 9.83 13.95 61.58
C VAL H 129 9.09 12.97 62.49
N ARG H 130 7.86 13.33 62.86
CA ARG H 130 7.06 12.52 63.77
C ARG H 130 5.68 12.27 63.16
N TYR H 131 5.09 11.15 63.54
CA TYR H 131 3.75 10.76 63.08
C TYR H 131 2.77 10.96 64.23
N GLU H 132 2.11 12.12 64.23
CA GLU H 132 1.19 12.50 65.30
C GLU H 132 -0.16 12.87 64.71
N ASP H 133 -1.22 12.26 65.23
CA ASP H 133 -2.60 12.55 64.81
C ASP H 133 -2.79 12.30 63.32
N ASP H 134 -2.38 11.13 62.86
CA ASP H 134 -2.47 10.71 61.47
C ASP H 134 -1.74 11.65 60.51
N LEU H 135 -1.01 12.62 61.03
CA LEU H 135 -0.24 13.56 60.23
C LEU H 135 1.25 13.37 60.49
N TYR H 136 2.06 13.88 59.58
CA TYR H 136 3.50 13.92 59.75
C TYR H 136 3.88 15.31 60.25
N VAL H 137 4.66 15.35 61.33
CA VAL H 137 5.06 16.59 61.98
C VAL H 137 6.53 16.83 61.66
N VAL H 138 6.81 17.89 60.91
CA VAL H 138 8.15 18.21 60.46
C VAL H 138 8.66 19.38 61.29
N THR H 139 9.79 19.17 61.96
CA THR H 139 10.42 20.20 62.79
C THR H 139 11.74 20.61 62.18
N THR H 140 12.00 21.91 62.16
CA THR H 140 13.19 22.47 61.56
C THR H 140 14.20 22.87 62.63
N SER H 141 15.46 22.97 62.22
CA SER H 141 16.55 23.31 63.14
C SER H 141 16.41 24.72 63.71
N ALA H 142 15.46 25.52 63.24
CA ALA H 142 15.19 26.84 63.78
C ALA H 142 14.00 26.85 64.74
N GLY H 143 13.30 25.72 64.88
CA GLY H 143 12.19 25.60 65.81
C GLY H 143 10.83 25.55 65.15
N ASP H 144 10.72 26.01 63.90
CA ASP H 144 9.43 26.05 63.24
C ASP H 144 8.94 24.64 62.91
N VAL H 145 7.63 24.47 62.94
CA VAL H 145 6.98 23.17 62.80
C VAL H 145 6.05 23.22 61.59
N TYR H 146 6.11 22.19 60.75
CA TYR H 146 5.20 22.01 59.64
C TYR H 146 4.54 20.65 59.73
N ARG H 147 3.25 20.59 59.41
CA ARG H 147 2.49 19.35 59.43
C ARG H 147 1.82 19.15 58.08
N ALA H 148 1.75 17.89 57.64
CA ALA H 148 1.17 17.58 56.35
C ALA H 148 0.70 16.14 56.35
N ARG H 149 -0.26 15.86 55.46
CA ARG H 149 -0.78 14.50 55.33
C ARG H 149 0.20 13.57 54.63
N HIS H 150 1.10 14.09 53.82
CA HIS H 150 2.06 13.26 53.09
C HIS H 150 3.44 13.89 53.17
N LEU H 151 4.44 13.13 52.71
CA LEU H 151 5.82 13.60 52.68
C LEU H 151 6.46 13.15 51.37
N VAL H 152 7.31 14.01 50.81
CA VAL H 152 8.12 13.68 49.64
C VAL H 152 9.57 13.96 50.01
N LEU H 153 10.37 12.90 50.13
CA LEU H 153 11.77 13.02 50.53
C LEU H 153 12.65 13.15 49.29
N GLY H 154 13.34 14.28 49.18
CA GLY H 154 14.25 14.51 48.08
C GLY H 154 15.58 15.07 48.53
N THR H 155 16.24 14.36 49.45
CA THR H 155 17.48 14.83 50.06
C THR H 155 18.73 14.44 49.28
N GLY H 156 18.58 13.67 48.20
CA GLY H 156 19.70 13.40 47.32
C GLY H 156 20.64 12.33 47.86
N THR H 157 21.86 12.36 47.31
CA THR H 157 22.90 11.39 47.67
C THR H 157 24.15 12.14 48.13
N PRO H 158 24.52 12.04 49.41
CA PRO H 158 25.74 12.69 49.89
C PRO H 158 26.97 12.04 49.29
N PRO H 159 28.11 12.72 49.32
CA PRO H 159 29.35 12.12 48.79
C PRO H 159 29.70 10.83 49.52
N TYR H 160 30.34 9.92 48.78
CA TYR H 160 30.83 8.67 49.34
C TYR H 160 32.34 8.63 49.23
N ILE H 161 33.00 8.36 50.35
CA ILE H 161 34.44 8.13 50.37
C ILE H 161 34.68 6.74 50.95
N PRO H 162 35.73 6.04 50.55
CA PRO H 162 35.98 4.71 51.12
C PRO H 162 36.22 4.79 52.62
N GLU H 163 35.96 3.67 53.31
CA GLU H 163 36.24 3.61 54.74
C GLU H 163 37.72 3.76 55.04
N ALA H 164 38.59 3.45 54.08
CA ALA H 164 40.03 3.57 54.27
C ALA H 164 40.49 5.02 54.40
N CYS H 165 39.62 5.99 54.14
CA CYS H 165 39.96 7.40 54.26
C CYS H 165 39.12 8.14 55.31
N GLN H 166 38.22 7.45 55.99
CA GLN H 166 37.41 8.08 57.04
C GLN H 166 38.31 8.57 58.16
N GLY H 167 38.46 9.88 58.28
CA GLY H 167 39.36 10.47 59.26
C GLY H 167 40.78 10.64 58.81
N LEU H 168 41.05 10.53 57.51
CA LEU H 168 42.41 10.65 57.00
C LEU H 168 42.90 12.10 57.12
N ASP H 169 44.19 12.24 57.43
CA ASP H 169 44.79 13.57 57.58
C ASP H 169 44.88 14.27 56.23
N GLY H 170 45.38 15.50 56.25
CA GLY H 170 45.71 16.20 55.03
C GLY H 170 44.55 16.96 54.42
N ASP H 171 44.80 17.45 53.20
CA ASP H 171 43.87 18.30 52.46
C ASP H 171 43.19 17.55 51.31
N PHE H 172 43.03 16.24 51.43
CA PHE H 172 42.35 15.48 50.40
C PHE H 172 40.90 15.90 50.31
N ILE H 173 40.36 15.87 49.09
CA ILE H 173 39.01 16.37 48.82
C ILE H 173 38.22 15.31 48.07
N HIS H 174 36.91 15.35 48.25
CA HIS H 174 35.99 14.66 47.37
C HIS H 174 35.80 15.51 46.10
N ASN H 175 35.44 14.83 45.00
CA ASN H 175 35.30 15.55 43.74
C ASN H 175 34.23 16.63 43.79
N SER H 176 33.30 16.55 44.74
CA SER H 176 32.25 17.56 44.89
C SER H 176 32.78 18.88 45.41
N ARG H 177 34.06 18.97 45.76
CA ARG H 177 34.69 20.22 46.17
C ARG H 177 35.94 20.47 45.35
N TYR H 178 35.91 20.11 44.07
CA TYR H 178 37.10 20.16 43.24
C TYR H 178 37.42 21.58 42.78
N VAL H 179 36.40 22.30 42.30
CA VAL H 179 36.65 23.61 41.68
C VAL H 179 37.23 24.59 42.68
N GLN H 180 36.84 24.49 43.95
CA GLN H 180 37.34 25.42 44.96
C GLN H 180 38.79 25.13 45.33
N HIS H 181 39.21 23.86 45.25
CA HIS H 181 40.55 23.45 45.61
C HIS H 181 41.45 23.25 44.41
N ARG H 182 41.00 23.64 43.21
CA ARG H 182 41.79 23.41 42.01
C ARG H 182 43.07 24.25 42.01
N SER H 183 42.96 25.52 42.40
CA SER H 183 44.11 26.41 42.34
C SER H 183 45.23 25.95 43.29
N GLU H 184 44.87 25.22 44.35
CA GLU H 184 45.87 24.70 45.27
C GLU H 184 46.44 23.36 44.83
N LEU H 185 45.64 22.53 44.13
CA LEU H 185 46.12 21.23 43.70
C LEU H 185 47.17 21.34 42.61
N VAL H 186 47.07 22.36 41.75
CA VAL H 186 48.02 22.49 40.65
C VAL H 186 49.41 22.88 41.13
N LYS H 187 49.52 23.40 42.35
CA LYS H 187 50.83 23.80 42.88
C LYS H 187 51.64 22.60 43.35
N LYS H 188 50.97 21.50 43.72
CA LYS H 188 51.68 20.33 44.24
C LYS H 188 52.49 19.67 43.14
N GLU H 189 53.37 18.75 43.55
CA GLU H 189 54.17 17.97 42.64
C GLU H 189 53.56 16.61 42.32
N SER H 190 52.41 16.30 42.91
CA SER H 190 51.86 14.95 42.82
C SER H 190 50.35 15.01 43.05
N ILE H 191 49.59 14.45 42.11
CA ILE H 191 48.14 14.42 42.18
C ILE H 191 47.66 13.02 41.79
N THR H 192 46.80 12.44 42.62
CA THR H 192 46.22 11.12 42.37
C THR H 192 44.71 11.21 42.44
N ILE H 193 44.03 10.68 41.42
CA ILE H 193 42.57 10.65 41.36
C ILE H 193 42.12 9.22 41.52
N VAL H 194 41.21 8.98 42.46
CA VAL H 194 40.67 7.66 42.75
C VAL H 194 39.22 7.60 42.28
N GLY H 195 38.94 6.72 41.33
CA GLY H 195 37.60 6.56 40.81
C GLY H 195 37.59 6.56 39.28
N SER H 196 36.56 5.93 38.72
CA SER H 196 36.46 5.73 37.27
C SER H 196 35.24 6.39 36.65
N GLY H 197 34.44 7.13 37.42
CA GLY H 197 33.22 7.68 36.91
C GLY H 197 33.44 8.90 36.03
N GLN H 198 32.33 9.55 35.68
CA GLN H 198 32.38 10.73 34.81
C GLN H 198 33.10 11.88 35.49
N SER H 199 32.92 12.04 36.80
CA SER H 199 33.58 13.14 37.51
C SER H 199 35.09 12.97 37.47
N ALA H 200 35.57 11.73 37.65
CA ALA H 200 37.01 11.49 37.62
C ALA H 200 37.59 11.81 36.25
N ALA H 201 36.91 11.39 35.18
CA ALA H 201 37.44 11.63 33.84
C ALA H 201 37.43 13.10 33.49
N GLU H 202 36.42 13.84 33.94
CA GLU H 202 36.41 15.29 33.71
C GLU H 202 37.55 15.98 34.44
N ILE H 203 37.79 15.59 35.70
CA ILE H 203 38.90 16.15 36.46
C ILE H 203 40.23 15.76 35.81
N TYR H 204 40.36 14.50 35.39
CA TYR H 204 41.59 14.05 34.75
C TYR H 204 41.87 14.84 33.48
N GLN H 205 40.86 15.00 32.63
CA GLN H 205 41.04 15.79 31.41
C GLN H 205 41.43 17.22 31.73
N ASP H 206 40.84 17.77 32.80
CA ASP H 206 41.20 19.12 33.22
C ASP H 206 42.67 19.20 33.63
N LEU H 207 43.10 18.30 34.51
CA LEU H 207 44.48 18.35 35.00
C LEU H 207 45.47 17.91 33.95
N LEU H 208 45.09 16.97 33.07
CA LEU H 208 45.98 16.56 32.00
C LEU H 208 46.20 17.68 30.99
N GLY H 209 45.20 18.54 30.80
CA GLY H 209 45.36 19.64 29.86
C GLY H 209 46.37 20.67 30.33
N GLU H 210 46.54 20.81 31.64
CA GLU H 210 47.46 21.77 32.23
C GLU H 210 48.69 21.09 32.84
N ILE H 211 49.05 19.91 32.33
CA ILE H 211 50.20 19.19 32.86
C ILE H 211 51.51 19.88 32.48
N ASP H 212 51.51 20.70 31.44
CA ASP H 212 52.74 21.33 30.98
C ASP H 212 53.00 22.68 31.65
N VAL H 213 51.97 23.42 32.00
CA VAL H 213 52.18 24.71 32.68
C VAL H 213 52.64 24.48 34.11
N HIS H 214 52.21 23.38 34.72
CA HIS H 214 52.72 22.96 36.02
C HIS H 214 53.67 21.78 35.82
N GLY H 215 54.03 21.11 36.91
CA GLY H 215 54.96 20.01 36.81
C GLY H 215 54.55 18.79 37.61
N TYR H 216 53.28 18.73 38.03
CA TYR H 216 52.82 17.63 38.84
C TYR H 216 52.73 16.34 38.01
N ARG H 217 52.76 15.22 38.73
CA ARG H 217 52.51 13.91 38.14
C ARG H 217 51.05 13.54 38.39
N LEU H 218 50.39 13.03 37.35
CA LEU H 218 48.96 12.76 37.37
C LEU H 218 48.72 11.27 37.46
N ASN H 219 48.06 10.82 38.52
CA ASN H 219 47.73 9.43 38.73
C ASN H 219 46.23 9.23 38.66
N TRP H 220 45.79 8.28 37.84
CA TRP H 220 44.39 7.90 37.74
C TRP H 220 44.28 6.41 38.06
N VAL H 221 43.74 6.09 39.23
CA VAL H 221 43.62 4.73 39.72
C VAL H 221 42.16 4.46 40.04
N THR H 222 41.69 3.27 39.68
CA THR H 222 40.30 2.92 39.95
C THR H 222 40.15 1.43 40.24
N ARG H 223 39.08 1.11 40.97
CA ARG H 223 38.71 -0.28 41.21
C ARG H 223 38.02 -0.91 40.02
N SER H 224 37.49 -0.10 39.10
CA SER H 224 36.78 -0.63 37.95
C SER H 224 37.70 -1.51 37.11
N PRO H 225 37.15 -2.54 36.45
CA PRO H 225 38.00 -3.37 35.59
C PRO H 225 38.47 -2.65 34.34
N ARG H 226 37.70 -1.67 33.86
CA ARG H 226 38.04 -0.89 32.69
C ARG H 226 37.68 0.56 32.92
N PHE H 227 38.10 1.42 32.01
CA PHE H 227 37.53 2.77 31.88
C PHE H 227 36.31 2.70 30.97
N PHE H 228 35.31 1.95 31.43
CA PHE H 228 34.19 1.60 30.58
C PHE H 228 33.32 2.83 30.32
N PRO H 229 32.74 2.93 29.12
CA PRO H 229 31.88 4.06 28.79
C PRO H 229 30.45 3.83 29.25
N LEU H 230 29.71 4.94 29.33
CA LEU H 230 28.28 4.87 29.62
C LEU H 230 27.56 4.29 28.40
N GLU H 231 26.82 3.20 28.62
CA GLU H 231 26.06 2.56 27.55
C GLU H 231 24.90 3.45 27.12
N TYR H 232 25.12 4.27 26.10
CA TYR H 232 24.15 5.27 25.67
C TYR H 232 23.46 4.92 24.35
N THR H 233 23.59 3.67 23.90
CA THR H 233 22.91 3.26 22.67
C THR H 233 21.40 3.21 22.88
N LYS H 234 20.67 3.49 21.79
CA LYS H 234 19.25 3.82 21.92
C LYS H 234 18.41 2.62 22.36
N LEU H 235 18.82 1.40 22.01
CA LEU H 235 18.06 0.23 22.45
C LEU H 235 18.19 0.03 23.96
N THR H 236 19.36 0.33 24.52
CA THR H 236 19.51 0.27 25.98
C THR H 236 18.84 1.46 26.65
N LEU H 237 18.83 2.63 26.00
CA LEU H 237 18.09 3.77 26.51
C LEU H 237 16.61 3.48 26.69
N GLU H 238 16.08 2.51 25.94
CA GLU H 238 14.69 2.11 26.11
C GLU H 238 14.44 1.39 27.43
N MET H 239 15.50 0.96 28.14
CA MET H 239 15.32 0.43 29.48
C MET H 239 15.02 1.51 30.50
N THR H 240 15.21 2.77 30.14
CA THR H 240 14.75 3.90 30.95
C THR H 240 13.32 4.25 30.53
N SER H 241 12.41 3.36 30.90
CA SER H 241 11.05 3.39 30.40
C SER H 241 10.12 2.90 31.50
N PRO H 242 8.83 3.24 31.43
CA PRO H 242 7.90 2.72 32.44
C PRO H 242 7.73 1.22 32.38
N GLU H 243 7.62 0.65 31.17
CA GLU H 243 7.39 -0.79 31.05
C GLU H 243 8.58 -1.60 31.52
N TYR H 244 9.79 -1.02 31.54
CA TYR H 244 10.90 -1.74 32.16
C TYR H 244 10.84 -1.64 33.67
N ILE H 245 10.45 -0.48 34.20
CA ILE H 245 10.25 -0.35 35.65
C ILE H 245 9.21 -1.36 36.12
N ASP H 246 8.12 -1.49 35.36
CA ASP H 246 7.11 -2.50 35.67
C ASP H 246 7.73 -3.90 35.67
N TYR H 247 8.56 -4.20 34.68
CA TYR H 247 9.22 -5.50 34.63
C TYR H 247 10.25 -5.64 35.74
N TYR H 248 11.06 -4.59 35.96
CA TYR H 248 12.11 -4.65 36.96
C TYR H 248 11.53 -4.82 38.36
N ARG H 249 10.55 -3.99 38.71
CA ARG H 249 10.00 -4.01 40.06
C ARG H 249 9.32 -5.33 40.38
N GLU H 250 8.73 -5.99 39.38
CA GLU H 250 8.05 -7.26 39.59
C GLU H 250 9.01 -8.44 39.72
N LEU H 251 10.31 -8.23 39.49
CA LEU H 251 11.27 -9.30 39.65
C LEU H 251 11.51 -9.57 41.13
N PRO H 252 11.92 -10.79 41.49
CA PRO H 252 12.25 -11.08 42.89
C PRO H 252 13.36 -10.16 43.39
N GLU H 253 13.33 -9.88 44.69
CA GLU H 253 14.30 -8.97 45.28
C GLU H 253 15.72 -9.48 45.09
N ALA H 254 15.91 -10.80 45.15
CA ALA H 254 17.24 -11.37 44.94
C ALA H 254 17.73 -11.11 43.52
N THR H 255 16.83 -11.21 42.54
CA THR H 255 17.21 -10.93 41.16
C THR H 255 17.51 -9.45 40.97
N ARG H 256 16.74 -8.57 41.64
CA ARG H 256 16.95 -7.13 41.49
C ARG H 256 18.29 -6.69 42.06
N TYR H 257 18.74 -7.32 43.15
CA TYR H 257 20.04 -6.94 43.73
C TYR H 257 21.20 -7.52 42.93
N ARG H 258 21.01 -8.68 42.31
CA ARG H 258 22.04 -9.19 41.40
C ARG H 258 22.11 -8.34 40.13
N LEU H 259 20.99 -7.77 39.70
CA LEU H 259 20.98 -6.95 38.50
C LEU H 259 21.66 -5.61 38.73
N THR H 260 21.48 -5.04 39.92
CA THR H 260 22.03 -3.72 40.20
C THR H 260 23.55 -3.71 40.09
N ALA H 261 24.21 -4.78 40.56
CA ALA H 261 25.66 -4.86 40.46
C ALA H 261 26.14 -4.95 39.03
N GLU H 262 25.30 -5.42 38.11
CA GLU H 262 25.68 -5.60 36.71
C GLU H 262 25.23 -4.47 35.81
N GLN H 263 24.47 -3.50 36.32
CA GLN H 263 23.88 -2.46 35.50
C GLN H 263 24.50 -1.09 35.74
N LYS H 264 25.62 -1.01 36.46
CA LYS H 264 26.24 0.28 36.71
C LYS H 264 26.78 0.91 35.44
N GLY H 265 27.11 0.11 34.43
CA GLY H 265 27.52 0.65 33.15
C GLY H 265 26.42 1.34 32.38
N LEU H 266 25.17 1.21 32.82
CA LEU H 266 24.03 1.83 32.15
C LEU H 266 23.76 3.24 32.62
N PHE H 267 24.21 3.61 33.83
CA PHE H 267 24.00 4.97 34.33
C PHE H 267 25.25 5.59 34.97
N LYS H 268 26.32 4.83 35.20
CA LYS H 268 27.59 5.36 35.66
C LYS H 268 28.59 5.28 34.50
N GLY H 269 29.87 5.31 34.83
CA GLY H 269 30.90 5.29 33.81
C GLY H 269 31.15 6.67 33.22
N ILE H 270 31.85 6.67 32.09
CA ILE H 270 32.30 7.90 31.45
C ILE H 270 31.57 8.06 30.11
N ASP H 271 31.29 9.31 29.75
CA ASP H 271 30.81 9.59 28.41
C ASP H 271 31.84 9.13 27.38
N GLY H 272 31.36 8.42 26.37
CA GLY H 272 32.28 7.77 25.43
C GLY H 272 33.20 8.75 24.72
N ASP H 273 32.67 9.91 24.33
CA ASP H 273 33.50 10.89 23.64
C ASP H 273 34.53 11.53 24.57
N LEU H 274 34.23 11.60 25.88
CA LEU H 274 35.21 12.11 26.83
C LEU H 274 36.39 11.15 26.97
N ILE H 275 36.12 9.85 26.90
CA ILE H 275 37.20 8.86 26.89
C ILE H 275 38.09 9.08 25.68
N ASN H 276 37.48 9.21 24.51
CA ASN H 276 38.23 9.37 23.27
C ASN H 276 39.01 10.68 23.25
N GLU H 277 38.47 11.72 23.88
CA GLU H 277 39.22 12.98 23.97
C GLU H 277 40.36 12.88 24.96
N ILE H 278 40.21 12.07 26.01
CA ILE H 278 41.31 11.85 26.94
C ILE H 278 42.45 11.14 26.24
N PHE H 279 42.13 10.11 25.45
CA PHE H 279 43.17 9.39 24.70
C PHE H 279 43.87 10.32 23.73
N ASP H 280 43.10 11.10 22.96
CA ASP H 280 43.69 11.98 21.96
C ASP H 280 44.62 13.00 22.62
N LEU H 281 44.23 13.52 23.78
CA LEU H 281 45.09 14.47 24.49
C LEU H 281 46.38 13.81 24.95
N LEU H 282 46.31 12.54 25.38
CA LEU H 282 47.52 11.81 25.74
C LEU H 282 48.43 11.62 24.53
N TYR H 283 47.85 11.31 23.37
CA TYR H 283 48.64 11.19 22.16
C TYR H 283 49.30 12.50 21.79
N GLN H 284 48.56 13.61 21.93
CA GLN H 284 49.11 14.91 21.57
C GLN H 284 50.27 15.30 22.50
N LYS H 285 50.08 15.12 23.81
CA LYS H 285 51.13 15.47 24.75
C LYS H 285 52.34 14.55 24.63
N ASN H 286 52.13 13.32 24.17
CA ASN H 286 53.24 12.36 24.06
C ASN H 286 54.15 12.64 22.88
N LEU H 287 53.78 13.58 22.01
CA LEU H 287 54.67 13.93 20.90
C LEU H 287 55.88 14.72 21.37
N ALA H 288 55.74 15.49 22.46
CA ALA H 288 56.82 16.30 22.99
C ALA H 288 57.67 15.56 24.02
N GLY H 289 57.41 14.28 24.25
CA GLY H 289 58.12 13.52 25.25
C GLY H 289 57.18 12.75 26.14
N PRO H 290 57.71 11.79 26.89
CA PRO H 290 56.86 10.98 27.78
C PRO H 290 56.13 11.86 28.79
N VAL H 291 54.86 11.52 29.01
CA VAL H 291 53.98 12.30 29.87
C VAL H 291 53.98 11.66 31.25
N PRO H 292 54.23 12.43 32.32
CA PRO H 292 54.25 11.83 33.66
C PRO H 292 52.85 11.50 34.17
N THR H 293 52.25 10.42 33.67
CA THR H 293 50.91 10.05 34.07
C THR H 293 50.77 8.53 34.09
N ARG H 294 50.02 8.03 35.07
CA ARG H 294 49.74 6.61 35.21
C ARG H 294 48.22 6.39 35.21
N LEU H 295 47.78 5.33 34.53
CA LEU H 295 46.38 4.94 34.49
C LEU H 295 46.30 3.45 34.82
N LEU H 296 45.73 3.12 35.98
CA LEU H 296 45.65 1.75 36.45
C LEU H 296 44.22 1.38 36.78
N THR H 297 43.84 0.15 36.46
CA THR H 297 42.52 -0.39 36.76
C THR H 297 42.64 -1.55 37.73
N ASN H 298 41.49 -2.09 38.13
CA ASN H 298 41.39 -3.24 39.03
C ASN H 298 42.11 -3.02 40.35
N SER H 299 42.30 -1.77 40.77
CA SER H 299 43.10 -1.44 41.94
C SER H 299 42.23 -0.78 42.99
N SER H 300 42.14 -1.40 44.16
CA SER H 300 41.30 -0.91 45.24
C SER H 300 42.15 -0.19 46.28
N LEU H 301 41.72 1.01 46.66
CA LEU H 301 42.39 1.76 47.72
C LEU H 301 42.00 1.17 49.07
N ASN H 302 42.97 0.55 49.76
CA ASN H 302 42.69 -0.12 51.01
C ASN H 302 43.24 0.61 52.23
N SER H 303 44.24 1.47 52.06
CA SER H 303 44.83 2.19 53.19
C SER H 303 45.37 3.53 52.71
N ALA H 304 45.26 4.54 53.57
CA ALA H 304 45.74 5.88 53.25
C ALA H 304 46.30 6.52 54.51
N ARG H 305 47.49 7.10 54.39
CA ARG H 305 48.14 7.80 55.49
C ARG H 305 48.81 9.04 54.96
N HIS H 306 48.80 10.11 55.77
CA HIS H 306 49.32 11.41 55.38
C HIS H 306 50.44 11.83 56.31
N GLU H 307 51.50 12.40 55.73
CA GLU H 307 52.66 12.83 56.50
C GLU H 307 53.48 13.82 55.67
N ASN H 308 53.74 14.99 56.25
CA ASN H 308 54.55 16.03 55.60
C ASN H 308 53.97 16.45 54.26
N GLY H 309 52.65 16.64 54.23
CA GLY H 309 51.99 17.03 52.99
C GLY H 309 52.06 16.00 51.90
N THR H 310 52.06 14.72 52.26
CA THR H 310 52.19 13.64 51.29
C THR H 310 51.35 12.46 51.74
N TYR H 311 50.60 11.88 50.80
CA TYR H 311 49.81 10.69 51.06
C TYR H 311 50.56 9.45 50.59
N THR H 312 50.50 8.39 51.39
CA THR H 312 51.01 7.08 51.01
C THR H 312 49.77 6.20 50.79
N LEU H 313 49.39 6.05 49.52
CA LEU H 313 48.18 5.33 49.16
C LEU H 313 48.52 3.86 48.90
N ALA H 314 47.90 2.97 49.67
CA ALA H 314 48.13 1.53 49.54
C ALA H 314 46.99 0.93 48.73
N PHE H 315 47.31 0.44 47.54
CA PHE H 315 46.34 -0.20 46.67
C PHE H 315 46.63 -1.69 46.56
N ARG H 316 45.64 -2.43 46.08
CA ARG H 316 45.80 -3.84 45.74
C ARG H 316 45.14 -4.09 44.39
N GLN H 317 45.92 -4.57 43.43
CA GLN H 317 45.38 -5.04 42.16
C GLN H 317 44.61 -6.32 42.43
N GLU H 318 43.27 -6.23 42.43
CA GLU H 318 42.45 -7.35 42.86
C GLU H 318 42.46 -8.51 41.85
N GLU H 319 42.59 -8.20 40.56
CA GLU H 319 42.62 -9.25 39.56
C GLU H 319 43.98 -9.94 39.54
N GLN H 320 45.06 -9.15 39.55
CA GLN H 320 46.40 -9.72 39.59
C GLN H 320 46.74 -10.28 40.97
N GLY H 321 46.08 -9.82 42.02
CA GLY H 321 46.36 -10.30 43.36
C GLY H 321 47.61 -9.72 43.98
N LYS H 322 48.03 -8.53 43.55
CA LYS H 322 49.26 -7.90 44.01
C LYS H 322 48.95 -6.57 44.69
N ASP H 323 49.76 -6.23 45.69
CA ASP H 323 49.65 -4.96 46.39
C ASP H 323 50.72 -4.00 45.89
N PHE H 324 50.40 -2.71 45.92
CA PHE H 324 51.36 -1.68 45.55
C PHE H 324 50.98 -0.39 46.26
N GLU H 325 51.93 0.56 46.26
CA GLU H 325 51.75 1.83 46.93
C GLU H 325 52.14 2.96 46.00
N ILE H 326 51.49 4.11 46.19
CA ILE H 326 51.77 5.32 45.42
C ILE H 326 51.86 6.49 46.40
N GLU H 327 52.92 7.28 46.28
CA GLU H 327 53.08 8.50 47.08
C GLU H 327 52.52 9.67 46.30
N SER H 328 51.73 10.52 46.97
CA SER H 328 51.13 11.66 46.29
C SER H 328 50.84 12.77 47.29
N GLN H 329 51.05 14.02 46.82
CA GLN H 329 50.70 15.19 47.62
C GLN H 329 49.22 15.50 47.54
N GLY H 330 48.64 15.46 46.34
CA GLY H 330 47.24 15.75 46.13
C GLY H 330 46.44 14.48 45.95
N LEU H 331 45.33 14.39 46.67
CA LEU H 331 44.45 13.23 46.62
C LEU H 331 43.02 13.73 46.41
N VAL H 332 42.40 13.30 45.31
CA VAL H 332 41.03 13.66 44.98
C VAL H 332 40.23 12.38 44.90
N LEU H 333 39.31 12.18 45.85
CA LEU H 333 38.47 11.00 45.88
C LEU H 333 37.24 11.24 45.02
N ALA H 334 37.24 10.68 43.82
CA ALA H 334 36.07 10.68 42.95
C ALA H 334 35.32 9.35 43.05
N THR H 335 34.95 8.99 44.27
CA THR H 335 34.41 7.66 44.57
C THR H 335 32.89 7.64 44.62
N GLY H 336 32.24 8.62 44.00
CA GLY H 336 30.81 8.56 43.80
C GLY H 336 30.00 9.04 45.00
N TYR H 337 28.76 8.56 45.05
CA TYR H 337 27.80 8.97 46.05
C TYR H 337 27.03 7.76 46.54
N LYS H 338 26.44 7.89 47.72
CA LYS H 338 25.64 6.82 48.29
C LYS H 338 24.59 7.44 49.22
N TYR H 339 23.40 6.84 49.22
CA TYR H 339 22.31 7.32 50.05
C TYR H 339 22.34 6.61 51.40
N ALA H 340 22.25 7.39 52.46
CA ALA H 340 22.08 6.87 53.82
C ALA H 340 20.81 7.45 54.41
N GLU H 341 20.17 6.70 55.29
CA GLU H 341 18.92 7.14 55.89
C GLU H 341 19.16 8.41 56.69
N PRO H 342 18.47 9.51 56.39
CA PRO H 342 18.67 10.74 57.16
C PRO H 342 18.24 10.57 58.61
N GLU H 343 18.95 11.27 59.50
CA GLU H 343 18.69 11.13 60.93
C GLU H 343 17.30 11.63 61.30
N PHE H 344 16.74 12.57 60.54
CA PHE H 344 15.44 13.13 60.93
C PHE H 344 14.29 12.14 60.77
N LEU H 345 14.53 10.99 60.12
CA LEU H 345 13.52 9.94 60.02
C LEU H 345 13.53 8.98 61.19
N ALA H 346 14.46 9.15 62.13
CA ALA H 346 14.56 8.22 63.25
C ALA H 346 13.26 8.05 64.03
N PRO H 347 12.53 9.13 64.42
CA PRO H 347 11.31 8.90 65.22
C PRO H 347 10.12 8.40 64.41
N VAL H 348 10.36 7.98 63.16
CA VAL H 348 9.26 7.51 62.32
C VAL H 348 9.68 6.24 61.59
N LYS H 349 10.81 5.65 62.00
CA LYS H 349 11.30 4.45 61.35
C LYS H 349 10.28 3.32 61.33
N ASP H 350 9.45 3.21 62.39
CA ASP H 350 8.46 2.15 62.45
C ASP H 350 7.34 2.32 61.44
N ARG H 351 7.20 3.50 60.82
CA ARG H 351 6.22 3.73 59.78
C ARG H 351 6.72 3.36 58.39
N LEU H 352 8.02 3.11 58.24
CA LEU H 352 8.64 2.85 56.95
C LEU H 352 8.79 1.35 56.70
N VAL H 353 8.89 1.00 55.41
CA VAL H 353 9.04 -0.39 54.98
C VAL H 353 10.49 -0.61 54.55
N TYR H 354 11.01 -1.80 54.83
CA TYR H 354 12.37 -2.17 54.49
C TYR H 354 12.36 -3.55 53.82
N ASP H 355 13.48 -3.89 53.20
CA ASP H 355 13.63 -5.17 52.51
C ASP H 355 14.64 -6.04 53.24
N SER H 356 15.01 -7.16 52.61
CA SER H 356 15.94 -8.10 53.21
C SER H 356 17.35 -7.56 53.33
N GLN H 357 17.66 -6.45 52.67
CA GLN H 357 18.99 -5.85 52.74
C GLN H 357 19.03 -4.61 53.62
N GLY H 358 17.93 -4.27 54.29
CA GLY H 358 17.88 -3.10 55.13
C GLY H 358 17.64 -1.80 54.41
N ASN H 359 17.26 -1.84 53.13
CA ASN H 359 16.96 -0.64 52.37
C ASN H 359 15.46 -0.48 52.20
N PHE H 360 15.05 0.73 51.86
CA PHE H 360 13.63 1.02 51.68
C PHE H 360 13.04 0.15 50.58
N ASP H 361 11.95 -0.55 50.90
CA ASP H 361 11.24 -1.37 49.93
C ASP H 361 10.29 -0.48 49.14
N VAL H 362 10.89 0.32 48.26
CA VAL H 362 10.14 1.33 47.52
C VAL H 362 9.09 0.66 46.65
N SER H 363 7.84 1.12 46.77
CA SER H 363 6.76 0.55 45.98
C SER H 363 6.86 0.99 44.53
N ARG H 364 6.00 0.41 43.69
CA ARG H 364 5.93 0.84 42.30
C ARG H 364 5.49 2.29 42.19
N ALA H 365 4.68 2.77 43.14
CA ALA H 365 4.26 4.16 43.19
C ALA H 365 5.20 5.03 44.02
N TYR H 366 6.43 4.57 44.26
CA TYR H 366 7.48 5.36 44.91
C TYR H 366 7.16 5.71 46.36
N ALA H 367 6.47 4.82 47.06
CA ALA H 367 6.16 5.00 48.47
C ALA H 367 7.02 4.05 49.31
N ILE H 368 7.36 4.49 50.52
CA ILE H 368 8.22 3.70 51.40
C ILE H 368 7.63 3.57 52.80
N ASP H 369 6.36 3.92 52.96
CA ASP H 369 5.70 3.83 54.26
C ASP H 369 4.68 2.69 54.27
N VAL H 370 4.14 2.43 55.46
CA VAL H 370 3.26 1.27 55.65
C VAL H 370 1.94 1.47 54.92
N THR H 371 1.45 2.71 54.80
CA THR H 371 0.20 2.95 54.10
C THR H 371 0.33 2.77 52.60
N GLY H 372 1.54 2.78 52.07
CA GLY H 372 1.73 2.71 50.64
C GLY H 372 1.44 3.98 49.89
N ARG H 373 1.23 5.10 50.60
CA ARG H 373 0.93 6.37 49.95
C ARG H 373 1.12 7.53 50.92
N GLY H 374 1.98 7.35 51.92
CA GLY H 374 2.21 8.38 52.90
C GLY H 374 3.53 9.12 52.73
N VAL H 375 4.61 8.38 52.53
CA VAL H 375 5.95 8.94 52.39
C VAL H 375 6.50 8.51 51.03
N PHE H 376 6.77 9.48 50.17
CA PHE H 376 7.33 9.22 48.85
C PHE H 376 8.82 9.52 48.85
N LEU H 377 9.55 8.83 47.97
CA LEU H 377 11.00 8.89 47.93
C LEU H 377 11.47 9.27 46.54
N GLN H 378 12.26 10.34 46.45
CA GLN H 378 12.97 10.68 45.23
C GLN H 378 14.37 10.09 45.29
N ASN H 379 14.82 9.51 44.18
CA ASN H 379 16.13 8.89 44.08
C ASN H 379 16.26 7.72 45.07
N ALA H 380 17.46 7.14 45.15
CA ALA H 380 17.77 6.07 46.10
C ALA H 380 16.84 4.87 45.93
N GLY H 381 16.46 4.59 44.69
CA GLY H 381 15.58 3.48 44.40
C GLY H 381 16.11 2.57 43.31
N VAL H 382 17.45 2.52 43.18
CA VAL H 382 18.07 1.72 42.12
C VAL H 382 17.75 0.24 42.32
N HIS H 383 17.64 -0.21 43.57
CA HIS H 383 17.34 -1.62 43.82
C HIS H 383 15.88 -1.96 43.53
N THR H 384 15.01 -0.96 43.36
CA THR H 384 13.61 -1.20 43.04
C THR H 384 13.19 -0.65 41.68
N HIS H 385 13.80 0.44 41.22
CA HIS H 385 13.43 1.05 39.94
C HIS H 385 14.59 1.10 38.96
N SER H 386 15.74 0.51 39.31
CA SER H 386 16.90 0.40 38.43
C SER H 386 17.40 1.80 38.07
N ILE H 387 17.99 1.93 36.87
CA ILE H 387 18.74 3.14 36.51
C ILE H 387 17.86 4.38 36.43
N THR H 388 16.54 4.21 36.36
CA THR H 388 15.66 5.36 36.26
C THR H 388 15.56 6.14 37.56
N SER H 389 16.09 5.63 38.67
CA SER H 389 15.89 6.28 39.96
C SER H 389 16.61 7.62 40.06
N PRO H 390 17.89 7.75 39.71
CA PRO H 390 18.53 9.08 39.71
C PRO H 390 18.50 9.82 38.38
N ASP H 391 17.73 9.34 37.41
CA ASP H 391 17.79 9.87 36.05
C ASP H 391 16.96 11.16 35.96
N LEU H 392 17.61 12.26 35.55
CA LEU H 392 16.89 13.50 35.32
C LEU H 392 15.78 13.31 34.28
N GLY H 393 16.01 12.45 33.29
CA GLY H 393 15.02 12.14 32.29
C GLY H 393 13.82 11.36 32.77
N MET H 394 13.77 10.99 34.05
CA MET H 394 12.60 10.33 34.60
C MET H 394 12.07 11.04 35.85
N GLY H 395 12.57 12.24 36.15
CA GLY H 395 12.05 12.98 37.29
C GLY H 395 10.60 13.38 37.10
N ALA H 396 10.26 13.89 35.91
CA ALA H 396 8.88 14.29 35.65
C ALA H 396 7.95 13.10 35.62
N TYR H 397 8.43 11.93 35.18
CA TYR H 397 7.60 10.74 35.20
C TYR H 397 7.27 10.31 36.62
N ARG H 398 8.29 10.27 37.49
CA ARG H 398 8.04 9.92 38.88
C ARG H 398 7.16 10.95 39.56
N ASN H 399 7.39 12.23 39.27
CA ASN H 399 6.57 13.29 39.85
C ASN H 399 5.13 13.18 39.37
N SER H 400 4.91 12.78 38.12
CA SER H 400 3.56 12.61 37.60
C SER H 400 2.85 11.47 38.33
N CYS H 401 3.59 10.42 38.69
CA CYS H 401 3.00 9.30 39.45
C CYS H 401 2.75 9.68 40.90
N ILE H 402 3.65 10.47 41.48
CA ILE H 402 3.42 11.00 42.82
C ILE H 402 2.18 11.89 42.83
N ILE H 403 2.06 12.76 41.82
CA ILE H 403 0.89 13.62 41.72
C ILE H 403 -0.36 12.81 41.47
N ARG H 404 -0.27 11.77 40.63
CA ARG H 404 -1.43 10.91 40.39
C ARG H 404 -1.94 10.29 41.68
N GLU H 405 -1.03 9.87 42.56
CA GLU H 405 -1.44 9.27 43.83
C GLU H 405 -2.00 10.32 44.78
N LEU H 406 -1.40 11.51 44.82
CA LEU H 406 -1.85 12.54 45.75
C LEU H 406 -3.13 13.20 45.29
N LEU H 407 -3.30 13.39 43.98
CA LEU H 407 -4.47 14.08 43.45
C LEU H 407 -5.63 13.14 43.14
N GLY H 408 -5.36 11.86 42.92
CA GLY H 408 -6.39 10.90 42.58
C GLY H 408 -6.57 10.64 41.10
N THR H 409 -5.92 11.43 40.25
CA THR H 409 -6.01 11.24 38.80
C THR H 409 -4.71 11.69 38.16
N GLU H 410 -4.49 11.23 36.93
CA GLU H 410 -3.33 11.64 36.16
C GLU H 410 -3.51 13.08 35.67
N TYR H 411 -3.12 14.05 36.49
CA TYR H 411 -3.14 15.44 36.04
C TYR H 411 -2.25 15.62 34.82
N TYR H 412 -1.07 15.00 34.83
CA TYR H 412 -0.21 14.89 33.67
C TYR H 412 -0.22 13.46 33.17
N PRO H 413 -0.52 13.24 31.89
CA PRO H 413 -0.61 11.87 31.37
C PRO H 413 0.65 11.07 31.66
N VAL H 414 0.46 9.88 32.21
CA VAL H 414 1.56 8.99 32.59
C VAL H 414 1.62 7.89 31.54
N GLU H 415 2.71 7.87 30.78
CA GLU H 415 2.87 6.87 29.73
C GLU H 415 3.01 5.48 30.34
N LYS H 416 2.41 4.49 29.67
CA LYS H 416 2.51 3.09 30.07
C LYS H 416 3.53 2.31 29.27
N THR H 417 3.66 2.61 27.97
CA THR H 417 4.67 2.01 27.12
C THR H 417 5.26 3.08 26.21
N ILE H 418 6.57 3.03 26.01
CA ILE H 418 7.25 3.99 25.14
C ILE H 418 8.25 3.27 24.25
N ALA H 419 8.53 2.01 24.56
CA ALA H 419 9.59 1.26 23.90
C ALA H 419 9.05 0.34 22.82
N PHE H 420 9.86 0.16 21.78
CA PHE H 420 9.53 -0.80 20.72
C PHE H 420 9.73 -2.25 21.16
N GLN H 421 10.58 -2.49 22.15
CA GLN H 421 10.89 -3.84 22.60
C GLN H 421 10.09 -4.17 23.85
N GLU H 422 9.86 -5.46 24.06
CA GLU H 422 9.17 -5.97 25.24
C GLU H 422 10.18 -6.57 26.19
N PHE H 423 9.99 -6.31 27.49
CA PHE H 423 10.87 -6.85 28.51
C PHE H 423 10.25 -8.01 29.28
N SER H 424 8.93 -7.99 29.46
CA SER H 424 8.21 -9.06 30.13
C SER H 424 7.43 -9.87 29.11
N VAL H 425 7.41 -11.20 29.28
CA VAL H 425 6.65 -12.07 28.40
C VAL H 425 5.39 -12.54 29.12
PA FAD I . -56.18 2.38 -26.09
O1A FAD I . -55.87 1.32 -25.11
O2A FAD I . -56.15 1.91 -27.55
O5B FAD I . -57.57 3.08 -25.76
C5B FAD I . -58.47 3.47 -26.82
C4B FAD I . -59.88 3.08 -26.44
O4B FAD I . -60.80 4.13 -26.84
C3B FAD I . -60.39 1.78 -27.05
O3B FAD I . -61.04 0.97 -26.07
C2B FAD I . -61.35 2.26 -28.14
O2B FAD I . -62.41 1.33 -28.36
C1B FAD I . -61.89 3.55 -27.53
N9A FAD I . -62.38 4.51 -28.51
C8A FAD I . -61.73 4.95 -29.63
N7A FAD I . -62.42 5.82 -30.34
C5A FAD I . -63.60 5.96 -29.62
C6A FAD I . -64.76 6.73 -29.84
N6A FAD I . -64.92 7.56 -30.89
N1A FAD I . -65.76 6.64 -28.94
C2A FAD I . -65.61 5.82 -27.89
N3A FAD I . -64.56 5.04 -27.58
C4A FAD I . -63.59 5.16 -28.49
N1 FAD I . -47.02 0.76 -22.99
C2 FAD I . -46.42 0.66 -21.76
O2 FAD I . -46.06 1.64 -21.12
N3 FAD I . -46.19 -0.60 -21.21
C4 FAD I . -46.52 -1.81 -21.78
O4 FAD I . -46.27 -2.85 -21.19
C4X FAD I . -47.16 -1.69 -23.08
N5 FAD I . -47.52 -2.78 -23.68
C5X FAD I . -48.13 -2.68 -24.92
C6 FAD I . -48.50 -3.84 -25.58
C7 FAD I . -49.12 -3.80 -26.82
C7M FAD I . -49.51 -5.08 -27.51
C8 FAD I . -49.37 -2.55 -27.43
C8M FAD I . -50.04 -2.47 -28.78
C9 FAD I . -48.99 -1.39 -26.78
C9A FAD I . -48.38 -1.44 -25.53
N10 FAD I . -48.00 -0.27 -24.83
C10 FAD I . -47.37 -0.37 -23.60
C1' FAD I . -48.23 1.07 -25.41
C2' FAD I . -49.48 1.77 -24.87
O2' FAD I . -49.45 1.89 -23.45
C3' FAD I . -50.73 0.98 -25.27
O3' FAD I . -50.94 1.10 -26.68
C4' FAD I . -52.01 1.43 -24.56
O4' FAD I . -53.08 0.53 -24.85
C5' FAD I . -52.43 2.85 -24.90
O5' FAD I . -53.56 3.22 -24.10
P FAD I . -54.63 4.26 -24.61
O1P FAD I . -55.79 4.37 -23.62
O2P FAD I . -54.00 5.56 -24.93
O3P FAD I . -55.15 3.57 -25.95
PA NAP J . -43.17 -0.54 -33.75
O1A NAP J . -42.26 -0.52 -32.53
O2A NAP J . -43.41 0.87 -34.23
O5B NAP J . -42.45 -1.43 -34.95
C5B NAP J . -42.78 -1.09 -36.26
C4B NAP J . -41.75 -1.73 -37.22
O4B NAP J . -42.23 -1.74 -38.44
C3B NAP J . -40.47 -0.86 -37.27
O3B NAP J . -39.36 -1.64 -37.24
C2B NAP J . -40.58 -0.12 -38.62
O2B NAP J . -39.23 0.24 -39.14
C1B NAP J . -41.13 -1.02 -39.38
N9A NAP J . -41.75 -0.41 -40.52
C8A NAP J . -42.61 0.62 -40.58
N7A NAP J . -42.92 0.82 -41.86
C5A NAP J . -42.26 -0.07 -42.60
C6A NAP J . -42.21 -0.31 -43.96
N6A NAP J . -42.84 0.30 -45.12
N1A NAP J . -41.47 -1.29 -44.43
C2A NAP J . -40.74 -2.06 -43.60
N3A NAP J . -40.78 -1.84 -42.26
C4A NAP J . -41.54 -0.85 -41.78
O3 NAP J . -44.63 -1.23 -33.38
PN NAP J . -44.89 -2.36 -32.20
O1N NAP J . -43.80 -3.41 -32.23
O2N NAP J . -46.23 -3.01 -32.44
O5D NAP J . -44.91 -1.62 -30.73
C5D NAP J . -45.38 -0.30 -30.62
C4D NAP J . -45.26 0.17 -29.14
O4D NAP J . -45.96 -0.62 -28.36
C3D NAP J . -43.80 0.09 -28.66
O3D NAP J . -43.52 1.11 -27.82
C2D NAP J . -43.75 -1.25 -27.88
O2D NAP J . -42.69 -1.20 -26.82
C1D NAP J . -44.93 -1.37 -27.36
N1N NAP J . -45.27 -2.75 -27.27
C2N NAP J . -45.09 -3.44 -26.11
C3N NAP J . -45.41 -4.78 -26.04
C7N NAP J . -45.21 -5.57 -24.73
O7N NAP J . -44.49 -6.51 -24.71
N7N NAP J . -45.89 -5.17 -23.51
C4N NAP J . -45.91 -5.41 -27.13
C5N NAP J . -46.10 -4.73 -28.29
C6N NAP J . -45.77 -3.39 -28.35
P2B NAP J . -38.60 1.71 -38.74
O1X NAP J . -37.83 2.25 -39.93
O2X NAP J . -39.73 2.66 -38.39
O3X NAP J . -37.68 1.57 -37.55
PA FAD K . -22.29 -44.38 -19.80
O1A FAD K . -22.46 -43.04 -20.42
O2A FAD K . -23.60 -45.06 -19.41
O5B FAD K . -21.46 -45.35 -20.75
C5B FAD K . -21.57 -46.79 -20.62
C4B FAD K . -21.26 -47.41 -21.96
O4B FAD K . -20.74 -48.74 -21.78
C3B FAD K . -22.45 -47.53 -22.91
O3B FAD K . -22.10 -47.07 -24.20
C2B FAD K . -22.77 -49.03 -22.89
O2B FAD K . -23.33 -49.49 -24.11
C1B FAD K . -21.37 -49.62 -22.68
N9A FAD K . -21.35 -50.97 -22.14
C8A FAD K . -22.03 -51.43 -21.05
N7A FAD K . -21.84 -52.70 -20.79
C5A FAD K . -20.96 -53.11 -21.79
C6A FAD K . -20.36 -54.34 -22.08
N6A FAD K . -20.55 -55.46 -21.37
N1A FAD K . -19.54 -54.41 -23.16
C2A FAD K . -19.34 -53.30 -23.88
N3A FAD K . -19.86 -52.09 -23.70
C4A FAD K . -20.66 -52.05 -22.63
N1 FAD K . -23.11 -35.59 -15.36
C2 FAD K . -22.45 -34.40 -15.43
O2 FAD K . -21.41 -34.19 -14.81
N3 FAD K . -22.95 -33.39 -16.23
C4 FAD K . -24.09 -33.46 -17.00
O4 FAD K . -24.44 -32.48 -17.67
C4X FAD K . -24.79 -34.73 -16.92
N5 FAD K . -25.88 -34.87 -17.62
C5X FAD K . -26.54 -36.08 -17.55
C6 FAD K . -27.70 -36.26 -18.29
C7 FAD K . -28.41 -37.45 -18.25
C7M FAD K . -29.67 -37.60 -19.07
C8 FAD K . -27.95 -38.51 -17.46
C8M FAD K . -28.68 -39.83 -17.39
C9 FAD K . -26.78 -38.34 -16.71
C9A FAD K . -26.07 -37.15 -16.75
N10 FAD K . -24.87 -36.95 -16.02
C10 FAD K . -24.21 -35.74 -16.08
C1' FAD K . -24.33 -38.02 -15.16
C2' FAD K . -23.20 -38.82 -15.81
O2' FAD K . -22.09 -37.98 -16.16
C3' FAD K . -23.70 -39.53 -17.07
O3' FAD K . -24.60 -40.57 -16.71
C4' FAD K . -22.61 -40.11 -17.97
O4' FAD K . -23.18 -40.49 -19.23
C5' FAD K . -21.87 -41.27 -17.36
O5' FAD K . -20.95 -41.82 -18.33
P FAD K . -20.26 -43.22 -18.14
O1P FAD K . -19.12 -43.37 -19.16
O2P FAD K . -19.84 -43.40 -16.73
O3P FAD K . -21.40 -44.28 -18.50
PA NAP L . -32.48 -39.19 -9.72
O1A NAP L . -31.76 -37.87 -9.57
O2A NAP L . -31.73 -40.26 -8.98
O5B NAP L . -34.00 -39.05 -9.10
C5B NAP L . -34.65 -40.25 -8.76
C4B NAP L . -36.03 -39.90 -8.14
O4B NAP L . -36.80 -40.96 -8.15
C3B NAP L . -35.83 -39.53 -6.65
O3B NAP L . -36.61 -38.47 -6.31
C2B NAP L . -36.27 -40.79 -5.91
O2B NAP L . -36.70 -40.43 -4.52
C1B NAP L . -37.29 -41.18 -6.62
N9A NAP L . -37.60 -42.57 -6.37
C8A NAP L . -36.83 -43.65 -6.44
N7A NAP L . -37.58 -44.71 -6.12
C5A NAP L . -38.83 -44.28 -5.84
C6A NAP L . -39.98 -44.93 -5.46
N6A NAP L . -40.32 -46.31 -5.19
N1A NAP L . -41.09 -44.24 -5.24
C2A NAP L . -41.10 -42.89 -5.40
N3A NAP L . -39.97 -42.25 -5.78
C4A NAP L . -38.83 -42.95 -6.00
O3 NAP L . -32.61 -39.60 -11.32
PN NAP L . -32.32 -38.55 -12.57
O1N NAP L . -33.32 -37.43 -12.55
O2N NAP L . -32.42 -39.30 -13.89
O5D NAP L . -30.79 -37.96 -12.39
C5D NAP L . -29.75 -38.88 -12.12
C4D NAP L . -28.36 -38.21 -12.37
O4D NAP L . -28.26 -37.87 -13.63
C3D NAP L . -28.26 -36.91 -11.56
O3D NAP L . -27.00 -36.76 -11.07
C2D NAP L . -28.60 -35.80 -12.56
O2D NAP L . -27.92 -34.52 -12.18
C1D NAP L . -28.16 -36.24 -13.70
N1N NAP L . -28.97 -35.75 -14.77
C2N NAP L . -28.61 -34.61 -15.40
C3N NAP L . -29.40 -34.11 -16.43
C7N NAP L . -28.98 -32.82 -17.16
O7N NAP L . -29.80 -32.13 -17.63
N7N NAP L . -27.58 -32.46 -17.25
C4N NAP L . -30.53 -34.77 -16.79
C5N NAP L . -30.89 -35.92 -16.15
C6N NAP L . -30.10 -36.40 -15.12
P2B NAP L . -35.51 -40.21 -3.42
O1X NAP L . -36.04 -40.59 -2.05
O2X NAP L . -34.33 -41.06 -3.78
O3X NAP L . -35.10 -38.75 -3.41
PA FAD M . -2.41 -1.35 -28.27
O1A FAD M . -2.80 -2.37 -27.28
O2A FAD M . -2.37 0.08 -27.72
O5B FAD M . -1.02 -1.70 -28.93
C5B FAD M . -0.05 -0.66 -29.22
C4B FAD M . 1.33 -1.16 -28.82
O4B FAD M . 2.30 -0.73 -29.80
C3B FAD M . 1.84 -0.66 -27.47
O3B FAD M . 2.46 -1.71 -26.75
C2B FAD M . 2.81 0.46 -27.85
O2B FAD M . 3.83 0.61 -26.88
C1B FAD M . 3.37 -0.08 -29.16
N9A FAD M . 3.93 0.92 -30.06
C8A FAD M . 3.35 2.11 -30.43
N7A FAD M . 4.07 2.83 -31.26
C5A FAD M . 5.21 2.05 -31.45
C6A FAD M . 6.37 2.23 -32.23
N6A FAD M . 6.60 3.31 -32.98
N1A FAD M . 7.31 1.25 -32.20
C2A FAD M . 7.09 0.17 -31.45
N3A FAD M . 6.04 -0.11 -30.68
C4A FAD M . 5.13 0.87 -30.72
N1 FAD M . -11.61 -4.21 -27.08
C2 FAD M . -12.24 -5.43 -27.03
O2 FAD M . -12.59 -6.02 -28.06
N3 FAD M . -12.50 -6.01 -25.81
C4 FAD M . -12.19 -5.50 -24.57
O4 FAD M . -12.48 -6.12 -23.55
C4X FAD M . -11.51 -4.22 -24.62
N5 FAD M . -11.18 -3.66 -23.51
C5X FAD M . -10.54 -2.43 -23.54
C6 FAD M . -10.18 -1.83 -22.34
C7 FAD M . -9.53 -0.59 -22.33
C7M FAD M . -9.15 0.03 -21.01
C8 FAD M . -9.24 0.05 -23.55
C8M FAD M . -8.53 1.38 -23.56
C9 FAD M . -9.60 -0.55 -24.75
C9A FAD M . -10.24 -1.79 -24.75
N10 FAD M . -10.61 -2.43 -25.96
C10 FAD M . -11.26 -3.65 -25.93
C1' FAD M . -10.34 -1.80 -27.27
C2' FAD M . -9.10 -2.35 -27.98
O2' FAD M . -9.23 -3.74 -28.27
C3' FAD M . -7.86 -2.12 -27.13
O3' FAD M . -7.58 -0.73 -27.06
C4' FAD M . -6.61 -2.85 -27.62
O4' FAD M . -5.55 -2.68 -26.68
C5' FAD M . -6.16 -2.40 -29.00
O5' FAD M . -5.06 -3.23 -29.43
P FAD M . -3.90 -2.65 -30.32
O1P FAD M . -2.75 -3.65 -30.40
O2P FAD M . -4.42 -2.23 -31.64
O3P FAD M . -3.41 -1.37 -29.50
PA NAP N . -15.19 6.56 -25.48
O1A NAP N . -16.08 5.35 -25.58
O2A NAP N . -14.86 7.10 -26.85
O5B NAP N . -15.94 7.75 -24.62
C5B NAP N . -15.45 9.05 -24.80
C4B NAP N . -16.45 10.06 -24.17
O4B NAP N . -15.91 11.25 -24.20
C3B NAP N . -17.72 10.13 -25.04
O3B NAP N . -18.82 10.10 -24.26
C2B NAP N . -17.59 11.48 -25.76
O2B NAP N . -18.95 12.03 -26.10
C1B NAP N . -17.02 12.23 -24.86
N9A NAP N . -16.39 13.37 -25.47
C8A NAP N . -15.55 13.44 -26.50
N7A NAP N . -15.23 14.73 -26.70
C5A NAP N . -15.88 15.45 -25.79
C6A NAP N . -15.92 16.81 -25.53
N6A NAP N . -15.30 17.98 -26.12
N1A NAP N . -16.66 17.29 -24.53
C2A NAP N . -17.38 16.43 -23.77
N3A NAP N . -17.35 15.09 -24.01
C4A NAP N . -16.59 14.62 -25.02
O3 NAP N . -13.76 6.21 -24.72
PN NAP N . -13.54 5.04 -23.57
O1N NAP N . -14.67 5.06 -22.58
O2N NAP N . -12.23 5.30 -22.86
O5D NAP N . -13.46 3.57 -24.31
C5D NAP N . -12.76 3.47 -25.53
C4D NAP N . -12.90 2.04 -26.09
O4D NAP N . -12.34 1.19 -25.25
C3D NAP N . -14.40 1.66 -26.16
O3D NAP N . -14.66 0.98 -27.31
C2D NAP N . -14.65 0.75 -24.94
O2D NAP N . -15.70 -0.26 -25.24
C1D NAP N . -13.49 0.17 -24.73
N1N NAP N . -13.30 -0.07 -23.32
C2N NAP N . -13.54 -1.29 -22.81
C3N NAP N . -13.36 -1.52 -21.45
C7N NAP N . -13.62 -2.91 -20.86
O7N NAP N . -14.66 -3.16 -20.35
N7N NAP N . -12.58 -3.92 -20.91
C4N NAP N . -12.95 -0.50 -20.65
C5N NAP N . -12.72 0.73 -21.16
C6N NAP N . -12.89 0.95 -22.52
P2B NAP N . -19.53 11.78 -27.61
O1X NAP N . -20.25 13.01 -28.09
O2X NAP N . -18.38 11.46 -28.54
O3X NAP N . -20.49 10.60 -27.59
PA FAD O . -37.91 -8.37 17.09
O1A FAD O . -37.78 -7.52 15.88
O2A FAD O . -36.58 -8.68 17.78
O5B FAD O . -38.91 -7.72 18.13
C5B FAD O . -38.61 -7.71 19.54
C4B FAD O . -38.93 -6.35 20.12
O4B FAD O . -39.54 -6.50 21.42
C3B FAD O . -37.72 -5.42 20.30
O3B FAD O . -38.00 -4.11 19.84
C2B FAD O . -37.48 -5.47 21.81
O2B FAD O . -36.92 -4.25 22.29
C1B FAD O . -38.90 -5.66 22.33
N9A FAD O . -38.97 -6.26 23.66
C8A FAD O . -38.29 -7.36 24.10
N7A FAD O . -38.54 -7.67 25.36
C5A FAD O . -39.46 -6.72 25.76
C6A FAD O . -40.13 -6.50 26.98
N6A FAD O . -39.97 -7.26 28.06
N1A FAD O . -40.99 -5.46 27.05
C2A FAD O . -41.15 -4.69 25.96
N3A FAD O . -40.57 -4.79 24.77
C4A FAD O . -39.74 -5.83 24.73
N1 FAD O . -36.96 -12.57 8.31
C2 FAD O . -37.59 -12.45 7.10
O2 FAD O . -38.65 -13.06 6.87
N3 FAD O . -37.06 -11.65 6.11
C4 FAD O . -35.90 -10.92 6.21
O4 FAD O . -35.51 -10.24 5.26
C4X FAD O . -35.23 -11.03 7.50
N5 FAD O . -34.12 -10.36 7.66
C5X FAD O . -33.48 -10.48 8.89
C6 FAD O . -32.30 -9.77 9.09
C7 FAD O . -31.61 -9.85 10.30
C7M FAD O . -30.33 -9.07 10.49
C8 FAD O . -32.12 -10.64 11.33
C8M FAD O . -31.40 -10.75 12.65
C9 FAD O . -33.30 -11.35 11.13
C9A FAD O . -33.98 -11.27 9.93
N10 FAD O . -35.19 -11.97 9.70
C10 FAD O . -35.84 -11.87 8.48
C1' FAD O . -35.77 -12.84 10.75
C2' FAD O . -36.91 -12.18 11.54
O2' FAD O . -37.96 -11.75 10.67
C3' FAD O . -36.39 -10.96 12.32
O3' FAD O . -35.47 -11.41 13.32
C4' FAD O . -37.47 -10.11 12.97
O4' FAD O . -36.86 -8.98 13.61
C5' FAD O . -38.31 -10.87 13.98
O5' FAD O . -39.42 -10.04 14.39
P FAD O . -39.92 -10.00 15.88
O1P FAD O . -40.86 -8.83 16.11
O2P FAD O . -40.51 -11.32 16.27
O3P FAD O . -38.58 -9.75 16.71
PA NAP P . -27.92 -18.65 11.72
O1A NAP P . -28.58 -18.72 10.37
O2A NAP P . -28.75 -19.40 12.74
O5B NAP P . -26.41 -19.31 11.64
C5B NAP P . -25.78 -19.66 12.85
C4B NAP P . -24.41 -20.30 12.51
O4B NAP P . -23.69 -20.42 13.61
C3B NAP P . -24.64 -21.72 11.98
O3B NAP P . -23.84 -21.94 10.91
C2B NAP P . -24.24 -22.63 13.16
O2B NAP P . -23.82 -23.98 12.67
C1B NAP P . -23.24 -21.97 13.67
N9A NAP P . -22.99 -22.37 15.04
C8A NAP P . -23.83 -22.44 16.08
N7A NAP P . -23.14 -22.87 17.14
C5A NAP P . -21.87 -23.07 16.77
C6A NAP P . -20.75 -23.51 17.45
N6A NAP P . -20.50 -23.92 18.81
N1A NAP P . -19.59 -23.62 16.83
C2A NAP P . -19.50 -23.31 15.51
N3A NAP P . -20.59 -22.88 14.84
C4A NAP P . -21.78 -22.77 15.46
O3 NAP P . -27.78 -17.06 12.19
PN NAP P . -28.00 -15.75 11.20
O1N NAP P . -26.95 -15.75 10.13
O2N NAP P . -27.88 -14.47 12.00
O5D NAP P . -29.51 -15.84 10.52
C5D NAP P . -30.59 -16.21 11.35
C4D NAP P . -31.95 -15.91 10.63
O4D NAP P . -32.05 -14.64 10.35
C3D NAP P . -32.04 -16.66 9.29
O3D NAP P . -33.30 -17.11 9.09
C2D NAP P . -31.68 -15.60 8.24
O2D NAP P . -32.36 -15.91 6.93
C1D NAP P . -32.15 -14.48 8.74
N1N NAP P . -31.33 -13.38 8.31
C2N NAP P . -31.63 -12.68 7.20
C3N NAP P . -30.83 -11.62 6.80
C7N NAP P . -31.16 -10.80 5.54
O7N NAP P . -30.58 -11.01 4.52
N7N NAP P . -32.15 -9.75 5.58
C4N NAP P . -29.73 -11.30 7.53
C5N NAP P . -29.42 -12.00 8.64
C6N NAP P . -30.23 -13.05 9.04
P2B NAP P . -24.97 -25.13 12.51
O1X NAP P . -24.37 -26.48 12.81
O2X NAP P . -26.09 -24.86 13.48
O3X NAP P . -25.52 -25.13 11.11
PA FAD Q . 3.05 26.89 1.29
O1A FAD Q . 3.42 25.81 2.23
O2A FAD Q . 3.15 26.50 -0.19
O5B FAD Q . 1.60 27.44 1.58
C5B FAD Q . 0.70 27.74 0.50
C4B FAD Q . -0.68 27.27 0.85
O4B FAD Q . -1.65 28.25 0.44
C3B FAD Q . -1.09 25.94 0.21
O3B FAD Q . -1.74 25.09 1.15
C2B FAD Q . -2.02 26.39 -0.93
O2B FAD Q . -3.01 25.41 -1.22
C1B FAD Q . -2.66 27.63 -0.32
N9A FAD Q . -3.15 28.58 -1.31
C8A FAD Q . -2.49 29.07 -2.41
N7A FAD Q . -3.18 29.91 -3.13
C5A FAD Q . -4.41 29.98 -2.47
C6A FAD Q . -5.58 30.71 -2.73
N6A FAD Q . -5.74 31.54 -3.77
N1A FAD Q . -6.62 30.55 -1.87
C2A FAD Q . -6.47 29.72 -0.83
N3A FAD Q . -5.41 28.99 -0.49
C4A FAD Q . -4.40 29.16 -1.35
N1 FAD Q . 12.24 25.74 4.81
C2 FAD Q . 12.80 25.67 6.05
O2 FAD Q . 13.08 26.68 6.70
N3 FAD Q . 13.07 24.42 6.61
C4 FAD Q . 12.83 23.20 6.02
O4 FAD Q . 13.11 22.16 6.61
C4X FAD Q . 12.22 23.30 4.70
N5 FAD Q . 11.95 22.19 4.08
C5X FAD Q . 11.38 22.27 2.81
C6 FAD Q . 11.09 21.08 2.13
C7 FAD Q . 10.51 21.11 0.87
C7M FAD Q . 10.22 19.82 0.16
C8 FAD Q . 10.22 22.34 0.26
C8M FAD Q . 9.60 22.41 -1.11
C9 FAD Q . 10.52 23.53 0.94
C9A FAD Q . 11.09 23.50 2.21
N10 FAD Q . 11.38 24.68 2.93
C10 FAD Q . 11.96 24.61 4.17
C1' FAD Q . 11.10 26.00 2.35
C2' FAD Q . 9.81 26.65 2.85
O2' FAD Q . 9.76 26.70 4.28
C3' FAD Q . 8.60 25.85 2.35
O3' FAD Q . 8.48 26.04 0.95
C4' FAD Q . 7.28 26.22 3.03
O4' FAD Q . 6.35 25.14 2.86
C5' FAD Q . 6.67 27.51 2.50
O5' FAD Q . 5.61 27.91 3.40
P FAD Q . 4.42 28.83 2.89
O1P FAD Q . 3.25 28.75 3.88
O2P FAD Q . 4.89 30.21 2.65
O3P FAD Q . 3.99 28.15 1.52
PA NAP R . 16.50 24.60 -5.72
O1A NAP R . 17.39 24.55 -4.49
O2A NAP R . 16.11 26.03 -6.02
O5B NAP R . 17.33 23.99 -7.01
C5B NAP R . 17.06 24.56 -8.27
C4B NAP R . 18.04 23.96 -9.29
O4B NAP R . 17.55 24.05 -10.50
C3B NAP R . 19.34 24.80 -9.29
O3B NAP R . 20.42 23.97 -9.22
C2B NAP R . 19.30 25.55 -10.64
O2B NAP R . 20.68 25.86 -11.11
C1B NAP R . 18.73 24.67 -11.41
N9A NAP R . 18.20 25.29 -12.60
C8A NAP R . 17.35 26.30 -12.72
N7A NAP R . 17.14 26.53 -14.03
C5A NAP R . 17.87 25.63 -14.71
C6A NAP R . 18.03 25.40 -16.06
N6A NAP R . 17.50 26.02 -17.26
N1A NAP R . 18.82 24.43 -16.48
C2A NAP R . 19.49 23.66 -15.59
N3A NAP R . 19.32 23.88 -14.27
C4A NAP R . 18.52 24.86 -13.83
O3 NAP R . 15.14 23.69 -5.49
PN NAP R . 14.89 22.72 -4.17
O1N NAP R . 15.93 21.63 -4.15
O2N NAP R . 13.51 22.13 -4.24
O5D NAP R . 15.01 23.67 -2.82
C5D NAP R . 14.25 24.85 -2.75
C4D NAP R . 14.11 25.30 -1.28
O4D NAP R . 13.46 24.40 -0.58
C3D NAP R . 15.51 25.40 -0.61
O3D NAP R . 15.55 26.48 0.22
C2D NAP R . 15.67 24.10 0.19
O2D NAP R . 16.56 24.29 1.36
C1D NAP R . 14.44 23.83 0.56
N1N NAP R . 14.30 22.40 0.65
C2N NAP R . 14.53 21.77 1.83
C3N NAP R . 14.39 20.39 1.90
C7N NAP R . 14.66 19.67 3.21
O7N NAP R . 15.37 18.72 3.24
N7N NAP R . 14.05 20.13 4.44
C4N NAP R . 14.01 19.70 0.80
C5N NAP R . 13.77 20.34 -0.38
C6N NAP R . 13.92 21.71 -0.45
P2B NAP R . 21.38 27.26 -10.59
O1X NAP R . 22.40 27.71 -11.61
O2X NAP R . 20.32 28.33 -10.43
O3X NAP R . 22.05 27.03 -9.27
PA FAD S . 38.97 -18.14 8.51
O1A FAD S . 38.80 -16.81 7.88
O2A FAD S . 37.65 -18.89 8.72
O5B FAD S . 39.97 -19.05 7.70
C5B FAD S . 39.84 -20.49 7.72
C4B FAD S . 40.18 -21.02 6.34
O4B FAD S . 40.76 -22.33 6.45
C3B FAD S . 38.98 -21.15 5.39
O3B FAD S . 39.31 -20.67 4.09
C2B FAD S . 38.69 -22.65 5.41
O2B FAD S . 38.12 -23.10 4.18
C1B FAD S . 40.09 -23.22 5.58
N9A FAD S . 40.14 -24.57 6.15
C8A FAD S . 39.39 -25.04 7.20
N7A FAD S . 39.64 -26.29 7.51
C5A FAD S . 40.63 -26.66 6.61
C6A FAD S . 41.33 -27.87 6.40
N6A FAD S . 41.13 -28.98 7.12
N1A FAD S . 42.25 -27.91 5.41
C2A FAD S . 42.45 -26.80 4.68
N3A FAD S . 41.85 -25.61 4.78
C4A FAD S . 40.95 -25.60 5.77
N1 FAD S . 37.47 -9.56 13.18
C2 FAD S . 38.12 -8.37 13.16
O2 FAD S . 39.11 -8.16 13.87
N3 FAD S . 37.66 -7.35 12.34
C4 FAD S . 36.58 -7.42 11.49
O4 FAD S . 36.27 -6.45 10.81
C4X FAD S . 35.89 -8.70 11.51
N5 FAD S . 34.86 -8.85 10.72
C5X FAD S . 34.20 -10.07 10.74
C6 FAD S . 33.10 -10.24 9.92
C7 FAD S . 32.40 -11.44 9.89
C7M FAD S . 31.20 -11.59 8.99
C8 FAD S . 32.82 -12.50 10.70
C8M FAD S . 32.09 -13.82 10.70
C9 FAD S . 33.92 -12.33 11.54
C9A FAD S . 34.63 -11.13 11.56
N10 FAD S . 35.76 -10.93 12.37
C10 FAD S . 36.41 -9.72 12.38
C1' FAD S . 36.25 -12.01 13.26
C2' FAD S . 37.43 -12.79 12.68
O2' FAD S . 38.51 -11.93 12.33
C3' FAD S . 36.98 -13.56 11.44
O3' FAD S . 36.22 -14.70 11.84
C4' FAD S . 38.12 -14.03 10.53
O4' FAD S . 37.58 -14.49 9.30
C5' FAD S . 38.98 -15.11 11.17
O5' FAD S . 39.97 -15.53 10.22
P FAD S . 40.74 -16.91 10.39
O1P FAD S . 41.93 -16.94 9.44
O2P FAD S . 41.08 -17.12 11.81
O3P FAD S . 39.67 -17.99 9.92
PA NAP T . 27.92 -13.46 18.43
O1A NAP T . 28.51 -12.08 18.60
O2A NAP T . 28.73 -14.46 19.23
O5B NAP T . 26.36 -13.46 18.96
C5B NAP T . 25.68 -14.69 19.02
C4B NAP T . 24.31 -14.48 19.71
O4B NAP T . 23.63 -15.60 19.69
C3B NAP T . 24.54 -14.13 21.20
O3B NAP T . 23.82 -13.04 21.54
C2B NAP T . 24.01 -15.36 21.95
O2B NAP T . 23.48 -14.96 23.29
C1B NAP T . 23.04 -15.78 21.19
N9A NAP T . 22.75 -17.17 21.45
C8A NAP T . 23.57 -18.22 21.46
N7A NAP T . 22.86 -19.30 21.76
C5A NAP T . 21.58 -18.91 21.95
C6A NAP T . 20.44 -19.61 22.29
N6A NAP T . 20.15 -21.00 22.56
N1A NAP T . 19.29 -18.97 22.41
C2A NAP T . 19.23 -17.63 22.22
N3A NAP T . 20.34 -16.95 21.89
C4A NAP T . 21.51 -17.59 21.76
O3 NAP T . 27.93 -13.88 16.83
PN NAP T . 28.21 -12.83 15.59
O1N NAP T . 27.17 -11.75 15.60
O2N NAP T . 28.17 -13.58 14.28
O5D NAP T . 29.72 -12.17 15.80
C5D NAP T . 30.77 -13.01 16.17
C4D NAP T . 32.13 -12.38 15.79
O4D NAP T . 32.13 -12.07 14.52
C3D NAP T . 32.33 -11.05 16.56
O3D NAP T . 33.60 -10.97 17.02
C2D NAP T . 32.06 -9.95 15.53
O2D NAP T . 32.92 -8.75 15.82
C1D NAP T . 32.40 -10.47 14.38
N1N NAP T . 31.58 -9.95 13.32
C2N NAP T . 31.91 -8.77 12.74
C3N NAP T . 31.12 -8.27 11.72
C7N NAP T . 31.48 -6.94 11.04
O7N NAP T . 30.65 -6.11 10.88
N7N NAP T . 32.84 -6.70 10.60
C4N NAP T . 30.03 -8.95 11.31
C5N NAP T . 29.70 -10.13 11.89
C6N NAP T . 30.49 -10.63 12.91
P2B NAP T . 24.57 -14.68 24.50
O1X NAP T . 23.96 -15.06 25.83
O2X NAP T . 25.82 -15.49 24.24
O3X NAP T . 24.93 -13.21 24.51
PA FAD U . 57.29 25.84 1.77
O1A FAD U . 56.86 24.81 2.75
O2A FAD U . 57.18 27.28 2.29
O5B FAD U . 58.75 25.57 1.25
C5B FAD U . 59.68 26.65 1.01
C4B FAD U . 61.04 26.28 1.53
O4B FAD U . 62.06 26.79 0.64
C3B FAD U . 61.37 26.82 2.93
O3B FAD U . 61.99 25.83 3.74
C2B FAD U . 62.30 28.01 2.63
O2B FAD U . 63.24 28.22 3.68
C1B FAD U . 63.02 27.50 1.38
N9A FAD U . 63.57 28.56 0.54
C8A FAD U . 62.97 29.74 0.19
N7A FAD U . 63.70 30.50 -0.58
C5A FAD U . 64.88 29.79 -0.74
C6A FAD U . 66.06 30.05 -1.45
N6A FAD U . 66.27 31.17 -2.16
N1A FAD U . 67.04 29.12 -1.41
C2A FAD U . 66.84 28.00 -0.70
N3A FAD U . 65.77 27.65 0.01
C4A FAD U . 64.81 28.59 -0.05
N1 FAD U . 48.00 22.51 2.28
C2 FAD U . 47.42 21.28 2.25
O2 FAD U . 47.15 20.70 1.18
N3 FAD U . 47.12 20.63 3.44
C4 FAD U . 47.34 21.11 4.71
O4 FAD U . 47.03 20.45 5.69
C4X FAD U . 47.97 22.43 4.73
N5 FAD U . 48.22 22.96 5.88
C5X FAD U . 48.81 24.21 5.92
C6 FAD U . 49.08 24.78 7.15
C7 FAD U . 49.68 26.04 7.24
C7M FAD U . 49.96 26.64 8.59
C8 FAD U . 50.01 26.73 6.06
C8M FAD U . 50.65 28.10 6.13
C9 FAD U . 49.73 26.16 4.83
C9A FAD U . 49.15 24.91 4.74
N10 FAD U . 48.86 24.29 3.50
C10 FAD U . 48.26 23.05 3.46
C1' FAD U . 49.18 24.97 2.23
C2' FAD U . 50.48 24.49 1.59
O2' FAD U . 50.46 23.08 1.33
C3' FAD U . 51.67 24.81 2.50
O3' FAD U . 51.89 26.21 2.50
C4' FAD U . 52.97 24.08 2.13
O4' FAD U . 53.89 24.21 3.23
C5' FAD U . 53.60 24.60 0.86
O5' FAD U . 54.81 23.84 0.58
P FAD U . 55.96 24.44 -0.32
O1P FAD U . 57.15 23.46 -0.34
O2P FAD U . 55.45 24.80 -1.65
O3P FAD U . 56.41 25.74 0.46
PA NAP V . 43.84 33.03 3.90
O1A NAP V . 42.98 31.80 3.80
O2A NAP V . 44.32 33.43 2.53
O5B NAP V . 42.95 34.28 4.52
C5B NAP V . 43.48 35.57 4.42
C4B NAP V . 42.46 36.58 5.00
O4B NAP V . 42.96 37.80 4.99
C3B NAP V . 41.21 36.61 4.11
O3B NAP V . 40.08 36.59 4.88
C2B NAP V . 41.33 37.95 3.35
O2B NAP V . 40.00 38.46 2.93
C1B NAP V . 41.85 38.73 4.27
N9A NAP V . 42.43 39.91 3.69
C8A NAP V . 43.28 40.03 2.67
N7A NAP V . 43.54 41.33 2.49
C5A NAP V . 42.83 42.02 3.40
C6A NAP V . 42.72 43.37 3.67
N6A NAP V . 43.29 44.56 3.09
N1A NAP V . 41.93 43.78 4.65
C2A NAP V . 41.24 42.90 5.40
N3A NAP V . 41.35 41.57 5.14
C4A NAP V . 42.15 41.14 4.14
O3 NAP V . 45.13 32.76 4.88
PN NAP V . 45.37 31.41 5.81
O1N NAP V . 44.29 31.32 6.86
O2N NAP V . 46.72 31.50 6.49
O5D NAP V . 45.32 30.09 4.83
C5D NAP V . 46.09 30.08 3.65
C4D NAP V . 46.20 28.63 3.08
O4D NAP V . 46.82 27.85 3.93
C3D NAP V . 44.81 28.02 2.87
O3D NAP V . 44.80 27.23 1.76
C2D NAP V . 44.58 27.17 4.14
O2D NAP V . 43.62 26.06 3.89
C1D NAP V . 45.78 26.72 4.42
N1N NAP V . 45.91 26.54 5.84
C2N NAP V . 45.73 25.31 6.40
C3N NAP V . 45.87 25.16 7.77
C7N NAP V . 45.69 23.78 8.43
O7N NAP V . 44.72 23.56 9.08
N7N NAP V . 46.71 22.76 8.30
C4N NAP V . 46.17 26.24 8.54
C5N NAP V . 46.34 27.46 7.99
C6N NAP V . 46.21 27.61 6.62
P2B NAP V . 39.44 38.02 1.44
O1X NAP V . 38.67 39.18 0.84
O2X NAP V . 40.60 37.67 0.54
O3X NAP V . 38.52 36.83 1.56
PA FAD W . 20.05 16.72 45.19
O1A FAD W . 20.23 17.45 43.92
O2A FAD W . 21.35 16.43 45.95
O5B FAD W . 19.06 17.46 46.16
C5B FAD W . 19.18 17.31 47.59
C4B FAD W . 18.86 18.63 48.26
O4B FAD W . 18.26 18.40 49.55
C3B FAD W . 20.08 19.55 48.49
O3B FAD W . 19.84 20.86 47.99
C2B FAD W . 20.25 19.53 50.02
O2B FAD W . 20.72 20.76 50.52
C1B FAD W . 18.82 19.29 50.49
N9A FAD W . 18.72 18.68 51.81
C8A FAD W . 19.40 17.58 52.27
N7A FAD W . 19.13 17.26 53.51
C5A FAD W . 18.21 18.22 53.90
C6A FAD W . 17.53 18.45 55.12
N6A FAD W . 17.67 17.69 56.20
N1A FAD W . 16.68 19.50 55.17
C2A FAD W . 16.54 20.27 54.08
N3A FAD W . 17.13 20.16 52.90
C4A FAD W . 17.96 19.11 52.87
N1 FAD W . 21.63 12.70 36.51
C2 FAD W . 21.01 12.80 35.31
O2 FAD W . 19.99 12.15 35.03
N3 FAD W . 21.50 13.67 34.35
C4 FAD W . 22.61 14.48 34.48
O4 FAD W . 22.95 15.21 33.57
C4X FAD W . 23.27 14.36 35.78
N5 FAD W . 24.32 15.09 35.99
C5X FAD W . 24.96 14.98 37.21
C6 FAD W . 26.09 15.76 37.46
C7 FAD W . 26.77 15.69 38.66
C7M FAD W . 27.98 16.54 38.88
C8 FAD W . 26.29 14.82 39.67
C8M FAD W . 27.00 14.72 41.00
C9 FAD W . 25.17 14.04 39.43
C9A FAD W . 24.49 14.12 38.22
N10 FAD W . 23.34 13.35 37.95
C10 FAD W . 22.70 13.45 36.73
C1' FAD W . 22.81 12.42 38.96
C2' FAD W . 21.62 12.97 39.76
O2' FAD W . 20.55 13.37 38.91
C3' FAD W . 22.08 14.15 40.62
O3' FAD W . 22.84 13.65 41.72
C4' FAD W . 20.94 15.02 41.16
O4' FAD W . 21.48 16.26 41.62
C5' FAD W . 20.14 14.34 42.25
O5' FAD W . 18.93 15.09 42.49
P FAD W . 18.18 15.02 43.88
O1P FAD W . 17.15 16.15 43.95
O2P FAD W . 17.65 13.66 44.10
O3P FAD W . 19.34 15.33 44.93
PA NAP X . 30.88 6.78 40.16
O1A NAP X . 30.40 6.66 38.74
O2A NAP X . 29.83 6.25 41.12
O5B NAP X . 32.25 5.88 40.33
C5B NAP X . 33.05 6.10 41.47
C4B NAP X . 34.41 5.40 41.25
O4B NAP X . 35.04 5.25 42.40
C3B NAP X . 34.16 3.97 40.71
O3B NAP X . 34.97 3.73 39.66
C2B NAP X . 34.54 3.06 41.88
O2B NAP X . 34.99 1.72 41.37
C1B NAP X . 35.52 3.70 42.44
N9A NAP X . 35.70 3.27 43.80
C8A NAP X . 34.79 3.13 44.77
N7A NAP X . 35.42 2.71 45.87
C5A NAP X . 36.72 2.60 45.59
C6A NAP X . 37.80 2.22 46.35
N6A NAP X . 37.97 1.79 47.71
N1A NAP X . 39.01 2.20 45.81
C2A NAP X . 39.20 2.55 44.51
N3A NAP X . 38.13 2.93 43.76
C4A NAP X . 36.90 2.95 44.31
O3 NAP X . 31.22 8.35 40.54
PN NAP X . 30.70 9.67 39.67
O1N NAP X . 31.66 9.92 38.53
O2N NAP X . 30.67 10.89 40.55
O5D NAP X . 29.19 9.36 39.06
C5D NAP X . 28.08 9.43 39.92
C4D NAP X . 26.78 9.66 39.10
O4D NAP X . 26.64 10.92 38.80
C3D NAP X . 26.85 8.89 37.76
O3D NAP X . 25.67 8.28 37.49
C2D NAP X . 27.15 9.97 36.70
O2D NAP X . 26.54 9.63 35.39
C1D NAP X . 26.62 11.07 37.19
N1N NAP X . 27.41 12.20 36.80
C2N NAP X . 27.12 12.89 35.66
C3N NAP X . 27.90 13.98 35.29
C7N NAP X . 27.59 14.76 34.01
O7N NAP X . 28.34 14.76 33.10
N7N NAP X . 26.34 15.52 33.91
C4N NAP X . 28.96 14.35 36.06
C5N NAP X . 29.25 13.66 37.20
C6N NAP X . 28.47 12.58 37.56
P2B NAP X . 33.81 0.61 41.05
O1X NAP X . 34.35 -0.77 41.32
O2X NAP X . 32.63 0.87 41.93
O3X NAP X . 33.39 0.72 39.60
#